data_7M7I
#
_entry.id   7M7I
#
_cell.length_a   1.00
_cell.length_b   1.00
_cell.length_c   1.00
_cell.angle_alpha   90.00
_cell.angle_beta   90.00
_cell.angle_gamma   90.00
#
_symmetry.space_group_name_H-M   'P 1'
#
loop_
_entity.id
_entity.type
_entity.pdbx_description
1 polymer EryAI
2 polymer '1B2 (light chain)'
3 polymer '1B2 (heavy chain)'
4 non-polymer N~3~-[(2S)-2-hydroxy-3,3-dimethyl-4-(phosphonooxy)butanoyl]-N-(2-sulfanylethyl)-beta-alaninamide
#
loop_
_entity_poly.entity_id
_entity_poly.type
_entity_poly.pdbx_seq_one_letter_code
_entity_poly.pdbx_strand_id
1 'polypeptide(L)'
;MASTDSEKVAEYLRRATLDLRAARQRIRELEGEPVAVVAMACRLPGGVSTPEEFWELLSEGRDAVAGLPTDRGWDLDSLF
HPDPTRSGTAHQRGGGFLTEATAFDPAFFGMSPREALAVDPQQRLMLELSWEVLERAGIPPTSLQASPTGVFVGLIPQEY
GPRLAEGGEGVEGYLMTGTTTSVASGRIAYTLGLEGPAISVDTACSSSLVAVHLACQSLRRGESSLAMAGGVTVMPTPGM
LVDFSRMNSLAPDGRCKAFSAGANGFGMAEGAGMLLLERLSDARRNGHPVLAVLRGTAVNSDGASNGLSAPNGRAQVRVI
QQALAESGLGPADIDAVEAHGTGTRLGDPIEARALFEAYGRDREQPLHLGSVKSNLGHTQAAAGVAGVIKMVLAMRAGTL
PRTLHASERSKEIDWSSGAISLLDEPEPWPAGARPRRAGVSSFGISGTNAHAIIEEAPQVVEGERVEAGDVVAPWVLSAS
SAEGLRAQAARLAAHLREHPGQDPRDIAYSLATGRAALPHRAAFAPVDESAALRVLDGLATGNADGAAVGTSRAQQRAVF
VFPGQGWQWAGMAVDLLDTSPVFAAALRECADALEPHLDFEVIPFLRAEAARREQDAALSTERVDVVQPVMFAVMVSLAS
MWRAHGVEPAAVIGHSQGEIAAACVAGALSLDDAARVVALRSRVIATMPGNKGMASIAAPAGEVRARIGDRVEIAAVNGP
RSVVVAGDSDELDRLVASCTTECIRAKRLAVDYASHSSHVETIRDALHAELGEDFHPLPGFVPFFSTVTGRWTQPDELDA
GYWYRNLRRTVRFADAVRALAEQGYRTFLEVSAHPILTAAIEEIGDGSGADLSAIHSLRRGDGSLADFGEALSRAFAAGV
AVDWESVHLGTGARRVPLPTYPFQRERVWLEPKPVARRSTEVDEVSALRYRIEWRPTGAGEPARLDGTWLVAKYAGTADE
TSTAAREALESAGARVRELVVDARCGRDELAERLRSVGEVAGVLSLLAVDEAEPEEAPLALASLADTLSLVQAMVSAELG
CPLWTVTESAVATGPFERVRNAAHGALWGVGRVIALENPAVWGGLVDVPAGSVAELARHLAAVVSGGAGEDQLALRADGV
YGRRWVRAAAPATDDEWKPTGTVLVTGGTGGVGGQIARWLARRGAPHLLLVSRSGPDADGAGELVAELEALGARTTVAAC
DVTDRESVRELLGGIGDDVPLSAVFHAAATLDDGTVDTLTGERIERASRAKVLGARNLHELTRELDLTAFVLFSSFASAF
GAPGLGGYAPGNAYLDGLAQQRRSDGLPATAVAWGTWAGSGMAEGPVADRFRRHGVIEMPPETACRALQNALDRAEVCPI
VIDVRWDRFLLAYTAQRPTRLFDEIDDARRAAPQAAAEPRVGALASLPAPEREKALFELVRSHAAAVLGHASAERVPADQ
AFAELGVDSLSALELRNRLGAATGVRLPTTTVFDHPDVRTLAAHLTSELGTEVRGEAPSALAGLDALEAALPEVPATERE
ELVQRLERMLAALRPVAQAADASGTGANPSGDDLGEAGVDELLEALGRELDGDPNSSSVDKLAAALEHHHHHH
;
B,A
2 'polypeptide(L)'
;MAEVQLVQSGGGLVQPGRSLRLSCTASGFTFGDYAMSWVRQAPGKGLEWVGFIRSKAYGGTTEYAASVKGRFTISRDDSK
SIAYLQMNSLKTEDTAVYYCTRGGTLFDYWGQGTLVTVSSASTKGPSVFPLAPSSKSTSGGTAALGCLVKDYFPEPVTVS
WNSGALTSGVHTFPAVLQSSGLYSLSSVVTVPSSSLGTQTYICNVNHKPSNTKVDKKVEPKSCAALVPRGSAHHHHHHAA
DYKDDDDKA
;
C,E
3 'polypeptide(L)'
;LFAIPLVVPFYSHSALDVVMTQSPLSLPVTPGEPASISCRSSQSLLHSNGYNYLDWYLQKPGQSPQLLIYLGSNRASGVP
DRFSGSGSGTDFTLKISRVEAEDVGVYYCMQSLQTPRLTFGPGTKVDIKRTVAAPSVFIFPPSDEQLKSGTASVVCLLNN
FYPRGAKVQWKVDNALQSGNSQESVTEQDSKDSTYSLSSTLTLSKADYEKHKVYACEVTHQGLSSPVTKSFNRGEC
;
D,F
#
loop_
_chem_comp.id
_chem_comp.type
_chem_comp.name
_chem_comp.formula
PN7 non-polymer N~3~-[(2S)-2-hydroxy-3,3-dimethyl-4-(phosphonooxy)butanoyl]-N-(2-sulfanylethyl)-beta-alaninamide 'C11 H23 N2 O7 P S'
#
# COMPACT_ATOMS: atom_id res chain seq x y z
N MET A 1 -38.65 40.70 14.75
CA MET A 1 -38.18 39.34 14.96
C MET A 1 -37.27 38.89 13.82
N ALA A 2 -37.24 37.59 13.53
CA ALA A 2 -36.25 37.01 12.62
C ALA A 2 -36.81 36.68 11.26
N SER A 3 -37.84 37.41 10.79
CA SER A 3 -38.41 37.22 9.45
C SER A 3 -38.83 35.76 9.26
N THR A 4 -39.85 35.38 10.02
CA THR A 4 -40.24 33.99 10.26
C THR A 4 -40.08 33.07 9.06
N ASP A 5 -39.42 31.93 9.31
CA ASP A 5 -39.29 30.89 8.25
C ASP A 5 -38.66 31.46 6.97
N SER A 6 -37.78 32.44 7.03
CA SER A 6 -37.07 32.89 5.84
C SER A 6 -35.61 33.22 6.11
N GLU A 7 -35.21 33.32 7.38
CA GLU A 7 -33.85 33.72 7.74
C GLU A 7 -33.21 32.73 8.69
N LYS A 8 -33.96 31.67 8.95
CA LYS A 8 -33.43 30.61 9.81
C LYS A 8 -33.28 29.37 8.96
N VAL A 9 -34.29 28.90 8.29
CA VAL A 9 -34.30 27.64 7.55
C VAL A 9 -33.45 27.82 6.30
N ALA A 10 -33.30 29.07 5.85
CA ALA A 10 -32.25 29.44 4.90
C ALA A 10 -30.90 29.57 5.56
N GLU A 11 -30.86 29.89 6.86
CA GLU A 11 -29.61 29.89 7.61
C GLU A 11 -29.19 28.48 8.01
N TYR A 12 -30.16 27.63 8.37
CA TYR A 12 -29.86 26.21 8.60
C TYR A 12 -29.51 25.48 7.31
N LEU A 13 -30.05 25.92 6.18
CA LEU A 13 -29.75 25.33 4.89
C LEU A 13 -28.29 25.50 4.47
N ARG A 14 -27.69 26.66 4.70
CA ARG A 14 -26.30 26.90 4.31
C ARG A 14 -25.31 26.07 5.12
N ARG A 15 -25.75 25.49 6.23
CA ARG A 15 -24.90 24.63 7.05
C ARG A 15 -25.12 23.14 6.79
N ALA A 16 -26.37 22.72 6.55
CA ALA A 16 -26.60 21.39 6.02
C ALA A 16 -26.02 21.24 4.63
N THR A 17 -25.74 22.35 3.95
CA THR A 17 -25.05 22.37 2.67
C THR A 17 -23.53 22.43 2.82
N LEU A 18 -23.03 23.36 3.64
CA LEU A 18 -21.59 23.54 3.77
C LEU A 18 -20.94 22.40 4.55
N ASP A 19 -21.59 21.91 5.61
CA ASP A 19 -21.10 20.69 6.26
C ASP A 19 -21.07 19.55 5.26
N LEU A 20 -22.10 19.47 4.41
CA LEU A 20 -22.11 18.53 3.30
C LEU A 20 -21.00 18.82 2.31
N ARG A 21 -20.74 20.09 2.01
CA ARG A 21 -19.57 20.43 1.21
C ARG A 21 -18.27 20.07 1.93
N ALA A 22 -18.31 19.95 3.26
CA ALA A 22 -17.15 19.55 4.03
C ALA A 22 -17.12 18.06 4.35
N ALA A 23 -18.28 17.41 4.43
CA ALA A 23 -18.34 15.97 4.63
C ALA A 23 -18.23 15.20 3.32
N ARG A 24 -18.19 15.90 2.20
CA ARG A 24 -17.93 15.15 0.95
C ARG A 24 -16.47 15.33 0.58
N GLN A 25 -15.90 16.50 0.67
CA GLN A 25 -14.47 16.61 0.42
C GLN A 25 -13.68 15.70 1.35
N ARG A 26 -14.28 15.27 2.46
CA ARG A 26 -13.70 14.26 3.32
C ARG A 26 -13.75 12.86 2.69
N ILE A 27 -14.88 12.49 2.09
CA ILE A 27 -14.93 11.24 1.34
C ILE A 27 -14.00 11.25 0.14
N ARG A 28 -13.94 12.35 -0.60
CA ARG A 28 -13.04 12.47 -1.73
C ARG A 28 -11.58 12.52 -1.32
N GLU A 29 -11.27 12.99 -0.12
CA GLU A 29 -9.92 12.89 0.41
C GLU A 29 -9.69 11.62 1.21
N LEU A 30 -10.74 10.84 1.46
CA LEU A 30 -10.60 9.50 2.03
C LEU A 30 -10.55 8.42 0.97
N GLU A 31 -10.80 8.79 -0.26
CA GLU A 31 -10.84 7.71 -1.25
C GLU A 31 -10.15 8.12 -2.52
N GLY A 32 -10.32 9.34 -3.01
CA GLY A 32 -9.57 9.77 -4.18
C GLY A 32 -8.61 10.90 -3.92
N GLU A 33 -8.04 10.94 -2.73
CA GLU A 33 -7.05 11.96 -2.41
C GLU A 33 -5.80 11.73 -3.22
N PRO A 34 -5.42 12.62 -4.14
CA PRO A 34 -4.21 12.39 -4.94
C PRO A 34 -2.97 12.55 -4.06
N VAL A 35 -2.23 11.46 -3.90
CA VAL A 35 -1.04 11.49 -3.06
C VAL A 35 0.14 11.92 -3.92
N ALA A 36 1.04 12.69 -3.33
CA ALA A 36 2.22 13.15 -4.05
C ALA A 36 3.38 12.17 -3.87
N VAL A 37 4.30 12.19 -4.82
CA VAL A 37 5.53 11.42 -4.70
C VAL A 37 6.65 12.41 -4.42
N VAL A 38 7.09 12.47 -3.17
CA VAL A 38 7.97 13.55 -2.73
C VAL A 38 9.35 13.41 -3.33
N ALA A 39 9.92 12.20 -3.31
CA ALA A 39 11.28 12.02 -3.77
C ALA A 39 11.47 10.63 -4.34
N MET A 40 12.56 10.48 -5.08
CA MET A 40 12.86 9.27 -5.84
C MET A 40 14.18 8.68 -5.35
N ALA A 41 14.23 7.36 -5.23
CA ALA A 41 15.46 6.63 -5.01
C ALA A 41 15.45 5.39 -5.88
N CYS A 42 16.60 5.07 -6.48
CA CYS A 42 16.66 3.89 -7.34
C CYS A 42 18.09 3.40 -7.45
N ARG A 43 18.26 2.09 -7.31
CA ARG A 43 19.49 1.39 -7.66
C ARG A 43 19.09 0.38 -8.72
N LEU A 44 19.23 0.74 -9.98
CA LEU A 44 18.66 -0.05 -11.05
C LEU A 44 19.77 -0.70 -11.87
N PRO A 45 19.45 -1.67 -12.73
CA PRO A 45 20.51 -2.35 -13.50
C PRO A 45 21.35 -1.37 -14.30
N GLY A 46 22.65 -1.65 -14.36
CA GLY A 46 23.59 -0.77 -15.01
C GLY A 46 24.30 0.14 -14.02
N GLY A 47 24.65 1.34 -14.45
CA GLY A 47 25.26 2.31 -13.56
C GLY A 47 24.29 3.15 -12.78
N VAL A 48 22.99 2.87 -12.88
CA VAL A 48 21.98 3.71 -12.25
C VAL A 48 22.08 3.57 -10.73
N SER A 49 22.29 4.69 -10.05
CA SER A 49 22.29 4.74 -8.59
C SER A 49 21.45 5.87 -8.02
N THR A 50 20.97 6.79 -8.85
CA THR A 50 20.18 7.94 -8.47
C THR A 50 19.16 8.20 -9.56
N PRO A 51 18.01 8.79 -9.22
CA PRO A 51 16.95 8.98 -10.23
C PRO A 51 17.36 9.82 -11.43
N GLU A 52 18.28 10.78 -11.30
CA GLU A 52 18.71 11.52 -12.47
C GLU A 52 19.68 10.73 -13.35
N GLU A 53 20.38 9.74 -12.78
CA GLU A 53 21.22 8.88 -13.59
C GLU A 53 20.42 7.87 -14.40
N PHE A 54 19.17 7.61 -14.03
CA PHE A 54 18.32 6.69 -14.77
C PHE A 54 17.79 7.30 -16.06
N TRP A 55 17.82 8.63 -16.18
CA TRP A 55 17.28 9.28 -17.36
C TRP A 55 18.18 9.18 -18.59
N GLU A 56 19.50 9.28 -18.44
CA GLU A 56 20.38 9.14 -19.58
C GLU A 56 20.72 7.70 -19.88
N LEU A 57 20.19 6.76 -19.11
CA LEU A 57 20.05 5.38 -19.54
C LEU A 57 18.73 5.12 -20.25
N LEU A 58 17.76 6.01 -20.08
CA LEU A 58 16.41 5.81 -20.60
C LEU A 58 16.06 6.74 -21.76
N SER A 59 16.71 7.91 -21.85
CA SER A 59 16.42 8.86 -22.91
C SER A 59 17.27 8.66 -24.16
N GLU A 60 18.48 8.13 -24.02
CA GLU A 60 19.34 7.87 -25.17
C GLU A 60 19.31 6.40 -25.60
N GLY A 61 18.43 5.60 -25.01
CA GLY A 61 18.26 4.22 -25.42
C GLY A 61 19.43 3.32 -25.09
N ARG A 62 19.71 3.13 -23.80
CA ARG A 62 20.76 2.24 -23.34
C ARG A 62 20.15 1.04 -22.64
N ASP A 63 20.55 -0.15 -23.04
CA ASP A 63 20.10 -1.38 -22.39
C ASP A 63 21.07 -1.75 -21.28
N ALA A 64 20.52 -2.03 -20.11
CA ALA A 64 21.33 -2.35 -18.93
C ALA A 64 21.73 -3.82 -18.87
N VAL A 65 21.25 -4.64 -19.80
CA VAL A 65 21.60 -6.07 -19.82
C VAL A 65 23.03 -6.23 -20.30
N ALA A 66 23.94 -6.54 -19.38
CA ALA A 66 25.35 -6.72 -19.70
C ALA A 66 25.85 -8.13 -19.46
N GLY A 67 25.65 -8.66 -18.25
CA GLY A 67 26.11 -10.01 -17.95
C GLY A 67 25.86 -10.34 -16.50
N LEU A 68 26.12 -11.60 -16.17
CA LEU A 68 25.95 -12.07 -14.80
C LEU A 68 27.02 -11.47 -13.89
N PRO A 69 26.69 -11.24 -12.62
CA PRO A 69 27.67 -10.62 -11.71
C PRO A 69 28.77 -11.59 -11.32
N THR A 70 29.98 -11.06 -11.13
CA THR A 70 31.11 -11.82 -10.63
C THR A 70 31.50 -11.45 -9.22
N ASP A 71 30.95 -10.34 -8.68
CA ASP A 71 31.27 -9.94 -7.31
C ASP A 71 30.78 -10.96 -6.29
N ARG A 72 29.67 -11.62 -6.59
CA ARG A 72 28.93 -12.40 -5.61
C ARG A 72 29.50 -13.78 -5.37
N GLY A 73 30.57 -14.16 -6.07
CA GLY A 73 31.09 -15.50 -5.93
C GLY A 73 30.24 -16.57 -6.57
N TRP A 74 29.45 -16.21 -7.58
CA TRP A 74 28.63 -17.19 -8.28
C TRP A 74 29.51 -18.23 -8.96
N ASP A 75 28.97 -19.44 -9.10
CA ASP A 75 29.71 -20.51 -9.76
C ASP A 75 30.05 -20.13 -11.18
N LEU A 76 29.06 -19.74 -11.97
CA LEU A 76 29.13 -19.25 -13.34
C LEU A 76 29.57 -20.34 -14.31
N ASP A 77 29.95 -21.53 -13.83
CA ASP A 77 30.36 -22.64 -14.67
C ASP A 77 29.36 -23.78 -14.67
N SER A 78 28.85 -24.15 -13.50
CA SER A 78 27.71 -25.05 -13.41
C SER A 78 26.41 -24.37 -13.81
N LEU A 79 26.41 -23.03 -13.90
CA LEU A 79 25.23 -22.29 -14.32
C LEU A 79 24.94 -22.47 -15.80
N PHE A 80 25.92 -22.90 -16.59
CA PHE A 80 25.76 -22.99 -18.04
C PHE A 80 26.26 -24.35 -18.50
N HIS A 81 25.34 -25.19 -18.97
CA HIS A 81 25.68 -26.45 -19.61
C HIS A 81 24.83 -26.59 -20.86
N PRO A 82 25.36 -27.26 -21.89
CA PRO A 82 24.56 -27.45 -23.12
C PRO A 82 23.21 -28.11 -22.89
N ASP A 83 23.11 -29.05 -21.96
CA ASP A 83 21.84 -29.68 -21.66
C ASP A 83 20.94 -28.65 -20.98
N PRO A 84 19.78 -28.32 -21.56
CA PRO A 84 18.90 -27.32 -20.95
C PRO A 84 18.17 -27.81 -19.71
N THR A 85 18.15 -29.11 -19.44
CA THR A 85 17.42 -29.67 -18.31
C THR A 85 18.34 -30.11 -17.18
N ARG A 86 19.63 -29.77 -17.24
CA ARG A 86 20.55 -30.14 -16.17
C ARG A 86 20.23 -29.31 -14.93
N SER A 87 20.09 -30.00 -13.79
CA SER A 87 19.78 -29.33 -12.54
C SER A 87 20.98 -28.51 -12.08
N GLY A 88 20.76 -27.23 -11.81
CA GLY A 88 21.81 -26.31 -11.41
C GLY A 88 22.26 -25.36 -12.49
N THR A 89 21.66 -25.39 -13.68
CA THR A 89 22.06 -24.54 -14.78
C THR A 89 21.03 -23.45 -15.03
N ALA A 90 21.52 -22.30 -15.52
CA ALA A 90 20.66 -21.18 -15.90
C ALA A 90 20.67 -21.03 -17.42
N HIS A 91 19.56 -20.53 -17.95
CA HIS A 91 19.40 -20.39 -19.40
C HIS A 91 19.81 -19.03 -19.94
N GLN A 92 19.68 -17.97 -19.15
CA GLN A 92 20.02 -16.64 -19.61
C GLN A 92 21.53 -16.40 -19.47
N ARG A 93 22.12 -15.81 -20.51
CA ARG A 93 23.55 -15.54 -20.54
C ARG A 93 23.88 -14.10 -20.15
N GLY A 94 23.09 -13.52 -19.26
CA GLY A 94 23.33 -12.15 -18.84
C GLY A 94 22.21 -11.55 -18.02
N GLY A 95 21.84 -10.32 -18.35
CA GLY A 95 20.81 -9.61 -17.60
C GLY A 95 21.37 -8.39 -16.93
N GLY A 96 20.51 -7.42 -16.62
CA GLY A 96 20.94 -6.22 -15.93
C GLY A 96 21.14 -6.46 -14.45
N PHE A 97 22.39 -6.47 -14.00
CA PHE A 97 22.71 -6.80 -12.62
C PHE A 97 23.45 -5.64 -11.96
N LEU A 98 23.14 -5.43 -10.68
CA LEU A 98 23.72 -4.34 -9.92
C LEU A 98 25.17 -4.64 -9.58
N THR A 99 26.05 -3.66 -9.79
CA THR A 99 27.47 -3.77 -9.49
C THR A 99 27.83 -3.21 -8.12
N GLU A 100 26.85 -2.73 -7.35
CA GLU A 100 27.12 -2.12 -6.06
C GLU A 100 26.33 -2.78 -4.93
N ALA A 101 25.45 -3.74 -5.23
CA ALA A 101 24.68 -4.42 -4.20
C ALA A 101 25.55 -5.29 -3.31
N THR A 102 26.73 -5.69 -3.79
CA THR A 102 27.65 -6.48 -2.97
C THR A 102 28.22 -5.67 -1.81
N ALA A 103 28.38 -4.37 -1.99
CA ALA A 103 29.01 -3.51 -1.00
C ALA A 103 27.96 -2.75 -0.20
N PHE A 104 28.38 -2.31 0.99
CA PHE A 104 27.49 -1.62 1.91
C PHE A 104 28.34 -0.79 2.88
N ASP A 105 27.69 0.16 3.54
CA ASP A 105 28.33 1.00 4.54
C ASP A 105 27.83 0.59 5.91
N PRO A 106 28.52 -0.32 6.63
CA PRO A 106 28.01 -0.78 7.93
C PRO A 106 28.07 0.28 9.01
N ALA A 107 29.20 0.99 9.10
CA ALA A 107 29.39 1.96 10.17
C ALA A 107 28.47 3.17 10.03
N PHE A 108 27.88 3.37 8.85
CA PHE A 108 27.01 4.53 8.66
C PHE A 108 25.76 4.44 9.53
N PHE A 109 25.08 3.30 9.51
CA PHE A 109 23.92 3.08 10.34
C PHE A 109 24.36 2.50 11.68
N GLY A 110 23.39 2.13 12.53
CA GLY A 110 23.71 1.41 13.74
C GLY A 110 23.86 -0.07 13.47
N MET A 111 24.77 -0.40 12.56
CA MET A 111 24.94 -1.77 12.09
C MET A 111 26.39 -2.19 12.23
N SER A 112 26.61 -3.36 12.80
CA SER A 112 27.94 -3.92 12.90
C SER A 112 28.37 -4.49 11.55
N PRO A 113 29.68 -4.47 11.25
CA PRO A 113 30.16 -5.11 10.01
C PRO A 113 29.75 -6.57 9.90
N ARG A 114 29.76 -7.31 11.01
CA ARG A 114 29.30 -8.70 10.97
C ARG A 114 27.80 -8.78 10.71
N GLU A 115 27.01 -7.94 11.41
CA GLU A 115 25.57 -7.92 11.17
C GLU A 115 25.25 -7.50 9.74
N ALA A 116 25.94 -6.47 9.25
CA ALA A 116 25.76 -6.06 7.85
C ALA A 116 26.17 -7.16 6.88
N LEU A 117 27.18 -7.96 7.23
CA LEU A 117 27.51 -9.13 6.43
C LEU A 117 26.35 -10.12 6.42
N ALA A 118 25.68 -10.27 7.56
CA ALA A 118 24.51 -11.14 7.65
C ALA A 118 23.26 -10.53 7.00
N VAL A 119 23.25 -9.22 6.75
CA VAL A 119 22.07 -8.56 6.20
C VAL A 119 21.86 -8.97 4.75
N ASP A 120 20.61 -9.24 4.40
CA ASP A 120 20.24 -9.53 3.01
C ASP A 120 20.66 -8.35 2.13
N PRO A 121 21.23 -8.60 0.93
CA PRO A 121 21.57 -7.50 0.04
C PRO A 121 20.37 -6.63 -0.31
N GLN A 122 19.18 -7.23 -0.30
CA GLN A 122 17.97 -6.42 -0.44
C GLN A 122 17.82 -5.43 0.70
N GLN A 123 18.01 -5.90 1.93
CA GLN A 123 17.83 -5.09 3.13
C GLN A 123 18.95 -4.08 3.33
N ARG A 124 20.12 -4.32 2.73
CA ARG A 124 21.21 -3.36 2.79
C ARG A 124 21.14 -2.33 1.66
N LEU A 125 20.51 -2.66 0.54
CA LEU A 125 20.29 -1.69 -0.52
C LEU A 125 19.02 -0.87 -0.28
N MET A 126 18.12 -1.37 0.56
CA MET A 126 16.91 -0.65 0.93
C MET A 126 17.16 0.48 1.93
N LEU A 127 18.06 0.29 2.90
CA LEU A 127 18.37 1.36 3.84
C LEU A 127 19.01 2.54 3.14
N GLU A 128 19.94 2.26 2.22
CA GLU A 128 20.57 3.34 1.46
C GLU A 128 19.57 4.07 0.58
N LEU A 129 18.65 3.34 -0.04
CA LEU A 129 17.61 4.00 -0.84
C LEU A 129 16.69 4.84 0.04
N SER A 130 16.39 4.37 1.24
CA SER A 130 15.61 5.17 2.17
C SER A 130 16.32 6.47 2.53
N TRP A 131 17.62 6.38 2.85
CA TRP A 131 18.37 7.58 3.17
C TRP A 131 18.44 8.53 1.97
N GLU A 132 18.60 7.98 0.77
CA GLU A 132 18.65 8.81 -0.43
C GLU A 132 17.32 9.50 -0.69
N VAL A 133 16.22 8.75 -0.64
CA VAL A 133 14.90 9.31 -0.88
C VAL A 133 14.48 10.30 0.20
N LEU A 134 15.06 10.21 1.39
CA LEU A 134 14.86 11.26 2.38
C LEU A 134 15.74 12.47 2.12
N GLU A 135 17.01 12.27 1.76
CA GLU A 135 17.89 13.39 1.45
C GLU A 135 17.54 14.08 0.14
N ARG A 136 16.93 13.38 -0.80
CA ARG A 136 16.45 13.99 -2.04
C ARG A 136 15.26 14.92 -1.83
N ALA A 137 14.46 14.67 -0.80
CA ALA A 137 13.23 15.41 -0.57
C ALA A 137 13.41 16.66 0.27
N GLY A 138 14.63 16.96 0.70
CA GLY A 138 14.80 18.07 1.62
C GLY A 138 14.32 17.79 3.02
N ILE A 139 14.06 16.52 3.34
CA ILE A 139 13.63 16.08 4.66
C ILE A 139 14.83 15.46 5.35
N PRO A 140 15.36 16.05 6.42
CA PRO A 140 16.46 15.42 7.16
C PRO A 140 16.06 14.03 7.64
N PRO A 141 16.78 12.99 7.20
CA PRO A 141 16.41 11.62 7.59
C PRO A 141 16.47 11.39 9.09
N THR A 142 17.23 12.18 9.83
CA THR A 142 17.25 12.11 11.29
C THR A 142 16.17 12.96 11.94
N SER A 143 15.44 13.75 11.15
CA SER A 143 14.36 14.56 11.70
C SER A 143 13.05 13.79 11.85
N LEU A 144 12.95 12.61 11.24
CA LEU A 144 11.74 11.79 11.33
C LEU A 144 11.89 10.74 12.42
N GLN A 145 12.02 11.22 13.66
CA GLN A 145 12.14 10.37 14.83
C GLN A 145 10.80 10.29 15.55
N ALA A 146 10.31 9.06 15.76
CA ALA A 146 9.04 8.82 16.43
C ALA A 146 7.90 9.56 15.75
N SER A 147 7.92 9.56 14.41
CA SER A 147 6.89 10.20 13.62
C SER A 147 6.14 9.16 12.79
N PRO A 148 4.86 9.39 12.49
CA PRO A 148 4.12 8.42 11.67
C PRO A 148 4.60 8.41 10.23
N THR A 149 5.34 7.37 9.86
CA THR A 149 5.92 7.27 8.52
C THR A 149 6.00 5.78 8.17
N GLY A 150 5.08 5.32 7.32
CA GLY A 150 5.05 3.93 6.96
C GLY A 150 6.18 3.55 6.03
N VAL A 151 6.59 2.28 6.11
CA VAL A 151 7.60 1.71 5.24
C VAL A 151 6.98 0.50 4.53
N PHE A 152 6.84 0.60 3.21
CA PHE A 152 6.17 -0.48 2.43
C PHE A 152 7.18 -1.02 1.41
N VAL A 153 7.77 -2.19 1.70
CA VAL A 153 8.86 -2.68 0.81
C VAL A 153 8.43 -3.96 0.08
N GLY A 154 8.45 -3.94 -1.26
CA GLY A 154 8.16 -5.16 -2.03
C GLY A 154 9.40 -6.04 -2.07
N LEU A 155 9.27 -7.35 -1.87
CA LEU A 155 10.50 -8.17 -1.78
C LEU A 155 10.37 -9.54 -2.43
N ILE A 156 11.51 -10.22 -2.60
CA ILE A 156 11.51 -11.62 -3.14
C ILE A 156 12.39 -12.43 -2.20
N PRO A 157 11.86 -13.45 -1.48
CA PRO A 157 12.68 -14.31 -0.63
C PRO A 157 13.85 -14.91 -1.44
N GLN A 158 15.08 -14.52 -1.10
CA GLN A 158 16.26 -14.99 -1.89
C GLN A 158 17.26 -15.67 -0.95
N GLU A 159 17.75 -16.86 -1.32
CA GLU A 159 18.75 -17.60 -0.50
C GLU A 159 20.07 -16.80 -0.50
N TYR A 160 20.68 -16.63 0.67
CA TYR A 160 21.93 -15.82 0.75
C TYR A 160 23.10 -16.70 1.21
N GLY A 161 23.37 -16.73 2.52
CA GLY A 161 24.53 -17.49 3.03
C GLY A 161 24.19 -18.91 3.40
N PRO A 162 24.86 -19.51 4.42
CA PRO A 162 24.64 -20.91 4.79
C PRO A 162 23.25 -21.18 5.39
N ARG A 163 22.88 -22.46 5.50
CA ARG A 163 21.54 -22.83 6.04
C ARG A 163 21.39 -22.28 7.46
N LEU A 164 20.22 -21.73 7.78
CA LEU A 164 19.96 -21.23 9.15
C LEU A 164 20.21 -22.39 10.12
N ALA A 165 19.93 -23.62 9.69
CA ALA A 165 20.17 -24.80 10.53
C ALA A 165 21.65 -24.95 10.87
N GLU A 166 22.53 -24.69 9.89
CA GLU A 166 23.96 -24.83 10.11
C GLU A 166 24.60 -23.57 10.70
N GLY A 167 23.86 -22.46 10.77
CA GLY A 167 24.41 -21.25 11.36
C GLY A 167 25.59 -20.72 10.58
N GLY A 168 26.60 -20.26 11.31
CA GLY A 168 27.79 -19.73 10.66
C GLY A 168 28.93 -19.62 11.64
N GLU A 169 30.06 -19.13 11.13
CA GLU A 169 31.27 -18.95 11.93
C GLU A 169 31.29 -17.64 12.68
N GLY A 170 30.77 -16.57 12.07
CA GLY A 170 30.60 -15.31 12.76
C GLY A 170 29.14 -14.90 12.80
N VAL A 171 28.39 -15.28 11.76
CA VAL A 171 26.98 -14.91 11.64
C VAL A 171 26.16 -16.03 12.29
N GLU A 172 26.03 -15.94 13.61
CA GLU A 172 25.21 -16.87 14.37
C GLU A 172 23.84 -16.31 14.72
N GLY A 173 23.79 -15.12 15.32
CA GLY A 173 22.52 -14.54 15.72
C GLY A 173 21.91 -13.55 14.76
N TYR A 174 22.68 -13.09 13.76
CA TYR A 174 22.19 -12.07 12.84
C TYR A 174 21.72 -12.63 11.50
N LEU A 175 21.77 -13.94 11.31
CA LEU A 175 21.47 -14.50 10.00
C LEU A 175 19.97 -14.40 9.71
N MET A 176 19.13 -14.59 10.73
CA MET A 176 17.70 -14.33 10.57
C MET A 176 17.44 -12.86 10.26
N THR A 177 18.13 -11.97 10.96
CA THR A 177 17.89 -10.54 10.79
C THR A 177 18.30 -10.06 9.41
N GLY A 178 19.01 -10.88 8.64
CA GLY A 178 19.23 -10.58 7.25
C GLY A 178 18.25 -11.28 6.33
N THR A 179 18.17 -12.62 6.44
CA THR A 179 17.42 -13.41 5.46
C THR A 179 15.97 -13.61 5.92
N THR A 180 15.34 -12.50 6.27
CA THR A 180 13.90 -12.45 6.50
C THR A 180 13.40 -11.12 5.98
N THR A 181 12.44 -11.15 5.05
CA THR A 181 11.85 -9.92 4.54
C THR A 181 11.05 -9.19 5.62
N SER A 182 10.75 -9.87 6.73
CA SER A 182 10.08 -9.24 7.87
C SER A 182 10.79 -7.96 8.28
N VAL A 183 12.07 -8.07 8.64
CA VAL A 183 12.86 -6.91 9.02
C VAL A 183 13.25 -6.05 7.84
N ALA A 184 12.90 -6.46 6.62
CA ALA A 184 13.20 -5.67 5.42
C ALA A 184 12.35 -4.41 5.31
N SER A 185 11.49 -4.17 6.29
CA SER A 185 10.75 -2.90 6.39
C SER A 185 10.89 -2.35 7.79
N GLY A 186 11.14 -3.23 8.76
CA GLY A 186 11.33 -2.82 10.14
C GLY A 186 12.71 -2.26 10.43
N ARG A 187 13.72 -2.77 9.72
CA ARG A 187 15.07 -2.22 9.87
C ARG A 187 15.12 -0.76 9.44
N ILE A 188 14.43 -0.43 8.33
CA ILE A 188 14.42 0.94 7.83
C ILE A 188 13.73 1.86 8.82
N ALA A 189 12.59 1.42 9.36
CA ALA A 189 11.88 2.20 10.37
C ALA A 189 12.60 2.22 11.71
N TYR A 190 13.59 1.35 11.91
CA TYR A 190 14.36 1.34 13.15
C TYR A 190 15.57 2.27 13.07
N THR A 191 16.35 2.17 12.00
CA THR A 191 17.49 3.07 11.82
C THR A 191 17.05 4.52 11.70
N LEU A 192 15.96 4.76 10.96
CA LEU A 192 15.45 6.12 10.79
C LEU A 192 14.45 6.51 11.87
N GLY A 193 14.11 5.59 12.77
CA GLY A 193 13.18 5.89 13.83
C GLY A 193 11.75 6.08 13.39
N LEU A 194 11.41 5.66 12.17
CA LEU A 194 10.05 5.83 11.67
C LEU A 194 9.07 5.00 12.48
N GLU A 195 7.92 5.59 12.78
CA GLU A 195 6.94 4.96 13.65
C GLU A 195 5.74 4.41 12.87
N GLY A 196 5.55 4.83 11.63
CA GLY A 196 4.42 4.37 10.85
C GLY A 196 4.55 2.92 10.46
N PRO A 197 3.49 2.40 9.83
CA PRO A 197 3.43 0.96 9.54
C PRO A 197 4.58 0.44 8.70
N ALA A 198 5.40 -0.42 9.31
CA ALA A 198 6.53 -1.06 8.63
C ALA A 198 6.02 -2.38 8.05
N ILE A 199 5.60 -2.34 6.79
CA ILE A 199 4.95 -3.46 6.13
C ILE A 199 5.80 -3.91 4.95
N SER A 200 6.04 -5.21 4.88
CA SER A 200 6.72 -5.82 3.74
C SER A 200 5.69 -6.50 2.85
N VAL A 201 5.75 -6.19 1.56
CA VAL A 201 4.82 -6.72 0.57
C VAL A 201 5.56 -7.77 -0.26
N ASP A 202 4.88 -8.90 -0.51
CA ASP A 202 5.48 -9.99 -1.29
C ASP A 202 4.43 -10.51 -2.27
N THR A 203 4.42 -9.95 -3.48
CA THR A 203 3.63 -10.48 -4.59
C THR A 203 4.49 -10.67 -5.83
N ALA A 204 5.80 -10.83 -5.66
CA ALA A 204 6.77 -11.08 -6.74
C ALA A 204 6.77 -9.87 -7.67
N CYS A 205 6.50 -10.03 -8.97
CA CYS A 205 6.76 -9.00 -9.97
C CYS A 205 5.87 -7.78 -9.84
N SER A 206 4.90 -7.78 -8.93
CA SER A 206 4.07 -6.60 -8.69
C SER A 206 4.27 -6.01 -7.31
N SER A 207 5.11 -6.64 -6.47
CA SER A 207 5.22 -6.28 -5.06
C SER A 207 5.31 -4.78 -4.84
N SER A 208 6.34 -4.14 -5.39
CA SER A 208 6.53 -2.69 -5.20
C SER A 208 5.26 -1.93 -5.54
N LEU A 209 4.67 -2.19 -6.72
CA LEU A 209 3.47 -1.46 -7.07
C LEU A 209 2.35 -1.79 -6.10
N VAL A 210 2.18 -3.08 -5.77
CA VAL A 210 1.22 -3.41 -4.72
C VAL A 210 1.59 -2.64 -3.46
N ALA A 211 2.88 -2.62 -3.12
CA ALA A 211 3.34 -1.85 -1.97
C ALA A 211 2.88 -0.40 -2.07
N VAL A 212 3.08 0.25 -3.22
CA VAL A 212 2.74 1.67 -3.26
C VAL A 212 1.24 1.83 -3.07
N HIS A 213 0.46 0.89 -3.62
CA HIS A 213 -0.97 0.89 -3.36
C HIS A 213 -1.25 0.97 -1.87
N LEU A 214 -0.66 0.06 -1.10
CA LEU A 214 -0.85 0.08 0.34
C LEU A 214 -0.42 1.42 0.91
N ALA A 215 0.76 1.91 0.51
CA ALA A 215 1.21 3.20 0.99
C ALA A 215 0.20 4.27 0.61
N CYS A 216 -0.26 4.25 -0.65
CA CYS A 216 -1.29 5.19 -1.06
C CYS A 216 -2.48 5.12 -0.11
N GLN A 217 -2.94 3.91 0.18
CA GLN A 217 -4.04 3.73 1.12
C GLN A 217 -3.72 4.30 2.48
N SER A 218 -2.52 4.04 3.01
CA SER A 218 -2.11 4.57 4.30
C SER A 218 -2.08 6.09 4.31
N LEU A 219 -2.08 6.72 3.14
CA LEU A 219 -2.16 8.17 3.04
C LEU A 219 -3.59 8.67 2.90
N ARG A 220 -4.42 7.81 2.38
CA ARG A 220 -5.75 8.26 2.08
C ARG A 220 -6.63 7.84 3.23
N ARG A 221 -6.00 7.42 4.34
CA ARG A 221 -6.75 6.96 5.54
C ARG A 221 -6.27 7.78 6.69
N GLY A 222 -5.08 8.28 6.60
CA GLY A 222 -4.43 9.11 7.60
C GLY A 222 -3.66 8.33 8.65
N GLU A 223 -3.46 7.02 8.47
CA GLU A 223 -2.70 6.24 9.44
C GLU A 223 -1.27 6.74 9.55
N SER A 224 -0.64 7.03 8.41
CA SER A 224 0.71 7.59 8.38
C SER A 224 0.69 8.85 7.54
N SER A 225 1.21 9.95 8.09
CA SER A 225 1.28 11.20 7.35
C SER A 225 2.27 11.11 6.18
N LEU A 226 3.18 10.14 6.20
CA LEU A 226 4.15 9.96 5.14
C LEU A 226 4.41 8.48 4.99
N ALA A 227 4.84 8.07 3.79
CA ALA A 227 5.14 6.67 3.54
C ALA A 227 6.38 6.57 2.65
N MET A 228 7.08 5.46 2.77
CA MET A 228 8.25 5.16 1.94
C MET A 228 7.97 3.83 1.25
N ALA A 229 7.39 3.90 0.05
CA ALA A 229 7.00 2.69 -0.64
C ALA A 229 8.06 2.30 -1.66
N GLY A 230 7.87 1.13 -2.25
CA GLY A 230 8.80 0.66 -3.27
C GLY A 230 9.07 -0.82 -3.13
N GLY A 231 10.08 -1.27 -3.84
CA GLY A 231 10.42 -2.69 -3.83
C GLY A 231 11.83 -2.94 -4.33
N VAL A 232 12.37 -4.08 -3.91
CA VAL A 232 13.74 -4.49 -4.22
C VAL A 232 13.75 -5.96 -4.62
N THR A 233 14.53 -6.27 -5.67
CA THR A 233 14.86 -7.64 -6.06
C THR A 233 16.34 -7.65 -6.37
N VAL A 234 17.15 -7.92 -5.35
CA VAL A 234 18.59 -8.08 -5.51
C VAL A 234 18.93 -9.55 -5.34
N MET A 235 19.69 -10.10 -6.28
CA MET A 235 19.92 -11.53 -6.31
C MET A 235 21.30 -11.85 -5.76
N PRO A 236 21.41 -12.41 -4.56
CA PRO A 236 22.71 -12.89 -4.07
C PRO A 236 23.07 -14.28 -4.56
N THR A 237 22.14 -14.98 -5.19
CA THR A 237 22.31 -16.33 -5.68
C THR A 237 21.74 -16.46 -7.08
N PRO A 238 22.28 -17.36 -7.89
CA PRO A 238 21.66 -17.69 -9.19
C PRO A 238 20.45 -18.60 -9.10
N GLY A 239 19.86 -18.74 -7.90
CA GLY A 239 18.91 -19.82 -7.66
C GLY A 239 17.71 -19.80 -8.59
N MET A 240 17.06 -18.65 -8.74
CA MET A 240 15.87 -18.62 -9.59
C MET A 240 16.24 -18.47 -11.05
N LEU A 241 17.46 -18.05 -11.37
CA LEU A 241 17.96 -18.23 -12.72
C LEU A 241 18.07 -19.71 -13.08
N VAL A 242 18.48 -20.54 -12.12
CA VAL A 242 18.44 -21.99 -12.31
C VAL A 242 17.00 -22.49 -12.38
N ASP A 243 16.10 -21.94 -11.57
CA ASP A 243 14.73 -22.44 -11.46
C ASP A 243 13.78 -21.87 -12.50
N PHE A 244 13.91 -20.59 -12.86
CA PHE A 244 13.11 -20.06 -13.96
C PHE A 244 13.49 -20.71 -15.28
N SER A 245 14.71 -21.22 -15.39
CA SER A 245 15.13 -21.95 -16.58
C SER A 245 14.48 -23.33 -16.68
N ARG A 246 14.15 -23.94 -15.53
CA ARG A 246 13.55 -25.26 -15.54
C ARG A 246 12.12 -25.23 -16.08
N MET A 247 11.42 -24.12 -15.94
CA MET A 247 10.12 -23.94 -16.58
C MET A 247 10.24 -23.36 -17.99
N ASN A 248 11.47 -23.12 -18.45
CA ASN A 248 11.74 -22.61 -19.80
C ASN A 248 11.03 -21.28 -20.04
N SER A 249 11.41 -20.28 -19.25
CA SER A 249 10.80 -18.96 -19.35
C SER A 249 11.81 -17.83 -19.46
N LEU A 250 13.08 -18.04 -19.11
CA LEU A 250 14.11 -17.00 -19.21
C LEU A 250 14.55 -16.81 -20.65
N ALA A 251 14.74 -15.56 -21.03
CA ALA A 251 15.33 -15.26 -22.33
C ALA A 251 16.82 -15.57 -22.29
N PRO A 252 17.35 -16.34 -23.23
CA PRO A 252 18.77 -16.71 -23.19
C PRO A 252 19.70 -15.51 -23.16
N ASP A 253 19.29 -14.41 -23.78
CA ASP A 253 20.06 -13.17 -23.75
C ASP A 253 19.84 -12.35 -22.49
N GLY A 254 18.85 -12.69 -21.68
CA GLY A 254 18.54 -11.92 -20.49
C GLY A 254 17.86 -10.61 -20.75
N ARG A 255 17.42 -10.35 -21.98
CA ARG A 255 16.82 -9.09 -22.37
C ARG A 255 15.30 -9.23 -22.43
N CYS A 256 14.59 -8.23 -21.91
CA CYS A 256 13.13 -8.22 -21.91
C CYS A 256 12.66 -7.62 -23.22
N LYS A 257 12.49 -8.46 -24.24
CA LYS A 257 11.99 -8.03 -25.54
C LYS A 257 10.48 -7.83 -25.43
N ALA A 258 10.10 -6.72 -24.82
CA ALA A 258 8.69 -6.44 -24.56
C ALA A 258 7.97 -6.09 -25.87
N PHE A 259 6.89 -6.80 -26.14
CA PHE A 259 6.07 -6.58 -27.33
C PHE A 259 6.91 -6.66 -28.60
N SER A 260 7.75 -7.69 -28.69
CA SER A 260 8.62 -7.91 -29.83
C SER A 260 8.45 -9.33 -30.36
N ALA A 261 8.63 -9.47 -31.68
CA ALA A 261 8.53 -10.80 -32.29
C ALA A 261 9.78 -11.64 -32.06
N GLY A 262 10.89 -11.02 -31.68
CA GLY A 262 12.12 -11.74 -31.46
C GLY A 262 12.30 -12.18 -30.02
N ALA A 263 11.25 -12.06 -29.22
CA ALA A 263 11.31 -12.44 -27.81
C ALA A 263 11.47 -13.94 -27.69
N ASN A 264 12.31 -14.37 -26.75
CA ASN A 264 12.55 -15.78 -26.48
C ASN A 264 12.59 -16.07 -24.98
N GLY A 265 11.76 -15.38 -24.21
CA GLY A 265 11.74 -15.50 -22.77
C GLY A 265 11.60 -14.14 -22.11
N PHE A 266 11.29 -14.18 -20.81
CA PHE A 266 11.01 -12.96 -20.07
C PHE A 266 12.24 -12.33 -19.45
N GLY A 267 13.41 -12.94 -19.60
CA GLY A 267 14.63 -12.32 -19.11
C GLY A 267 14.66 -12.23 -17.59
N MET A 268 15.60 -11.42 -17.10
CA MET A 268 15.76 -11.22 -15.66
C MET A 268 16.69 -10.04 -15.43
N ALA A 269 16.44 -9.33 -14.33
CA ALA A 269 17.31 -8.26 -13.88
C ALA A 269 17.07 -8.03 -12.39
N GLU A 270 18.07 -7.46 -11.74
CA GLU A 270 17.98 -7.14 -10.32
C GLU A 270 18.05 -5.62 -10.14
N GLY A 271 17.24 -5.11 -9.22
CA GLY A 271 17.17 -3.68 -9.03
C GLY A 271 16.43 -3.34 -7.74
N ALA A 272 16.19 -2.05 -7.57
CA ALA A 272 15.51 -1.56 -6.38
C ALA A 272 15.02 -0.14 -6.62
N GLY A 273 13.81 0.15 -6.14
CA GLY A 273 13.23 1.46 -6.29
C GLY A 273 12.43 1.84 -5.06
N MET A 274 12.39 3.15 -4.80
CA MET A 274 11.75 3.70 -3.61
C MET A 274 11.12 5.04 -3.92
N LEU A 275 9.88 5.21 -3.46
CA LEU A 275 9.07 6.40 -3.66
C LEU A 275 8.79 7.00 -2.28
N LEU A 276 8.91 8.33 -2.18
CA LEU A 276 8.53 9.03 -0.95
C LEU A 276 7.12 9.58 -1.16
N LEU A 277 6.13 8.92 -0.57
CA LEU A 277 4.73 9.22 -0.84
C LEU A 277 4.12 10.04 0.29
N GLU A 278 3.48 11.15 -0.07
CA GLU A 278 2.73 11.96 0.88
C GLU A 278 1.52 12.54 0.15
N ARG A 279 0.41 12.66 0.87
CA ARG A 279 -0.80 13.22 0.26
C ARG A 279 -0.54 14.64 -0.20
N LEU A 280 -1.18 15.03 -1.31
CA LEU A 280 -0.86 16.31 -1.94
C LEU A 280 -1.06 17.48 -1.00
N SER A 281 -2.14 17.46 -0.21
CA SER A 281 -2.39 18.54 0.73
C SER A 281 -1.25 18.65 1.75
N ASP A 282 -0.83 17.53 2.32
CA ASP A 282 0.28 17.54 3.26
C ASP A 282 1.60 17.87 2.57
N ALA A 283 1.77 17.39 1.34
CA ALA A 283 3.02 17.63 0.62
C ALA A 283 3.21 19.11 0.32
N ARG A 284 2.18 19.79 -0.17
CA ARG A 284 2.26 21.21 -0.47
C ARG A 284 2.19 22.08 0.78
N ARG A 285 1.44 21.68 1.80
CA ARG A 285 1.38 22.44 3.04
C ARG A 285 2.71 22.45 3.76
N ASN A 286 3.39 21.29 3.81
CA ASN A 286 4.69 21.19 4.45
C ASN A 286 5.82 21.69 3.56
N GLY A 287 5.56 22.02 2.30
CA GLY A 287 6.57 22.47 1.39
C GLY A 287 7.42 21.38 0.76
N HIS A 288 7.07 20.12 0.97
CA HIS A 288 7.84 19.03 0.41
C HIS A 288 7.72 19.04 -1.12
N PRO A 289 8.82 18.84 -1.85
CA PRO A 289 8.74 18.91 -3.31
C PRO A 289 7.87 17.79 -3.87
N VAL A 290 6.93 18.15 -4.73
CA VAL A 290 6.06 17.20 -5.39
C VAL A 290 6.61 16.94 -6.79
N LEU A 291 7.10 15.73 -7.03
CA LEU A 291 7.54 15.38 -8.37
C LEU A 291 6.35 15.04 -9.25
N ALA A 292 5.65 13.95 -8.96
CA ALA A 292 4.43 13.57 -9.65
C ALA A 292 3.39 13.18 -8.61
N VAL A 293 2.24 12.70 -9.06
CA VAL A 293 1.13 12.41 -8.15
C VAL A 293 0.56 11.04 -8.48
N LEU A 294 0.60 10.12 -7.51
CA LEU A 294 -0.19 8.90 -7.61
C LEU A 294 -1.64 9.22 -7.29
N ARG A 295 -2.52 9.03 -8.27
CA ARG A 295 -3.93 9.37 -8.10
C ARG A 295 -4.75 8.16 -7.67
N GLY A 296 -4.63 7.05 -8.41
CA GLY A 296 -5.38 5.85 -8.10
C GLY A 296 -4.62 4.58 -8.40
N THR A 297 -4.61 3.64 -7.45
CA THR A 297 -3.92 2.37 -7.59
C THR A 297 -4.88 1.24 -7.27
N ALA A 298 -4.90 0.21 -8.11
CA ALA A 298 -5.76 -0.95 -7.92
C ALA A 298 -4.91 -2.22 -7.89
N VAL A 299 -5.32 -3.16 -7.04
CA VAL A 299 -4.62 -4.43 -6.89
C VAL A 299 -5.65 -5.55 -6.97
N ASN A 300 -5.44 -6.48 -7.90
CA ASN A 300 -6.33 -7.62 -8.09
C ASN A 300 -5.52 -8.86 -8.40
N SER A 301 -6.18 -10.00 -8.45
CA SER A 301 -5.55 -11.28 -8.74
C SER A 301 -6.05 -11.83 -10.07
N ASP A 302 -5.20 -12.66 -10.69
CA ASP A 302 -5.54 -13.25 -11.98
C ASP A 302 -6.66 -14.29 -11.88
N GLY A 303 -6.91 -14.82 -10.69
CA GLY A 303 -7.93 -15.83 -10.57
C GLY A 303 -7.46 -17.18 -11.09
N ALA A 304 -8.44 -18.01 -11.46
CA ALA A 304 -8.18 -19.34 -12.00
C ALA A 304 -7.70 -19.21 -13.45
N SER A 305 -6.41 -18.92 -13.60
CA SER A 305 -5.82 -18.76 -14.92
C SER A 305 -5.31 -20.12 -15.41
N ASN A 306 -4.55 -20.12 -16.50
CA ASN A 306 -3.98 -21.34 -17.06
C ASN A 306 -2.71 -21.73 -16.27
N GLY A 307 -2.90 -21.90 -14.97
CA GLY A 307 -1.81 -22.17 -14.06
C GLY A 307 -1.47 -20.95 -13.22
N LEU A 308 -0.61 -21.19 -12.23
CA LEU A 308 -0.20 -20.12 -11.33
C LEU A 308 0.65 -19.07 -12.05
N SER A 309 1.47 -19.49 -13.00
CA SER A 309 2.38 -18.59 -13.70
C SER A 309 1.72 -17.84 -14.86
N ALA A 310 0.79 -18.49 -15.56
CA ALA A 310 0.18 -17.87 -16.72
C ALA A 310 -0.67 -16.67 -16.32
N PRO A 311 -0.58 -15.57 -17.06
CA PRO A 311 -1.39 -14.39 -16.74
C PRO A 311 -2.83 -14.57 -17.21
N ASN A 312 -3.69 -13.68 -16.71
CA ASN A 312 -5.10 -13.67 -17.06
C ASN A 312 -5.45 -12.33 -17.71
N GLY A 313 -6.29 -12.38 -18.74
CA GLY A 313 -6.68 -11.19 -19.47
C GLY A 313 -7.77 -10.39 -18.82
N ARG A 314 -8.88 -11.06 -18.47
CA ARG A 314 -10.01 -10.35 -17.88
C ARG A 314 -9.64 -9.71 -16.56
N ALA A 315 -8.84 -10.40 -15.75
CA ALA A 315 -8.39 -9.81 -14.49
C ALA A 315 -7.52 -8.58 -14.71
N GLN A 316 -6.65 -8.63 -15.73
CA GLN A 316 -5.83 -7.47 -16.05
C GLN A 316 -6.68 -6.29 -16.50
N VAL A 317 -7.68 -6.55 -17.36
CA VAL A 317 -8.59 -5.49 -17.76
C VAL A 317 -9.31 -4.92 -16.55
N ARG A 318 -9.78 -5.80 -15.66
CA ARG A 318 -10.49 -5.37 -14.46
C ARG A 318 -9.64 -4.50 -13.55
N VAL A 319 -8.38 -4.87 -13.28
CA VAL A 319 -7.52 -4.05 -12.44
C VAL A 319 -7.15 -2.73 -13.11
N ILE A 320 -6.84 -2.73 -14.41
CA ILE A 320 -6.56 -1.47 -15.09
C ILE A 320 -7.77 -0.54 -15.07
N GLN A 321 -8.98 -1.07 -15.26
CA GLN A 321 -10.19 -0.25 -15.19
C GLN A 321 -10.52 0.20 -13.78
N GLN A 322 -10.26 -0.65 -12.78
CA GLN A 322 -10.50 -0.27 -11.39
C GLN A 322 -9.56 0.85 -10.95
N ALA A 323 -8.31 0.84 -11.43
CA ALA A 323 -7.41 1.94 -11.12
C ALA A 323 -7.96 3.26 -11.65
N LEU A 324 -8.45 3.27 -12.88
CA LEU A 324 -9.05 4.48 -13.45
C LEU A 324 -10.30 4.90 -12.67
N ALA A 325 -11.15 3.93 -12.32
CA ALA A 325 -12.38 4.25 -11.61
C ALA A 325 -12.10 4.84 -10.24
N GLU A 326 -11.14 4.26 -9.50
CA GLU A 326 -10.77 4.79 -8.21
C GLU A 326 -10.02 6.12 -8.31
N SER A 327 -9.32 6.35 -9.41
CA SER A 327 -8.68 7.64 -9.66
C SER A 327 -9.63 8.68 -10.24
N GLY A 328 -10.85 8.29 -10.58
CA GLY A 328 -11.80 9.21 -11.15
C GLY A 328 -11.51 9.61 -12.57
N LEU A 329 -10.74 8.77 -13.29
CA LEU A 329 -10.33 9.11 -14.68
C LEU A 329 -10.87 8.04 -15.65
N GLY A 330 -10.54 8.18 -16.94
CA GLY A 330 -11.00 7.21 -17.96
C GLY A 330 -9.88 6.80 -18.88
N PRO A 331 -10.13 5.90 -19.86
CA PRO A 331 -9.06 5.41 -20.75
C PRO A 331 -8.28 6.55 -21.43
N ALA A 332 -9.00 7.48 -22.06
CA ALA A 332 -8.36 8.60 -22.79
C ALA A 332 -7.40 9.37 -21.88
N ASP A 333 -7.81 9.66 -20.63
CA ASP A 333 -6.98 10.46 -19.69
C ASP A 333 -5.52 9.98 -19.69
N ILE A 334 -5.30 8.67 -19.54
CA ILE A 334 -3.92 8.10 -19.50
C ILE A 334 -3.26 8.38 -20.86
N ASP A 335 -2.15 9.10 -20.88
CA ASP A 335 -1.52 9.47 -22.19
C ASP A 335 -0.44 8.45 -22.56
N ALA A 336 0.11 7.75 -21.57
CA ALA A 336 1.23 6.83 -21.87
C ALA A 336 1.27 5.65 -20.89
N VAL A 337 0.62 4.54 -21.22
CA VAL A 337 0.69 3.35 -20.32
C VAL A 337 2.10 2.74 -20.37
N GLU A 338 2.62 2.34 -19.22
CA GLU A 338 3.92 1.61 -19.22
C GLU A 338 3.61 0.27 -18.57
N ALA A 339 3.05 -0.67 -19.34
CA ALA A 339 2.63 -1.95 -18.73
C ALA A 339 3.81 -2.84 -18.37
N HIS A 340 3.53 -3.97 -17.71
CA HIS A 340 4.59 -4.92 -17.32
C HIS A 340 5.59 -5.12 -18.47
N GLY A 341 5.11 -5.61 -19.61
CA GLY A 341 6.06 -5.93 -20.70
C GLY A 341 7.04 -6.97 -20.20
N THR A 342 6.53 -8.08 -19.65
CA THR A 342 7.40 -9.15 -19.08
C THR A 342 8.60 -9.39 -19.98
N GLY A 343 8.38 -9.59 -21.29
CA GLY A 343 9.48 -9.79 -22.24
C GLY A 343 9.27 -11.07 -23.03
N THR A 344 8.37 -11.94 -22.57
CA THR A 344 8.15 -13.26 -23.24
C THR A 344 7.11 -13.10 -24.35
N ARG A 345 7.12 -14.02 -25.33
CA ARG A 345 6.11 -13.99 -26.43
C ARG A 345 4.85 -14.74 -25.99
N LEU A 346 4.49 -14.65 -24.70
CA LEU A 346 3.25 -15.30 -24.19
C LEU A 346 2.56 -14.30 -23.25
N GLY A 347 3.32 -13.72 -22.31
CA GLY A 347 2.74 -12.70 -21.40
C GLY A 347 2.41 -11.43 -22.15
N ASP A 348 3.33 -10.97 -23.01
CA ASP A 348 3.11 -9.72 -23.79
C ASP A 348 1.82 -9.82 -24.63
N PRO A 349 1.61 -10.83 -25.52
CA PRO A 349 0.33 -10.98 -26.23
C PRO A 349 -0.91 -10.78 -25.35
N ILE A 350 -1.01 -11.54 -24.25
CA ILE A 350 -2.20 -11.46 -23.35
C ILE A 350 -2.31 -10.05 -22.78
N GLU A 351 -1.19 -9.48 -22.30
CA GLU A 351 -1.26 -8.15 -21.63
C GLU A 351 -1.54 -7.02 -22.64
N ALA A 352 -1.11 -7.15 -23.89
CA ALA A 352 -1.44 -6.13 -24.87
C ALA A 352 -2.93 -6.15 -25.20
N ARG A 353 -3.54 -7.33 -25.22
CA ARG A 353 -4.98 -7.40 -25.41
C ARG A 353 -5.71 -6.73 -24.26
N ALA A 354 -5.23 -6.94 -23.03
CA ALA A 354 -5.83 -6.27 -21.87
C ALA A 354 -5.68 -4.76 -21.97
N LEU A 355 -4.52 -4.29 -22.44
CA LEU A 355 -4.33 -2.86 -22.64
C LEU A 355 -5.27 -2.31 -23.71
N PHE A 356 -5.44 -3.03 -24.82
CA PHE A 356 -6.36 -2.64 -25.87
C PHE A 356 -7.82 -2.66 -25.41
N GLU A 357 -8.16 -3.53 -24.47
CA GLU A 357 -9.51 -3.59 -23.91
C GLU A 357 -9.79 -2.47 -22.92
N ALA A 358 -8.89 -2.27 -21.96
CA ALA A 358 -9.09 -1.23 -20.96
C ALA A 358 -8.86 0.18 -21.52
N TYR A 359 -7.92 0.33 -22.45
CA TYR A 359 -7.60 1.63 -23.03
C TYR A 359 -7.98 1.74 -24.50
N GLY A 360 -7.48 0.82 -25.33
CA GLY A 360 -7.60 0.96 -26.77
C GLY A 360 -9.01 0.89 -27.30
N ARG A 361 -9.95 0.37 -26.50
CA ARG A 361 -11.33 0.29 -26.95
C ARG A 361 -11.93 1.66 -27.20
N ASP A 362 -11.65 2.62 -26.31
CA ASP A 362 -12.12 4.00 -26.43
C ASP A 362 -10.91 4.92 -26.29
N ARG A 363 -10.31 5.28 -27.41
CA ARG A 363 -9.13 6.14 -27.43
C ARG A 363 -9.34 7.31 -28.37
N GLU A 364 -8.89 8.49 -27.96
CA GLU A 364 -8.87 9.67 -28.81
C GLU A 364 -7.51 9.85 -29.49
N GLN A 365 -6.43 9.54 -28.78
CA GLN A 365 -5.07 9.58 -29.28
C GLN A 365 -4.38 8.24 -29.04
N PRO A 366 -3.39 7.88 -29.85
CA PRO A 366 -2.71 6.59 -29.65
C PRO A 366 -1.97 6.55 -28.32
N LEU A 367 -2.33 5.57 -27.50
CA LEU A 367 -1.70 5.39 -26.20
C LEU A 367 -0.26 4.94 -26.37
N HIS A 368 0.66 5.69 -25.77
CA HIS A 368 2.10 5.41 -25.92
C HIS A 368 2.47 4.29 -24.95
N LEU A 369 2.62 3.09 -25.49
CA LEU A 369 2.91 1.91 -24.68
C LEU A 369 4.42 1.75 -24.54
N GLY A 370 4.88 1.58 -23.30
CA GLY A 370 6.29 1.44 -23.02
C GLY A 370 6.55 0.36 -21.98
N SER A 371 7.83 0.07 -21.76
CA SER A 371 8.24 -0.96 -20.81
C SER A 371 9.64 -0.64 -20.32
N VAL A 372 9.80 -0.46 -19.01
CA VAL A 372 11.11 -0.17 -18.44
C VAL A 372 12.02 -1.39 -18.53
N LYS A 373 11.45 -2.60 -18.50
CA LYS A 373 12.26 -3.81 -18.56
C LYS A 373 12.99 -3.96 -19.88
N SER A 374 12.54 -3.29 -20.94
CA SER A 374 13.29 -3.29 -22.19
C SER A 374 14.66 -2.64 -22.00
N ASN A 375 14.70 -1.52 -21.28
CA ASN A 375 15.96 -0.85 -21.00
C ASN A 375 16.72 -1.50 -19.84
N LEU A 376 16.01 -2.10 -18.88
CA LEU A 376 16.62 -2.62 -17.67
C LEU A 376 16.57 -4.14 -17.56
N GLY A 377 15.44 -4.76 -17.88
CA GLY A 377 15.20 -6.14 -17.56
C GLY A 377 14.14 -6.28 -16.48
N HIS A 378 13.60 -7.49 -16.38
CA HIS A 378 12.52 -7.75 -15.41
C HIS A 378 13.09 -7.71 -14.01
N THR A 379 12.79 -6.64 -13.28
CA THR A 379 13.30 -6.43 -11.94
C THR A 379 12.36 -6.96 -10.85
N GLN A 380 11.29 -7.66 -11.23
CA GLN A 380 10.41 -8.35 -10.29
C GLN A 380 9.80 -7.40 -9.26
N ALA A 381 10.14 -7.60 -7.98
CA ALA A 381 9.62 -6.74 -6.94
C ALA A 381 10.17 -5.32 -7.02
N ALA A 382 11.18 -5.09 -7.84
CA ALA A 382 11.59 -3.74 -8.19
C ALA A 382 10.88 -3.24 -9.45
N ALA A 383 10.07 -4.08 -10.08
CA ALA A 383 9.23 -3.65 -11.19
C ALA A 383 7.83 -3.34 -10.67
N GLY A 384 7.30 -2.19 -11.05
CA GLY A 384 6.10 -1.66 -10.44
C GLY A 384 6.44 -0.35 -9.77
N VAL A 385 7.64 -0.28 -9.23
CA VAL A 385 8.23 0.99 -8.83
C VAL A 385 9.17 1.56 -9.88
N ALA A 386 9.96 0.73 -10.59
CA ALA A 386 10.89 1.24 -11.58
C ALA A 386 10.16 1.96 -12.71
N GLY A 387 9.03 1.42 -13.15
CA GLY A 387 8.21 2.12 -14.12
C GLY A 387 7.69 3.45 -13.60
N VAL A 388 7.44 3.53 -12.29
CA VAL A 388 6.99 4.79 -11.72
C VAL A 388 8.09 5.84 -11.78
N ILE A 389 9.33 5.49 -11.42
CA ILE A 389 10.44 6.42 -11.63
C ILE A 389 10.58 6.77 -13.11
N LYS A 390 10.25 5.84 -13.98
CA LYS A 390 10.44 6.14 -15.39
C LYS A 390 9.48 7.26 -15.64
N MET A 391 8.21 7.02 -15.48
CA MET A 391 7.24 8.04 -15.84
C MET A 391 7.46 9.38 -15.13
N VAL A 392 7.88 9.34 -13.86
CA VAL A 392 8.09 10.61 -13.18
C VAL A 392 9.25 11.38 -13.78
N LEU A 393 10.32 10.68 -14.17
CA LEU A 393 11.38 11.32 -14.93
C LEU A 393 10.86 11.79 -16.29
N ALA A 394 9.94 11.02 -16.90
CA ALA A 394 9.38 11.43 -18.17
C ALA A 394 8.61 12.75 -18.05
N MET A 395 7.94 12.97 -16.92
CA MET A 395 7.15 14.20 -16.80
C MET A 395 7.99 15.34 -16.24
N ARG A 396 9.04 15.04 -15.49
CA ARG A 396 10.01 16.05 -15.07
C ARG A 396 11.00 16.39 -16.17
N ALA A 397 10.99 15.67 -17.29
CA ALA A 397 11.79 16.02 -18.45
C ALA A 397 10.97 16.26 -19.70
N GLY A 398 9.68 15.95 -19.68
CA GLY A 398 8.81 16.20 -20.83
C GLY A 398 9.15 15.40 -22.07
N THR A 399 9.46 14.12 -21.91
CA THR A 399 9.76 13.26 -23.05
C THR A 399 9.36 11.83 -22.72
N LEU A 400 8.76 11.16 -23.71
CA LEU A 400 8.37 9.77 -23.55
C LEU A 400 9.46 8.85 -24.06
N PRO A 401 9.97 7.96 -23.22
CA PRO A 401 11.18 7.20 -23.56
C PRO A 401 10.92 6.12 -24.60
N ARG A 402 12.01 5.58 -25.12
CA ARG A 402 11.98 4.46 -26.05
C ARG A 402 11.73 3.14 -25.31
N THR A 403 11.22 2.17 -26.05
CA THR A 403 11.13 0.78 -25.59
C THR A 403 12.13 -0.02 -26.44
N LEU A 404 13.25 -0.39 -25.84
CA LEU A 404 14.30 -1.06 -26.58
C LEU A 404 13.86 -2.45 -27.02
N HIS A 405 14.44 -2.92 -28.12
CA HIS A 405 14.11 -4.21 -28.71
C HIS A 405 12.62 -4.32 -28.98
N ALA A 406 12.07 -3.28 -29.61
CA ALA A 406 10.64 -3.25 -29.93
C ALA A 406 10.38 -2.73 -31.33
N SER A 407 11.41 -2.70 -32.19
CA SER A 407 11.19 -2.28 -33.57
C SER A 407 10.27 -3.24 -34.31
N GLU A 408 10.45 -4.55 -34.09
CA GLU A 408 9.60 -5.57 -34.69
C GLU A 408 8.41 -5.81 -33.75
N ARG A 409 7.29 -5.21 -34.10
CA ARG A 409 6.08 -5.37 -33.30
C ARG A 409 5.59 -6.81 -33.37
N SER A 410 5.10 -7.31 -32.24
CA SER A 410 4.71 -8.71 -32.15
C SER A 410 3.60 -9.04 -33.14
N LYS A 411 3.76 -10.15 -33.86
CA LYS A 411 2.76 -10.59 -34.82
C LYS A 411 1.57 -11.25 -34.16
N GLU A 412 1.70 -11.65 -32.89
CA GLU A 412 0.61 -12.27 -32.15
C GLU A 412 -0.34 -11.25 -31.53
N ILE A 413 -0.05 -9.96 -31.68
CA ILE A 413 -0.87 -8.88 -31.13
C ILE A 413 -1.46 -8.10 -32.29
N ASP A 414 -2.77 -7.82 -32.21
CA ASP A 414 -3.46 -7.06 -33.24
C ASP A 414 -3.27 -5.58 -32.97
N TRP A 415 -2.29 -4.99 -33.66
CA TRP A 415 -2.04 -3.55 -33.59
C TRP A 415 -2.81 -2.77 -34.65
N SER A 416 -3.69 -3.43 -35.41
CA SER A 416 -4.39 -2.75 -36.50
C SER A 416 -5.34 -1.67 -35.98
N SER A 417 -5.70 -1.74 -34.70
CA SER A 417 -6.58 -0.71 -34.14
C SER A 417 -5.91 0.67 -34.18
N GLY A 418 -4.63 0.73 -33.85
CA GLY A 418 -3.90 1.98 -33.85
C GLY A 418 -4.06 2.81 -32.60
N ALA A 419 -4.92 2.40 -31.67
CA ALA A 419 -5.10 3.12 -30.42
C ALA A 419 -3.90 2.97 -29.48
N ILE A 420 -3.03 2.01 -29.73
CA ILE A 420 -1.82 1.81 -28.94
C ILE A 420 -0.63 1.86 -29.88
N SER A 421 0.28 2.79 -29.64
CA SER A 421 1.53 2.92 -30.40
C SER A 421 2.66 2.53 -29.45
N LEU A 422 3.44 1.53 -29.85
CA LEU A 422 4.57 1.10 -29.04
C LEU A 422 5.68 2.13 -29.12
N LEU A 423 6.21 2.52 -27.96
CA LEU A 423 7.19 3.59 -27.89
C LEU A 423 8.56 3.14 -28.38
N ASP A 424 8.72 3.02 -29.70
CA ASP A 424 10.01 2.68 -30.28
C ASP A 424 10.88 3.88 -30.59
N GLU A 425 10.32 5.09 -30.51
CA GLU A 425 11.05 6.33 -30.70
C GLU A 425 10.69 7.32 -29.60
N PRO A 426 11.58 8.26 -29.25
CA PRO A 426 11.24 9.22 -28.20
C PRO A 426 10.17 10.18 -28.65
N GLU A 427 8.96 10.03 -28.11
CA GLU A 427 7.84 10.87 -28.50
C GLU A 427 7.83 12.12 -27.62
N PRO A 428 7.89 13.32 -28.19
CA PRO A 428 7.75 14.52 -27.36
C PRO A 428 6.43 14.49 -26.60
N TRP A 429 6.49 14.76 -25.30
CA TRP A 429 5.35 14.61 -24.42
C TRP A 429 5.27 15.84 -23.51
N PRO A 430 4.95 17.01 -24.07
CA PRO A 430 5.09 18.26 -23.33
C PRO A 430 3.88 18.59 -22.48
N ALA A 431 4.09 19.50 -21.53
CA ALA A 431 3.02 19.97 -20.67
C ALA A 431 2.02 20.80 -21.49
N GLY A 432 0.73 20.52 -21.30
CA GLY A 432 -0.30 21.20 -22.03
C GLY A 432 -1.58 21.40 -21.25
N ALA A 433 -2.69 21.64 -21.96
CA ALA A 433 -3.97 21.85 -21.29
C ALA A 433 -4.43 20.60 -20.53
N ARG A 434 -4.28 19.43 -21.14
CA ARG A 434 -4.67 18.20 -20.48
C ARG A 434 -3.71 17.90 -19.34
N PRO A 435 -4.20 17.58 -18.14
CA PRO A 435 -3.30 17.09 -17.08
C PRO A 435 -2.61 15.81 -17.54
N ARG A 436 -1.28 15.85 -17.59
CA ARG A 436 -0.51 14.79 -18.23
C ARG A 436 -0.54 13.56 -17.32
N ARG A 437 -1.31 12.56 -17.72
CA ARG A 437 -1.53 11.35 -16.92
C ARG A 437 -0.95 10.14 -17.62
N ALA A 438 -0.74 9.08 -16.85
CA ALA A 438 -0.21 7.83 -17.39
C ALA A 438 -0.44 6.72 -16.36
N GLY A 439 -0.12 5.49 -16.74
CA GLY A 439 -0.41 4.36 -15.87
C GLY A 439 0.58 3.20 -15.89
N VAL A 440 1.03 2.78 -14.71
CA VAL A 440 2.03 1.72 -14.56
C VAL A 440 1.30 0.42 -14.24
N SER A 441 1.70 -0.67 -14.91
CA SER A 441 1.09 -1.97 -14.72
C SER A 441 2.16 -2.97 -14.28
N SER A 442 1.78 -3.90 -13.40
CA SER A 442 2.68 -4.97 -12.95
C SER A 442 1.87 -6.22 -12.66
N PHE A 443 2.19 -7.31 -13.35
CA PHE A 443 1.48 -8.58 -13.22
C PHE A 443 2.47 -9.62 -12.72
N GLY A 444 2.38 -9.94 -11.43
CA GLY A 444 3.36 -10.83 -10.82
C GLY A 444 3.16 -12.29 -11.18
N ILE A 445 4.20 -13.07 -10.90
CA ILE A 445 4.12 -14.52 -11.11
C ILE A 445 3.17 -15.17 -10.11
N SER A 446 2.87 -14.50 -9.01
CA SER A 446 1.91 -15.01 -8.04
C SER A 446 0.47 -14.85 -8.52
N GLY A 447 0.24 -14.15 -9.61
CA GLY A 447 -1.09 -13.92 -10.14
C GLY A 447 -1.71 -12.59 -9.73
N THR A 448 -1.08 -11.85 -8.82
CA THR A 448 -1.62 -10.58 -8.38
C THR A 448 -1.29 -9.50 -9.40
N ASN A 449 -2.32 -8.99 -10.08
CA ASN A 449 -2.17 -7.94 -11.07
C ASN A 449 -2.51 -6.60 -10.44
N ALA A 450 -1.62 -5.62 -10.62
CA ALA A 450 -1.77 -4.33 -9.98
C ALA A 450 -1.48 -3.21 -10.97
N HIS A 451 -2.17 -2.09 -10.81
CA HIS A 451 -2.06 -0.96 -11.73
C HIS A 451 -2.17 0.34 -10.93
N ALA A 452 -1.25 1.26 -11.19
CA ALA A 452 -1.24 2.57 -10.54
C ALA A 452 -1.38 3.66 -11.61
N ILE A 453 -1.98 4.78 -11.20
CA ILE A 453 -2.18 5.95 -12.11
C ILE A 453 -1.29 7.08 -11.61
N ILE A 454 -0.47 7.65 -12.50
CA ILE A 454 0.44 8.74 -12.17
C ILE A 454 0.04 9.94 -13.02
N GLU A 455 -0.50 10.97 -12.37
CA GLU A 455 -0.71 12.26 -13.01
C GLU A 455 0.51 13.15 -12.80
N GLU A 456 0.71 14.08 -13.72
CA GLU A 456 1.70 15.12 -13.51
C GLU A 456 1.33 15.94 -12.28
N ALA A 457 2.35 16.40 -11.57
CA ALA A 457 2.12 17.24 -10.41
C ALA A 457 1.43 18.53 -10.85
N PRO A 458 0.33 18.93 -10.21
CA PRO A 458 -0.32 20.20 -10.56
C PRO A 458 0.66 21.35 -10.59
N GLN A 459 0.79 22.00 -11.75
CA GLN A 459 1.81 23.02 -11.92
C GLN A 459 1.42 24.30 -11.18
N VAL A 460 1.35 24.21 -9.86
CA VAL A 460 1.18 25.38 -9.00
C VAL A 460 2.47 25.81 -8.34
N VAL A 461 3.57 25.09 -8.59
CA VAL A 461 4.88 25.49 -8.08
C VAL A 461 5.29 26.83 -8.67
N GLU A 462 4.89 27.10 -9.91
CA GLU A 462 5.20 28.36 -10.55
C GLU A 462 4.57 29.52 -9.78
N GLY A 463 5.27 30.64 -9.74
CA GLY A 463 4.89 31.79 -8.94
C GLY A 463 5.89 32.18 -7.88
N GLU A 464 7.06 31.54 -7.83
CA GLU A 464 8.06 31.90 -6.84
C GLU A 464 8.65 33.27 -7.14
N ARG A 465 8.98 34.01 -6.09
CA ARG A 465 9.56 35.34 -6.21
C ARG A 465 11.08 35.24 -6.29
N VAL A 466 11.70 36.35 -6.69
CA VAL A 466 13.15 36.45 -6.80
C VAL A 466 13.62 37.69 -6.04
N GLU A 467 14.83 37.58 -5.49
CA GLU A 467 15.43 38.69 -4.74
C GLU A 467 16.92 38.36 -4.55
N ALA A 468 17.64 39.29 -3.94
CA ALA A 468 19.04 39.12 -3.62
C ALA A 468 19.28 39.55 -2.18
N GLY A 469 20.29 38.95 -1.56
CA GLY A 469 20.58 39.24 -0.17
C GLY A 469 22.07 39.17 0.11
N ASP A 470 22.48 39.91 1.14
CA ASP A 470 23.87 39.94 1.57
C ASP A 470 24.20 38.86 2.59
N VAL A 471 23.22 38.06 3.00
CA VAL A 471 23.44 37.01 3.99
C VAL A 471 24.17 35.86 3.30
N VAL A 472 25.41 35.61 3.71
CA VAL A 472 26.20 34.49 3.16
C VAL A 472 25.87 33.29 4.03
N ALA A 473 24.80 32.60 3.66
CA ALA A 473 24.35 31.44 4.42
C ALA A 473 25.38 30.32 4.31
N PRO A 474 25.78 29.70 5.43
CA PRO A 474 26.82 28.68 5.38
C PRO A 474 26.41 27.49 4.51
N TRP A 475 27.39 26.96 3.78
CA TRP A 475 27.23 25.74 3.00
C TRP A 475 27.68 24.58 3.90
N VAL A 476 26.75 23.99 4.62
CA VAL A 476 27.05 23.01 5.66
C VAL A 476 26.83 21.61 5.09
N LEU A 477 27.77 20.71 5.33
CA LEU A 477 27.62 19.31 4.96
C LEU A 477 28.22 18.43 6.05
N SER A 478 27.74 17.19 6.12
CA SER A 478 28.15 16.31 7.20
C SER A 478 28.05 14.86 6.73
N ALA A 479 28.95 14.02 7.23
CA ALA A 479 29.00 12.62 6.87
C ALA A 479 29.37 11.81 8.11
N SER A 480 29.19 10.50 8.02
CA SER A 480 29.48 9.59 9.13
C SER A 480 30.94 9.19 9.21
N SER A 481 31.76 9.59 8.24
CA SER A 481 33.18 9.24 8.24
C SER A 481 33.97 10.40 7.66
N ALA A 482 35.26 10.44 8.00
CA ALA A 482 36.13 11.48 7.47
C ALA A 482 36.26 11.36 5.95
N GLU A 483 36.38 10.12 5.45
CA GLU A 483 36.42 9.93 4.00
C GLU A 483 35.10 10.32 3.35
N GLY A 484 33.97 9.99 3.98
CA GLY A 484 32.68 10.46 3.49
C GLY A 484 32.55 11.97 3.54
N LEU A 485 33.16 12.60 4.54
CA LEU A 485 33.20 14.06 4.59
C LEU A 485 33.93 14.61 3.37
N ARG A 486 35.05 14.00 2.98
CA ARG A 486 35.78 14.39 1.80
C ARG A 486 35.10 13.96 0.51
N ALA A 487 34.08 13.09 0.59
CA ALA A 487 33.33 12.67 -0.58
C ALA A 487 32.03 13.43 -0.76
N GLN A 488 31.46 14.00 0.30
CA GLN A 488 30.27 14.82 0.20
C GLN A 488 30.58 16.24 -0.25
N ALA A 489 31.84 16.64 -0.22
CA ALA A 489 32.28 17.89 -0.83
C ALA A 489 32.73 17.71 -2.26
N ALA A 490 33.26 16.53 -2.61
CA ALA A 490 33.63 16.26 -4.00
C ALA A 490 32.39 16.07 -4.87
N ARG A 491 31.41 15.30 -4.41
CA ARG A 491 30.18 15.13 -5.17
C ARG A 491 29.37 16.41 -5.28
N LEU A 492 29.31 17.23 -4.23
CA LEU A 492 28.69 18.55 -4.33
C LEU A 492 29.43 19.47 -5.28
N ALA A 493 30.77 19.45 -5.25
CA ALA A 493 31.55 20.22 -6.23
C ALA A 493 31.26 19.72 -7.64
N ALA A 494 31.17 18.40 -7.81
CA ALA A 494 30.85 17.84 -9.12
C ALA A 494 29.47 18.30 -9.59
N HIS A 495 28.49 18.32 -8.68
CA HIS A 495 27.14 18.74 -9.02
C HIS A 495 27.04 20.23 -9.33
N LEU A 496 27.79 21.08 -8.63
CA LEU A 496 27.78 22.51 -8.88
C LEU A 496 28.72 22.93 -10.00
N ARG A 497 29.56 22.01 -10.48
CA ARG A 497 30.35 22.21 -11.68
C ARG A 497 29.74 21.58 -12.91
N GLU A 498 28.79 20.65 -12.74
CA GLU A 498 28.06 20.05 -13.84
C GLU A 498 26.63 20.57 -13.95
N HIS A 499 26.11 21.21 -12.92
CA HIS A 499 24.81 21.88 -12.95
C HIS A 499 25.00 23.31 -12.51
N PRO A 500 25.63 24.13 -13.34
CA PRO A 500 25.98 25.49 -12.93
C PRO A 500 24.77 26.41 -12.90
N GLY A 501 24.96 27.57 -12.27
CA GLY A 501 23.93 28.59 -12.21
C GLY A 501 22.94 28.44 -11.07
N GLN A 502 23.14 27.48 -10.18
CA GLN A 502 22.26 27.31 -9.02
C GLN A 502 22.69 28.30 -7.94
N ASP A 503 21.74 29.11 -7.49
CA ASP A 503 22.07 30.27 -6.67
C ASP A 503 22.57 29.82 -5.29
N PRO A 504 23.57 30.50 -4.72
CA PRO A 504 24.19 30.00 -3.48
C PRO A 504 23.24 29.85 -2.30
N ARG A 505 22.27 30.76 -2.13
CA ARG A 505 21.37 30.64 -0.99
C ARG A 505 20.46 29.41 -1.13
N ASP A 506 20.06 29.07 -2.35
CA ASP A 506 19.30 27.84 -2.57
C ASP A 506 20.12 26.62 -2.19
N ILE A 507 21.40 26.59 -2.58
CA ILE A 507 22.29 25.49 -2.21
C ILE A 507 22.48 25.40 -0.70
N ALA A 508 22.67 26.53 -0.01
CA ALA A 508 22.78 26.54 1.43
C ALA A 508 21.50 26.07 2.12
N TYR A 509 20.34 26.50 1.63
CA TYR A 509 19.08 26.04 2.19
C TYR A 509 18.88 24.54 2.00
N SER A 510 19.21 24.02 0.81
CA SER A 510 19.07 22.59 0.57
C SER A 510 20.08 21.76 1.35
N LEU A 511 21.33 22.24 1.44
CA LEU A 511 22.34 21.54 2.23
C LEU A 511 22.03 21.59 3.73
N ALA A 512 21.39 22.66 4.19
CA ALA A 512 21.11 22.86 5.61
C ALA A 512 19.82 22.19 6.04
N THR A 513 18.73 22.44 5.31
CA THR A 513 17.44 21.81 5.56
C THR A 513 17.25 20.74 4.49
N GLY A 514 17.63 19.51 4.82
CA GLY A 514 17.55 18.41 3.88
C GLY A 514 18.69 17.42 4.01
N ARG A 515 19.69 17.75 4.82
CA ARG A 515 20.83 16.87 5.07
C ARG A 515 20.96 16.65 6.57
N ALA A 516 21.10 15.39 6.96
CA ALA A 516 21.19 15.05 8.37
C ALA A 516 22.51 15.50 8.97
N ALA A 517 22.47 15.86 10.25
CA ALA A 517 23.66 16.29 11.00
C ALA A 517 24.41 15.04 11.42
N LEU A 518 25.46 14.72 10.68
CA LEU A 518 26.28 13.54 10.93
C LEU A 518 27.61 13.94 11.57
N PRO A 519 28.30 13.01 12.24
CA PRO A 519 29.45 13.36 13.10
C PRO A 519 30.77 13.55 12.36
N HIS A 520 30.71 14.27 11.24
CA HIS A 520 31.90 14.82 10.58
C HIS A 520 31.41 15.99 9.74
N ARG A 521 31.58 17.20 10.27
CA ARG A 521 30.92 18.37 9.72
C ARG A 521 31.93 19.34 9.10
N ALA A 522 31.64 19.76 7.87
CA ALA A 522 32.39 20.79 7.17
C ALA A 522 31.46 21.93 6.80
N ALA A 523 31.85 23.15 7.15
CA ALA A 523 30.99 24.31 6.96
C ALA A 523 31.82 25.53 6.60
N PHE A 524 31.42 26.22 5.54
CA PHE A 524 32.10 27.42 5.08
C PHE A 524 31.08 28.41 4.55
N ALA A 525 31.35 29.70 4.74
CA ALA A 525 30.44 30.74 4.25
C ALA A 525 30.93 31.25 2.89
N PRO A 526 30.32 30.82 1.80
CA PRO A 526 30.81 31.22 0.47
C PRO A 526 30.45 32.66 0.15
N VAL A 527 31.28 33.26 -0.71
CA VAL A 527 31.03 34.59 -1.28
C VAL A 527 30.85 34.53 -2.78
N ASP A 528 31.25 33.45 -3.42
CA ASP A 528 31.13 33.27 -4.86
C ASP A 528 31.13 31.77 -5.14
N GLU A 529 30.73 31.40 -6.36
CA GLU A 529 30.75 30.00 -6.79
C GLU A 529 32.14 29.56 -7.19
N SER A 530 33.10 30.48 -7.23
CA SER A 530 34.51 30.15 -7.42
C SER A 530 35.27 30.06 -6.11
N ALA A 531 34.89 30.81 -5.09
CA ALA A 531 35.47 30.69 -3.76
C ALA A 531 34.81 29.59 -2.94
N ALA A 532 33.74 28.99 -3.44
CA ALA A 532 33.08 27.86 -2.79
C ALA A 532 33.51 26.52 -3.38
N LEU A 533 33.54 26.41 -4.71
CA LEU A 533 34.04 25.21 -5.36
C LEU A 533 35.55 25.03 -5.18
N ARG A 534 36.26 26.08 -4.78
CA ARG A 534 37.64 25.96 -4.35
C ARG A 534 37.76 25.40 -2.93
N VAL A 535 36.88 25.83 -2.03
CA VAL A 535 36.80 25.21 -0.72
C VAL A 535 36.33 23.77 -0.83
N LEU A 536 35.33 23.53 -1.69
CA LEU A 536 34.87 22.18 -1.96
C LEU A 536 35.93 21.33 -2.67
N ASP A 537 36.92 21.96 -3.30
CA ASP A 537 38.05 21.25 -3.87
C ASP A 537 39.17 21.01 -2.86
N GLY A 538 39.17 21.73 -1.74
CA GLY A 538 40.12 21.50 -0.68
C GLY A 538 39.56 20.60 0.40
N LEU A 539 38.23 20.66 0.58
CA LEU A 539 37.56 19.75 1.50
C LEU A 539 37.52 18.33 0.96
N ALA A 540 37.57 18.16 -0.37
CA ALA A 540 37.62 16.82 -0.95
C ALA A 540 38.94 16.12 -0.68
N THR A 541 40.03 16.89 -0.55
CA THR A 541 41.33 16.32 -0.23
C THR A 541 41.61 16.30 1.27
N GLY A 542 40.90 17.12 2.04
CA GLY A 542 41.08 17.20 3.48
C GLY A 542 41.66 18.50 3.98
N ASN A 543 42.11 19.38 3.08
CA ASN A 543 42.68 20.65 3.48
C ASN A 543 41.55 21.61 3.88
N ALA A 544 41.56 22.04 5.13
CA ALA A 544 40.55 22.97 5.63
C ALA A 544 40.92 24.40 5.27
N ASP A 545 40.58 24.84 4.05
CA ASP A 545 40.88 26.17 3.57
C ASP A 545 39.59 26.98 3.51
N GLY A 546 39.54 28.07 4.28
CA GLY A 546 38.37 28.94 4.28
C GLY A 546 37.12 28.27 4.82
N ALA A 547 37.29 27.17 5.55
CA ALA A 547 36.19 26.38 6.08
C ALA A 547 36.47 25.96 7.51
N ALA A 548 35.50 25.28 8.10
CA ALA A 548 35.63 24.73 9.45
C ALA A 548 35.26 23.26 9.42
N VAL A 549 36.12 22.42 10.01
CA VAL A 549 35.96 20.98 10.00
C VAL A 549 35.97 20.47 11.43
N GLY A 550 35.05 19.56 11.73
CA GLY A 550 34.99 19.02 13.08
C GLY A 550 34.25 17.71 13.25
N THR A 551 34.81 16.82 14.07
CA THR A 551 34.14 15.59 14.48
C THR A 551 33.47 15.84 15.82
N SER A 552 32.13 15.83 15.83
CA SER A 552 31.36 16.31 16.97
C SER A 552 30.22 15.36 17.32
N ARG A 553 30.53 14.07 17.44
CA ARG A 553 29.52 13.12 17.90
C ARG A 553 29.15 13.40 19.36
N ALA A 554 27.87 13.16 19.66
CA ALA A 554 27.31 13.35 21.00
C ALA A 554 27.48 14.80 21.45
N GLN A 555 26.93 15.72 20.65
CA GLN A 555 27.05 17.14 20.88
C GLN A 555 25.90 17.86 20.19
N GLN A 556 24.94 18.35 20.98
CA GLN A 556 23.73 18.92 20.39
C GLN A 556 23.26 20.22 21.02
N ARG A 557 23.75 20.60 22.20
CA ARG A 557 23.25 21.78 22.90
C ARG A 557 24.42 22.67 23.28
N ALA A 558 24.38 23.99 22.98
CA ALA A 558 25.58 24.86 23.20
C ALA A 558 25.51 25.78 24.41
N VAL A 559 26.66 26.20 24.95
CA VAL A 559 26.71 27.15 26.12
C VAL A 559 27.09 28.55 25.62
N PHE A 560 26.50 29.60 26.19
CA PHE A 560 26.93 30.96 25.78
C PHE A 560 27.85 31.54 26.85
N VAL A 561 29.13 31.64 26.56
CA VAL A 561 30.04 32.33 27.51
C VAL A 561 30.13 33.78 27.11
N PHE A 562 30.36 34.67 28.07
CA PHE A 562 30.38 36.10 27.84
C PHE A 562 31.70 36.71 28.34
N PRO A 563 32.68 36.90 27.47
CA PRO A 563 33.93 37.53 27.89
C PRO A 563 33.72 38.99 28.29
N GLY A 564 34.61 39.48 29.14
CA GLY A 564 34.55 40.85 29.59
C GLY A 564 35.35 41.79 28.72
N GLN A 565 36.36 42.43 29.30
CA GLN A 565 37.25 43.32 28.56
C GLN A 565 38.07 42.53 27.55
N GLY A 566 38.71 43.25 26.63
CA GLY A 566 39.64 42.62 25.71
C GLY A 566 39.55 43.12 24.28
N TRP A 567 38.36 43.50 23.82
CA TRP A 567 38.22 44.09 22.49
C TRP A 567 38.16 45.61 22.58
N GLN A 568 39.32 46.19 22.91
CA GLN A 568 39.42 47.65 22.98
C GLN A 568 39.31 48.29 21.61
N TRP A 569 39.42 47.50 20.54
CA TRP A 569 39.29 48.03 19.18
C TRP A 569 37.93 48.67 18.98
N ALA A 570 36.85 47.92 19.24
CA ALA A 570 35.48 48.40 19.15
C ALA A 570 35.17 49.09 17.83
N GLY A 571 35.86 48.70 16.77
CA GLY A 571 35.58 49.22 15.44
C GLY A 571 34.95 48.15 14.58
N MET A 572 34.45 47.11 15.24
CA MET A 572 33.83 45.96 14.59
C MET A 572 32.35 46.15 14.32
N ALA A 573 31.57 46.54 15.33
CA ALA A 573 30.12 46.38 15.27
C ALA A 573 29.46 47.30 14.25
N VAL A 574 30.21 48.27 13.70
CA VAL A 574 29.65 49.17 12.70
C VAL A 574 29.24 48.37 11.45
N ASP A 575 30.10 47.46 11.01
CA ASP A 575 29.78 46.65 9.83
C ASP A 575 28.58 45.75 10.09
N LEU A 576 28.54 45.13 11.28
CA LEU A 576 27.44 44.23 11.62
C LEU A 576 26.12 44.98 11.67
N LEU A 577 26.12 46.18 12.26
CA LEU A 577 24.91 47.00 12.27
C LEU A 577 24.50 47.40 10.86
N ASP A 578 25.49 47.79 10.05
CA ASP A 578 25.21 48.29 8.67
C ASP A 578 24.77 47.16 7.73
N THR A 579 25.02 45.90 8.09
CA THR A 579 24.70 44.78 7.21
C THR A 579 23.65 43.83 7.78
N SER A 580 23.43 43.83 9.09
CA SER A 580 22.46 42.93 9.72
C SER A 580 21.29 43.71 10.29
N PRO A 581 20.07 43.47 9.82
CA PRO A 581 18.90 44.16 10.41
C PRO A 581 18.72 43.87 11.90
N VAL A 582 19.04 42.66 12.34
CA VAL A 582 18.88 42.32 13.75
C VAL A 582 19.85 43.14 14.60
N PHE A 583 21.12 43.22 14.18
CA PHE A 583 22.08 44.06 14.87
C PHE A 583 21.76 45.55 14.71
N ALA A 584 20.94 45.91 13.73
CA ALA A 584 20.47 47.27 13.56
C ALA A 584 19.19 47.55 14.33
N ALA A 585 18.61 46.55 14.98
CA ALA A 585 17.41 46.71 15.78
C ALA A 585 17.62 46.39 17.25
N ALA A 586 18.28 45.27 17.56
CA ALA A 586 18.58 44.94 18.95
C ALA A 586 19.52 45.97 19.56
N LEU A 587 20.51 46.43 18.78
CA LEU A 587 21.40 47.48 19.27
C LEU A 587 20.64 48.76 19.56
N ARG A 588 19.71 49.13 18.67
CA ARG A 588 18.88 50.31 18.92
C ARG A 588 18.06 50.14 20.19
N GLU A 589 17.48 48.96 20.39
CA GLU A 589 16.65 48.71 21.57
C GLU A 589 17.48 48.82 22.85
N CYS A 590 18.65 48.18 22.89
CA CYS A 590 19.45 48.23 24.11
C CYS A 590 20.06 49.60 24.32
N ALA A 591 20.34 50.34 23.25
CA ALA A 591 20.81 51.72 23.40
C ALA A 591 19.72 52.61 23.99
N ASP A 592 18.51 52.55 23.42
CA ASP A 592 17.39 53.30 23.95
C ASP A 592 17.00 52.86 25.35
N ALA A 593 17.38 51.64 25.76
CA ALA A 593 17.28 51.26 27.16
C ALA A 593 18.39 51.87 27.99
N LEU A 594 19.58 52.03 27.42
CA LEU A 594 20.71 52.62 28.14
C LEU A 594 20.59 54.14 28.26
N GLU A 595 20.00 54.78 27.25
CA GLU A 595 19.94 56.24 27.21
C GLU A 595 19.25 56.89 28.41
N PRO A 596 18.12 56.38 28.92
CA PRO A 596 17.47 57.08 30.05
C PRO A 596 18.34 57.18 31.29
N HIS A 597 19.34 56.32 31.44
CA HIS A 597 20.23 56.37 32.58
C HIS A 597 21.63 56.85 32.24
N LEU A 598 22.17 56.47 31.08
CA LEU A 598 23.42 57.00 30.56
C LEU A 598 23.13 57.65 29.21
N ASP A 599 23.28 58.97 29.14
CA ASP A 599 22.83 59.72 27.98
C ASP A 599 23.54 59.32 26.69
N PHE A 600 24.71 58.68 26.82
CA PHE A 600 25.48 58.29 25.63
C PHE A 600 24.72 57.29 24.77
N GLU A 601 24.29 57.72 23.59
CA GLU A 601 23.72 56.82 22.59
C GLU A 601 24.87 56.15 21.85
N VAL A 602 24.84 54.81 21.80
CA VAL A 602 25.99 54.05 21.20
C VAL A 602 26.03 54.25 19.68
N ILE A 603 25.04 54.94 19.10
CA ILE A 603 24.99 55.08 17.61
C ILE A 603 26.13 55.98 17.09
N PRO A 604 26.31 57.25 17.51
CA PRO A 604 27.47 58.05 17.06
C PRO A 604 28.79 57.31 17.37
N PHE A 605 28.90 56.74 18.58
CA PHE A 605 30.11 55.97 18.97
C PHE A 605 30.38 54.85 17.96
N LEU A 606 29.31 54.21 17.52
CA LEU A 606 29.50 53.06 16.62
C LEU A 606 30.24 53.51 15.37
N ARG A 607 29.65 54.46 14.64
CA ARG A 607 30.22 54.88 13.35
C ARG A 607 31.52 55.61 13.67
N ALA A 608 32.64 54.87 13.71
CA ALA A 608 33.95 55.52 14.00
C ALA A 608 35.06 54.49 13.80
N GLU A 609 36.29 54.87 14.15
CA GLU A 609 37.45 53.94 14.00
C GLU A 609 37.97 53.56 15.38
N ALA A 610 39.03 52.74 15.45
CA ALA A 610 39.64 52.38 16.74
C ALA A 610 40.52 53.54 17.21
N ALA A 611 41.11 54.29 16.27
CA ALA A 611 42.00 55.41 16.62
C ALA A 611 41.22 56.72 16.64
N ARG A 612 39.90 56.66 16.45
CA ARG A 612 39.04 57.88 16.49
C ARG A 612 39.29 58.60 17.82
N ARG A 613 39.18 57.87 18.93
CA ARG A 613 39.34 58.49 20.27
C ARG A 613 40.79 58.98 20.45
N GLU A 614 41.76 58.24 19.90
CA GLU A 614 43.19 58.61 20.06
C GLU A 614 43.43 59.99 19.44
N GLN A 615 42.75 60.32 18.35
CA GLN A 615 42.89 61.66 17.72
C GLN A 615 42.44 62.73 18.71
N ASP A 616 41.39 62.46 19.49
CA ASP A 616 40.90 63.43 20.50
C ASP A 616 41.61 63.20 21.85
N ALA A 617 42.91 62.92 21.81
CA ALA A 617 43.72 62.66 23.03
C ALA A 617 42.97 61.76 24.03
N ALA A 618 42.58 60.55 23.62
CA ALA A 618 41.92 59.59 24.53
C ALA A 618 42.28 58.16 24.13
N LEU A 619 42.66 57.32 25.10
CA LEU A 619 43.10 55.94 24.76
C LEU A 619 41.93 55.11 24.21
N SER A 620 42.22 54.08 23.42
CA SER A 620 41.15 53.24 22.81
C SER A 620 40.17 52.76 23.88
N THR A 621 38.92 53.27 23.84
CA THR A 621 37.86 52.85 24.80
C THR A 621 38.39 52.72 26.23
N GLU A 622 38.81 53.82 26.84
CA GLU A 622 39.41 53.76 28.20
C GLU A 622 38.44 54.31 29.24
N ARG A 623 37.56 55.25 28.84
CA ARG A 623 36.60 55.86 29.80
C ARG A 623 35.58 54.80 30.23
N VAL A 624 35.70 54.29 31.45
CA VAL A 624 34.81 53.19 31.96
C VAL A 624 33.34 53.55 31.76
N ASP A 625 32.93 54.72 32.23
CA ASP A 625 31.53 55.15 32.17
C ASP A 625 31.01 55.20 30.75
N VAL A 626 31.87 55.45 29.77
CA VAL A 626 31.46 55.45 28.37
C VAL A 626 31.65 54.08 27.73
N VAL A 627 32.56 53.25 28.23
CA VAL A 627 32.83 51.99 27.55
C VAL A 627 31.86 50.90 28.00
N GLN A 628 31.65 50.72 29.31
CA GLN A 628 30.85 49.58 29.76
C GLN A 628 29.48 49.50 29.10
N PRO A 629 28.73 50.59 28.95
CA PRO A 629 27.47 50.49 28.19
C PRO A 629 27.65 50.02 26.76
N VAL A 630 28.77 50.37 26.09
CA VAL A 630 28.86 49.97 24.69
C VAL A 630 29.22 48.50 24.55
N MET A 631 30.07 47.95 25.43
CA MET A 631 30.26 46.50 25.40
C MET A 631 28.96 45.80 25.72
N PHE A 632 28.21 46.31 26.71
CA PHE A 632 26.94 45.64 27.01
C PHE A 632 25.99 45.67 25.82
N ALA A 633 25.90 46.82 25.15
CA ALA A 633 24.99 46.93 24.01
C ALA A 633 25.39 45.99 22.87
N VAL A 634 26.66 46.04 22.47
CA VAL A 634 27.12 45.17 21.39
C VAL A 634 27.01 43.70 21.79
N MET A 635 27.23 43.41 23.08
CA MET A 635 27.20 42.03 23.55
C MET A 635 25.78 41.46 23.51
N VAL A 636 24.82 42.22 24.03
CA VAL A 636 23.44 41.74 24.02
C VAL A 636 22.92 41.67 22.59
N SER A 637 23.37 42.57 21.71
CA SER A 637 22.95 42.49 20.32
C SER A 637 23.54 41.26 19.64
N LEU A 638 24.80 40.94 19.93
CA LEU A 638 25.40 39.73 19.38
C LEU A 638 24.69 38.48 19.87
N ALA A 639 24.36 38.44 21.17
CA ALA A 639 23.60 37.30 21.70
C ALA A 639 22.22 37.22 21.06
N SER A 640 21.56 38.36 20.83
CA SER A 640 20.27 38.36 20.16
C SER A 640 20.37 37.85 18.73
N MET A 641 21.43 38.21 18.01
CA MET A 641 21.63 37.64 16.68
C MET A 641 21.85 36.14 16.74
N TRP A 642 22.68 35.69 17.68
CA TRP A 642 22.98 34.26 17.77
C TRP A 642 21.72 33.47 18.11
N ARG A 643 20.85 34.03 18.94
CA ARG A 643 19.56 33.39 19.21
C ARG A 643 18.57 33.58 18.07
N ALA A 644 18.78 34.57 17.21
CA ALA A 644 17.91 34.78 16.05
C ALA A 644 18.28 33.87 14.89
N HIS A 645 19.51 33.39 14.85
CA HIS A 645 19.96 32.45 13.83
C HIS A 645 19.79 31.00 14.27
N GLY A 646 19.08 30.75 15.36
CA GLY A 646 18.72 29.41 15.77
C GLY A 646 19.57 28.79 16.86
N VAL A 647 20.59 29.50 17.33
CA VAL A 647 21.48 28.96 18.37
C VAL A 647 21.01 29.51 19.71
N GLU A 648 20.45 28.63 20.54
CA GLU A 648 19.96 29.02 21.87
C GLU A 648 20.92 28.56 22.95
N PRO A 649 21.11 29.37 23.99
CA PRO A 649 22.05 29.00 25.06
C PRO A 649 21.52 27.84 25.89
N ALA A 650 22.47 27.08 26.46
CA ALA A 650 22.18 26.06 27.45
C ALA A 650 22.54 26.51 28.86
N ALA A 651 23.80 26.91 29.06
CA ALA A 651 24.24 27.59 30.26
C ALA A 651 24.73 28.98 29.86
N VAL A 652 25.05 29.80 30.86
CA VAL A 652 25.55 31.15 30.61
C VAL A 652 26.72 31.39 31.54
N ILE A 653 27.80 31.95 30.99
CA ILE A 653 29.00 32.27 31.76
C ILE A 653 29.32 33.75 31.51
N GLY A 654 29.39 34.54 32.57
CA GLY A 654 29.73 35.94 32.45
C GLY A 654 31.01 36.30 33.19
N HIS A 655 32.04 36.69 32.45
CA HIS A 655 33.37 36.88 33.03
C HIS A 655 33.41 37.97 34.08
N SER A 656 33.24 39.23 33.68
CA SER A 656 33.22 40.34 34.61
C SER A 656 31.94 41.15 34.53
N GLN A 657 31.59 41.64 33.34
CA GLN A 657 30.33 42.31 33.10
C GLN A 657 29.39 41.47 32.26
N GLY A 658 29.80 40.26 31.87
CA GLY A 658 28.90 39.33 31.21
C GLY A 658 27.77 38.86 32.10
N GLU A 659 27.86 39.14 33.40
CA GLU A 659 26.74 38.88 34.29
C GLU A 659 25.53 39.71 33.92
N ILE A 660 25.76 40.94 33.45
CA ILE A 660 24.66 41.78 33.01
C ILE A 660 23.98 41.16 31.78
N ALA A 661 24.77 40.67 30.84
CA ALA A 661 24.21 39.98 29.68
C ALA A 661 23.52 38.69 30.07
N ALA A 662 24.01 38.01 31.11
CA ALA A 662 23.30 36.87 31.66
C ALA A 662 21.93 37.28 32.19
N ALA A 663 21.87 38.45 32.85
CA ALA A 663 20.60 38.98 33.30
C ALA A 663 19.68 39.24 32.12
N CYS A 664 20.21 39.81 31.04
CA CYS A 664 19.37 40.26 29.93
C CYS A 664 18.90 39.09 29.06
N VAL A 665 19.84 38.37 28.44
CA VAL A 665 19.48 37.41 27.41
C VAL A 665 18.80 36.18 27.99
N ALA A 666 19.14 35.80 29.21
CA ALA A 666 18.57 34.59 29.82
C ALA A 666 17.20 34.83 30.45
N GLY A 667 16.65 36.05 30.31
CA GLY A 667 15.33 36.35 30.83
C GLY A 667 15.30 36.74 32.30
N ALA A 668 16.43 36.71 33.00
CA ALA A 668 16.45 37.11 34.40
C ALA A 668 16.12 38.59 34.55
N LEU A 669 16.60 39.43 33.64
CA LEU A 669 16.28 40.85 33.64
C LEU A 669 15.93 41.26 32.22
N SER A 670 15.11 42.31 32.10
CA SER A 670 14.72 42.81 30.80
C SER A 670 15.85 43.65 30.21
N LEU A 671 15.63 44.14 28.98
CA LEU A 671 16.62 45.01 28.35
C LEU A 671 16.80 46.29 29.15
N ASP A 672 15.69 46.90 29.58
CA ASP A 672 15.77 48.12 30.37
C ASP A 672 16.44 47.86 31.72
N ASP A 673 16.03 46.77 32.37
CA ASP A 673 16.58 46.45 33.72
C ASP A 673 18.09 46.27 33.65
N ALA A 674 18.54 45.37 32.78
CA ALA A 674 20.00 45.07 32.69
C ALA A 674 20.77 46.29 32.17
N ALA A 675 20.22 46.99 31.17
CA ALA A 675 20.89 48.23 30.70
C ALA A 675 21.06 49.19 31.87
N ARG A 676 19.97 49.47 32.59
CA ARG A 676 20.03 50.35 33.78
C ARG A 676 21.17 49.90 34.69
N VAL A 677 21.27 48.59 34.95
CA VAL A 677 22.33 48.07 35.87
C VAL A 677 23.69 48.49 35.35
N VAL A 678 24.06 48.08 34.13
CA VAL A 678 25.43 48.37 33.61
C VAL A 678 25.65 49.88 33.49
N ALA A 679 24.59 50.66 33.22
CA ALA A 679 24.72 52.13 33.13
C ALA A 679 25.04 52.68 34.52
N LEU A 680 24.23 52.31 35.51
CA LEU A 680 24.43 52.81 36.91
C LEU A 680 25.76 52.25 37.43
N ARG A 681 26.12 51.03 37.04
CA ARG A 681 27.39 50.41 37.49
C ARG A 681 28.56 51.17 36.87
N SER A 682 28.56 51.37 35.56
CA SER A 682 29.69 52.03 34.87
C SER A 682 30.05 53.33 35.58
N ARG A 683 29.04 54.04 36.11
CA ARG A 683 29.32 55.36 36.74
C ARG A 683 29.91 55.16 38.14
N VAL A 684 29.52 54.08 38.84
CA VAL A 684 30.11 53.80 40.18
C VAL A 684 31.30 52.84 40.03
N ILE A 685 31.82 52.67 38.81
CA ILE A 685 33.06 51.85 38.60
C ILE A 685 34.09 52.82 38.00
N ALA A 686 33.62 53.93 37.43
CA ALA A 686 34.54 54.96 36.90
C ALA A 686 34.95 55.90 38.02
N THR A 687 34.43 55.68 39.24
CA THR A 687 34.78 56.55 40.40
C THR A 687 36.06 56.07 41.05
N MET A 688 36.75 55.07 40.46
CA MET A 688 38.07 54.64 40.99
C MET A 688 39.10 54.69 39.85
N PRO A 689 39.49 55.88 39.33
CA PRO A 689 40.41 55.97 38.21
C PRO A 689 41.81 56.44 38.65
N GLY A 690 42.35 55.82 39.70
CA GLY A 690 43.66 56.27 40.22
C GLY A 690 44.79 55.36 39.79
N ASN A 691 45.39 54.63 40.73
CA ASN A 691 46.54 53.75 40.42
C ASN A 691 46.04 52.32 40.20
N LYS A 692 44.73 52.10 40.32
CA LYS A 692 44.16 50.73 40.22
C LYS A 692 44.24 50.20 38.79
N GLY A 693 44.39 48.87 38.64
CA GLY A 693 44.37 48.25 37.34
C GLY A 693 44.67 46.77 37.40
N MET A 694 44.22 46.01 36.39
CA MET A 694 44.44 44.57 36.36
C MET A 694 45.49 44.22 35.30
N ALA A 695 46.10 43.06 35.48
CA ALA A 695 47.18 42.57 34.61
C ALA A 695 46.96 41.07 34.37
N SER A 696 46.27 40.74 33.30
CA SER A 696 46.09 39.35 32.92
C SER A 696 47.44 38.74 32.54
N ILE A 697 47.70 37.53 33.04
CA ILE A 697 48.99 36.89 32.84
C ILE A 697 48.79 35.38 32.94
N ALA A 698 49.59 34.64 32.18
CA ALA A 698 49.59 33.18 32.26
C ALA A 698 50.43 32.65 33.42
N ALA A 699 50.76 33.50 34.39
CA ALA A 699 51.55 33.07 35.53
C ALA A 699 50.78 31.99 36.31
N PRO A 700 51.47 30.95 36.81
CA PRO A 700 50.75 29.86 37.48
C PRO A 700 50.01 30.30 38.73
N ALA A 701 48.84 29.70 38.98
CA ALA A 701 48.01 30.11 40.10
C ALA A 701 48.66 29.82 41.44
N GLY A 702 49.35 28.67 41.57
CA GLY A 702 49.91 28.27 42.84
C GLY A 702 51.10 29.08 43.28
N GLU A 703 51.62 29.92 42.38
CA GLU A 703 52.73 30.82 42.67
C GLU A 703 52.29 32.27 42.81
N VAL A 704 51.32 32.72 42.00
CA VAL A 704 50.72 34.03 42.23
C VAL A 704 49.91 34.03 43.51
N ARG A 705 49.45 32.87 43.99
CA ARG A 705 48.85 32.79 45.32
C ARG A 705 49.86 33.14 46.40
N ALA A 706 51.15 33.00 46.12
CA ALA A 706 52.19 33.54 46.98
C ALA A 706 52.56 34.96 46.60
N ARG A 707 52.33 35.34 45.33
CA ARG A 707 52.58 36.70 44.90
C ARG A 707 51.51 37.68 45.35
N ILE A 708 50.40 37.19 45.91
CA ILE A 708 49.34 38.07 46.38
C ILE A 708 49.91 39.01 47.45
N GLY A 709 49.63 40.29 47.31
CA GLY A 709 50.22 41.29 48.17
C GLY A 709 50.46 42.56 47.39
N ASP A 710 50.82 43.61 48.14
CA ASP A 710 50.97 44.95 47.58
C ASP A 710 49.69 45.38 46.86
N ARG A 711 48.54 45.01 47.43
CA ARG A 711 47.19 45.30 46.95
C ARG A 711 46.85 44.54 45.67
N VAL A 712 47.78 43.78 45.11
CA VAL A 712 47.57 43.08 43.84
C VAL A 712 47.29 41.62 44.16
N GLU A 713 46.03 41.21 44.03
CA GLU A 713 45.60 39.84 44.26
C GLU A 713 44.69 39.39 43.14
N ILE A 714 44.48 38.07 43.07
CA ILE A 714 43.77 37.47 41.95
C ILE A 714 42.35 38.00 41.87
N ALA A 715 41.93 38.38 40.66
CA ALA A 715 40.55 38.76 40.40
C ALA A 715 39.77 37.74 39.60
N ALA A 716 40.44 36.90 38.81
CA ALA A 716 39.74 35.93 37.99
C ALA A 716 40.68 34.78 37.64
N VAL A 717 40.12 33.59 37.54
CA VAL A 717 40.84 32.40 37.09
C VAL A 717 40.21 31.97 35.78
N ASN A 718 40.83 32.36 34.66
CA ASN A 718 40.27 32.14 33.33
C ASN A 718 40.83 30.88 32.68
N GLY A 719 41.44 30.00 33.45
CA GLY A 719 42.04 28.79 32.93
C GLY A 719 43.25 28.36 33.74
N PRO A 720 43.88 27.26 33.33
CA PRO A 720 45.08 26.81 34.04
C PRO A 720 46.21 27.83 33.92
N ARG A 721 46.57 28.17 32.69
CA ARG A 721 47.57 29.22 32.44
C ARG A 721 46.88 30.52 32.05
N SER A 722 45.98 30.98 32.91
CA SER A 722 45.23 32.20 32.67
C SER A 722 44.75 32.73 34.01
N VAL A 723 45.36 33.83 34.48
CA VAL A 723 45.00 34.43 35.76
C VAL A 723 44.91 35.95 35.56
N VAL A 724 43.79 36.54 35.94
CA VAL A 724 43.63 37.99 35.97
C VAL A 724 43.84 38.45 37.41
N VAL A 725 44.89 39.23 37.62
CA VAL A 725 45.23 39.77 38.93
C VAL A 725 44.89 41.26 38.92
N ALA A 726 44.48 41.77 40.08
CA ALA A 726 44.02 43.15 40.18
C ALA A 726 44.67 43.83 41.38
N GLY A 727 45.14 45.05 41.18
CA GLY A 727 45.79 45.78 42.25
C GLY A 727 46.18 47.17 41.81
N ASP A 728 46.95 47.84 42.68
CA ASP A 728 47.40 49.20 42.42
C ASP A 728 48.73 49.17 41.67
N SER A 729 49.38 50.33 41.60
CA SER A 729 50.64 50.49 40.86
C SER A 729 51.86 50.08 41.68
N ASP A 730 51.66 49.33 42.77
CA ASP A 730 52.79 48.84 43.56
C ASP A 730 53.49 47.69 42.85
N GLU A 731 52.76 46.60 42.60
CA GLU A 731 53.32 45.47 41.86
C GLU A 731 53.05 45.55 40.36
N LEU A 732 52.32 46.56 39.90
CA LEU A 732 51.84 46.60 38.52
C LEU A 732 52.98 46.54 37.51
N ASP A 733 53.89 47.51 37.54
CA ASP A 733 54.98 47.54 36.58
C ASP A 733 56.07 46.53 36.89
N ARG A 734 56.34 46.29 38.18
CA ARG A 734 57.40 45.35 38.54
C ARG A 734 57.03 43.91 38.16
N LEU A 735 55.74 43.57 38.12
CA LEU A 735 55.35 42.26 37.62
C LEU A 735 55.87 42.04 36.20
N VAL A 736 55.58 42.99 35.32
CA VAL A 736 56.07 42.88 33.94
C VAL A 736 57.59 42.88 33.91
N ALA A 737 58.20 43.79 34.67
CA ALA A 737 59.65 43.95 34.63
C ALA A 737 60.37 42.67 35.07
N SER A 738 59.80 41.95 36.03
CA SER A 738 60.42 40.75 36.57
C SER A 738 59.90 39.46 35.96
N CYS A 739 58.87 39.52 35.10
CA CYS A 739 58.37 38.31 34.46
C CYS A 739 58.77 38.21 32.99
N THR A 740 58.84 39.33 32.28
CA THR A 740 59.03 39.28 30.83
C THR A 740 60.36 38.68 30.42
N THR A 741 61.32 38.53 31.34
CA THR A 741 62.62 37.96 31.02
C THR A 741 62.67 36.45 31.19
N GLU A 742 61.59 35.82 31.63
CA GLU A 742 61.57 34.37 31.88
C GLU A 742 60.45 33.70 31.11
N CYS A 743 60.22 34.15 29.87
CA CYS A 743 59.28 33.53 28.94
C CYS A 743 57.85 33.51 29.49
N ILE A 744 57.53 34.40 30.42
CA ILE A 744 56.17 34.60 30.90
C ILE A 744 55.85 36.08 30.71
N ARG A 745 54.79 36.37 29.97
CA ARG A 745 54.45 37.73 29.59
C ARG A 745 53.20 38.19 30.33
N ALA A 746 53.29 39.35 30.97
CA ALA A 746 52.16 39.94 31.68
C ALA A 746 51.42 40.86 30.73
N LYS A 747 50.20 40.47 30.34
CA LYS A 747 49.38 41.26 29.42
C LYS A 747 48.65 42.32 30.23
N ARG A 748 49.34 43.44 30.46
CA ARG A 748 48.76 44.56 31.19
C ARG A 748 47.74 45.23 30.31
N LEU A 749 46.47 44.93 30.54
CA LEU A 749 45.40 45.50 29.73
C LEU A 749 45.23 46.99 30.04
N ALA A 750 44.86 47.75 29.01
CA ALA A 750 44.67 49.20 29.15
C ALA A 750 43.37 49.47 29.91
N VAL A 751 43.46 49.33 31.23
CA VAL A 751 42.33 49.51 32.12
C VAL A 751 42.78 50.39 33.29
N ASP A 752 41.81 51.04 33.93
CA ASP A 752 42.10 51.92 35.05
C ASP A 752 41.36 51.55 36.33
N TYR A 753 40.63 50.44 36.36
CA TYR A 753 39.91 50.03 37.55
C TYR A 753 40.25 48.58 37.89
N ALA A 754 40.07 48.24 39.16
CA ALA A 754 40.28 46.88 39.65
C ALA A 754 38.97 46.35 40.22
N SER A 755 38.64 45.11 39.85
CA SER A 755 37.42 44.46 40.32
C SER A 755 37.77 43.13 40.97
N HIS A 756 36.75 42.50 41.56
CA HIS A 756 36.90 41.21 42.23
C HIS A 756 37.99 41.27 43.29
N SER A 757 38.00 42.36 44.05
CA SER A 757 38.99 42.56 45.10
C SER A 757 38.32 43.29 46.25
N SER A 758 39.13 43.78 47.20
CA SER A 758 38.62 44.52 48.35
C SER A 758 38.51 46.01 48.08
N HIS A 759 38.72 46.45 46.84
CA HIS A 759 38.65 47.87 46.53
C HIS A 759 37.26 48.28 46.05
N VAL A 760 36.46 47.34 45.56
CA VAL A 760 35.12 47.67 45.09
C VAL A 760 34.24 48.15 46.24
N GLU A 761 34.41 47.57 47.43
CA GLU A 761 33.60 47.94 48.58
C GLU A 761 33.85 49.37 49.05
N THR A 762 34.93 50.01 48.58
CA THR A 762 35.11 51.43 48.84
C THR A 762 34.01 52.27 48.22
N ILE A 763 33.34 51.75 47.19
CA ILE A 763 32.17 52.40 46.61
C ILE A 763 30.88 51.69 47.06
N ARG A 764 30.99 50.82 48.07
CA ARG A 764 29.84 50.07 48.55
C ARG A 764 28.69 51.00 48.95
N ASP A 765 29.02 52.20 49.42
CA ASP A 765 27.99 53.18 49.74
C ASP A 765 27.22 53.59 48.49
N ALA A 766 27.95 53.97 47.44
CA ALA A 766 27.29 54.40 46.20
C ALA A 766 26.78 53.23 45.38
N LEU A 767 27.50 52.10 45.40
CA LEU A 767 27.08 50.94 44.62
C LEU A 767 25.71 50.44 45.05
N HIS A 768 25.45 50.43 46.36
CA HIS A 768 24.12 50.09 46.86
C HIS A 768 23.17 51.27 46.78
N ALA A 769 23.67 52.49 46.60
CA ALA A 769 22.82 53.67 46.49
C ALA A 769 22.39 53.90 45.04
N GLU A 770 23.36 53.99 44.13
CA GLU A 770 23.06 54.20 42.72
C GLU A 770 22.93 52.88 41.98
N LEU A 771 22.11 51.98 42.51
CA LEU A 771 21.60 50.85 41.77
C LEU A 771 20.10 50.68 41.90
N GLY A 772 19.55 50.95 43.09
CA GLY A 772 18.11 50.90 43.31
C GLY A 772 17.51 49.51 43.27
N GLU A 773 16.35 49.33 43.92
CA GLU A 773 15.63 48.07 43.86
C GLU A 773 14.46 48.25 42.87
N ASP A 774 14.78 47.97 41.61
CA ASP A 774 13.75 48.08 40.55
C ASP A 774 13.98 46.93 39.55
N PHE A 775 15.23 46.53 39.33
CA PHE A 775 15.49 45.39 38.46
C PHE A 775 15.29 44.10 39.26
N HIS A 776 14.02 43.86 39.60
CA HIS A 776 13.68 42.76 40.50
C HIS A 776 14.12 41.43 39.91
N PRO A 777 14.73 40.54 40.70
CA PRO A 777 15.21 39.27 40.14
C PRO A 777 14.03 38.40 39.71
N LEU A 778 14.13 37.86 38.49
CA LEU A 778 13.06 37.07 37.92
C LEU A 778 13.62 35.76 37.37
N PRO A 779 12.94 34.63 37.62
CA PRO A 779 13.35 33.38 36.96
C PRO A 779 13.26 33.50 35.45
N GLY A 780 14.39 33.35 34.77
CA GLY A 780 14.45 33.64 33.35
C GLY A 780 14.17 32.48 32.43
N PHE A 781 14.98 32.36 31.37
CA PHE A 781 14.75 31.39 30.31
C PHE A 781 15.89 30.40 30.13
N VAL A 782 17.10 30.74 30.57
CA VAL A 782 18.27 29.89 30.35
C VAL A 782 18.99 29.64 31.67
N PRO A 783 19.43 28.42 31.95
CA PRO A 783 20.24 28.16 33.14
C PRO A 783 21.54 28.96 33.10
N PHE A 784 22.03 29.32 34.29
CA PHE A 784 23.17 30.20 34.42
C PHE A 784 24.10 29.70 35.53
N PHE A 785 25.39 29.84 35.29
CA PHE A 785 26.38 29.46 36.32
C PHE A 785 26.96 30.74 36.88
N SER A 786 26.77 30.97 38.18
CA SER A 786 27.28 32.17 38.83
C SER A 786 28.80 32.18 38.83
N THR A 787 29.37 33.35 38.57
CA THR A 787 30.82 33.54 38.59
C THR A 787 31.28 34.27 39.85
N VAL A 788 30.45 34.24 40.89
CA VAL A 788 30.83 34.75 42.20
C VAL A 788 30.93 33.57 43.16
N THR A 789 30.04 32.60 43.00
CA THR A 789 30.08 31.37 43.77
C THR A 789 30.64 30.19 43.00
N GLY A 790 30.78 30.30 41.69
CA GLY A 790 31.25 29.21 40.87
C GLY A 790 30.36 27.99 40.90
N ARG A 791 29.04 28.19 40.86
CA ARG A 791 28.08 27.11 40.98
C ARG A 791 26.89 27.36 40.05
N TRP A 792 26.19 26.28 39.72
CA TRP A 792 24.91 26.39 39.03
C TRP A 792 23.82 26.75 40.04
N THR A 793 23.31 27.98 39.94
CA THR A 793 22.41 28.52 40.94
C THR A 793 21.09 28.89 40.27
N GLN A 794 20.18 29.46 41.07
CA GLN A 794 18.87 29.82 40.57
C GLN A 794 18.96 31.01 39.63
N PRO A 795 17.99 31.16 38.72
CA PRO A 795 17.89 32.40 37.93
C PRO A 795 17.34 33.58 38.73
N ASP A 796 16.84 33.35 39.95
CA ASP A 796 16.34 34.40 40.82
C ASP A 796 17.29 34.51 42.01
N GLU A 797 18.38 35.26 41.81
CA GLU A 797 19.31 35.62 42.87
C GLU A 797 19.90 37.01 42.60
N LEU A 798 19.28 37.81 41.74
CA LEU A 798 19.98 38.78 40.93
C LEU A 798 19.55 40.19 41.30
N ASP A 799 20.25 40.78 42.26
CA ASP A 799 19.97 42.15 42.70
C ASP A 799 21.25 42.98 42.74
N ALA A 800 21.15 44.19 43.30
CA ALA A 800 22.34 45.01 43.46
C ALA A 800 23.39 44.32 44.31
N GLY A 801 22.95 43.56 45.32
CA GLY A 801 23.88 42.79 46.11
C GLY A 801 24.64 41.76 45.29
N TYR A 802 23.95 41.13 44.33
CA TYR A 802 24.63 40.18 43.45
C TYR A 802 25.69 40.88 42.60
N TRP A 803 25.37 42.07 42.09
CA TRP A 803 26.35 42.82 41.30
C TRP A 803 27.55 43.22 42.15
N TYR A 804 27.33 43.60 43.40
CA TYR A 804 28.45 43.89 44.29
C TYR A 804 29.28 42.64 44.53
N ARG A 805 28.62 41.50 44.78
CA ARG A 805 29.33 40.28 45.14
C ARG A 805 30.16 39.76 43.97
N ASN A 806 29.62 39.86 42.75
CA ASN A 806 30.37 39.41 41.58
C ASN A 806 31.65 40.22 41.40
N LEU A 807 31.58 41.53 41.63
CA LEU A 807 32.75 42.38 41.55
C LEU A 807 33.59 42.35 42.82
N ARG A 808 33.33 41.41 43.74
CA ARG A 808 34.00 41.37 45.03
C ARG A 808 34.97 40.20 45.15
N ARG A 809 34.53 38.98 44.86
CA ARG A 809 35.37 37.79 44.97
C ARG A 809 35.85 37.33 43.61
N THR A 810 36.73 36.33 43.63
CA THR A 810 37.32 35.82 42.40
C THR A 810 36.25 35.25 41.47
N VAL A 811 36.43 35.49 40.17
CA VAL A 811 35.46 35.03 39.18
C VAL A 811 35.40 33.51 39.15
N ARG A 812 36.56 32.85 39.23
CA ARG A 812 36.65 31.40 39.09
C ARG A 812 36.04 30.94 37.77
N PHE A 813 36.41 31.65 36.69
CA PHE A 813 35.93 31.33 35.35
C PHE A 813 36.38 29.93 34.94
N ALA A 814 37.61 29.55 35.30
CA ALA A 814 38.08 28.20 35.02
C ALA A 814 37.24 27.15 35.74
N ASP A 815 36.94 27.41 37.02
CA ASP A 815 36.09 26.47 37.76
C ASP A 815 34.71 26.38 37.14
N ALA A 816 34.16 27.52 36.72
CA ALA A 816 32.79 27.55 36.14
C ALA A 816 32.74 26.66 34.89
N VAL A 817 33.78 26.71 34.05
CA VAL A 817 33.77 25.93 32.77
C VAL A 817 34.21 24.50 33.04
N ARG A 818 34.87 24.23 34.17
CA ARG A 818 35.21 22.83 34.51
C ARG A 818 33.89 22.16 34.94
N ALA A 819 33.07 22.89 35.71
CA ALA A 819 31.74 22.37 36.11
C ALA A 819 30.84 22.28 34.89
N LEU A 820 31.07 23.14 33.89
CA LEU A 820 30.28 23.09 32.62
C LEU A 820 30.51 21.73 31.97
N ALA A 821 31.79 21.39 31.71
CA ALA A 821 32.12 20.08 31.10
C ALA A 821 31.57 18.97 31.98
N GLU A 822 31.62 19.15 33.30
CA GLU A 822 31.14 18.10 34.24
C GLU A 822 29.62 17.95 34.16
N GLN A 823 28.88 19.02 33.85
CA GLN A 823 27.40 18.86 33.89
C GLN A 823 26.86 18.26 32.60
N GLY A 824 27.70 18.00 31.60
CA GLY A 824 27.15 17.35 30.43
C GLY A 824 27.25 18.21 29.17
N TYR A 825 27.53 19.49 29.35
CA TYR A 825 27.66 20.44 28.25
C TYR A 825 29.14 20.56 27.87
N ARG A 826 29.38 20.57 26.56
CA ARG A 826 30.76 20.53 26.06
C ARG A 826 31.12 21.64 25.09
N THR A 827 30.17 22.47 24.67
CA THR A 827 30.44 23.49 23.67
C THR A 827 30.01 24.87 24.17
N PHE A 828 30.85 25.87 23.88
CA PHE A 828 30.64 27.23 24.36
C PHE A 828 30.87 28.19 23.20
N LEU A 829 30.05 29.23 23.12
CA LEU A 829 30.20 30.28 22.12
C LEU A 829 30.68 31.54 22.82
N GLU A 830 31.83 32.05 22.39
CA GLU A 830 32.37 33.29 22.93
C GLU A 830 31.74 34.49 22.24
N VAL A 831 30.48 34.80 22.59
CA VAL A 831 29.83 35.98 22.05
C VAL A 831 30.62 37.20 22.51
N SER A 832 31.16 37.96 21.56
CA SER A 832 31.95 39.16 21.80
C SER A 832 32.34 39.72 20.44
N ALA A 833 32.90 40.92 20.45
CA ALA A 833 33.44 41.50 19.22
C ALA A 833 34.78 40.90 18.84
N HIS A 834 35.65 40.63 19.81
CA HIS A 834 36.88 39.89 19.58
C HIS A 834 36.97 38.82 20.67
N PRO A 835 37.29 37.58 20.31
CA PRO A 835 37.26 36.50 21.30
C PRO A 835 38.53 36.41 22.12
N ILE A 836 38.66 37.26 23.13
CA ILE A 836 39.77 37.14 24.07
C ILE A 836 39.57 35.87 24.89
N LEU A 837 40.69 35.28 25.32
CA LEU A 837 40.70 34.05 26.11
C LEU A 837 40.10 32.88 25.33
N THR A 838 40.25 32.89 24.00
CA THR A 838 39.78 31.77 23.20
C THR A 838 40.56 30.50 23.53
N ALA A 839 41.89 30.61 23.57
CA ALA A 839 42.73 29.47 23.91
C ALA A 839 42.69 29.11 25.38
N ALA A 840 42.13 29.98 26.23
CA ALA A 840 42.05 29.67 27.65
C ALA A 840 41.19 28.44 27.92
N ILE A 841 40.03 28.35 27.27
CA ILE A 841 39.17 27.20 27.51
C ILE A 841 39.64 25.98 26.73
N GLU A 842 40.38 26.18 25.63
CA GLU A 842 41.06 25.05 25.00
C GLU A 842 42.12 24.48 25.95
N GLU A 843 42.79 25.35 26.70
CA GLU A 843 43.70 24.89 27.75
C GLU A 843 42.92 24.17 28.84
N ILE A 844 41.74 24.68 29.20
CA ILE A 844 40.89 24.01 30.19
C ILE A 844 40.57 22.58 29.75
N GLY A 845 40.12 22.43 28.50
CA GLY A 845 39.76 21.11 28.00
C GLY A 845 40.96 20.23 27.71
N ASP A 846 42.13 20.83 27.50
CA ASP A 846 43.32 20.05 27.19
C ASP A 846 43.84 19.33 28.43
N GLY A 847 43.80 19.99 29.59
CA GLY A 847 44.28 19.42 30.83
C GLY A 847 43.22 18.83 31.72
N SER A 848 41.98 18.68 31.25
CA SER A 848 40.91 18.11 32.06
C SER A 848 39.81 17.58 31.15
N GLY A 849 39.49 16.30 31.31
CA GLY A 849 38.42 15.70 30.53
C GLY A 849 38.74 15.71 29.04
N ALA A 850 37.74 16.06 28.24
CA ALA A 850 37.86 16.12 26.80
C ALA A 850 38.06 17.56 26.34
N ASP A 851 38.61 17.72 25.13
CA ASP A 851 38.86 19.04 24.59
C ASP A 851 37.55 19.73 24.24
N LEU A 852 37.41 20.97 24.66
CA LEU A 852 36.22 21.75 24.37
C LEU A 852 36.35 22.46 23.02
N SER A 853 35.21 22.93 22.51
CA SER A 853 35.14 23.56 21.20
C SER A 853 34.95 25.05 21.37
N ALA A 854 35.91 25.83 20.85
CA ALA A 854 35.92 27.29 21.03
C ALA A 854 35.29 27.95 19.81
N ILE A 855 33.99 28.21 19.91
CA ILE A 855 33.28 28.95 18.88
C ILE A 855 33.23 30.41 19.26
N HIS A 856 33.54 31.28 18.29
CA HIS A 856 33.51 32.71 18.50
C HIS A 856 32.70 33.36 17.39
N SER A 857 32.09 34.50 17.70
CA SER A 857 31.26 35.18 16.71
C SER A 857 32.11 35.96 15.72
N LEU A 858 32.81 36.98 16.20
CA LEU A 858 33.58 37.87 15.33
C LEU A 858 34.93 38.17 15.99
N ARG A 859 35.82 38.80 15.24
CA ARG A 859 37.21 38.97 15.65
C ARG A 859 37.56 40.45 15.63
N ARG A 860 38.81 40.74 15.97
CA ARG A 860 39.31 42.11 15.91
C ARG A 860 39.46 42.54 14.46
N GLY A 861 38.78 43.62 14.09
CA GLY A 861 38.78 44.06 12.71
C GLY A 861 38.13 43.08 11.76
N ASP A 862 37.09 42.39 12.22
CA ASP A 862 36.37 41.41 11.40
C ASP A 862 34.91 41.44 11.86
N GLY A 863 34.09 42.18 11.12
CA GLY A 863 32.71 42.36 11.52
C GLY A 863 31.70 42.33 10.40
N SER A 864 32.13 41.93 9.20
CA SER A 864 31.20 41.82 8.09
C SER A 864 30.34 40.57 8.24
N LEU A 865 29.27 40.50 7.44
CA LEU A 865 28.41 39.32 7.44
C LEU A 865 29.15 38.07 7.00
N ALA A 866 30.23 38.20 6.24
CA ALA A 866 31.05 37.04 5.89
C ALA A 866 31.66 36.40 7.14
N ASP A 867 32.15 37.23 8.06
CA ASP A 867 32.73 36.71 9.29
C ASP A 867 31.67 36.09 10.20
N PHE A 868 30.45 36.64 10.25
CA PHE A 868 29.40 36.00 11.03
C PHE A 868 28.92 34.70 10.38
N GLY A 869 28.92 34.64 9.05
CA GLY A 869 28.66 33.37 8.39
C GLY A 869 29.72 32.33 8.71
N GLU A 870 31.00 32.75 8.74
CA GLU A 870 32.05 31.86 9.21
C GLU A 870 31.86 31.47 10.67
N ALA A 871 31.32 32.36 11.48
CA ALA A 871 31.01 32.03 12.87
C ALA A 871 29.97 30.93 12.95
N LEU A 872 28.90 31.06 12.17
CA LEU A 872 27.91 29.98 12.11
C LEU A 872 28.50 28.69 11.58
N SER A 873 29.40 28.80 10.59
CA SER A 873 30.05 27.63 10.04
C SER A 873 30.88 26.90 11.09
N ARG A 874 31.70 27.64 11.83
CA ARG A 874 32.52 27.02 12.87
C ARG A 874 31.69 26.57 14.06
N ALA A 875 30.53 27.18 14.28
CA ALA A 875 29.61 26.69 15.31
C ALA A 875 29.06 25.32 14.93
N PHE A 876 28.55 25.19 13.70
CA PHE A 876 28.04 23.91 13.25
C PHE A 876 29.14 22.85 13.21
N ALA A 877 30.31 23.21 12.66
CA ALA A 877 31.40 22.25 12.56
C ALA A 877 31.91 21.80 13.93
N ALA A 878 31.71 22.60 14.97
CA ALA A 878 32.16 22.26 16.31
C ALA A 878 31.08 21.59 17.15
N GLY A 879 29.90 21.32 16.57
CA GLY A 879 28.87 20.52 17.21
C GLY A 879 27.62 21.30 17.59
N VAL A 880 27.64 22.63 17.44
CA VAL A 880 26.48 23.42 17.81
C VAL A 880 25.34 23.14 16.85
N ALA A 881 24.17 22.81 17.40
CA ALA A 881 23.00 22.48 16.59
C ALA A 881 22.29 23.77 16.20
N VAL A 882 22.78 24.38 15.11
CA VAL A 882 22.13 25.57 14.56
C VAL A 882 20.78 25.18 13.97
N ASP A 883 19.80 26.06 14.13
CA ASP A 883 18.51 25.91 13.47
C ASP A 883 18.56 26.59 12.11
N TRP A 884 18.44 25.80 11.05
CA TRP A 884 18.58 26.32 9.70
C TRP A 884 17.26 26.72 9.07
N GLU A 885 16.15 26.55 9.79
CA GLU A 885 14.88 27.13 9.39
C GLU A 885 14.72 28.55 9.91
N SER A 886 15.71 29.06 10.64
CA SER A 886 15.75 30.44 11.10
C SER A 886 16.78 31.28 10.36
N VAL A 887 17.94 30.72 10.05
CA VAL A 887 18.88 31.41 9.16
C VAL A 887 18.27 31.58 7.78
N HIS A 888 17.56 30.56 7.30
CA HIS A 888 16.84 30.63 6.04
C HIS A 888 15.34 30.79 6.25
N LEU A 889 14.93 31.45 7.33
CA LEU A 889 13.51 31.70 7.55
C LEU A 889 12.90 32.45 6.38
N GLY A 890 13.53 33.56 5.98
CA GLY A 890 13.25 34.12 4.68
C GLY A 890 14.49 34.75 4.06
N THR A 891 14.92 34.21 2.92
CA THR A 891 15.97 34.84 2.14
C THR A 891 15.72 34.68 0.63
N GLY A 892 14.53 34.28 0.22
CA GLY A 892 14.29 33.89 -1.16
C GLY A 892 14.98 32.61 -1.54
N ALA A 893 14.96 31.60 -0.67
CA ALA A 893 15.63 30.33 -0.90
C ALA A 893 14.60 29.25 -1.19
N ARG A 894 14.93 28.36 -2.13
CA ARG A 894 14.08 27.25 -2.51
C ARG A 894 14.89 25.97 -2.59
N ARG A 895 14.21 24.84 -2.44
CA ARG A 895 14.88 23.55 -2.45
C ARG A 895 15.44 23.24 -3.83
N VAL A 896 16.64 22.66 -3.85
CA VAL A 896 17.34 22.32 -5.09
C VAL A 896 17.83 20.88 -5.00
N PRO A 897 17.69 20.09 -6.07
CA PRO A 897 18.23 18.73 -6.04
C PRO A 897 19.75 18.75 -5.87
N LEU A 898 20.21 17.95 -4.92
CA LEU A 898 21.63 17.86 -4.55
C LEU A 898 22.03 16.40 -4.48
N PRO A 899 23.32 16.11 -4.63
CA PRO A 899 23.77 14.72 -4.48
C PRO A 899 23.49 14.19 -3.08
N THR A 900 23.17 12.91 -3.01
CA THR A 900 22.82 12.27 -1.74
C THR A 900 24.08 11.92 -0.97
N TYR A 901 23.93 11.12 0.08
CA TYR A 901 25.06 10.77 0.92
C TYR A 901 26.03 9.86 0.16
N PRO A 902 27.32 10.20 0.11
CA PRO A 902 28.30 9.30 -0.52
C PRO A 902 28.64 8.12 0.38
N PHE A 903 27.82 7.07 0.33
CA PHE A 903 28.06 5.88 1.14
C PHE A 903 29.41 5.27 0.82
N GLN A 904 30.32 5.29 1.80
CA GLN A 904 31.64 4.67 1.65
C GLN A 904 31.44 3.16 1.70
N ARG A 905 31.29 2.56 0.53
CA ARG A 905 30.93 1.16 0.43
C ARG A 905 32.14 0.25 0.52
N GLU A 906 31.99 -0.84 1.27
CA GLU A 906 32.99 -1.89 1.35
C GLU A 906 32.32 -3.23 1.13
N ARG A 907 33.05 -4.17 0.53
CA ARG A 907 32.47 -5.45 0.16
C ARG A 907 32.14 -6.26 1.42
N VAL A 908 30.85 -6.48 1.66
CA VAL A 908 30.37 -7.31 2.76
C VAL A 908 29.44 -8.35 2.14
N TRP A 909 30.01 -9.53 1.84
CA TRP A 909 29.28 -10.59 1.17
C TRP A 909 29.36 -11.86 1.99
N LEU A 910 28.22 -12.53 2.16
CA LEU A 910 28.14 -13.80 2.87
C LEU A 910 27.92 -14.89 1.84
N GLU A 911 28.83 -15.86 1.80
CA GLU A 911 28.70 -16.91 0.80
C GLU A 911 28.12 -18.18 1.41
N PRO A 912 27.28 -18.92 0.66
CA PRO A 912 26.67 -20.16 1.15
C PRO A 912 27.69 -21.26 1.37
N LEU A 1404 47.41 -10.87 34.87
CA LEU A 1404 46.80 -9.60 34.49
C LEU A 1404 47.76 -8.44 34.74
N ALA A 1405 47.34 -7.23 34.38
CA ALA A 1405 48.20 -6.06 34.51
C ALA A 1405 48.34 -5.65 35.97
N SER A 1406 49.57 -5.71 36.51
CA SER A 1406 49.78 -5.43 37.96
C SER A 1406 49.98 -3.93 38.21
N LEU A 1407 48.96 -3.10 37.95
CA LEU A 1407 49.02 -1.63 38.17
C LEU A 1407 50.43 -1.04 37.90
N PRO A 1408 51.09 -1.16 36.71
CA PRO A 1408 52.39 -0.50 36.50
C PRO A 1408 52.31 1.02 36.40
N ALA A 1409 51.45 1.55 35.54
CA ALA A 1409 51.46 2.96 35.16
C ALA A 1409 50.19 3.29 34.38
N PRO A 1410 49.97 4.56 33.97
CA PRO A 1410 48.89 4.82 32.99
C PRO A 1410 49.10 4.09 31.68
N GLU A 1411 50.22 3.37 31.61
CA GLU A 1411 50.45 2.52 30.43
C GLU A 1411 49.40 1.43 30.54
N ARG A 1412 49.04 1.08 31.77
CA ARG A 1412 47.97 0.07 31.97
C ARG A 1412 46.63 0.68 31.48
N GLU A 1413 46.31 1.92 31.88
CA GLU A 1413 45.09 2.55 31.33
C GLU A 1413 45.07 2.35 29.81
N LYS A 1414 46.11 2.81 29.08
CA LYS A 1414 45.98 2.70 27.60
C LYS A 1414 46.09 1.24 27.14
N ALA A 1415 46.69 0.35 27.94
CA ALA A 1415 46.73 -1.06 27.58
C ALA A 1415 45.36 -1.71 27.73
N LEU A 1416 44.67 -1.43 28.84
CA LEU A 1416 43.28 -1.96 28.97
C LEU A 1416 42.45 -1.28 27.88
N PHE A 1417 42.65 0.01 27.66
CA PHE A 1417 41.93 0.68 26.59
C PHE A 1417 42.03 -0.11 25.29
N GLU A 1418 43.26 -0.43 24.88
CA GLU A 1418 43.48 -1.18 23.66
C GLU A 1418 42.88 -2.59 23.74
N LEU A 1419 42.96 -3.22 24.91
CA LEU A 1419 42.38 -4.54 25.09
C LEU A 1419 40.87 -4.52 24.87
N VAL A 1420 40.18 -3.57 25.48
CA VAL A 1420 38.73 -3.44 25.35
C VAL A 1420 38.41 -3.13 23.89
N ARG A 1421 39.13 -2.21 23.27
CA ARG A 1421 38.91 -1.94 21.84
C ARG A 1421 39.07 -3.23 21.02
N SER A 1422 40.14 -3.99 21.21
CA SER A 1422 40.37 -5.18 20.39
C SER A 1422 39.28 -6.23 20.59
N HIS A 1423 38.85 -6.44 21.84
CA HIS A 1423 37.72 -7.33 22.06
C HIS A 1423 36.41 -6.77 21.54
N ALA A 1424 36.31 -5.44 21.39
CA ALA A 1424 35.17 -4.85 20.72
C ALA A 1424 35.21 -5.09 19.22
N ALA A 1425 36.31 -4.74 18.56
CA ALA A 1425 36.48 -5.06 17.15
C ALA A 1425 36.96 -6.49 16.94
N ALA A 1426 36.34 -7.41 17.68
CA ALA A 1426 36.30 -8.83 17.36
C ALA A 1426 34.93 -9.42 17.62
N VAL A 1427 34.07 -8.73 18.35
CA VAL A 1427 32.68 -9.09 18.55
C VAL A 1427 31.85 -8.17 17.67
N LEU A 1428 32.52 -7.18 17.07
CA LEU A 1428 31.90 -6.34 16.05
C LEU A 1428 32.19 -6.83 14.64
N GLY A 1429 32.95 -7.90 14.48
CA GLY A 1429 33.24 -8.44 13.17
C GLY A 1429 34.12 -7.54 12.34
N HIS A 1430 34.78 -6.59 12.99
CA HIS A 1430 35.75 -5.72 12.31
C HIS A 1430 36.99 -6.57 12.04
N ALA A 1431 37.01 -7.21 10.88
CA ALA A 1431 38.19 -7.98 10.49
C ALA A 1431 39.44 -7.13 10.53
N SER A 1432 39.33 -5.87 10.10
CA SER A 1432 40.36 -4.87 10.33
C SER A 1432 40.18 -4.36 11.75
N ALA A 1433 40.90 -5.01 12.67
CA ALA A 1433 40.86 -4.64 14.08
C ALA A 1433 41.38 -3.22 14.33
N GLU A 1434 41.99 -2.63 13.30
CA GLU A 1434 42.78 -1.41 13.41
C GLU A 1434 42.15 -0.35 14.31
N ARG A 1435 40.94 0.05 13.93
CA ARG A 1435 40.27 1.12 14.68
C ARG A 1435 38.75 1.00 14.59
N VAL A 1436 38.08 1.35 15.68
CA VAL A 1436 36.59 1.39 15.75
C VAL A 1436 36.29 2.70 16.51
N PRO A 1437 35.68 3.80 15.96
CA PRO A 1437 35.62 5.13 16.58
C PRO A 1437 35.47 5.13 18.10
N ALA A 1438 36.37 5.83 18.77
CA ALA A 1438 36.38 5.93 20.22
C ALA A 1438 35.27 6.80 20.78
N ASP A 1439 34.78 7.74 19.98
CA ASP A 1439 33.74 8.70 20.44
C ASP A 1439 32.36 8.20 20.00
N GLN A 1440 32.31 7.04 19.34
CA GLN A 1440 31.03 6.48 18.90
C GLN A 1440 30.48 5.54 19.98
N ALA A 1441 29.16 5.55 20.13
CA ALA A 1441 28.53 4.81 21.21
C ALA A 1441 28.48 3.32 20.90
N PHE A 1442 28.04 2.55 21.90
CA PHE A 1442 27.80 1.11 21.75
C PHE A 1442 26.40 0.83 21.24
N ALA A 1443 25.76 1.82 20.61
CA ALA A 1443 24.45 1.62 20.01
C ALA A 1443 24.46 2.16 18.58
N GLU A 1444 25.59 2.78 18.20
CA GLU A 1444 25.79 3.27 16.85
C GLU A 1444 26.86 2.51 16.10
N LEU A 1445 27.57 1.60 16.77
CA LEU A 1445 28.48 0.66 16.13
C LEU A 1445 27.87 -0.72 16.00
N GLY A 1446 26.56 -0.83 16.18
CA GLY A 1446 25.89 -2.11 16.09
C GLY A 1446 26.21 -3.08 17.19
N VAL A 1447 26.43 -2.56 18.41
CA VAL A 1447 26.77 -3.43 19.57
C VAL A 1447 25.45 -3.82 20.25
N ASP A 1448 24.60 -4.57 19.54
CA ASP A 1448 23.30 -5.02 20.10
C ASP A 1448 23.56 -6.24 21.00
N SER A 1449 22.53 -6.80 21.63
CA SER A 1449 22.70 -7.94 22.59
C SER A 1449 23.90 -8.81 22.24
N LEU A 1450 23.81 -9.61 21.18
CA LEU A 1450 24.90 -10.57 20.83
C LEU A 1450 26.27 -9.91 21.01
N SER A 1451 26.52 -8.83 20.25
CA SER A 1451 27.81 -8.10 20.37
C SER A 1451 28.05 -7.70 21.83
N ALA A 1452 27.12 -6.97 22.44
CA ALA A 1452 27.28 -6.48 23.84
C ALA A 1452 27.56 -7.63 24.80
N LEU A 1453 26.73 -8.68 24.79
CA LEU A 1453 26.88 -9.83 25.73
C LEU A 1453 28.26 -10.48 25.53
N GLU A 1454 28.61 -10.83 24.29
CA GLU A 1454 29.90 -11.54 24.06
C GLU A 1454 31.04 -10.60 24.46
N LEU A 1455 30.92 -9.30 24.16
CA LEU A 1455 31.96 -8.32 24.58
C LEU A 1455 32.13 -8.41 26.10
N ARG A 1456 31.04 -8.32 26.87
CA ARG A 1456 31.17 -8.31 28.35
C ARG A 1456 31.75 -9.65 28.82
N ASN A 1457 31.48 -10.73 28.10
CA ASN A 1457 32.03 -12.07 28.46
C ASN A 1457 33.52 -12.08 28.13
N ARG A 1458 33.92 -11.54 26.97
CA ARG A 1458 35.35 -11.48 26.58
C ARG A 1458 36.11 -10.70 27.65
N LEU A 1459 35.49 -9.63 28.17
CA LEU A 1459 36.16 -8.77 29.18
C LEU A 1459 36.14 -9.50 30.53
N GLY A 1460 35.08 -10.28 30.80
CA GLY A 1460 34.99 -11.05 32.05
C GLY A 1460 35.91 -12.26 32.04
N ALA A 1461 36.64 -12.47 30.94
CA ALA A 1461 37.62 -13.59 30.85
C ALA A 1461 39.03 -13.02 30.74
N ALA A 1462 39.24 -12.06 29.83
CA ALA A 1462 40.57 -11.45 29.64
C ALA A 1462 40.97 -10.68 30.89
N THR A 1463 40.11 -9.77 31.36
CA THR A 1463 40.39 -9.00 32.59
C THR A 1463 39.91 -9.82 33.80
N GLY A 1464 39.13 -10.89 33.55
CA GLY A 1464 38.65 -11.75 34.66
C GLY A 1464 37.82 -10.97 35.65
N VAL A 1465 36.79 -10.26 35.17
CA VAL A 1465 35.97 -9.40 36.07
C VAL A 1465 34.52 -9.88 36.05
N ARG A 1466 33.64 -9.17 36.77
CA ARG A 1466 32.19 -9.52 36.76
C ARG A 1466 31.42 -8.29 36.26
N LEU A 1467 31.53 -7.98 34.96
CA LEU A 1467 30.84 -6.79 34.39
C LEU A 1467 29.33 -6.95 34.58
N PRO A 1468 28.59 -5.92 35.05
CA PRO A 1468 27.13 -5.99 35.13
C PRO A 1468 26.45 -6.43 33.81
N THR A 1469 25.21 -6.91 33.90
CA THR A 1469 24.53 -7.39 32.70
C THR A 1469 24.22 -6.25 31.74
N THR A 1470 23.88 -5.08 32.27
CA THR A 1470 23.57 -3.90 31.48
C THR A 1470 24.76 -2.98 31.31
N THR A 1471 25.97 -3.54 31.30
CA THR A 1471 27.19 -2.74 31.16
C THR A 1471 27.17 -1.91 29.89
N VAL A 1472 26.71 -2.49 28.78
CA VAL A 1472 26.66 -1.77 27.51
C VAL A 1472 25.81 -0.52 27.64
N PHE A 1473 24.81 -0.55 28.53
CA PHE A 1473 24.02 0.64 28.78
C PHE A 1473 24.63 1.50 29.87
N ASP A 1474 25.32 0.88 30.82
CA ASP A 1474 25.97 1.64 31.89
C ASP A 1474 27.11 2.50 31.32
N HIS A 1475 27.90 1.93 30.43
CA HIS A 1475 29.00 2.65 29.80
C HIS A 1475 28.76 2.68 28.30
N PRO A 1476 28.16 3.75 27.77
CA PRO A 1476 27.79 3.78 26.34
C PRO A 1476 28.97 3.85 25.40
N ASP A 1477 30.16 4.20 25.87
CA ASP A 1477 31.30 4.38 25.00
C ASP A 1477 32.41 3.44 25.41
N VAL A 1478 33.25 3.08 24.43
CA VAL A 1478 34.43 2.27 24.72
C VAL A 1478 35.40 3.05 25.61
N ARG A 1479 35.43 4.38 25.46
CA ARG A 1479 36.18 5.23 26.38
C ARG A 1479 35.66 5.05 27.81
N THR A 1480 34.35 5.16 27.98
CA THR A 1480 33.74 5.02 29.30
C THR A 1480 33.93 3.61 29.85
N LEU A 1481 33.74 2.60 29.00
CA LEU A 1481 33.90 1.22 29.44
C LEU A 1481 35.34 0.94 29.88
N ALA A 1482 36.31 1.40 29.08
CA ALA A 1482 37.71 1.21 29.44
C ALA A 1482 38.06 1.96 30.73
N ALA A 1483 37.57 3.19 30.88
CA ALA A 1483 37.83 3.95 32.10
C ALA A 1483 37.24 3.25 33.33
N HIS A 1484 36.02 2.71 33.20
CA HIS A 1484 35.41 2.00 34.30
C HIS A 1484 36.18 0.72 34.64
N LEU A 1485 36.61 -0.01 33.61
CA LEU A 1485 37.30 -1.30 33.86
C LEU A 1485 38.65 -1.03 34.52
N THR A 1486 39.40 -0.05 34.02
CA THR A 1486 40.67 0.30 34.66
C THR A 1486 40.47 0.99 35.99
N SER A 1487 39.26 1.49 36.26
CA SER A 1487 38.92 2.04 37.56
C SER A 1487 38.39 0.99 38.52
N GLU A 1488 37.98 -0.18 38.02
CA GLU A 1488 37.57 -1.30 38.86
C GLU A 1488 38.74 -2.19 39.22
N LEU A 1489 39.83 -1.62 39.73
CA LEU A 1489 40.98 -2.40 40.18
C LEU A 1489 41.04 -2.38 41.71
N GLY A 1490 40.16 -3.17 42.30
CA GLY A 1490 40.02 -3.20 43.74
C GLY A 1490 38.66 -2.68 44.18
N MET B 1 -43.58 29.17 0.56
CA MET B 1 -44.43 29.43 -0.60
C MET B 1 -45.58 30.35 -0.24
N ALA B 2 -46.69 29.77 0.19
CA ALA B 2 -47.88 30.53 0.55
C ALA B 2 -48.11 30.50 2.05
N SER B 3 -48.19 29.31 2.62
CA SER B 3 -48.40 29.19 4.06
C SER B 3 -47.13 29.58 4.82
N THR B 4 -47.28 30.49 5.78
CA THR B 4 -46.17 31.07 6.53
C THR B 4 -45.14 31.57 5.53
N ASP B 5 -43.86 31.17 5.63
CA ASP B 5 -42.86 31.62 4.66
C ASP B 5 -41.86 30.52 4.31
N SER B 6 -42.27 29.25 4.35
CA SER B 6 -41.34 28.18 4.00
C SER B 6 -42.13 26.95 3.54
N GLU B 7 -42.17 26.75 2.22
CA GLU B 7 -42.53 25.45 1.66
C GLU B 7 -41.52 24.97 0.63
N LYS B 8 -40.46 25.73 0.46
CA LYS B 8 -39.52 25.31 -0.57
C LYS B 8 -38.26 25.09 0.20
N VAL B 9 -37.66 26.17 0.66
CA VAL B 9 -36.37 26.09 1.33
C VAL B 9 -36.38 25.06 2.45
N ALA B 10 -37.56 24.79 3.03
CA ALA B 10 -37.70 23.72 4.00
C ALA B 10 -37.46 22.34 3.38
N GLU B 11 -37.69 22.20 2.10
CA GLU B 11 -37.39 20.88 1.55
C GLU B 11 -35.92 20.86 1.23
N TYR B 12 -35.41 21.90 0.66
CA TYR B 12 -33.97 21.88 0.41
C TYR B 12 -33.18 21.60 1.69
N LEU B 13 -33.61 22.18 2.81
CA LEU B 13 -32.96 21.85 4.08
C LEU B 13 -33.13 20.37 4.43
N ARG B 14 -34.32 19.82 4.20
CA ARG B 14 -34.56 18.41 4.53
C ARG B 14 -33.67 17.50 3.69
N ARG B 15 -33.58 17.78 2.41
CA ARG B 15 -32.76 16.85 1.63
C ARG B 15 -31.33 17.11 2.07
N ALA B 16 -30.89 18.33 2.10
CA ALA B 16 -29.51 18.56 2.50
C ALA B 16 -29.15 17.84 3.79
N THR B 17 -30.03 17.84 4.78
CA THR B 17 -29.80 17.12 6.02
C THR B 17 -29.73 15.60 5.80
N LEU B 18 -30.66 15.05 5.02
CA LEU B 18 -30.57 13.63 4.67
C LEU B 18 -29.31 13.31 3.88
N ASP B 19 -28.91 14.13 2.96
CA ASP B 19 -27.67 13.80 2.26
C ASP B 19 -26.56 13.86 3.30
N LEU B 20 -26.40 14.95 4.02
CA LEU B 20 -25.31 14.99 4.98
C LEU B 20 -25.29 13.76 5.85
N ARG B 21 -26.45 13.27 6.28
CA ARG B 21 -26.53 12.00 7.00
C ARG B 21 -25.97 10.85 6.16
N ALA B 22 -26.36 10.77 4.89
CA ALA B 22 -25.94 9.70 4.02
C ALA B 22 -24.48 9.80 3.60
N ALA B 23 -23.88 10.99 3.66
CA ALA B 23 -22.46 11.14 3.38
C ALA B 23 -21.59 10.97 4.61
N ARG B 24 -22.12 11.25 5.80
CA ARG B 24 -21.44 11.02 7.06
C ARG B 24 -21.50 9.56 7.49
N GLN B 25 -22.57 8.85 7.14
CA GLN B 25 -22.62 7.40 7.28
C GLN B 25 -21.64 6.69 6.35
N ARG B 26 -21.41 7.25 5.16
CA ARG B 26 -20.37 6.73 4.27
C ARG B 26 -18.99 6.83 4.90
N ILE B 27 -18.69 7.92 5.60
CA ILE B 27 -17.40 8.05 6.26
C ILE B 27 -17.23 6.98 7.33
N ARG B 28 -18.26 6.73 8.14
CA ARG B 28 -18.20 5.73 9.19
C ARG B 28 -18.39 4.32 8.67
N GLU B 29 -18.72 4.19 7.38
CA GLU B 29 -18.76 2.84 6.75
C GLU B 29 -17.52 2.73 5.85
N LEU B 30 -16.50 3.55 6.10
CA LEU B 30 -15.28 3.58 5.26
C LEU B 30 -14.05 3.54 6.15
N GLU B 31 -14.18 3.95 7.42
CA GLU B 31 -12.99 4.04 8.31
C GLU B 31 -13.25 3.24 9.58
N GLY B 32 -14.52 3.17 10.01
CA GLY B 32 -14.86 2.45 11.26
C GLY B 32 -15.85 1.34 10.99
N GLU B 33 -16.13 1.04 9.73
CA GLU B 33 -17.11 -0.02 9.35
C GLU B 33 -16.73 -1.32 10.10
N PRO B 34 -17.58 -1.94 10.98
CA PRO B 34 -17.13 -3.20 11.60
C PRO B 34 -16.90 -4.27 10.55
N VAL B 35 -15.85 -5.05 10.76
CA VAL B 35 -15.50 -6.15 9.86
C VAL B 35 -15.83 -7.44 10.59
N ALA B 36 -16.92 -8.09 10.16
CA ALA B 36 -17.37 -9.30 10.83
C ALA B 36 -16.43 -10.46 10.53
N VAL B 37 -16.08 -11.21 11.57
CA VAL B 37 -15.28 -12.44 11.42
C VAL B 37 -16.26 -13.50 10.96
N VAL B 38 -16.39 -13.65 9.64
CA VAL B 38 -17.36 -14.58 9.08
C VAL B 38 -17.00 -16.01 9.46
N ALA B 39 -15.72 -16.34 9.49
CA ALA B 39 -15.31 -17.69 9.88
C ALA B 39 -13.86 -17.71 10.29
N MET B 40 -13.45 -18.82 10.90
CA MET B 40 -12.10 -19.03 11.39
C MET B 40 -11.64 -20.44 11.02
N ALA B 41 -10.44 -20.58 10.45
CA ALA B 41 -9.89 -21.93 10.19
C ALA B 41 -8.50 -21.94 10.83
N CYS B 42 -8.10 -23.07 11.43
CA CYS B 42 -6.80 -23.02 12.14
C CYS B 42 -6.09 -24.37 12.16
N ARG B 43 -4.76 -24.34 12.13
CA ARG B 43 -3.97 -25.60 12.26
C ARG B 43 -2.95 -25.26 13.36
N LEU B 44 -3.36 -25.26 14.60
CA LEU B 44 -2.47 -24.81 15.66
C LEU B 44 -1.94 -26.04 16.43
N PRO B 45 -0.85 -26.02 17.22
CA PRO B 45 -0.34 -27.15 18.01
C PRO B 45 -1.32 -27.90 18.91
N GLY B 46 -1.03 -29.17 19.21
CA GLY B 46 -1.90 -29.97 20.10
C GLY B 46 -2.87 -30.82 19.32
N GLY B 47 -2.62 -31.03 18.02
CA GLY B 47 -3.55 -31.80 17.16
C GLY B 47 -4.74 -30.95 16.75
N VAL B 48 -4.74 -29.67 17.11
CA VAL B 48 -5.88 -28.77 16.80
C VAL B 48 -5.97 -28.60 15.28
N SER B 49 -7.17 -28.83 14.72
CA SER B 49 -7.36 -28.74 13.26
C SER B 49 -8.59 -27.88 12.94
N THR B 50 -9.22 -27.29 13.97
CA THR B 50 -10.46 -26.56 13.75
C THR B 50 -10.77 -25.74 14.98
N PRO B 51 -11.47 -24.61 14.85
CA PRO B 51 -11.81 -23.79 16.02
C PRO B 51 -12.96 -24.35 16.85
N GLU B 52 -12.96 -25.66 17.06
CA GLU B 52 -13.71 -26.27 18.17
C GLU B 52 -12.89 -27.29 18.93
N GLU B 53 -11.86 -27.89 18.32
CA GLU B 53 -10.80 -28.57 19.04
C GLU B 53 -9.83 -27.58 19.68
N PHE B 54 -9.79 -26.33 19.18
CA PHE B 54 -8.98 -25.28 19.76
C PHE B 54 -9.57 -24.75 21.06
N TRP B 55 -10.90 -24.61 21.13
CA TRP B 55 -11.54 -24.27 22.39
C TRP B 55 -11.53 -25.43 23.38
N GLU B 56 -11.42 -26.66 22.88
CA GLU B 56 -11.25 -27.82 23.75
C GLU B 56 -9.84 -27.93 24.31
N LEU B 57 -8.95 -27.03 23.90
CA LEU B 57 -7.63 -26.88 24.48
C LEU B 57 -7.54 -25.73 25.46
N LEU B 58 -8.16 -24.59 25.14
CA LEU B 58 -8.12 -23.44 26.04
C LEU B 58 -8.96 -23.68 27.30
N SER B 59 -10.15 -24.27 27.12
CA SER B 59 -11.05 -24.44 28.26
C SER B 59 -10.48 -25.37 29.31
N GLU B 60 -9.76 -26.38 28.80
CA GLU B 60 -9.22 -27.43 29.69
C GLU B 60 -7.79 -27.14 30.08
N GLY B 61 -7.27 -25.98 29.74
CA GLY B 61 -5.94 -25.58 30.11
C GLY B 61 -4.86 -26.59 29.73
N ARG B 62 -4.90 -26.95 28.44
CA ARG B 62 -3.96 -27.98 27.95
C ARG B 62 -2.77 -27.24 27.41
N ASP B 63 -1.57 -27.76 27.61
CA ASP B 63 -0.37 -27.22 27.01
C ASP B 63 -0.04 -27.99 25.74
N ALA B 64 0.24 -27.24 24.67
CA ALA B 64 0.38 -27.81 23.33
C ALA B 64 1.84 -27.89 22.90
N VAL B 65 2.77 -27.78 23.83
CA VAL B 65 4.20 -27.94 23.54
C VAL B 65 4.62 -29.30 24.09
N ALA B 66 4.99 -30.21 23.20
CA ALA B 66 5.23 -31.60 23.58
C ALA B 66 6.50 -32.19 23.00
N GLY B 67 7.28 -31.43 22.25
CA GLY B 67 8.55 -31.90 21.73
C GLY B 67 8.76 -31.53 20.28
N LEU B 68 9.99 -31.72 19.82
CA LEU B 68 10.36 -31.38 18.46
C LEU B 68 9.82 -32.42 17.47
N PRO B 69 9.62 -32.04 16.21
CA PRO B 69 9.17 -33.02 15.21
C PRO B 69 10.21 -34.09 14.95
N THR B 70 9.73 -35.26 14.55
CA THR B 70 10.59 -36.39 14.21
C THR B 70 10.54 -36.78 12.75
N ASP B 71 9.38 -36.70 12.09
CA ASP B 71 9.24 -37.08 10.70
C ASP B 71 9.43 -35.92 9.73
N ARG B 72 10.19 -34.90 10.12
CA ARG B 72 10.52 -33.79 9.23
C ARG B 72 11.97 -33.84 8.76
N GLY B 73 12.68 -34.92 9.07
CA GLY B 73 14.08 -35.04 8.71
C GLY B 73 14.99 -34.21 9.61
N TRP B 74 14.44 -33.73 10.72
CA TRP B 74 15.22 -32.90 11.64
C TRP B 74 16.35 -33.71 12.26
N ASP B 75 17.54 -33.11 12.28
CA ASP B 75 18.73 -33.76 12.84
C ASP B 75 18.72 -33.56 14.35
N LEU B 76 17.92 -34.39 15.03
CA LEU B 76 17.66 -34.22 16.45
C LEU B 76 18.87 -34.49 17.34
N ASP B 77 19.95 -35.06 16.79
CA ASP B 77 21.17 -35.25 17.57
C ASP B 77 22.17 -34.12 17.41
N SER B 78 22.19 -33.44 16.27
CA SER B 78 23.05 -32.29 16.05
C SER B 78 22.42 -30.98 16.51
N LEU B 79 21.15 -30.99 16.88
CA LEU B 79 20.48 -29.79 17.37
C LEU B 79 20.77 -29.53 18.85
N PHE B 80 21.37 -30.48 19.56
CA PHE B 80 21.64 -30.33 20.99
C PHE B 80 23.10 -30.67 21.26
N HIS B 81 23.72 -29.88 22.15
CA HIS B 81 25.09 -30.10 22.57
C HIS B 81 25.25 -29.47 23.94
N PRO B 82 26.12 -30.02 24.80
CA PRO B 82 26.31 -29.39 26.12
C PRO B 82 26.77 -27.95 26.06
N ASP B 83 27.53 -27.58 25.03
CA ASP B 83 27.98 -26.20 24.88
C ASP B 83 26.80 -25.31 24.49
N PRO B 84 26.49 -24.26 25.24
CA PRO B 84 25.34 -23.41 24.89
C PRO B 84 25.49 -22.71 23.54
N THR B 85 26.71 -22.50 23.08
CA THR B 85 26.97 -21.73 21.86
C THR B 85 27.72 -22.62 20.85
N ARG B 86 26.95 -23.35 20.03
CA ARG B 86 27.48 -24.09 18.91
C ARG B 86 26.89 -23.52 17.63
N SER B 87 27.43 -23.94 16.48
CA SER B 87 27.01 -23.39 15.19
C SER B 87 25.62 -23.84 14.77
N GLY B 88 25.26 -25.09 15.00
CA GLY B 88 24.01 -25.61 14.50
C GLY B 88 23.09 -26.21 15.55
N THR B 89 23.30 -25.85 16.82
CA THR B 89 22.49 -26.38 17.91
C THR B 89 21.30 -25.47 18.19
N ALA B 90 20.27 -26.04 18.80
CA ALA B 90 19.08 -25.31 19.19
C ALA B 90 18.89 -25.41 20.70
N HIS B 91 18.73 -24.25 21.35
CA HIS B 91 18.41 -24.21 22.76
C HIS B 91 17.02 -24.74 23.06
N GLN B 92 16.18 -24.85 22.03
CA GLN B 92 14.81 -25.32 22.22
C GLN B 92 14.78 -26.84 22.30
N ARG B 93 14.29 -27.36 23.42
CA ARG B 93 14.18 -28.81 23.63
C ARG B 93 12.77 -29.34 23.41
N GLY B 94 11.82 -28.46 23.06
CA GLY B 94 10.44 -28.86 22.86
C GLY B 94 9.76 -27.93 21.89
N GLY B 95 8.53 -27.53 22.22
CA GLY B 95 7.80 -26.60 21.39
C GLY B 95 6.54 -27.19 20.80
N GLY B 96 5.65 -26.34 20.32
CA GLY B 96 4.40 -26.79 19.73
C GLY B 96 4.51 -27.03 18.24
N PHE B 97 4.59 -28.29 17.83
CA PHE B 97 4.82 -28.66 16.45
C PHE B 97 3.76 -29.66 16.02
N LEU B 98 3.10 -29.37 14.91
CA LEU B 98 2.04 -30.22 14.38
C LEU B 98 2.62 -31.31 13.49
N THR B 99 1.82 -32.36 13.26
CA THR B 99 2.18 -33.46 12.39
C THR B 99 1.59 -33.31 10.98
N GLU B 100 0.96 -32.17 10.69
CA GLU B 100 0.28 -31.98 9.41
C GLU B 100 1.17 -31.34 8.35
N ALA B 101 2.42 -31.01 8.67
CA ALA B 101 3.32 -30.46 7.65
C ALA B 101 3.72 -31.53 6.63
N THR B 102 4.09 -32.72 7.10
CA THR B 102 4.29 -33.86 6.22
C THR B 102 2.96 -34.55 5.92
N ALA B 103 1.99 -33.76 5.47
CA ALA B 103 0.65 -34.25 5.24
C ALA B 103 -0.09 -33.25 4.35
N PHE B 104 -0.48 -33.70 3.16
CA PHE B 104 -1.16 -32.83 2.20
C PHE B 104 -1.89 -33.70 1.20
N ASP B 105 -2.87 -33.09 0.52
CA ASP B 105 -3.68 -33.78 -0.47
C ASP B 105 -3.42 -33.14 -1.84
N PRO B 106 -2.35 -33.53 -2.54
CA PRO B 106 -2.07 -32.92 -3.84
C PRO B 106 -3.17 -33.17 -4.87
N ALA B 107 -3.82 -34.33 -4.82
CA ALA B 107 -4.84 -34.65 -5.81
C ALA B 107 -6.05 -33.72 -5.68
N PHE B 108 -6.44 -33.36 -4.46
CA PHE B 108 -7.61 -32.52 -4.26
C PHE B 108 -7.45 -31.16 -4.91
N PHE B 109 -6.32 -30.51 -4.67
CA PHE B 109 -6.11 -29.14 -5.14
C PHE B 109 -5.60 -29.06 -6.57
N GLY B 110 -5.80 -30.12 -7.36
CA GLY B 110 -5.38 -30.11 -8.74
C GLY B 110 -3.88 -29.95 -8.95
N MET B 111 -3.08 -30.59 -8.13
CA MET B 111 -1.63 -30.42 -8.14
C MET B 111 -0.93 -31.77 -8.27
N SER B 112 0.09 -31.83 -9.11
CA SER B 112 0.80 -33.07 -9.36
C SER B 112 1.57 -33.51 -8.13
N PRO B 113 1.86 -34.82 -8.01
CA PRO B 113 2.62 -35.30 -6.85
C PRO B 113 4.05 -34.79 -6.82
N ARG B 114 4.50 -34.20 -7.92
CA ARG B 114 5.82 -33.58 -7.99
C ARG B 114 5.80 -32.10 -7.68
N GLU B 115 4.76 -31.36 -8.10
CA GLU B 115 4.67 -29.95 -7.78
C GLU B 115 4.35 -29.73 -6.30
N ALA B 116 3.57 -30.63 -5.70
CA ALA B 116 3.29 -30.53 -4.27
C ALA B 116 4.53 -30.79 -3.42
N LEU B 117 5.45 -31.60 -3.93
CA LEU B 117 6.67 -31.90 -3.17
C LEU B 117 7.54 -30.66 -3.04
N ALA B 118 7.46 -29.74 -3.99
CA ALA B 118 8.17 -28.46 -3.90
C ALA B 118 7.38 -27.40 -3.15
N VAL B 119 6.11 -27.63 -2.86
CA VAL B 119 5.30 -26.61 -2.19
C VAL B 119 5.69 -26.57 -0.72
N ASP B 120 6.00 -25.37 -0.23
CA ASP B 120 6.45 -25.22 1.14
C ASP B 120 5.33 -25.56 2.12
N PRO B 121 5.67 -25.94 3.35
CA PRO B 121 4.62 -26.21 4.34
C PRO B 121 3.80 -24.99 4.67
N GLN B 122 4.32 -23.79 4.39
CA GLN B 122 3.61 -22.55 4.58
C GLN B 122 2.37 -22.42 3.70
N GLN B 123 2.36 -23.05 2.52
CA GLN B 123 1.22 -22.93 1.62
C GLN B 123 0.32 -24.16 1.62
N ARG B 124 0.89 -25.34 1.83
CA ARG B 124 0.10 -26.57 1.90
C ARG B 124 -0.86 -26.59 3.08
N LEU B 125 -0.50 -25.92 4.18
CA LEU B 125 -1.37 -25.81 5.35
C LEU B 125 -2.14 -24.48 5.32
N MET B 126 -2.08 -23.79 4.18
CA MET B 126 -2.87 -22.59 3.95
C MET B 126 -3.92 -22.79 2.86
N LEU B 127 -3.60 -23.55 1.82
CA LEU B 127 -4.63 -24.01 0.89
C LEU B 127 -5.76 -24.70 1.63
N GLU B 128 -5.41 -25.51 2.63
CA GLU B 128 -6.40 -26.19 3.45
C GLU B 128 -7.27 -25.22 4.24
N LEU B 129 -6.67 -24.17 4.80
CA LEU B 129 -7.37 -23.23 5.66
C LEU B 129 -8.21 -22.23 4.88
N SER B 130 -8.10 -22.19 3.55
CA SER B 130 -9.03 -21.42 2.74
C SER B 130 -10.27 -22.21 2.37
N TRP B 131 -10.11 -23.49 2.03
CA TRP B 131 -11.27 -24.35 1.83
C TRP B 131 -12.04 -24.55 3.13
N GLU B 132 -11.29 -24.66 4.19
CA GLU B 132 -11.97 -24.94 5.45
C GLU B 132 -12.71 -23.69 5.88
N VAL B 133 -12.11 -22.54 5.87
CA VAL B 133 -12.73 -21.33 6.42
C VAL B 133 -14.00 -20.98 5.65
N LEU B 134 -14.11 -21.42 4.40
CA LEU B 134 -15.30 -21.20 3.59
C LEU B 134 -16.35 -22.28 3.78
N GLU B 135 -15.94 -23.55 3.85
CA GLU B 135 -16.89 -24.64 4.03
C GLU B 135 -17.63 -24.58 5.36
N ARG B 136 -17.07 -23.89 6.35
CA ARG B 136 -17.74 -23.71 7.64
C ARG B 136 -18.43 -22.36 7.76
N ALA B 137 -18.30 -21.48 6.77
CA ALA B 137 -18.98 -20.20 6.77
C ALA B 137 -20.21 -20.20 5.88
N GLY B 138 -20.60 -21.34 5.35
CA GLY B 138 -21.76 -21.42 4.47
C GLY B 138 -21.45 -21.15 3.02
N ILE B 139 -20.34 -20.47 2.77
CA ILE B 139 -19.90 -20.19 1.40
C ILE B 139 -19.46 -21.48 0.71
N PRO B 140 -20.03 -21.82 -0.43
CA PRO B 140 -19.43 -22.85 -1.28
C PRO B 140 -18.07 -22.39 -1.77
N PRO B 141 -17.01 -23.15 -1.50
CA PRO B 141 -15.68 -22.66 -1.92
C PRO B 141 -15.57 -22.41 -3.41
N THR B 142 -16.11 -23.30 -4.25
CA THR B 142 -15.96 -23.15 -5.69
C THR B 142 -16.89 -22.10 -6.27
N SER B 143 -17.64 -21.39 -5.42
CA SER B 143 -18.53 -20.32 -5.87
C SER B 143 -17.81 -18.97 -6.01
N LEU B 144 -16.57 -18.86 -5.53
CA LEU B 144 -15.82 -17.60 -5.66
C LEU B 144 -14.89 -17.67 -6.87
N GLN B 145 -15.52 -17.60 -8.04
CA GLN B 145 -14.81 -17.51 -9.31
C GLN B 145 -15.04 -16.12 -9.89
N ALA B 146 -13.95 -15.40 -10.12
CA ALA B 146 -13.97 -14.01 -10.61
C ALA B 146 -14.73 -13.09 -9.66
N SER B 147 -14.80 -13.43 -8.37
CA SER B 147 -15.47 -12.62 -7.36
C SER B 147 -14.43 -11.86 -6.54
N PRO B 148 -14.67 -10.59 -6.23
CA PRO B 148 -13.68 -9.83 -5.45
C PRO B 148 -13.55 -10.32 -4.03
N THR B 149 -12.42 -10.97 -3.72
CA THR B 149 -12.15 -11.44 -2.37
C THR B 149 -10.64 -11.53 -2.21
N GLY B 150 -10.08 -10.67 -1.35
CA GLY B 150 -8.63 -10.60 -1.21
C GLY B 150 -8.10 -11.65 -0.25
N VAL B 151 -6.88 -12.09 -0.51
CA VAL B 151 -6.18 -13.08 0.32
C VAL B 151 -5.01 -12.37 0.98
N PHE B 152 -5.21 -11.94 2.22
CA PHE B 152 -4.26 -11.10 2.94
C PHE B 152 -3.57 -12.00 3.96
N VAL B 153 -2.33 -12.42 3.70
CA VAL B 153 -1.70 -13.46 4.50
C VAL B 153 -0.35 -12.99 5.00
N GLY B 154 -0.13 -13.11 6.31
CA GLY B 154 1.14 -12.71 6.93
C GLY B 154 2.06 -13.89 7.15
N LEU B 155 3.28 -13.85 6.60
CA LEU B 155 4.17 -15.05 6.66
C LEU B 155 5.57 -14.68 7.14
N ILE B 156 6.48 -15.67 7.17
CA ILE B 156 7.90 -15.44 7.55
C ILE B 156 8.73 -16.31 6.59
N PRO B 157 9.70 -15.76 5.83
CA PRO B 157 10.46 -16.55 4.85
C PRO B 157 11.10 -17.78 5.49
N GLN B 158 10.79 -18.97 4.98
CA GLN B 158 11.32 -20.22 5.60
C GLN B 158 12.11 -21.03 4.57
N GLU B 159 12.91 -22.01 5.03
CA GLU B 159 13.68 -22.84 4.13
C GLU B 159 13.10 -24.25 4.14
N TYR B 160 12.38 -24.61 3.07
CA TYR B 160 11.67 -25.88 3.00
C TYR B 160 12.56 -27.01 2.50
N GLY B 161 13.09 -26.89 1.29
CA GLY B 161 13.86 -27.95 0.68
C GLY B 161 15.22 -27.51 0.22
N PRO B 162 15.75 -28.18 -0.81
CA PRO B 162 17.04 -27.79 -1.37
C PRO B 162 17.05 -26.32 -1.80
N ARG B 163 18.26 -25.77 -1.91
CA ARG B 163 18.41 -24.38 -2.32
C ARG B 163 17.91 -24.19 -3.75
N LEU B 164 17.50 -22.96 -4.05
CA LEU B 164 16.98 -22.66 -5.38
C LEU B 164 18.00 -22.91 -6.48
N ALA B 165 19.29 -22.84 -6.15
CA ALA B 165 20.36 -23.16 -7.10
C ALA B 165 20.76 -24.62 -7.06
N GLU B 166 20.08 -25.43 -6.26
CA GLU B 166 20.34 -26.86 -6.11
C GLU B 166 19.08 -27.66 -6.36
N GLY B 167 18.39 -27.34 -7.47
CA GLY B 167 17.13 -27.96 -7.82
C GLY B 167 17.17 -29.48 -7.89
N GLY B 168 16.10 -30.11 -7.42
CA GLY B 168 16.05 -31.56 -7.34
C GLY B 168 15.87 -32.26 -8.68
N GLU B 169 15.31 -33.47 -8.63
CA GLU B 169 15.07 -34.26 -9.83
C GLU B 169 13.72 -33.91 -10.48
N GLY B 170 12.64 -33.97 -9.70
CA GLY B 170 11.33 -33.62 -10.20
C GLY B 170 10.92 -32.22 -9.79
N VAL B 171 11.44 -31.76 -8.65
CA VAL B 171 11.13 -30.43 -8.15
C VAL B 171 12.18 -29.47 -8.69
N GLU B 172 11.99 -29.03 -9.93
CA GLU B 172 12.94 -28.12 -10.56
C GLU B 172 12.30 -26.78 -10.88
N GLY B 173 11.18 -26.81 -11.61
CA GLY B 173 10.48 -25.58 -11.94
C GLY B 173 9.43 -25.16 -10.93
N TYR B 174 9.15 -26.00 -9.93
CA TYR B 174 8.16 -25.72 -8.90
C TYR B 174 8.81 -25.33 -7.58
N LEU B 175 10.14 -25.31 -7.52
CA LEU B 175 10.86 -25.11 -6.26
C LEU B 175 10.80 -23.68 -5.75
N MET B 176 10.58 -22.69 -6.61
CA MET B 176 10.37 -21.33 -6.15
C MET B 176 8.90 -20.94 -6.18
N THR B 177 8.15 -21.37 -7.19
CA THR B 177 6.73 -21.08 -7.27
C THR B 177 5.91 -21.92 -6.30
N GLY B 178 6.56 -22.69 -5.43
CA GLY B 178 5.88 -23.40 -4.37
C GLY B 178 6.45 -23.06 -3.01
N THR B 179 7.54 -22.29 -2.98
CA THR B 179 8.19 -21.92 -1.72
C THR B 179 8.21 -20.42 -1.44
N THR B 180 8.23 -19.57 -2.47
CA THR B 180 8.21 -18.14 -2.23
C THR B 180 6.89 -17.73 -1.59
N THR B 181 6.96 -16.72 -0.73
CA THR B 181 5.76 -16.29 -0.02
C THR B 181 4.77 -15.60 -0.94
N SER B 182 5.25 -15.11 -2.09
CA SER B 182 4.35 -14.42 -3.04
C SER B 182 3.28 -15.36 -3.55
N VAL B 183 3.64 -16.59 -3.88
CA VAL B 183 2.71 -17.55 -4.48
C VAL B 183 1.83 -18.21 -3.42
N ALA B 184 1.95 -17.78 -2.16
CA ALA B 184 1.10 -18.34 -1.11
C ALA B 184 -0.32 -17.77 -1.19
N SER B 185 -0.45 -16.45 -1.05
CA SER B 185 -1.75 -15.81 -1.26
C SER B 185 -2.20 -15.95 -2.70
N GLY B 186 -1.28 -16.20 -3.62
CA GLY B 186 -1.62 -16.37 -5.02
C GLY B 186 -2.10 -17.76 -5.39
N ARG B 187 -1.55 -18.79 -4.74
CA ARG B 187 -1.96 -20.15 -5.06
C ARG B 187 -3.42 -20.39 -4.70
N ILE B 188 -3.88 -19.84 -3.58
CA ILE B 188 -5.29 -19.92 -3.25
C ILE B 188 -6.11 -19.09 -4.22
N ALA B 189 -5.61 -17.89 -4.55
CA ALA B 189 -6.29 -17.03 -5.51
C ALA B 189 -6.39 -17.67 -6.89
N TYR B 190 -5.49 -18.61 -7.18
CA TYR B 190 -5.53 -19.32 -8.46
C TYR B 190 -6.41 -20.56 -8.40
N THR B 191 -6.11 -21.45 -7.44
CA THR B 191 -6.84 -22.70 -7.34
C THR B 191 -8.31 -22.45 -7.08
N LEU B 192 -8.62 -21.49 -6.23
CA LEU B 192 -9.98 -21.21 -5.83
C LEU B 192 -10.65 -20.18 -6.74
N GLY B 193 -9.90 -19.55 -7.63
CA GLY B 193 -10.46 -18.62 -8.60
C GLY B 193 -10.78 -17.23 -8.10
N LEU B 194 -10.16 -16.79 -7.02
CA LEU B 194 -10.47 -15.47 -6.48
C LEU B 194 -9.81 -14.38 -7.32
N GLU B 195 -10.51 -13.26 -7.50
CA GLU B 195 -9.99 -12.10 -8.23
C GLU B 195 -10.09 -10.89 -7.29
N GLY B 196 -9.04 -10.70 -6.50
CA GLY B 196 -8.96 -9.57 -5.59
C GLY B 196 -7.53 -9.34 -5.14
N PRO B 197 -7.34 -8.44 -4.18
CA PRO B 197 -5.97 -8.18 -3.70
C PRO B 197 -5.42 -9.33 -2.86
N ALA B 198 -4.53 -10.12 -3.45
CA ALA B 198 -3.92 -11.27 -2.76
C ALA B 198 -2.48 -10.89 -2.44
N ILE B 199 -2.27 -10.45 -1.21
CA ILE B 199 -0.99 -9.92 -0.76
C ILE B 199 -0.42 -10.81 0.34
N SER B 200 0.88 -11.08 0.24
CA SER B 200 1.64 -11.78 1.26
C SER B 200 2.43 -10.74 2.04
N VAL B 201 1.84 -10.26 3.13
CA VAL B 201 2.50 -9.31 4.03
C VAL B 201 3.49 -10.06 4.90
N ASP B 202 4.48 -9.36 5.44
CA ASP B 202 5.52 -9.99 6.24
C ASP B 202 6.01 -8.98 7.26
N THR B 203 5.51 -9.08 8.50
CA THR B 203 5.96 -8.26 9.61
C THR B 203 6.33 -9.12 10.80
N ALA B 204 7.09 -10.18 10.55
CA ALA B 204 7.63 -11.08 11.58
C ALA B 204 6.47 -11.74 12.32
N CYS B 205 6.42 -11.67 13.65
CA CYS B 205 5.39 -12.36 14.42
C CYS B 205 4.10 -11.57 14.50
N SER B 206 4.08 -10.34 13.98
CA SER B 206 2.86 -9.54 13.90
C SER B 206 2.20 -9.66 12.55
N SER B 207 2.71 -10.52 11.68
CA SER B 207 2.24 -10.66 10.30
C SER B 207 0.76 -11.00 10.20
N SER B 208 0.24 -11.81 11.13
CA SER B 208 -1.17 -12.18 11.07
C SER B 208 -2.09 -11.00 11.31
N LEU B 209 -1.87 -10.24 12.39
CA LEU B 209 -2.73 -9.09 12.64
C LEU B 209 -2.47 -7.97 11.64
N VAL B 210 -1.27 -7.90 11.06
CA VAL B 210 -1.03 -6.92 10.01
C VAL B 210 -1.82 -7.29 8.75
N ALA B 211 -1.87 -8.58 8.41
CA ALA B 211 -2.70 -9.02 7.30
C ALA B 211 -4.18 -8.76 7.59
N VAL B 212 -4.61 -8.96 8.84
CA VAL B 212 -5.98 -8.65 9.23
C VAL B 212 -6.24 -7.16 9.05
N HIS B 213 -5.29 -6.31 9.48
CA HIS B 213 -5.36 -4.88 9.24
C HIS B 213 -5.55 -4.56 7.76
N LEU B 214 -4.72 -5.15 6.91
CA LEU B 214 -4.79 -4.84 5.49
C LEU B 214 -6.11 -5.28 4.87
N ALA B 215 -6.59 -6.48 5.22
CA ALA B 215 -7.89 -6.94 4.73
C ALA B 215 -9.04 -6.07 5.24
N CYS B 216 -9.01 -5.68 6.52
CA CYS B 216 -10.07 -4.84 7.06
C CYS B 216 -10.10 -3.48 6.40
N GLN B 217 -8.92 -2.89 6.16
CA GLN B 217 -8.86 -1.60 5.49
C GLN B 217 -9.18 -1.69 4.00
N SER B 218 -8.99 -2.84 3.37
CA SER B 218 -9.46 -3.06 2.01
C SER B 218 -10.95 -3.40 1.94
N LEU B 219 -11.55 -3.82 3.05
CA LEU B 219 -12.99 -4.12 3.10
C LEU B 219 -13.80 -2.86 3.39
N ARG B 220 -13.34 -2.05 4.35
CA ARG B 220 -14.01 -0.81 4.72
C ARG B 220 -14.11 0.11 3.51
N ARG B 221 -13.07 0.02 2.68
CA ARG B 221 -12.95 0.92 1.49
C ARG B 221 -13.83 0.37 0.43
N GLY B 222 -13.62 -0.84 0.09
CA GLY B 222 -14.28 -1.56 -0.96
C GLY B 222 -13.33 -1.77 -2.13
N GLU B 223 -12.65 -2.91 -2.11
CA GLU B 223 -11.88 -3.43 -3.22
C GLU B 223 -12.10 -4.92 -3.42
N SER B 224 -12.48 -5.64 -2.37
CA SER B 224 -12.89 -7.04 -2.44
C SER B 224 -14.07 -7.21 -1.50
N SER B 225 -15.14 -7.84 -1.97
CA SER B 225 -16.34 -7.98 -1.13
C SER B 225 -16.06 -8.80 0.11
N LEU B 226 -15.30 -9.89 -0.02
CA LEU B 226 -14.93 -10.77 1.08
C LEU B 226 -13.42 -10.72 1.25
N ALA B 227 -12.92 -11.36 2.30
CA ALA B 227 -11.47 -11.39 2.49
C ALA B 227 -11.07 -12.60 3.32
N MET B 228 -9.87 -13.12 3.08
CA MET B 228 -9.25 -14.12 3.94
C MET B 228 -7.95 -13.55 4.50
N ALA B 229 -7.95 -13.23 5.78
CA ALA B 229 -6.82 -12.59 6.45
C ALA B 229 -6.29 -13.49 7.55
N GLY B 230 -4.98 -13.72 7.56
CA GLY B 230 -4.41 -14.56 8.59
C GLY B 230 -2.94 -14.79 8.39
N GLY B 231 -2.40 -15.71 9.19
CA GLY B 231 -1.00 -16.05 9.12
C GLY B 231 -0.72 -17.49 9.47
N VAL B 232 0.29 -18.05 8.80
CA VAL B 232 0.68 -19.48 9.02
C VAL B 232 2.22 -19.56 9.00
N THR B 233 2.88 -20.13 9.97
CA THR B 233 4.34 -20.27 9.90
C THR B 233 4.61 -21.66 10.34
N VAL B 234 5.03 -22.53 9.42
CA VAL B 234 5.39 -23.95 9.73
C VAL B 234 6.86 -24.14 9.32
N MET B 235 7.80 -23.76 10.20
CA MET B 235 9.25 -23.83 9.85
C MET B 235 9.62 -25.27 9.49
N PRO B 236 10.12 -25.54 8.26
CA PRO B 236 10.43 -26.89 7.79
C PRO B 236 11.84 -27.39 8.12
N THR B 237 12.85 -26.50 8.06
CA THR B 237 14.22 -26.89 8.46
C THR B 237 14.38 -26.56 9.93
N PRO B 238 15.19 -27.31 10.72
CA PRO B 238 15.45 -26.94 12.10
C PRO B 238 16.47 -25.79 12.17
N GLY B 239 16.09 -24.58 11.72
CA GLY B 239 17.06 -23.48 11.66
C GLY B 239 16.53 -22.19 12.28
N MET B 240 15.22 -21.99 12.27
CA MET B 240 14.65 -20.80 12.94
C MET B 240 15.05 -20.84 14.41
N LEU B 241 14.80 -21.97 15.09
CA LEU B 241 15.21 -22.11 16.51
C LEU B 241 16.71 -21.86 16.63
N VAL B 242 17.54 -22.51 15.80
CA VAL B 242 19.02 -22.37 15.90
C VAL B 242 19.43 -20.89 15.91
N ASP B 243 18.96 -20.10 14.96
CA ASP B 243 19.39 -18.68 14.86
C ASP B 243 18.88 -17.90 16.09
N PHE B 244 17.63 -18.15 16.49
CA PHE B 244 17.05 -17.46 17.66
C PHE B 244 17.78 -17.90 18.94
N SER B 245 18.25 -19.15 18.97
CA SER B 245 18.99 -19.68 20.14
C SER B 245 20.37 -19.00 20.23
N ARG B 246 20.94 -18.64 19.08
CA ARG B 246 22.24 -17.92 19.08
C ARG B 246 22.02 -16.49 19.53
N MET B 247 20.81 -15.96 19.36
CA MET B 247 20.49 -14.61 19.89
C MET B 247 20.12 -14.75 21.37
N ASN B 248 20.28 -15.95 21.94
CA ASN B 248 19.97 -16.20 23.38
C ASN B 248 18.57 -15.68 23.67
N SER B 249 17.56 -16.20 22.96
CA SER B 249 16.22 -15.67 23.10
C SER B 249 15.15 -16.74 23.25
N LEU B 250 15.53 -18.01 23.39
CA LEU B 250 14.58 -19.11 23.51
C LEU B 250 14.59 -19.67 24.92
N ALA B 251 13.56 -20.48 25.20
CA ALA B 251 13.41 -21.18 26.47
C ALA B 251 13.87 -22.63 26.33
N PRO B 252 14.49 -23.19 27.37
CA PRO B 252 14.97 -24.58 27.28
C PRO B 252 13.87 -25.61 27.44
N ASP B 253 12.62 -25.15 27.55
CA ASP B 253 11.50 -26.06 27.73
C ASP B 253 10.35 -25.82 26.75
N GLY B 254 10.37 -24.73 25.98
CA GLY B 254 9.38 -24.50 24.95
C GLY B 254 8.09 -23.86 25.40
N ARG B 255 8.01 -23.39 26.65
CA ARG B 255 6.80 -22.80 27.17
C ARG B 255 6.92 -21.28 27.16
N CYS B 256 5.93 -20.61 26.56
CA CYS B 256 5.85 -19.15 26.58
C CYS B 256 5.24 -18.74 27.91
N LYS B 257 6.09 -18.71 28.94
CA LYS B 257 5.65 -18.37 30.29
C LYS B 257 5.38 -16.86 30.33
N ALA B 258 4.20 -16.49 29.86
CA ALA B 258 3.86 -15.08 29.70
C ALA B 258 3.61 -14.44 31.06
N PHE B 259 4.26 -13.30 31.28
CA PHE B 259 4.06 -12.49 32.50
C PHE B 259 4.27 -13.33 33.75
N SER B 260 5.31 -14.15 33.74
CA SER B 260 5.61 -15.05 34.84
C SER B 260 7.06 -14.90 35.26
N ALA B 261 7.34 -15.23 36.53
CA ALA B 261 8.69 -15.15 37.06
C ALA B 261 9.62 -16.14 36.39
N GLY B 262 9.10 -17.19 35.79
CA GLY B 262 9.88 -18.19 35.09
C GLY B 262 10.13 -17.89 33.63
N ALA B 263 9.92 -16.65 33.20
CA ALA B 263 10.12 -16.29 31.80
C ALA B 263 11.56 -16.51 31.37
N ASN B 264 11.73 -17.15 30.21
CA ASN B 264 13.05 -17.49 29.68
C ASN B 264 13.30 -16.99 28.28
N GLY B 265 12.26 -16.67 27.51
CA GLY B 265 12.39 -16.24 26.14
C GLY B 265 11.23 -16.76 25.32
N PHE B 266 11.46 -16.92 24.02
CA PHE B 266 10.44 -17.50 23.16
C PHE B 266 10.28 -18.99 23.44
N GLY B 267 9.02 -19.41 23.57
CA GLY B 267 8.68 -20.82 23.56
C GLY B 267 8.23 -21.20 22.17
N MET B 268 8.98 -20.73 21.17
CA MET B 268 8.60 -20.74 19.77
C MET B 268 7.95 -22.05 19.33
N ALA B 269 6.86 -21.94 18.59
CA ALA B 269 6.10 -23.06 18.08
C ALA B 269 5.79 -22.81 16.60
N GLU B 270 5.03 -23.72 16.01
CA GLU B 270 4.59 -23.55 14.63
C GLU B 270 3.08 -23.76 14.56
N GLY B 271 2.41 -22.92 13.78
CA GLY B 271 0.97 -22.99 13.71
C GLY B 271 0.45 -22.26 12.48
N ALA B 272 -0.88 -22.21 12.40
CA ALA B 272 -1.54 -21.60 11.25
C ALA B 272 -2.66 -20.67 11.69
N GLY B 273 -3.48 -20.24 10.74
CA GLY B 273 -4.64 -19.43 11.05
C GLY B 273 -5.13 -18.61 9.88
N MET B 274 -6.45 -18.53 9.71
CA MET B 274 -7.07 -17.74 8.67
C MET B 274 -8.46 -17.31 9.13
N LEU B 275 -8.86 -16.12 8.72
CA LEU B 275 -10.14 -15.53 9.11
C LEU B 275 -10.86 -15.08 7.86
N LEU B 276 -12.04 -15.63 7.62
CA LEU B 276 -12.93 -15.11 6.59
C LEU B 276 -13.65 -13.90 7.17
N LEU B 277 -13.42 -12.74 6.54
CA LEU B 277 -13.89 -11.46 7.03
C LEU B 277 -14.71 -10.76 5.95
N GLU B 278 -15.66 -9.95 6.39
CA GLU B 278 -16.51 -9.17 5.51
C GLU B 278 -17.03 -7.98 6.31
N ARG B 279 -17.64 -7.04 5.59
CA ARG B 279 -18.09 -5.85 6.31
C ARG B 279 -19.38 -6.23 7.00
N LEU B 280 -19.54 -5.90 8.26
CA LEU B 280 -20.71 -6.38 9.05
C LEU B 280 -21.97 -6.24 8.20
N SER B 281 -22.21 -5.04 7.65
CA SER B 281 -23.38 -4.79 6.78
C SER B 281 -23.51 -5.91 5.73
N ASP B 282 -22.55 -6.12 4.88
CA ASP B 282 -22.78 -7.17 3.86
C ASP B 282 -22.91 -8.52 4.52
N ALA B 283 -21.97 -8.95 5.36
CA ALA B 283 -22.13 -10.31 5.94
C ALA B 283 -23.57 -10.54 6.39
N ARG B 284 -24.12 -9.62 7.18
CA ARG B 284 -25.51 -9.77 7.71
C ARG B 284 -26.51 -9.82 6.55
N ARG B 285 -26.34 -9.00 5.54
CA ARG B 285 -27.32 -8.98 4.42
C ARG B 285 -27.29 -10.33 3.75
N ASN B 286 -26.14 -10.74 3.26
CA ASN B 286 -26.09 -12.01 2.47
C ASN B 286 -26.32 -13.19 3.43
N GLY B 287 -26.61 -12.92 4.70
CA GLY B 287 -26.95 -13.97 5.65
C GLY B 287 -25.79 -14.81 6.13
N HIS B 288 -24.56 -14.43 5.84
CA HIS B 288 -23.43 -15.24 6.25
C HIS B 288 -23.26 -15.18 7.77
N PRO B 289 -22.76 -16.24 8.40
CA PRO B 289 -22.58 -16.21 9.85
C PRO B 289 -21.62 -15.11 10.28
N VAL B 290 -21.95 -14.48 11.41
CA VAL B 290 -21.11 -13.45 12.00
C VAL B 290 -20.69 -13.95 13.38
N LEU B 291 -19.39 -14.24 13.54
CA LEU B 291 -18.87 -14.74 14.80
C LEU B 291 -18.43 -13.60 15.70
N ALA B 292 -17.71 -12.62 15.15
CA ALA B 292 -17.32 -11.42 15.87
C ALA B 292 -17.00 -10.35 14.85
N VAL B 293 -17.01 -9.10 15.30
CA VAL B 293 -16.77 -7.95 14.43
C VAL B 293 -15.46 -7.29 14.85
N LEU B 294 -14.61 -7.02 13.86
CA LEU B 294 -13.34 -6.34 14.09
C LEU B 294 -13.59 -4.83 13.98
N ARG B 295 -13.83 -4.19 15.12
CA ARG B 295 -14.19 -2.78 15.13
C ARG B 295 -13.07 -1.91 14.59
N GLY B 296 -11.84 -2.18 15.02
CA GLY B 296 -10.71 -1.38 14.58
C GLY B 296 -9.41 -2.14 14.73
N THR B 297 -8.40 -1.68 13.99
CA THR B 297 -7.06 -2.25 14.02
C THR B 297 -6.04 -1.15 13.86
N ALA B 298 -4.80 -1.45 14.24
CA ALA B 298 -3.71 -0.50 14.06
C ALA B 298 -2.39 -1.25 13.87
N VAL B 299 -1.52 -0.66 13.04
CA VAL B 299 -0.16 -1.14 12.81
C VAL B 299 0.78 0.04 13.02
N ASN B 300 1.86 -0.19 13.75
CA ASN B 300 2.67 0.91 14.28
C ASN B 300 4.08 0.39 14.53
N SER B 301 5.08 1.00 13.90
CA SER B 301 6.44 0.51 14.04
C SER B 301 7.02 0.87 15.40
N ASP B 302 7.96 0.04 15.87
CA ASP B 302 8.65 0.32 17.12
C ASP B 302 9.55 1.55 17.02
N GLY B 303 9.97 1.92 15.81
CA GLY B 303 10.85 3.07 15.67
C GLY B 303 12.27 2.76 16.12
N ALA B 304 12.97 3.80 16.56
CA ALA B 304 14.36 3.68 17.00
C ALA B 304 14.37 3.08 18.41
N SER B 305 14.32 1.75 18.47
CA SER B 305 14.34 1.03 19.74
C SER B 305 15.80 0.81 20.15
N ASN B 306 16.00 -0.03 21.17
CA ASN B 306 17.32 -0.37 21.67
C ASN B 306 17.84 -1.67 21.06
N GLY B 307 17.45 -1.94 19.82
CA GLY B 307 17.80 -3.15 19.12
C GLY B 307 16.69 -3.50 18.14
N LEU B 308 17.06 -4.23 17.08
CA LEU B 308 16.09 -4.61 16.07
C LEU B 308 14.99 -5.48 16.66
N SER B 309 15.37 -6.47 17.45
CA SER B 309 14.40 -7.34 18.10
C SER B 309 13.89 -6.77 19.42
N ALA B 310 14.51 -5.71 19.92
CA ALA B 310 14.09 -5.13 21.19
C ALA B 310 12.75 -4.42 21.02
N PRO B 311 11.81 -4.60 21.95
CA PRO B 311 10.52 -3.92 21.86
C PRO B 311 10.58 -2.49 22.38
N ASN B 312 9.65 -1.69 21.89
CA ASN B 312 9.53 -0.29 22.30
C ASN B 312 8.40 -0.12 23.29
N GLY B 313 8.69 0.55 24.40
CA GLY B 313 7.72 0.74 25.45
C GLY B 313 6.70 1.84 25.19
N ARG B 314 7.03 2.75 24.28
CA ARG B 314 6.15 3.87 23.97
C ARG B 314 5.59 3.81 22.55
N ALA B 315 5.97 2.80 21.77
CA ALA B 315 5.38 2.57 20.47
C ALA B 315 4.20 1.60 20.51
N GLN B 316 4.16 0.72 21.52
CA GLN B 316 2.97 -0.10 21.73
C GLN B 316 1.80 0.71 22.23
N VAL B 317 2.06 1.74 23.04
CA VAL B 317 0.98 2.56 23.57
C VAL B 317 0.27 3.30 22.44
N ARG B 318 0.96 3.58 21.34
CA ARG B 318 0.36 4.27 20.21
C ARG B 318 -0.29 3.33 19.21
N VAL B 319 -0.01 2.03 19.27
CA VAL B 319 -0.67 1.07 18.39
C VAL B 319 -1.96 0.59 19.03
N ILE B 320 -1.99 0.56 20.36
CA ILE B 320 -3.21 0.15 21.07
C ILE B 320 -4.14 1.31 21.33
N GLN B 321 -3.67 2.55 21.11
CA GLN B 321 -4.54 3.71 21.11
C GLN B 321 -5.00 4.12 19.71
N GLN B 322 -4.19 3.86 18.68
CA GLN B 322 -4.65 4.09 17.31
C GLN B 322 -5.77 3.12 16.94
N ALA B 323 -5.66 1.85 17.36
CA ALA B 323 -6.75 0.90 17.21
C ALA B 323 -7.90 1.21 18.16
N LEU B 324 -7.68 2.05 19.17
CA LEU B 324 -8.72 2.49 20.09
C LEU B 324 -9.39 3.78 19.63
N ALA B 325 -8.71 4.59 18.82
CA ALA B 325 -9.28 5.80 18.25
C ALA B 325 -9.82 5.57 16.85
N GLU B 326 -9.54 4.42 16.25
CA GLU B 326 -10.08 4.06 14.94
C GLU B 326 -11.37 3.26 15.04
N SER B 327 -11.58 2.51 16.12
CA SER B 327 -12.83 1.82 16.37
C SER B 327 -13.85 2.69 17.09
N GLY B 328 -13.46 3.87 17.54
CA GLY B 328 -14.38 4.75 18.25
C GLY B 328 -14.69 4.31 19.66
N LEU B 329 -13.85 3.49 20.27
CA LEU B 329 -14.07 2.97 21.62
C LEU B 329 -13.09 3.62 22.60
N GLY B 330 -13.19 3.21 23.86
CA GLY B 330 -12.32 3.72 24.90
C GLY B 330 -11.62 2.62 25.65
N PRO B 331 -10.64 2.99 26.48
CA PRO B 331 -9.87 1.97 27.21
C PRO B 331 -10.70 1.15 28.19
N ALA B 332 -11.84 1.66 28.65
CA ALA B 332 -12.66 0.95 29.63
C ALA B 332 -13.64 -0.04 29.00
N ASP B 333 -13.74 -0.05 27.67
CA ASP B 333 -14.68 -0.95 27.00
C ASP B 333 -14.12 -2.35 26.78
N ILE B 334 -12.79 -2.48 26.69
CA ILE B 334 -12.16 -3.77 26.42
C ILE B 334 -12.07 -4.54 27.74
N ASP B 335 -12.80 -5.65 27.82
CA ASP B 335 -12.78 -6.46 29.03
C ASP B 335 -11.48 -7.26 29.16
N ALA B 336 -11.04 -7.88 28.06
CA ALA B 336 -9.89 -8.77 28.08
C ALA B 336 -8.97 -8.42 26.92
N VAL B 337 -7.68 -8.69 27.11
CA VAL B 337 -6.66 -8.42 26.11
C VAL B 337 -5.85 -9.68 25.88
N GLU B 338 -5.86 -10.16 24.63
CA GLU B 338 -4.97 -11.22 24.18
C GLU B 338 -3.65 -10.55 23.82
N ALA B 339 -2.80 -10.37 24.82
CA ALA B 339 -1.50 -9.76 24.61
C ALA B 339 -0.59 -10.74 23.86
N HIS B 340 0.57 -10.23 23.45
CA HIS B 340 1.56 -11.10 22.83
C HIS B 340 1.98 -12.21 23.78
N GLY B 341 2.26 -11.86 25.03
CA GLY B 341 2.65 -12.86 26.01
C GLY B 341 3.90 -13.61 25.58
N THR B 342 4.91 -12.86 25.15
CA THR B 342 6.08 -13.44 24.50
C THR B 342 6.79 -14.45 25.40
N GLY B 343 6.73 -14.25 26.71
CA GLY B 343 7.50 -15.07 27.62
C GLY B 343 8.93 -14.65 27.79
N THR B 344 9.34 -13.53 27.19
CA THR B 344 10.69 -13.03 27.36
C THR B 344 10.80 -12.25 28.67
N ARG B 345 12.03 -12.18 29.19
CA ARG B 345 12.28 -11.52 30.46
C ARG B 345 12.40 -10.00 30.33
N LEU B 346 12.54 -9.47 29.11
CA LEU B 346 12.57 -8.03 28.90
C LEU B 346 11.59 -7.58 27.84
N GLY B 347 10.79 -8.49 27.29
CA GLY B 347 9.77 -8.12 26.33
C GLY B 347 8.38 -8.15 26.94
N ASP B 348 8.18 -8.99 27.95
CA ASP B 348 6.92 -9.04 28.67
C ASP B 348 6.78 -7.89 29.65
N PRO B 349 7.80 -7.54 30.44
CA PRO B 349 7.69 -6.32 31.26
C PRO B 349 7.45 -5.07 30.43
N ILE B 350 8.10 -4.94 29.27
CA ILE B 350 7.87 -3.79 28.41
C ILE B 350 6.45 -3.82 27.85
N GLU B 351 5.97 -4.99 27.46
CA GLU B 351 4.60 -5.11 26.95
C GLU B 351 3.59 -4.71 28.01
N ALA B 352 3.78 -5.19 29.25
CA ALA B 352 2.83 -4.90 30.31
C ALA B 352 2.89 -3.43 30.74
N ARG B 353 4.09 -2.84 30.76
CA ARG B 353 4.19 -1.42 31.05
C ARG B 353 3.53 -0.56 29.98
N ALA B 354 3.33 -1.11 28.78
CA ALA B 354 2.53 -0.46 27.76
C ALA B 354 1.05 -0.78 27.89
N LEU B 355 0.69 -1.71 28.77
CA LEU B 355 -0.70 -2.07 29.01
C LEU B 355 -1.28 -1.39 30.24
N PHE B 356 -0.44 -0.99 31.20
CA PHE B 356 -0.85 -0.17 32.32
C PHE B 356 -0.89 1.31 31.96
N GLU B 357 -0.47 1.68 30.75
CA GLU B 357 -0.42 3.06 30.32
C GLU B 357 -1.56 3.47 29.41
N ALA B 358 -2.21 2.52 28.73
CA ALA B 358 -3.35 2.83 27.88
C ALA B 358 -4.60 2.05 28.23
N TYR B 359 -4.46 0.84 28.79
CA TYR B 359 -5.59 0.13 29.37
C TYR B 359 -5.74 0.43 30.87
N GLY B 360 -4.71 0.15 31.66
CA GLY B 360 -4.78 0.35 33.09
C GLY B 360 -4.72 1.82 33.50
N ARG B 361 -5.61 2.63 32.95
CA ARG B 361 -5.74 4.04 33.31
C ARG B 361 -7.08 4.21 34.03
N ASP B 362 -7.06 3.99 35.34
CA ASP B 362 -8.25 4.06 36.18
C ASP B 362 -9.35 3.13 35.65
N ARG B 363 -9.04 1.84 35.67
CA ARG B 363 -9.95 0.81 35.19
C ARG B 363 -10.91 0.42 36.30
N GLU B 364 -12.21 0.63 36.07
CA GLU B 364 -13.20 0.22 37.06
C GLU B 364 -13.23 -1.29 37.22
N GLN B 365 -13.11 -2.02 36.11
CA GLN B 365 -13.03 -3.47 36.13
C GLN B 365 -11.64 -3.91 35.70
N PRO B 366 -11.02 -4.86 36.40
CA PRO B 366 -9.67 -5.29 36.02
C PRO B 366 -9.64 -5.86 34.61
N LEU B 367 -8.58 -5.51 33.88
CA LEU B 367 -8.40 -6.02 32.53
C LEU B 367 -7.96 -7.47 32.57
N HIS B 368 -8.64 -8.33 31.82
CA HIS B 368 -8.35 -9.76 31.81
C HIS B 368 -7.24 -10.02 30.79
N LEU B 369 -6.02 -10.13 31.26
CA LEU B 369 -4.86 -10.30 30.38
C LEU B 369 -4.60 -11.77 30.11
N GLY B 370 -4.38 -12.10 28.85
CA GLY B 370 -4.09 -13.48 28.48
C GLY B 370 -3.22 -13.54 27.24
N SER B 371 -2.77 -14.74 26.92
CA SER B 371 -1.93 -14.95 25.75
C SER B 371 -2.12 -16.38 25.27
N VAL B 372 -2.34 -16.53 23.95
CA VAL B 372 -2.49 -17.85 23.37
C VAL B 372 -1.16 -18.60 23.30
N LYS B 373 -0.04 -17.88 23.26
CA LYS B 373 1.27 -18.53 23.19
C LYS B 373 1.61 -19.28 24.47
N SER B 374 1.00 -18.92 25.60
CA SER B 374 1.23 -19.68 26.82
C SER B 374 0.74 -21.11 26.68
N ASN B 375 -0.42 -21.29 26.04
CA ASN B 375 -0.99 -22.63 25.90
C ASN B 375 -0.31 -23.43 24.79
N LEU B 376 0.15 -22.77 23.72
CA LEU B 376 0.63 -23.47 22.54
C LEU B 376 2.05 -23.13 22.14
N GLY B 377 2.62 -22.04 22.64
CA GLY B 377 3.92 -21.60 22.19
C GLY B 377 3.82 -20.46 21.18
N HIS B 378 4.96 -19.81 20.96
CA HIS B 378 5.03 -18.68 20.03
C HIS B 378 4.93 -19.19 18.60
N THR B 379 3.77 -18.98 17.98
CA THR B 379 3.52 -19.42 16.62
C THR B 379 3.95 -18.38 15.58
N GLN B 380 4.76 -17.39 15.97
CA GLN B 380 5.36 -16.42 15.06
C GLN B 380 4.32 -15.71 14.20
N ALA B 381 4.42 -15.86 12.88
CA ALA B 381 3.48 -15.19 11.98
C ALA B 381 2.05 -15.70 12.14
N ALA B 382 1.85 -16.87 12.73
CA ALA B 382 0.51 -17.35 13.04
C ALA B 382 -0.02 -16.80 14.35
N ALA B 383 0.82 -16.09 15.12
CA ALA B 383 0.39 -15.46 16.35
C ALA B 383 -0.30 -14.15 16.02
N GLY B 384 -1.48 -13.95 16.60
CA GLY B 384 -2.36 -12.82 16.28
C GLY B 384 -3.61 -13.23 15.54
N VAL B 385 -3.48 -14.14 14.57
CA VAL B 385 -4.65 -14.80 13.99
C VAL B 385 -5.13 -15.97 14.84
N ALA B 386 -4.25 -16.56 15.66
CA ALA B 386 -4.65 -17.51 16.67
C ALA B 386 -5.16 -16.84 17.93
N GLY B 387 -5.04 -15.52 18.02
CA GLY B 387 -5.60 -14.76 19.13
C GLY B 387 -6.97 -14.23 18.81
N VAL B 388 -7.23 -13.97 17.52
CA VAL B 388 -8.55 -13.58 17.05
C VAL B 388 -9.33 -14.87 16.82
N ILE B 389 -8.71 -16.00 17.14
CA ILE B 389 -9.42 -17.25 17.31
C ILE B 389 -9.64 -17.59 18.77
N LYS B 390 -8.66 -17.32 19.65
CA LYS B 390 -8.84 -17.50 21.08
C LYS B 390 -9.89 -16.55 21.66
N MET B 391 -9.90 -15.30 21.20
CA MET B 391 -10.78 -14.27 21.75
C MET B 391 -12.06 -14.09 20.94
N VAL B 392 -12.28 -14.93 19.93
CA VAL B 392 -13.58 -15.02 19.29
C VAL B 392 -14.34 -16.28 19.65
N LEU B 393 -13.67 -17.40 19.91
CA LEU B 393 -14.33 -18.51 20.60
C LEU B 393 -14.66 -18.15 22.04
N ALA B 394 -13.93 -17.21 22.64
CA ALA B 394 -14.30 -16.68 23.95
C ALA B 394 -15.58 -15.86 23.88
N MET B 395 -15.83 -15.18 22.75
CA MET B 395 -17.08 -14.46 22.57
C MET B 395 -18.26 -15.41 22.59
N ARG B 396 -18.13 -16.56 21.91
CA ARG B 396 -19.24 -17.46 21.66
C ARG B 396 -19.32 -18.60 22.67
N ALA B 397 -18.47 -18.59 23.71
CA ALA B 397 -18.53 -19.60 24.74
C ALA B 397 -18.78 -19.03 26.12
N GLY B 398 -18.74 -17.70 26.29
CA GLY B 398 -19.00 -17.10 27.59
C GLY B 398 -17.99 -17.48 28.64
N THR B 399 -16.71 -17.53 28.28
CA THR B 399 -15.66 -17.91 29.22
C THR B 399 -14.32 -17.40 28.71
N LEU B 400 -13.56 -16.75 29.58
CA LEU B 400 -12.22 -16.31 29.24
C LEU B 400 -11.22 -17.40 29.60
N PRO B 401 -10.48 -17.94 28.65
CA PRO B 401 -9.58 -19.07 28.95
C PRO B 401 -8.37 -18.68 29.78
N ARG B 402 -7.65 -19.68 30.29
CA ARG B 402 -6.55 -19.48 31.20
C ARG B 402 -5.29 -19.03 30.45
N THR B 403 -4.36 -18.46 31.21
CA THR B 403 -2.97 -18.32 30.80
C THR B 403 -2.20 -19.39 31.58
N LEU B 404 -1.75 -20.42 30.87
CA LEU B 404 -1.38 -21.67 31.51
C LEU B 404 -0.19 -21.53 32.46
N HIS B 405 0.81 -20.72 32.11
CA HIS B 405 2.06 -20.67 32.88
C HIS B 405 2.28 -19.29 33.50
N ALA B 406 1.24 -18.72 34.10
CA ALA B 406 1.33 -17.40 34.75
C ALA B 406 0.78 -17.47 36.16
N SER B 407 1.10 -18.54 36.88
CA SER B 407 0.71 -18.62 38.29
C SER B 407 1.60 -17.74 39.15
N GLU B 408 2.91 -17.86 39.00
CA GLU B 408 3.87 -16.98 39.69
C GLU B 408 4.17 -15.80 38.78
N ARG B 409 3.39 -14.74 38.95
CA ARG B 409 3.53 -13.56 38.11
C ARG B 409 4.90 -12.91 38.30
N SER B 410 5.46 -12.40 37.20
CA SER B 410 6.81 -11.87 37.22
C SER B 410 6.91 -10.65 38.12
N LYS B 411 8.07 -10.51 38.77
CA LYS B 411 8.31 -9.42 39.70
C LYS B 411 8.91 -8.19 39.03
N GLU B 412 9.18 -8.25 37.73
CA GLU B 412 9.63 -7.09 36.97
C GLU B 412 8.48 -6.21 36.51
N ILE B 413 7.24 -6.60 36.79
CA ILE B 413 6.06 -5.87 36.38
C ILE B 413 5.31 -5.40 37.63
N ASP B 414 4.73 -4.21 37.52
CA ASP B 414 4.03 -3.57 38.64
C ASP B 414 2.55 -3.93 38.56
N TRP B 415 2.19 -5.02 39.24
CA TRP B 415 0.79 -5.42 39.39
C TRP B 415 0.18 -4.85 40.66
N SER B 416 0.30 -3.53 40.86
CA SER B 416 -0.21 -2.89 42.06
C SER B 416 -1.42 -2.02 41.81
N SER B 417 -1.63 -1.54 40.57
CA SER B 417 -2.79 -0.71 40.27
C SER B 417 -4.10 -1.48 40.35
N GLY B 418 -4.05 -2.80 40.23
CA GLY B 418 -5.28 -3.59 40.28
C GLY B 418 -6.16 -3.43 39.07
N ALA B 419 -5.62 -2.92 37.96
CA ALA B 419 -6.38 -2.71 36.75
C ALA B 419 -6.26 -3.85 35.74
N ILE B 420 -5.34 -4.79 35.95
CA ILE B 420 -5.16 -5.93 35.07
C ILE B 420 -5.06 -7.18 35.93
N SER B 421 -5.86 -8.20 35.58
CA SER B 421 -5.88 -9.48 36.28
C SER B 421 -5.48 -10.56 35.27
N LEU B 422 -4.37 -11.24 35.55
CA LEU B 422 -3.91 -12.31 34.69
C LEU B 422 -4.85 -13.51 34.76
N LEU B 423 -4.97 -14.23 33.64
CA LEU B 423 -5.89 -15.36 33.54
C LEU B 423 -5.22 -16.62 34.07
N ASP B 424 -5.01 -16.65 35.38
CA ASP B 424 -4.55 -17.85 36.05
C ASP B 424 -5.66 -18.83 36.34
N GLU B 425 -6.92 -18.41 36.21
CA GLU B 425 -8.08 -19.26 36.37
C GLU B 425 -9.10 -18.88 35.30
N PRO B 426 -9.98 -19.80 34.91
CA PRO B 426 -10.99 -19.47 33.90
C PRO B 426 -11.98 -18.44 34.41
N GLU B 427 -11.97 -17.24 33.83
CA GLU B 427 -12.86 -16.18 34.25
C GLU B 427 -14.14 -16.21 33.42
N PRO B 428 -15.31 -16.33 34.04
CA PRO B 428 -16.56 -16.30 33.27
C PRO B 428 -16.72 -14.98 32.52
N TRP B 429 -17.18 -15.08 31.29
CA TRP B 429 -17.33 -13.90 30.44
C TRP B 429 -18.67 -13.92 29.72
N PRO B 430 -19.78 -13.76 30.44
CA PRO B 430 -21.09 -13.84 29.80
C PRO B 430 -21.44 -12.55 29.06
N ALA B 431 -22.45 -12.65 28.21
CA ALA B 431 -22.91 -11.51 27.43
C ALA B 431 -23.87 -10.67 28.27
N GLY B 432 -23.40 -9.53 28.75
CA GLY B 432 -24.23 -8.64 29.53
C GLY B 432 -24.84 -7.53 28.71
N ALA B 433 -25.01 -6.35 29.33
CA ALA B 433 -25.55 -5.19 28.62
C ALA B 433 -24.50 -4.45 27.79
N ARG B 434 -23.30 -4.25 28.33
CA ARG B 434 -22.22 -3.64 27.58
C ARG B 434 -21.65 -4.65 26.58
N PRO B 435 -21.39 -4.25 25.34
CA PRO B 435 -20.87 -5.21 24.36
C PRO B 435 -19.54 -5.80 24.81
N ARG B 436 -19.36 -7.08 24.55
CA ARG B 436 -18.15 -7.79 24.94
C ARG B 436 -17.04 -7.47 23.94
N ARG B 437 -16.02 -6.76 24.40
CA ARG B 437 -14.89 -6.38 23.57
C ARG B 437 -13.59 -6.91 24.15
N ALA B 438 -12.70 -7.34 23.25
CA ALA B 438 -11.41 -7.88 23.62
C ALA B 438 -10.34 -7.29 22.71
N GLY B 439 -9.09 -7.52 23.07
CA GLY B 439 -7.98 -6.99 22.29
C GLY B 439 -6.90 -8.01 22.01
N VAL B 440 -6.50 -8.15 20.75
CA VAL B 440 -5.45 -9.07 20.33
C VAL B 440 -4.24 -8.27 19.89
N SER B 441 -3.08 -8.55 20.48
CA SER B 441 -1.85 -7.82 20.20
C SER B 441 -0.81 -8.78 19.66
N SER B 442 -0.21 -8.43 18.51
CA SER B 442 0.90 -9.19 17.93
C SER B 442 2.06 -8.23 17.73
N PHE B 443 3.18 -8.52 18.39
CA PHE B 443 4.39 -7.74 18.25
C PHE B 443 5.48 -8.62 17.63
N GLY B 444 6.17 -8.08 16.62
CA GLY B 444 7.07 -8.85 15.81
C GLY B 444 8.54 -8.52 16.10
N ILE B 445 9.40 -9.41 15.61
CA ILE B 445 10.85 -9.20 15.74
C ILE B 445 11.28 -7.98 14.93
N SER B 446 10.67 -7.79 13.76
CA SER B 446 11.01 -6.67 12.89
C SER B 446 10.69 -5.31 13.51
N GLY B 447 9.88 -5.27 14.56
CA GLY B 447 9.51 -4.02 15.18
C GLY B 447 8.28 -3.40 14.54
N THR B 448 7.23 -4.19 14.39
CA THR B 448 5.97 -3.76 13.78
C THR B 448 4.84 -4.18 14.72
N ASN B 449 4.55 -3.35 15.72
CA ASN B 449 3.44 -3.61 16.62
C ASN B 449 2.13 -3.63 15.84
N ALA B 450 1.23 -4.53 16.24
CA ALA B 450 -0.08 -4.61 15.61
C ALA B 450 -1.11 -4.94 16.69
N HIS B 451 -2.26 -4.29 16.61
CA HIS B 451 -3.34 -4.54 17.57
C HIS B 451 -4.67 -4.56 16.85
N ALA B 452 -5.60 -5.36 17.37
CA ALA B 452 -6.94 -5.47 16.84
C ALA B 452 -7.93 -5.48 17.99
N ILE B 453 -9.05 -4.78 17.83
CA ILE B 453 -10.12 -4.76 18.81
C ILE B 453 -11.27 -5.61 18.28
N ILE B 454 -11.61 -6.65 19.00
CA ILE B 454 -12.71 -7.55 18.64
C ILE B 454 -13.92 -7.16 19.48
N GLU B 455 -15.10 -7.17 18.85
CA GLU B 455 -16.35 -7.00 19.56
C GLU B 455 -17.25 -8.17 19.25
N GLU B 456 -18.07 -8.55 20.24
CA GLU B 456 -18.96 -9.68 20.07
C GLU B 456 -19.94 -9.42 18.94
N ALA B 457 -20.35 -10.51 18.29
CA ALA B 457 -21.28 -10.38 17.17
C ALA B 457 -22.60 -9.79 17.65
N PRO B 458 -23.23 -8.92 16.86
CA PRO B 458 -24.55 -8.39 17.26
C PRO B 458 -25.54 -9.49 17.54
N GLN B 459 -26.22 -9.43 18.68
CA GLN B 459 -27.08 -10.52 19.11
C GLN B 459 -28.22 -10.74 18.13
N VAL B 460 -28.19 -11.88 17.44
CA VAL B 460 -29.22 -12.21 16.45
C VAL B 460 -30.42 -12.78 17.18
N VAL B 461 -31.48 -11.97 17.30
CA VAL B 461 -32.64 -12.38 18.08
C VAL B 461 -33.39 -13.51 17.37
N GLU B 462 -33.59 -13.37 16.05
CA GLU B 462 -34.34 -14.38 15.31
C GLU B 462 -33.49 -15.08 14.27
N GLY B 463 -32.91 -14.31 13.34
CA GLY B 463 -32.19 -14.91 12.23
C GLY B 463 -33.07 -15.83 11.43
N GLU B 464 -32.55 -17.00 11.09
CA GLU B 464 -33.31 -18.04 10.41
C GLU B 464 -33.87 -18.99 11.47
N ARG B 465 -35.18 -18.88 11.72
CA ARG B 465 -35.84 -19.61 12.80
C ARG B 465 -36.47 -20.89 12.26
N VAL B 466 -37.26 -21.56 13.10
CA VAL B 466 -37.95 -22.78 12.71
C VAL B 466 -39.32 -22.44 12.17
N GLU B 467 -39.75 -23.19 11.15
CA GLU B 467 -41.07 -22.96 10.55
C GLU B 467 -42.00 -24.12 10.84
N ALA B 468 -41.62 -25.33 10.41
CA ALA B 468 -42.45 -26.51 10.59
C ALA B 468 -41.68 -27.73 10.08
N GLY B 469 -42.14 -28.91 10.50
CA GLY B 469 -41.60 -30.15 9.95
C GLY B 469 -42.35 -30.52 8.67
N ASP B 470 -41.60 -30.80 7.62
CA ASP B 470 -42.20 -31.05 6.31
C ASP B 470 -41.30 -32.05 5.59
N VAL B 471 -41.46 -32.16 4.26
CA VAL B 471 -40.70 -33.13 3.49
C VAL B 471 -39.21 -32.85 3.64
N VAL B 472 -38.43 -33.92 3.77
CA VAL B 472 -36.99 -33.84 3.99
C VAL B 472 -36.29 -33.65 2.65
N ALA B 473 -35.23 -32.86 2.66
CA ALA B 473 -34.40 -32.59 1.49
C ALA B 473 -33.21 -33.53 1.47
N PRO B 474 -32.68 -33.82 0.27
CA PRO B 474 -31.51 -34.71 0.19
C PRO B 474 -30.31 -34.15 0.94
N TRP B 475 -29.56 -35.04 1.56
CA TRP B 475 -28.33 -34.68 2.25
C TRP B 475 -27.17 -34.76 1.25
N VAL B 476 -26.54 -33.62 0.99
CA VAL B 476 -25.64 -33.46 -0.15
C VAL B 476 -24.21 -33.68 0.33
N LEU B 477 -23.68 -34.86 0.08
CA LEU B 477 -22.30 -35.19 0.39
C LEU B 477 -21.50 -35.31 -0.91
N SER B 478 -20.34 -34.65 -0.94
CA SER B 478 -19.49 -34.68 -2.13
C SER B 478 -18.03 -34.66 -1.69
N ALA B 479 -17.17 -35.28 -2.49
CA ALA B 479 -15.75 -35.36 -2.19
C ALA B 479 -14.97 -35.45 -3.50
N SER B 480 -13.68 -35.18 -3.42
CA SER B 480 -12.79 -35.22 -4.57
C SER B 480 -12.05 -36.55 -4.71
N SER B 481 -12.34 -37.52 -3.85
CA SER B 481 -11.69 -38.82 -3.94
C SER B 481 -12.65 -39.88 -3.40
N ALA B 482 -12.51 -41.10 -3.94
CA ALA B 482 -13.35 -42.20 -3.49
C ALA B 482 -13.11 -42.55 -2.02
N GLU B 483 -11.89 -42.33 -1.53
CA GLU B 483 -11.59 -42.49 -0.12
C GLU B 483 -11.91 -41.24 0.69
N GLY B 484 -12.23 -40.13 0.03
CA GLY B 484 -12.61 -38.91 0.73
C GLY B 484 -14.09 -38.87 1.06
N LEU B 485 -14.92 -39.51 0.23
CA LEU B 485 -16.35 -39.56 0.51
C LEU B 485 -16.66 -40.43 1.73
N ARG B 486 -15.90 -41.50 1.92
CA ARG B 486 -16.05 -42.30 3.13
C ARG B 486 -15.71 -41.50 4.38
N ALA B 487 -14.65 -40.71 4.33
CA ALA B 487 -14.30 -39.84 5.45
C ALA B 487 -15.32 -38.72 5.64
N GLN B 488 -15.91 -38.22 4.55
CA GLN B 488 -17.01 -37.27 4.66
C GLN B 488 -18.18 -37.88 5.42
N ALA B 489 -18.60 -39.09 5.02
CA ALA B 489 -19.58 -39.82 5.82
C ALA B 489 -18.89 -40.74 6.82
N ALA B 490 -17.87 -40.18 7.48
CA ALA B 490 -17.30 -40.74 8.70
C ALA B 490 -16.99 -39.65 9.71
N ARG B 491 -17.17 -38.38 9.35
CA ARG B 491 -17.07 -37.25 10.26
C ARG B 491 -18.40 -36.54 10.45
N LEU B 492 -19.25 -36.49 9.43
CA LEU B 492 -20.60 -36.00 9.61
C LEU B 492 -21.39 -36.90 10.54
N ALA B 493 -21.20 -38.22 10.42
CA ALA B 493 -21.81 -39.14 11.38
C ALA B 493 -21.30 -38.89 12.79
N ALA B 494 -19.99 -38.65 12.93
CA ALA B 494 -19.45 -38.28 14.23
C ALA B 494 -20.00 -36.96 14.72
N HIS B 495 -20.12 -35.97 13.83
CA HIS B 495 -20.70 -34.68 14.20
C HIS B 495 -22.18 -34.77 14.56
N LEU B 496 -22.85 -35.86 14.18
CA LEU B 496 -24.24 -36.07 14.54
C LEU B 496 -24.43 -37.03 15.71
N ARG B 497 -23.51 -37.98 15.91
CA ARG B 497 -23.52 -38.80 17.11
C ARG B 497 -23.05 -38.04 18.34
N GLU B 498 -22.26 -36.99 18.16
CA GLU B 498 -21.85 -36.12 19.27
C GLU B 498 -22.89 -35.04 19.55
N HIS B 499 -23.68 -34.66 18.55
CA HIS B 499 -24.74 -33.66 18.69
C HIS B 499 -26.03 -34.25 18.13
N PRO B 500 -26.69 -35.15 18.86
CA PRO B 500 -27.92 -35.77 18.36
C PRO B 500 -29.08 -34.79 18.32
N GLY B 501 -30.06 -35.12 17.49
CA GLY B 501 -31.25 -34.31 17.36
C GLY B 501 -31.13 -33.12 16.43
N GLN B 502 -30.03 -33.00 15.69
CA GLN B 502 -29.88 -31.90 14.75
C GLN B 502 -30.93 -31.99 13.65
N ASP B 503 -31.52 -30.84 13.30
CA ASP B 503 -32.62 -30.77 12.36
C ASP B 503 -32.17 -31.21 10.98
N PRO B 504 -32.85 -32.20 10.37
CA PRO B 504 -32.42 -32.68 9.04
C PRO B 504 -32.38 -31.59 7.98
N ARG B 505 -33.29 -30.62 8.01
CA ARG B 505 -33.23 -29.53 7.05
C ARG B 505 -31.98 -28.68 7.25
N ASP B 506 -31.55 -28.50 8.50
CA ASP B 506 -30.30 -27.79 8.76
C ASP B 506 -29.09 -28.60 8.26
N ILE B 507 -29.13 -29.92 8.42
CA ILE B 507 -28.07 -30.77 7.88
C ILE B 507 -28.27 -31.05 6.40
N ALA B 508 -29.35 -30.57 5.80
CA ALA B 508 -29.51 -30.57 4.35
C ALA B 508 -29.29 -29.19 3.75
N TYR B 509 -29.19 -28.15 4.58
CA TYR B 509 -28.91 -26.79 4.12
C TYR B 509 -27.42 -26.49 4.12
N SER B 510 -26.78 -26.59 5.29
CA SER B 510 -25.35 -26.35 5.42
C SER B 510 -24.51 -27.46 4.79
N LEU B 511 -25.13 -28.56 4.37
CA LEU B 511 -24.47 -29.62 3.63
C LEU B 511 -24.58 -29.46 2.12
N ALA B 512 -25.62 -28.76 1.64
CA ALA B 512 -25.87 -28.59 0.22
C ALA B 512 -25.28 -27.29 -0.32
N THR B 513 -25.69 -26.15 0.24
CA THR B 513 -25.18 -24.86 -0.18
C THR B 513 -23.97 -24.42 0.63
N GLY B 514 -23.49 -25.27 1.53
CA GLY B 514 -22.33 -24.93 2.33
C GLY B 514 -21.06 -25.62 1.87
N ARG B 515 -21.17 -26.47 0.86
CA ARG B 515 -20.04 -27.22 0.32
C ARG B 515 -20.04 -27.15 -1.20
N ALA B 516 -18.85 -27.26 -1.79
CA ALA B 516 -18.70 -27.28 -3.22
C ALA B 516 -19.20 -28.59 -3.81
N ALA B 517 -19.56 -28.54 -5.09
CA ALA B 517 -20.01 -29.73 -5.82
C ALA B 517 -18.78 -30.48 -6.32
N LEU B 518 -18.18 -31.25 -5.42
CA LEU B 518 -16.96 -31.99 -5.71
C LEU B 518 -17.27 -33.21 -6.59
N PRO B 519 -16.26 -33.71 -7.33
CA PRO B 519 -16.50 -34.81 -8.28
C PRO B 519 -17.27 -36.00 -7.73
N HIS B 520 -16.74 -36.65 -6.70
CA HIS B 520 -17.37 -37.85 -6.14
C HIS B 520 -18.50 -37.40 -5.21
N ARG B 521 -19.73 -37.73 -5.59
CA ARG B 521 -20.92 -37.27 -4.88
C ARG B 521 -21.60 -38.45 -4.20
N ALA B 522 -22.03 -38.24 -2.95
CA ALA B 522 -22.50 -39.30 -2.07
C ALA B 522 -23.81 -38.87 -1.39
N ALA B 523 -24.77 -38.41 -2.19
CA ALA B 523 -25.98 -37.85 -1.62
C ALA B 523 -26.90 -38.95 -1.13
N PHE B 524 -27.98 -38.55 -0.43
CA PHE B 524 -29.01 -39.47 0.02
C PHE B 524 -30.13 -38.66 0.65
N ALA B 525 -31.30 -39.28 0.75
CA ALA B 525 -32.48 -38.66 1.33
C ALA B 525 -33.08 -39.59 2.38
N PRO B 526 -32.81 -39.35 3.66
CA PRO B 526 -33.34 -40.24 4.71
C PRO B 526 -34.77 -39.87 5.09
N VAL B 527 -35.31 -40.53 6.11
CA VAL B 527 -36.61 -40.14 6.65
C VAL B 527 -36.45 -39.18 7.83
N ASP B 528 -35.30 -39.22 8.49
CA ASP B 528 -34.97 -38.31 9.58
C ASP B 528 -33.47 -38.39 9.84
N GLU B 529 -33.02 -37.72 10.90
CA GLU B 529 -31.60 -37.72 11.25
C GLU B 529 -31.13 -39.11 11.64
N SER B 530 -31.96 -39.83 12.42
CA SER B 530 -31.58 -41.17 12.86
C SER B 530 -31.40 -42.13 11.68
N ALA B 531 -32.30 -42.09 10.70
CA ALA B 531 -32.12 -42.91 9.51
C ALA B 531 -30.91 -42.46 8.70
N ALA B 532 -30.62 -41.16 8.69
CA ALA B 532 -29.42 -40.66 8.03
C ALA B 532 -28.16 -41.19 8.69
N LEU B 533 -28.22 -41.47 9.99
CA LEU B 533 -27.06 -42.04 10.69
C LEU B 533 -26.71 -43.42 10.13
N ARG B 534 -27.72 -44.24 9.84
CA ARG B 534 -27.46 -45.56 9.28
C ARG B 534 -26.78 -45.45 7.91
N VAL B 535 -27.28 -44.53 7.07
CA VAL B 535 -26.68 -44.33 5.75
C VAL B 535 -25.25 -43.82 5.88
N LEU B 536 -25.00 -42.90 6.82
CA LEU B 536 -23.65 -42.40 7.04
C LEU B 536 -22.69 -43.52 7.44
N ASP B 537 -23.13 -44.36 8.38
CA ASP B 537 -22.30 -45.49 8.81
C ASP B 537 -22.06 -46.48 7.68
N GLY B 538 -23.10 -46.77 6.89
CA GLY B 538 -22.92 -47.68 5.77
C GLY B 538 -21.96 -47.14 4.73
N LEU B 539 -22.03 -45.84 4.44
CA LEU B 539 -21.14 -45.23 3.46
C LEU B 539 -19.74 -45.04 4.02
N ALA B 540 -19.58 -45.04 5.34
CA ALA B 540 -18.23 -44.98 5.92
C ALA B 540 -17.37 -46.15 5.45
N THR B 541 -17.98 -47.31 5.26
CA THR B 541 -17.30 -48.48 4.74
C THR B 541 -17.41 -48.58 3.21
N GLY B 542 -18.04 -47.62 2.56
CA GLY B 542 -18.21 -47.64 1.13
C GLY B 542 -19.41 -48.42 0.63
N ASN B 543 -20.22 -48.98 1.52
CA ASN B 543 -21.40 -49.74 1.13
C ASN B 543 -22.56 -48.78 0.93
N ALA B 544 -23.10 -48.73 -0.28
CA ALA B 544 -24.17 -47.81 -0.65
C ALA B 544 -25.49 -48.56 -0.66
N ASP B 545 -26.27 -48.42 0.41
CA ASP B 545 -27.63 -48.97 0.49
C ASP B 545 -28.54 -47.85 0.95
N GLY B 546 -29.38 -47.35 0.05
CA GLY B 546 -30.18 -46.17 0.31
C GLY B 546 -29.45 -44.87 0.05
N ALA B 547 -28.20 -44.92 -0.40
CA ALA B 547 -27.41 -43.73 -0.70
C ALA B 547 -27.13 -43.65 -2.19
N ALA B 548 -27.40 -42.49 -2.78
CA ALA B 548 -27.12 -42.24 -4.18
C ALA B 548 -25.66 -41.83 -4.30
N VAL B 549 -24.83 -42.75 -4.77
CA VAL B 549 -23.42 -42.49 -5.00
C VAL B 549 -23.19 -42.31 -6.50
N GLY B 550 -22.18 -41.52 -6.83
CA GLY B 550 -21.86 -41.30 -8.23
C GLY B 550 -20.53 -40.58 -8.36
N THR B 551 -19.98 -40.65 -9.57
CA THR B 551 -18.71 -40.03 -9.90
C THR B 551 -18.93 -38.99 -10.99
N SER B 552 -18.28 -37.84 -10.85
CA SER B 552 -18.42 -36.75 -11.79
C SER B 552 -17.06 -36.11 -12.01
N ARG B 553 -17.02 -35.15 -12.93
CA ARG B 553 -15.82 -34.38 -13.23
C ARG B 553 -16.20 -32.91 -13.39
N ALA B 554 -17.01 -32.41 -12.45
CA ALA B 554 -17.67 -31.11 -12.57
C ALA B 554 -18.48 -31.07 -13.86
N GLN B 555 -19.45 -31.99 -13.93
CA GLN B 555 -20.18 -32.28 -15.16
C GLN B 555 -21.31 -31.29 -15.43
N GLN B 556 -22.29 -31.23 -14.53
CA GLN B 556 -23.48 -30.38 -14.69
C GLN B 556 -24.20 -30.81 -15.97
N ARG B 557 -24.73 -29.83 -16.72
CA ARG B 557 -25.35 -30.02 -18.04
C ARG B 557 -26.28 -31.23 -18.08
N ALA B 558 -27.34 -31.12 -17.29
CA ALA B 558 -28.39 -32.13 -17.29
C ALA B 558 -29.19 -32.08 -18.59
N VAL B 559 -29.78 -33.21 -18.95
CA VAL B 559 -30.57 -33.34 -20.17
C VAL B 559 -31.95 -33.85 -19.79
N PHE B 560 -32.98 -33.11 -20.19
CA PHE B 560 -34.37 -33.54 -19.99
C PHE B 560 -34.77 -34.44 -21.14
N VAL B 561 -34.92 -35.74 -20.88
CA VAL B 561 -35.40 -36.69 -21.86
C VAL B 561 -36.87 -36.97 -21.59
N PHE B 562 -37.70 -36.81 -22.62
CA PHE B 562 -39.15 -36.92 -22.48
C PHE B 562 -39.64 -38.19 -23.16
N PRO B 563 -40.01 -39.23 -22.40
CA PRO B 563 -40.60 -40.42 -23.03
C PRO B 563 -41.94 -40.10 -23.66
N GLY B 564 -42.22 -40.79 -24.77
CA GLY B 564 -43.49 -40.60 -25.43
C GLY B 564 -44.65 -41.18 -24.67
N GLN B 565 -44.72 -42.50 -24.60
CA GLN B 565 -45.78 -43.21 -23.89
C GLN B 565 -45.23 -44.51 -23.33
N GLY B 566 -45.92 -45.05 -22.33
CA GLY B 566 -45.54 -46.28 -21.67
C GLY B 566 -45.05 -46.11 -20.24
N TRP B 567 -44.93 -44.88 -19.75
CA TRP B 567 -44.46 -44.60 -18.41
C TRP B 567 -45.61 -44.37 -17.43
N GLN B 568 -46.85 -44.58 -17.86
CA GLN B 568 -48.02 -44.34 -17.03
C GLN B 568 -48.28 -45.53 -16.12
N TRP B 569 -48.83 -45.26 -14.94
CA TRP B 569 -49.29 -46.29 -14.02
C TRP B 569 -50.63 -45.89 -13.42
N ALA B 570 -51.04 -46.61 -12.37
CA ALA B 570 -52.38 -46.41 -11.82
C ALA B 570 -52.55 -45.07 -11.13
N GLY B 571 -51.47 -44.52 -10.56
CA GLY B 571 -51.60 -43.40 -9.65
C GLY B 571 -50.68 -42.22 -9.86
N MET B 572 -50.48 -41.77 -11.10
CA MET B 572 -49.52 -40.70 -11.39
C MET B 572 -49.66 -39.53 -10.42
N ALA B 573 -48.64 -39.32 -9.59
CA ALA B 573 -48.54 -38.14 -8.72
C ALA B 573 -49.82 -37.90 -7.93
N VAL B 574 -50.33 -38.95 -7.29
CA VAL B 574 -51.53 -38.81 -6.47
C VAL B 574 -51.26 -37.92 -5.28
N ASP B 575 -50.08 -38.05 -4.66
CA ASP B 575 -49.71 -37.26 -3.51
C ASP B 575 -48.61 -36.24 -3.79
N LEU B 576 -48.11 -36.18 -5.03
CA LEU B 576 -47.08 -35.20 -5.35
C LEU B 576 -47.61 -33.78 -5.27
N LEU B 577 -48.88 -33.57 -5.62
CA LEU B 577 -49.51 -32.27 -5.45
C LEU B 577 -50.12 -32.07 -4.07
N ASP B 578 -50.36 -33.16 -3.33
CA ASP B 578 -50.89 -33.06 -1.98
C ASP B 578 -49.82 -32.78 -0.94
N THR B 579 -48.55 -32.91 -1.29
CA THR B 579 -47.44 -32.64 -0.37
C THR B 579 -46.83 -31.27 -0.58
N SER B 580 -46.77 -30.79 -1.82
CA SER B 580 -46.20 -29.49 -2.12
C SER B 580 -47.12 -28.72 -3.07
N PRO B 581 -47.14 -27.39 -2.97
CA PRO B 581 -47.91 -26.57 -3.91
C PRO B 581 -47.22 -26.26 -5.22
N VAL B 582 -45.90 -26.51 -5.32
CA VAL B 582 -45.18 -26.30 -6.58
C VAL B 582 -45.59 -27.29 -7.66
N PHE B 583 -46.21 -28.41 -7.30
CA PHE B 583 -46.85 -29.30 -8.27
C PHE B 583 -48.31 -28.96 -8.49
N ALA B 584 -49.01 -28.51 -7.44
CA ALA B 584 -50.40 -28.11 -7.61
C ALA B 584 -50.52 -26.95 -8.58
N ALA B 585 -49.73 -25.89 -8.39
CA ALA B 585 -49.79 -24.74 -9.28
C ALA B 585 -49.28 -25.09 -10.68
N ALA B 586 -48.27 -25.95 -10.76
CA ALA B 586 -47.79 -26.41 -12.05
C ALA B 586 -48.88 -27.13 -12.83
N LEU B 587 -49.67 -27.96 -12.14
CA LEU B 587 -50.81 -28.58 -12.79
C LEU B 587 -51.91 -27.59 -13.08
N ARG B 588 -52.07 -26.55 -12.24
CA ARG B 588 -53.11 -25.56 -12.47
C ARG B 588 -52.86 -24.79 -13.76
N GLU B 589 -51.61 -24.43 -14.01
CA GLU B 589 -51.30 -23.72 -15.25
C GLU B 589 -51.62 -24.57 -16.47
N CYS B 590 -51.23 -25.84 -16.45
CA CYS B 590 -51.54 -26.73 -17.55
C CYS B 590 -53.04 -26.95 -17.68
N ALA B 591 -53.76 -26.98 -16.56
CA ALA B 591 -55.19 -27.19 -16.58
C ALA B 591 -55.91 -25.99 -17.20
N ASP B 592 -55.50 -24.78 -16.84
CA ASP B 592 -56.13 -23.61 -17.44
C ASP B 592 -55.70 -23.41 -18.89
N ALA B 593 -54.55 -23.94 -19.29
CA ALA B 593 -54.18 -23.96 -20.69
C ALA B 593 -54.93 -25.02 -21.49
N LEU B 594 -55.32 -26.12 -20.86
CA LEU B 594 -56.02 -27.21 -21.52
C LEU B 594 -57.54 -27.09 -21.48
N GLU B 595 -58.08 -26.28 -20.58
CA GLU B 595 -59.54 -26.15 -20.46
C GLU B 595 -60.21 -25.72 -21.75
N PRO B 596 -59.74 -24.70 -22.49
CA PRO B 596 -60.40 -24.37 -23.76
C PRO B 596 -60.19 -25.40 -24.85
N HIS B 597 -59.38 -26.45 -24.61
CA HIS B 597 -59.11 -27.46 -25.61
C HIS B 597 -59.33 -28.88 -25.08
N LEU B 598 -59.87 -29.02 -23.87
CA LEU B 598 -60.12 -30.33 -23.29
C LEU B 598 -61.25 -30.20 -22.27
N ASP B 599 -62.18 -31.15 -22.32
CA ASP B 599 -63.34 -31.12 -21.44
C ASP B 599 -62.99 -31.61 -20.04
N PHE B 600 -62.53 -32.84 -19.93
CA PHE B 600 -62.16 -33.40 -18.63
C PHE B 600 -60.80 -32.86 -18.20
N GLU B 601 -60.76 -32.27 -17.01
CA GLU B 601 -59.55 -31.65 -16.51
C GLU B 601 -58.57 -32.71 -15.98
N VAL B 602 -57.31 -32.31 -15.89
CA VAL B 602 -56.25 -33.24 -15.48
C VAL B 602 -56.24 -33.43 -13.97
N ILE B 603 -56.77 -32.47 -13.22
CA ILE B 603 -56.70 -32.50 -11.76
C ILE B 603 -57.42 -33.72 -11.19
N PRO B 604 -58.70 -33.98 -11.52
CA PRO B 604 -59.35 -35.17 -10.94
C PRO B 604 -58.85 -36.48 -11.53
N PHE B 605 -58.15 -36.45 -12.66
CA PHE B 605 -57.60 -37.67 -13.23
C PHE B 605 -56.48 -38.21 -12.36
N LEU B 606 -55.42 -37.41 -12.17
CA LEU B 606 -54.30 -37.85 -11.35
C LEU B 606 -54.59 -37.73 -9.85
N ARG B 607 -55.63 -36.99 -9.47
CA ARG B 607 -55.99 -36.93 -8.05
C ARG B 607 -56.48 -38.29 -7.56
N ALA B 608 -57.23 -39.01 -8.39
CA ALA B 608 -57.83 -40.28 -8.01
C ALA B 608 -57.02 -41.44 -8.57
N GLU B 609 -56.93 -42.52 -7.77
CA GLU B 609 -56.27 -43.74 -8.21
C GLU B 609 -57.14 -44.47 -9.24
N ALA B 610 -56.52 -45.46 -9.90
CA ALA B 610 -57.23 -46.25 -10.89
C ALA B 610 -58.44 -46.97 -10.29
N ALA B 611 -58.32 -47.40 -9.03
CA ALA B 611 -59.43 -48.05 -8.35
C ALA B 611 -60.62 -47.11 -8.18
N ARG B 612 -60.39 -45.79 -8.15
CA ARG B 612 -61.46 -44.82 -8.02
C ARG B 612 -61.57 -43.91 -9.25
N ARG B 613 -60.83 -44.19 -10.31
CA ARG B 613 -60.96 -43.45 -11.56
C ARG B 613 -62.02 -44.03 -12.48
N GLU B 614 -62.61 -45.17 -12.13
CA GLU B 614 -63.61 -45.81 -13.00
C GLU B 614 -64.96 -45.11 -12.95
N GLN B 615 -65.16 -44.14 -12.05
CA GLN B 615 -66.44 -43.48 -11.90
C GLN B 615 -66.37 -41.98 -12.14
N ASP B 616 -65.34 -41.50 -12.83
CA ASP B 616 -65.23 -40.08 -13.16
C ASP B 616 -65.17 -39.86 -14.67
N ALA B 617 -65.75 -40.79 -15.44
CA ALA B 617 -65.83 -40.70 -16.90
C ALA B 617 -64.45 -40.56 -17.53
N ALA B 618 -63.46 -41.27 -16.98
CA ALA B 618 -62.09 -41.24 -17.50
C ALA B 618 -61.43 -42.57 -17.17
N LEU B 619 -61.11 -43.36 -18.19
CA LEU B 619 -60.47 -44.64 -17.97
C LEU B 619 -59.05 -44.45 -17.47
N SER B 620 -58.48 -45.54 -16.92
CA SER B 620 -57.14 -45.48 -16.37
C SER B 620 -56.12 -45.11 -17.45
N THR B 621 -56.01 -45.93 -18.49
CA THR B 621 -55.07 -45.66 -19.58
C THR B 621 -55.68 -45.79 -20.97
N GLU B 622 -56.74 -46.58 -21.17
CA GLU B 622 -57.29 -46.80 -22.50
C GLU B 622 -57.92 -45.54 -23.09
N ARG B 623 -58.42 -44.63 -22.25
CA ARG B 623 -59.05 -43.40 -22.73
C ARG B 623 -57.95 -42.45 -23.20
N VAL B 624 -57.56 -42.61 -24.47
CA VAL B 624 -56.39 -41.91 -24.99
C VAL B 624 -56.62 -40.40 -25.06
N ASP B 625 -57.81 -39.97 -25.48
CA ASP B 625 -58.04 -38.55 -25.72
C ASP B 625 -57.98 -37.71 -24.45
N VAL B 626 -58.06 -38.34 -23.29
CA VAL B 626 -57.92 -37.66 -22.01
C VAL B 626 -56.54 -37.93 -21.39
N VAL B 627 -56.08 -39.18 -21.45
CA VAL B 627 -54.83 -39.53 -20.79
C VAL B 627 -53.63 -38.89 -21.49
N GLN B 628 -53.67 -38.76 -22.82
CA GLN B 628 -52.55 -38.11 -23.51
C GLN B 628 -52.38 -36.65 -23.10
N PRO B 629 -53.42 -35.81 -23.06
CA PRO B 629 -53.26 -34.50 -22.43
C PRO B 629 -52.87 -34.60 -20.97
N VAL B 630 -53.34 -35.64 -20.27
CA VAL B 630 -52.89 -35.87 -18.91
C VAL B 630 -51.40 -36.15 -18.87
N MET B 631 -50.91 -36.95 -19.82
CA MET B 631 -49.49 -37.23 -19.91
C MET B 631 -48.70 -35.94 -20.13
N PHE B 632 -49.17 -35.11 -21.07
CA PHE B 632 -48.51 -33.84 -21.35
C PHE B 632 -48.47 -32.94 -20.12
N ALA B 633 -49.61 -32.81 -19.43
CA ALA B 633 -49.66 -31.97 -18.24
C ALA B 633 -48.74 -32.50 -17.15
N VAL B 634 -48.71 -33.81 -16.97
CA VAL B 634 -47.85 -34.41 -15.95
C VAL B 634 -46.38 -34.14 -16.26
N MET B 635 -45.97 -34.32 -17.52
CA MET B 635 -44.56 -34.12 -17.86
C MET B 635 -44.19 -32.64 -17.76
N VAL B 636 -45.07 -31.74 -18.21
CA VAL B 636 -44.77 -30.32 -18.13
C VAL B 636 -44.65 -29.89 -16.66
N SER B 637 -45.58 -30.36 -15.81
CA SER B 637 -45.50 -30.03 -14.40
C SER B 637 -44.24 -30.58 -13.76
N LEU B 638 -43.86 -31.81 -14.10
CA LEU B 638 -42.66 -32.41 -13.52
C LEU B 638 -41.40 -31.65 -13.95
N ALA B 639 -41.33 -31.26 -15.23
CA ALA B 639 -40.22 -30.45 -15.69
C ALA B 639 -40.19 -29.11 -14.96
N SER B 640 -41.37 -28.55 -14.66
CA SER B 640 -41.41 -27.32 -13.89
C SER B 640 -40.90 -27.53 -12.47
N MET B 641 -41.18 -28.68 -11.86
CA MET B 641 -40.57 -29.01 -10.57
C MET B 641 -39.05 -29.04 -10.68
N TRP B 642 -38.53 -29.77 -11.68
CA TRP B 642 -37.08 -29.90 -11.78
C TRP B 642 -36.42 -28.55 -12.01
N ARG B 643 -37.05 -27.69 -12.82
CA ARG B 643 -36.54 -26.33 -12.97
C ARG B 643 -36.65 -25.55 -11.66
N ALA B 644 -37.72 -25.79 -10.89
CA ALA B 644 -37.91 -25.10 -9.63
C ALA B 644 -36.95 -25.58 -8.56
N HIS B 645 -36.51 -26.83 -8.62
CA HIS B 645 -35.55 -27.38 -7.66
C HIS B 645 -34.11 -27.23 -8.15
N GLY B 646 -33.87 -26.31 -9.08
CA GLY B 646 -32.52 -26.02 -9.51
C GLY B 646 -31.94 -26.94 -10.56
N VAL B 647 -32.76 -27.79 -11.17
CA VAL B 647 -32.32 -28.67 -12.24
C VAL B 647 -32.75 -28.03 -13.55
N GLU B 648 -31.83 -27.26 -14.16
CA GLU B 648 -32.10 -26.64 -15.45
C GLU B 648 -31.47 -27.45 -16.57
N PRO B 649 -32.21 -27.69 -17.65
CA PRO B 649 -31.67 -28.53 -18.72
C PRO B 649 -30.84 -27.74 -19.71
N ALA B 650 -29.67 -28.29 -20.06
CA ALA B 650 -28.93 -27.82 -21.21
C ALA B 650 -29.40 -28.46 -22.50
N ALA B 651 -30.39 -29.36 -22.41
CA ALA B 651 -30.92 -30.08 -23.56
C ALA B 651 -32.26 -30.69 -23.18
N VAL B 652 -33.26 -30.51 -24.05
CA VAL B 652 -34.57 -31.11 -23.88
C VAL B 652 -34.88 -31.92 -25.14
N ILE B 653 -35.35 -33.15 -24.96
CA ILE B 653 -35.55 -34.08 -26.06
C ILE B 653 -36.74 -34.99 -25.75
N GLY B 654 -37.63 -35.15 -26.73
CA GLY B 654 -38.83 -35.95 -26.56
C GLY B 654 -38.84 -37.13 -27.51
N HIS B 655 -39.51 -38.21 -27.09
CA HIS B 655 -39.49 -39.44 -27.87
C HIS B 655 -40.52 -39.43 -29.00
N SER B 656 -41.81 -39.47 -28.66
CA SER B 656 -42.87 -39.40 -29.67
C SER B 656 -43.82 -38.24 -29.41
N GLN B 657 -44.43 -38.16 -28.23
CA GLN B 657 -45.22 -37.01 -27.83
C GLN B 657 -44.59 -36.23 -26.70
N GLY B 658 -43.52 -36.75 -26.09
CA GLY B 658 -42.69 -35.93 -25.23
C GLY B 658 -42.03 -34.81 -25.97
N GLU B 659 -42.02 -34.87 -27.30
CA GLU B 659 -41.58 -33.73 -28.11
C GLU B 659 -42.44 -32.51 -27.83
N ILE B 660 -43.73 -32.71 -27.58
CA ILE B 660 -44.63 -31.61 -27.24
C ILE B 660 -44.19 -30.97 -25.92
N ALA B 661 -43.88 -31.80 -24.93
CA ALA B 661 -43.40 -31.27 -23.66
C ALA B 661 -42.06 -30.56 -23.82
N ALA B 662 -41.18 -31.11 -24.66
CA ALA B 662 -39.88 -30.46 -24.89
C ALA B 662 -40.07 -29.10 -25.55
N ALA B 663 -40.98 -29.00 -26.52
CA ALA B 663 -41.26 -27.72 -27.16
C ALA B 663 -41.87 -26.74 -26.17
N CYS B 664 -42.77 -27.22 -25.31
CA CYS B 664 -43.40 -26.34 -24.32
C CYS B 664 -42.38 -25.79 -23.33
N VAL B 665 -41.49 -26.67 -22.83
CA VAL B 665 -40.48 -26.24 -21.85
C VAL B 665 -39.40 -25.39 -22.47
N ALA B 666 -38.94 -25.72 -23.68
CA ALA B 666 -37.86 -24.96 -24.32
C ALA B 666 -38.30 -23.55 -24.72
N GLY B 667 -39.60 -23.27 -24.73
CA GLY B 667 -40.10 -21.96 -25.04
C GLY B 667 -40.46 -21.73 -26.50
N ALA B 668 -40.07 -22.64 -27.40
CA ALA B 668 -40.44 -22.48 -28.80
C ALA B 668 -41.94 -22.58 -29.00
N LEU B 669 -42.64 -23.30 -28.12
CA LEU B 669 -44.09 -23.35 -28.11
C LEU B 669 -44.59 -22.95 -26.73
N SER B 670 -45.62 -22.12 -26.68
CA SER B 670 -46.17 -21.69 -25.41
C SER B 670 -46.87 -22.86 -24.71
N LEU B 671 -47.12 -22.67 -23.42
CA LEU B 671 -47.82 -23.69 -22.65
C LEU B 671 -49.20 -23.98 -23.24
N ASP B 672 -49.95 -22.91 -23.54
CA ASP B 672 -51.24 -23.08 -24.19
C ASP B 672 -51.11 -23.68 -25.58
N ASP B 673 -50.07 -23.29 -26.32
CA ASP B 673 -49.88 -23.80 -27.68
C ASP B 673 -49.69 -25.31 -27.67
N ALA B 674 -48.74 -25.79 -26.88
CA ALA B 674 -48.48 -27.23 -26.83
C ALA B 674 -49.62 -27.98 -26.16
N ALA B 675 -50.28 -27.37 -25.18
CA ALA B 675 -51.45 -28.00 -24.56
C ALA B 675 -52.55 -28.21 -25.58
N ARG B 676 -52.84 -27.20 -26.40
CA ARG B 676 -53.83 -27.35 -27.46
C ARG B 676 -53.39 -28.41 -28.46
N VAL B 677 -52.11 -28.39 -28.83
CA VAL B 677 -51.58 -29.40 -29.76
C VAL B 677 -51.92 -30.80 -29.26
N VAL B 678 -51.47 -31.13 -28.05
CA VAL B 678 -51.62 -32.48 -27.54
C VAL B 678 -53.10 -32.80 -27.31
N ALA B 679 -53.88 -31.84 -26.81
CA ALA B 679 -55.29 -32.08 -26.53
C ALA B 679 -56.05 -32.41 -27.80
N LEU B 680 -55.92 -31.57 -28.84
CA LEU B 680 -56.63 -31.84 -30.08
C LEU B 680 -56.12 -33.11 -30.76
N ARG B 681 -54.81 -33.34 -30.70
CA ARG B 681 -54.25 -34.57 -31.28
C ARG B 681 -54.89 -35.80 -30.65
N SER B 682 -54.93 -35.84 -29.31
CA SER B 682 -55.55 -36.97 -28.63
C SER B 682 -57.05 -37.06 -28.93
N ARG B 683 -57.73 -35.91 -28.91
CA ARG B 683 -59.18 -35.89 -29.14
C ARG B 683 -59.54 -36.51 -30.47
N VAL B 684 -58.78 -36.17 -31.52
CA VAL B 684 -59.16 -36.64 -32.85
C VAL B 684 -58.57 -38.03 -33.11
N ILE B 685 -57.44 -38.35 -32.47
CA ILE B 685 -56.84 -39.66 -32.65
C ILE B 685 -57.60 -40.74 -31.90
N ALA B 686 -58.45 -40.37 -30.95
CA ALA B 686 -59.22 -41.35 -30.18
C ALA B 686 -60.15 -42.21 -31.02
N THR B 687 -60.29 -41.90 -32.31
CA THR B 687 -61.15 -42.67 -33.19
C THR B 687 -60.45 -43.83 -33.89
N MET B 688 -59.16 -43.67 -34.21
CA MET B 688 -58.43 -44.73 -34.91
C MET B 688 -58.21 -46.01 -34.10
N PRO B 689 -58.19 -46.02 -32.77
CA PRO B 689 -58.09 -47.29 -32.05
C PRO B 689 -59.11 -48.31 -32.55
N GLY B 690 -58.70 -49.58 -32.55
CA GLY B 690 -59.41 -50.64 -33.23
C GLY B 690 -58.79 -51.05 -34.54
N ASN B 691 -57.81 -50.29 -35.03
CA ASN B 691 -57.11 -50.61 -36.27
C ASN B 691 -55.60 -50.72 -36.06
N LYS B 692 -55.03 -49.89 -35.19
CA LYS B 692 -53.58 -49.84 -35.01
C LYS B 692 -53.24 -49.30 -33.62
N GLY B 693 -52.09 -49.74 -33.10
CA GLY B 693 -51.55 -49.21 -31.86
C GLY B 693 -50.04 -49.09 -31.93
N MET B 694 -49.38 -48.88 -30.78
CA MET B 694 -47.93 -48.90 -30.71
C MET B 694 -47.48 -49.70 -29.49
N ALA B 695 -46.22 -50.15 -29.53
CA ALA B 695 -45.61 -50.85 -28.42
C ALA B 695 -44.17 -50.36 -28.29
N SER B 696 -43.58 -50.62 -27.12
CA SER B 696 -42.22 -50.19 -26.83
C SER B 696 -41.46 -51.38 -26.25
N ILE B 697 -40.33 -51.74 -26.89
CA ILE B 697 -39.54 -52.90 -26.48
C ILE B 697 -38.09 -52.47 -26.37
N ALA B 698 -37.31 -53.28 -25.64
CA ALA B 698 -35.89 -53.05 -25.45
C ALA B 698 -35.05 -54.04 -26.25
N ALA B 699 -35.57 -54.51 -27.38
CA ALA B 699 -34.85 -55.45 -28.22
C ALA B 699 -33.87 -54.72 -29.14
N PRO B 700 -32.78 -55.39 -29.54
CA PRO B 700 -31.87 -54.78 -30.51
C PRO B 700 -32.57 -54.50 -31.83
N ALA B 701 -32.14 -53.42 -32.50
CA ALA B 701 -32.81 -52.98 -33.71
C ALA B 701 -32.66 -53.99 -34.84
N GLY B 702 -31.56 -54.72 -34.88
CA GLY B 702 -31.30 -55.66 -35.97
C GLY B 702 -32.36 -56.73 -36.17
N GLU B 703 -32.58 -57.55 -35.14
CA GLU B 703 -33.52 -58.66 -35.27
C GLU B 703 -34.94 -58.16 -35.53
N VAL B 704 -35.38 -57.13 -34.80
CA VAL B 704 -36.74 -56.64 -34.96
C VAL B 704 -36.94 -56.05 -36.35
N ARG B 705 -35.97 -55.25 -36.83
CA ARG B 705 -36.09 -54.70 -38.18
C ARG B 705 -35.98 -55.79 -39.24
N ALA B 706 -35.36 -56.93 -38.91
CA ALA B 706 -35.32 -58.05 -39.85
C ALA B 706 -36.66 -58.77 -39.91
N ARG B 707 -37.34 -58.91 -38.76
CA ARG B 707 -38.55 -59.72 -38.68
C ARG B 707 -39.85 -58.93 -38.80
N ILE B 708 -39.79 -57.63 -39.08
CA ILE B 708 -41.02 -56.86 -39.23
C ILE B 708 -41.63 -57.13 -40.59
N GLY B 709 -42.95 -57.25 -40.61
CA GLY B 709 -43.68 -57.47 -41.85
C GLY B 709 -45.17 -57.36 -41.61
N ASP B 710 -45.90 -57.23 -42.72
CA ASP B 710 -47.34 -56.99 -42.71
C ASP B 710 -47.67 -55.67 -42.01
N ARG B 711 -47.23 -54.59 -42.67
CA ARG B 711 -47.54 -53.21 -42.26
C ARG B 711 -46.94 -52.88 -40.90
N VAL B 712 -45.62 -52.99 -40.77
CA VAL B 712 -44.91 -52.68 -39.53
C VAL B 712 -43.73 -51.78 -39.87
N GLU B 713 -43.48 -50.80 -39.01
CA GLU B 713 -42.29 -49.97 -39.10
C GLU B 713 -41.84 -49.60 -37.69
N ILE B 714 -40.55 -49.35 -37.53
CA ILE B 714 -40.00 -48.96 -36.25
C ILE B 714 -40.24 -47.47 -36.05
N ALA B 715 -41.08 -47.13 -35.07
CA ALA B 715 -41.45 -45.74 -34.86
C ALA B 715 -40.28 -44.92 -34.34
N ALA B 716 -39.48 -45.49 -33.45
CA ALA B 716 -38.44 -44.72 -32.77
C ALA B 716 -37.31 -45.64 -32.34
N VAL B 717 -36.12 -45.40 -32.87
CA VAL B 717 -34.94 -46.10 -32.36
C VAL B 717 -34.44 -45.35 -31.13
N ASN B 718 -34.75 -45.88 -29.95
CA ASN B 718 -34.34 -45.27 -28.68
C ASN B 718 -33.00 -45.84 -28.20
N GLY B 719 -32.29 -46.54 -29.08
CA GLY B 719 -31.00 -47.08 -28.74
C GLY B 719 -30.66 -48.32 -29.53
N PRO B 720 -29.40 -48.74 -29.46
CA PRO B 720 -29.00 -50.01 -30.10
C PRO B 720 -29.74 -51.21 -29.54
N ARG B 721 -30.25 -51.13 -28.32
CA ARG B 721 -31.01 -52.20 -27.69
C ARG B 721 -32.33 -51.66 -27.14
N SER B 722 -33.01 -50.85 -27.94
CA SER B 722 -34.31 -50.31 -27.56
C SER B 722 -34.99 -49.72 -28.78
N VAL B 723 -36.22 -50.16 -29.07
CA VAL B 723 -36.99 -49.67 -30.21
C VAL B 723 -38.45 -49.58 -29.81
N VAL B 724 -39.11 -48.50 -30.23
CA VAL B 724 -40.55 -48.37 -30.12
C VAL B 724 -41.14 -48.61 -31.50
N VAL B 725 -42.03 -49.59 -31.59
CA VAL B 725 -42.56 -50.09 -32.85
C VAL B 725 -44.01 -49.65 -32.99
N ALA B 726 -44.35 -49.14 -34.17
CA ALA B 726 -45.71 -48.73 -34.51
C ALA B 726 -46.24 -49.66 -35.59
N GLY B 727 -47.06 -50.62 -35.20
CA GLY B 727 -47.58 -51.60 -36.14
C GLY B 727 -49.07 -51.80 -35.94
N ASP B 728 -49.67 -52.47 -36.93
CA ASP B 728 -51.11 -52.70 -36.92
C ASP B 728 -51.48 -53.76 -35.90
N SER B 729 -52.78 -53.85 -35.63
CA SER B 729 -53.28 -54.78 -34.62
C SER B 729 -53.21 -56.22 -35.13
N ASP B 730 -53.35 -57.16 -34.19
CA ASP B 730 -53.30 -58.61 -34.39
C ASP B 730 -51.91 -59.10 -34.77
N GLU B 731 -50.96 -58.20 -34.99
CA GLU B 731 -49.56 -58.56 -35.17
C GLU B 731 -48.60 -57.79 -34.27
N LEU B 732 -48.88 -56.52 -33.96
CA LEU B 732 -48.10 -55.80 -32.96
C LEU B 732 -48.22 -56.43 -31.59
N ASP B 733 -49.44 -56.86 -31.23
CA ASP B 733 -49.61 -57.71 -30.06
C ASP B 733 -48.76 -58.98 -30.19
N ARG B 734 -48.64 -59.51 -31.40
CA ARG B 734 -47.78 -60.66 -31.64
C ARG B 734 -46.31 -60.26 -31.77
N LEU B 735 -46.00 -58.99 -32.00
CA LEU B 735 -44.62 -58.54 -31.85
C LEU B 735 -44.17 -58.52 -30.39
N VAL B 736 -45.00 -58.01 -29.46
CA VAL B 736 -44.64 -58.15 -28.05
C VAL B 736 -44.77 -59.59 -27.58
N ALA B 737 -45.58 -60.41 -28.26
CA ALA B 737 -45.54 -61.85 -28.03
C ALA B 737 -44.21 -62.48 -28.46
N SER B 738 -43.67 -62.09 -29.61
CA SER B 738 -42.33 -62.50 -30.03
C SER B 738 -41.25 -61.98 -29.09
N CYS B 739 -41.49 -60.84 -28.46
CA CYS B 739 -40.59 -60.30 -27.46
C CYS B 739 -40.70 -60.98 -26.10
N THR B 740 -41.87 -61.54 -25.76
CA THR B 740 -42.00 -62.34 -24.56
C THR B 740 -41.63 -63.80 -24.76
N THR B 741 -41.51 -64.26 -26.01
CA THR B 741 -40.89 -65.55 -26.27
C THR B 741 -39.38 -65.48 -26.08
N GLU B 742 -38.77 -64.33 -26.32
CA GLU B 742 -37.38 -64.08 -25.96
C GLU B 742 -37.23 -63.51 -24.56
N CYS B 743 -38.34 -63.37 -23.82
CA CYS B 743 -38.34 -62.99 -22.42
C CYS B 743 -37.70 -61.62 -22.18
N ILE B 744 -38.31 -60.57 -22.73
CA ILE B 744 -37.87 -59.20 -22.47
C ILE B 744 -39.04 -58.44 -21.87
N ARG B 745 -38.83 -57.18 -21.47
CA ARG B 745 -39.88 -56.37 -20.86
C ARG B 745 -41.08 -56.24 -21.80
N ALA B 746 -42.20 -56.86 -21.43
CA ALA B 746 -43.41 -56.85 -22.24
C ALA B 746 -44.40 -55.87 -21.62
N LYS B 747 -44.66 -54.78 -22.32
CA LYS B 747 -45.62 -53.76 -21.88
C LYS B 747 -46.59 -53.48 -23.02
N ARG B 748 -47.72 -54.18 -23.02
CA ARG B 748 -48.78 -53.95 -24.00
C ARG B 748 -49.47 -52.64 -23.63
N LEU B 749 -49.00 -51.56 -24.24
CA LEU B 749 -49.44 -50.22 -23.89
C LEU B 749 -50.95 -50.07 -24.04
N ALA B 750 -51.64 -49.82 -22.94
CA ALA B 750 -53.08 -49.60 -22.96
C ALA B 750 -53.45 -48.27 -23.62
N VAL B 751 -52.48 -47.42 -23.91
CA VAL B 751 -52.71 -46.15 -24.57
C VAL B 751 -52.47 -46.26 -26.07
N ASP B 752 -52.55 -47.48 -26.62
CA ASP B 752 -52.22 -47.72 -28.02
C ASP B 752 -53.08 -46.86 -28.94
N TYR B 753 -52.44 -46.26 -29.93
CA TYR B 753 -53.08 -45.42 -30.93
C TYR B 753 -52.18 -45.41 -32.17
N ALA B 754 -52.57 -44.64 -33.17
CA ALA B 754 -51.90 -44.65 -34.47
C ALA B 754 -51.02 -43.42 -34.62
N SER B 755 -49.75 -43.65 -34.95
CA SER B 755 -48.82 -42.57 -35.21
C SER B 755 -47.64 -43.12 -35.99
N HIS B 756 -46.87 -42.21 -36.60
CA HIS B 756 -45.71 -42.56 -37.42
C HIS B 756 -46.09 -43.51 -38.56
N SER B 757 -47.31 -43.37 -39.07
CA SER B 757 -47.79 -44.28 -40.09
C SER B 757 -48.75 -43.51 -41.01
N SER B 758 -49.48 -44.25 -41.85
CA SER B 758 -50.40 -43.65 -42.81
C SER B 758 -51.83 -43.54 -42.30
N HIS B 759 -52.19 -44.31 -41.27
CA HIS B 759 -53.53 -44.21 -40.70
C HIS B 759 -53.79 -42.86 -40.06
N VAL B 760 -52.74 -42.12 -39.70
CA VAL B 760 -52.89 -40.76 -39.20
C VAL B 760 -52.50 -39.71 -40.23
N GLU B 761 -51.67 -40.05 -41.22
CA GLU B 761 -51.26 -39.08 -42.24
C GLU B 761 -52.41 -38.69 -43.14
N THR B 762 -53.47 -39.51 -43.21
CA THR B 762 -54.59 -39.21 -44.10
C THR B 762 -55.32 -37.94 -43.67
N ILE B 763 -55.24 -37.58 -42.40
CA ILE B 763 -55.86 -36.36 -41.91
C ILE B 763 -54.86 -35.21 -42.02
N ARG B 764 -54.94 -34.46 -43.12
CA ARG B 764 -54.01 -33.39 -43.40
C ARG B 764 -54.47 -32.04 -42.85
N ASP B 765 -55.61 -32.00 -42.17
CA ASP B 765 -56.12 -30.75 -41.63
C ASP B 765 -56.14 -30.77 -40.10
N ALA B 766 -56.82 -31.77 -39.53
CA ALA B 766 -56.95 -31.82 -38.07
C ALA B 766 -55.64 -32.27 -37.42
N LEU B 767 -54.98 -33.27 -37.99
CA LEU B 767 -53.76 -33.83 -37.41
C LEU B 767 -52.49 -33.18 -37.96
N HIS B 768 -52.61 -32.21 -38.86
CA HIS B 768 -51.44 -31.66 -39.51
C HIS B 768 -51.32 -30.16 -39.28
N ALA B 769 -52.46 -29.47 -39.14
CA ALA B 769 -52.45 -28.03 -38.93
C ALA B 769 -53.35 -27.56 -37.80
N GLU B 770 -54.42 -28.28 -37.45
CA GLU B 770 -55.32 -27.81 -36.40
C GLU B 770 -54.66 -27.87 -35.03
N LEU B 771 -53.74 -28.81 -34.83
CA LEU B 771 -53.08 -28.94 -33.54
C LEU B 771 -52.34 -27.66 -33.17
N GLY B 772 -51.48 -27.18 -34.05
CA GLY B 772 -50.78 -25.93 -33.83
C GLY B 772 -51.19 -24.86 -34.83
N GLU B 773 -51.95 -23.88 -34.35
CA GLU B 773 -52.34 -22.73 -35.22
C GLU B 773 -51.43 -21.55 -34.89
N ASP B 774 -51.05 -21.41 -33.62
CA ASP B 774 -50.12 -20.33 -33.21
C ASP B 774 -48.78 -20.97 -32.84
N PHE B 775 -47.67 -20.26 -33.05
CA PHE B 775 -46.31 -20.79 -32.74
C PHE B 775 -45.33 -19.63 -32.59
N HIS B 776 -44.47 -19.65 -31.56
CA HIS B 776 -43.42 -18.60 -31.43
C HIS B 776 -42.03 -19.23 -31.41
N PRO B 777 -41.50 -19.78 -32.51
CA PRO B 777 -40.13 -20.30 -32.54
C PRO B 777 -39.11 -19.36 -31.86
N LEU B 778 -38.23 -19.91 -31.02
CA LEU B 778 -37.27 -19.08 -30.26
C LEU B 778 -35.90 -19.11 -30.92
N PRO B 779 -34.92 -18.26 -30.54
CA PRO B 779 -33.54 -18.37 -31.08
C PRO B 779 -32.74 -19.48 -30.39
N GLY B 780 -31.43 -19.54 -30.64
CA GLY B 780 -30.56 -20.58 -30.06
C GLY B 780 -30.89 -20.90 -28.61
N PHE B 781 -30.92 -19.89 -27.74
CA PHE B 781 -31.24 -20.09 -26.30
C PHE B 781 -30.33 -21.19 -25.73
N VAL B 782 -30.89 -22.12 -24.97
CA VAL B 782 -30.09 -23.29 -24.50
C VAL B 782 -30.25 -24.36 -25.60
N PRO B 783 -29.20 -24.94 -26.25
CA PRO B 783 -29.47 -25.92 -27.32
C PRO B 783 -30.46 -27.00 -26.91
N PHE B 784 -31.63 -27.02 -27.54
CA PHE B 784 -32.56 -28.14 -27.39
C PHE B 784 -32.14 -29.20 -28.40
N PHE B 785 -32.90 -30.29 -28.50
CA PHE B 785 -32.51 -31.37 -29.40
C PHE B 785 -33.76 -32.05 -29.96
N SER B 786 -34.01 -31.83 -31.25
CA SER B 786 -35.05 -32.54 -31.98
C SER B 786 -34.53 -33.92 -32.38
N THR B 787 -35.47 -34.80 -32.69
CA THR B 787 -35.14 -36.20 -33.02
C THR B 787 -35.37 -36.56 -34.47
N VAL B 788 -36.49 -36.13 -35.06
CA VAL B 788 -36.88 -36.55 -36.40
C VAL B 788 -35.80 -36.20 -37.41
N THR B 789 -35.04 -35.14 -37.14
CA THR B 789 -33.88 -34.80 -37.95
C THR B 789 -32.64 -35.58 -37.57
N GLY B 790 -32.55 -36.06 -36.33
CA GLY B 790 -31.41 -36.81 -35.87
C GLY B 790 -30.23 -35.99 -35.42
N ARG B 791 -30.30 -34.66 -35.51
CA ARG B 791 -29.21 -33.78 -35.12
C ARG B 791 -29.79 -32.56 -34.41
N TRP B 792 -28.89 -31.73 -33.88
CA TRP B 792 -29.32 -30.48 -33.26
C TRP B 792 -29.82 -29.51 -34.32
N THR B 793 -30.89 -28.79 -33.98
CA THR B 793 -31.45 -27.77 -34.86
C THR B 793 -31.79 -26.53 -34.04
N GLN B 794 -32.00 -25.43 -34.74
CA GLN B 794 -32.54 -24.24 -34.09
C GLN B 794 -34.02 -24.45 -33.80
N PRO B 795 -34.56 -23.84 -32.74
CA PRO B 795 -36.00 -24.00 -32.49
C PRO B 795 -36.85 -23.15 -33.41
N ASP B 796 -36.85 -23.51 -34.69
CA ASP B 796 -37.72 -22.80 -35.66
C ASP B 796 -38.75 -23.80 -36.20
N GLU B 797 -38.36 -25.07 -36.30
CA GLU B 797 -39.26 -26.05 -36.89
C GLU B 797 -40.25 -26.62 -35.88
N LEU B 798 -40.24 -26.13 -34.64
CA LEU B 798 -41.12 -26.65 -33.60
C LEU B 798 -42.51 -26.03 -33.77
N ASP B 799 -43.35 -26.69 -34.57
CA ASP B 799 -44.72 -26.25 -34.83
C ASP B 799 -45.50 -27.48 -35.29
N ALA B 800 -46.67 -27.25 -35.89
CA ALA B 800 -47.47 -28.34 -36.41
C ALA B 800 -46.72 -29.19 -37.43
N GLY B 801 -45.73 -28.61 -38.11
CA GLY B 801 -44.90 -29.39 -39.02
C GLY B 801 -44.10 -30.46 -38.28
N TYR B 802 -43.66 -30.16 -37.06
CA TYR B 802 -42.94 -31.15 -36.28
C TYR B 802 -43.82 -32.34 -35.93
N TRP B 803 -45.09 -32.08 -35.59
CA TRP B 803 -46.01 -33.19 -35.32
C TRP B 803 -46.36 -33.93 -36.61
N TYR B 804 -46.43 -33.23 -37.74
CA TYR B 804 -46.60 -33.91 -39.01
C TYR B 804 -45.43 -34.86 -39.30
N ARG B 805 -44.19 -34.41 -39.04
CA ARG B 805 -43.03 -35.26 -39.18
C ARG B 805 -43.02 -36.44 -38.20
N ASN B 806 -43.46 -36.22 -36.96
CA ASN B 806 -43.61 -37.30 -35.99
C ASN B 806 -44.64 -38.33 -36.42
N LEU B 807 -45.71 -37.90 -37.10
CA LEU B 807 -46.72 -38.80 -37.61
C LEU B 807 -46.42 -39.38 -38.98
N ARG B 808 -45.41 -38.85 -39.69
CA ARG B 808 -45.07 -39.32 -41.02
C ARG B 808 -43.77 -40.13 -41.04
N ARG B 809 -42.68 -39.53 -40.55
CA ARG B 809 -41.39 -40.20 -40.55
C ARG B 809 -41.19 -40.95 -39.23
N THR B 810 -40.03 -41.58 -39.08
CA THR B 810 -39.66 -42.21 -37.83
C THR B 810 -39.15 -41.14 -36.87
N VAL B 811 -38.60 -41.57 -35.73
CA VAL B 811 -38.07 -40.65 -34.74
C VAL B 811 -36.55 -40.59 -34.73
N ARG B 812 -35.87 -41.72 -34.86
CA ARG B 812 -34.41 -41.78 -34.82
C ARG B 812 -33.88 -41.15 -33.52
N PHE B 813 -34.48 -41.57 -32.41
CA PHE B 813 -34.10 -41.04 -31.10
C PHE B 813 -32.65 -41.37 -30.78
N ALA B 814 -32.19 -42.56 -31.16
CA ALA B 814 -30.81 -42.97 -30.88
C ALA B 814 -29.82 -42.07 -31.60
N ASP B 815 -30.16 -41.62 -32.82
CA ASP B 815 -29.26 -40.71 -33.52
C ASP B 815 -29.08 -39.42 -32.74
N ALA B 816 -30.18 -38.86 -32.23
CA ALA B 816 -30.10 -37.67 -31.40
C ALA B 816 -29.30 -37.93 -30.13
N VAL B 817 -29.49 -39.09 -29.50
CA VAL B 817 -28.75 -39.41 -28.28
C VAL B 817 -27.26 -39.49 -28.56
N ARG B 818 -26.87 -40.14 -29.66
CA ARG B 818 -25.46 -40.17 -30.04
C ARG B 818 -24.94 -38.77 -30.33
N ALA B 819 -25.77 -37.91 -30.93
CA ALA B 819 -25.38 -36.52 -31.10
C ALA B 819 -25.18 -35.83 -29.75
N LEU B 820 -25.94 -36.24 -28.73
CA LEU B 820 -25.77 -35.66 -27.40
C LEU B 820 -24.40 -35.99 -26.82
N ALA B 821 -23.97 -37.24 -26.96
CA ALA B 821 -22.64 -37.63 -26.48
C ALA B 821 -21.55 -36.91 -27.26
N GLU B 822 -21.76 -36.72 -28.56
CA GLU B 822 -20.79 -36.00 -29.38
C GLU B 822 -20.67 -34.54 -28.96
N GLN B 823 -21.77 -33.92 -28.53
CA GLN B 823 -21.77 -32.53 -28.10
C GLN B 823 -21.64 -32.39 -26.59
N GLY B 824 -21.24 -33.46 -25.88
CA GLY B 824 -21.03 -33.40 -24.46
C GLY B 824 -22.29 -33.39 -23.63
N TYR B 825 -23.04 -34.48 -23.67
CA TYR B 825 -24.24 -34.64 -22.85
C TYR B 825 -24.34 -36.09 -22.41
N ARG B 826 -24.26 -36.32 -21.09
CA ARG B 826 -24.20 -37.68 -20.56
C ARG B 826 -25.30 -37.97 -19.56
N THR B 827 -25.64 -37.00 -18.71
CA THR B 827 -26.64 -37.19 -17.66
C THR B 827 -28.03 -36.96 -18.23
N PHE B 828 -28.89 -37.97 -18.11
CA PHE B 828 -30.23 -37.95 -18.67
C PHE B 828 -31.25 -38.07 -17.55
N LEU B 829 -32.11 -37.06 -17.43
CA LEU B 829 -33.18 -37.04 -16.44
C LEU B 829 -34.51 -37.29 -17.13
N GLU B 830 -35.20 -38.35 -16.73
CA GLU B 830 -36.46 -38.75 -17.37
C GLU B 830 -37.59 -37.93 -16.78
N VAL B 831 -38.28 -37.19 -17.64
CA VAL B 831 -39.44 -36.41 -17.23
C VAL B 831 -40.69 -37.27 -17.39
N SER B 832 -40.99 -38.08 -16.39
CA SER B 832 -42.12 -39.00 -16.41
C SER B 832 -42.36 -39.49 -14.99
N ALA B 833 -43.32 -40.40 -14.83
CA ALA B 833 -43.65 -40.99 -13.55
C ALA B 833 -43.15 -42.44 -13.41
N HIS B 834 -42.43 -42.94 -14.42
CA HIS B 834 -41.86 -44.28 -14.38
C HIS B 834 -40.73 -44.38 -15.40
N PRO B 835 -39.55 -44.89 -15.01
CA PRO B 835 -38.44 -44.95 -15.97
C PRO B 835 -38.66 -45.98 -17.06
N ILE B 836 -38.94 -45.50 -18.27
CA ILE B 836 -39.01 -46.35 -19.44
C ILE B 836 -37.99 -45.96 -20.51
N LEU B 837 -37.58 -44.68 -20.55
CA LEU B 837 -36.65 -44.22 -21.56
C LEU B 837 -35.23 -44.04 -21.05
N THR B 838 -35.04 -43.68 -19.78
CA THR B 838 -33.70 -43.74 -19.21
C THR B 838 -33.22 -45.18 -19.07
N ALA B 839 -34.15 -46.11 -18.92
CA ALA B 839 -33.78 -47.52 -19.04
C ALA B 839 -33.11 -47.77 -20.38
N ALA B 840 -33.71 -47.27 -21.46
CA ALA B 840 -33.11 -47.36 -22.79
C ALA B 840 -31.80 -46.59 -22.91
N ILE B 841 -31.72 -45.40 -22.30
CA ILE B 841 -30.48 -44.64 -22.32
C ILE B 841 -29.36 -45.40 -21.61
N GLU B 842 -29.72 -46.29 -20.68
CA GLU B 842 -28.71 -47.17 -20.11
C GLU B 842 -28.25 -48.25 -21.08
N GLU B 843 -29.06 -48.62 -22.08
CA GLU B 843 -28.53 -49.44 -23.16
C GLU B 843 -27.89 -48.60 -24.26
N ILE B 844 -28.02 -47.27 -24.23
CA ILE B 844 -27.18 -46.44 -25.08
C ILE B 844 -25.70 -46.68 -24.78
N GLY B 845 -25.36 -46.71 -23.49
CA GLY B 845 -24.00 -46.95 -23.04
C GLY B 845 -23.66 -48.41 -22.79
N ASP B 846 -24.59 -49.33 -23.01
CA ASP B 846 -24.31 -50.76 -22.84
C ASP B 846 -23.45 -51.32 -23.96
N GLY B 847 -23.35 -50.63 -25.09
CA GLY B 847 -22.50 -51.06 -26.18
C GLY B 847 -21.59 -49.95 -26.68
N SER B 848 -21.75 -48.76 -26.10
CA SER B 848 -20.95 -47.61 -26.46
C SER B 848 -19.88 -47.36 -25.40
N GLY B 849 -18.68 -47.01 -25.85
CA GLY B 849 -17.60 -46.72 -24.91
C GLY B 849 -17.89 -45.54 -24.02
N ALA B 850 -18.65 -44.56 -24.53
CA ALA B 850 -19.04 -43.38 -23.75
C ALA B 850 -20.20 -43.73 -22.84
N ASP B 851 -19.88 -44.43 -21.76
CA ASP B 851 -20.88 -44.83 -20.77
C ASP B 851 -21.49 -43.59 -20.12
N LEU B 852 -22.80 -43.42 -20.32
CA LEU B 852 -23.51 -42.23 -19.89
C LEU B 852 -24.52 -42.59 -18.81
N SER B 853 -24.78 -41.61 -17.93
CA SER B 853 -25.68 -41.82 -16.81
C SER B 853 -27.11 -41.49 -17.21
N ALA B 854 -28.01 -42.44 -16.93
CA ALA B 854 -29.44 -42.28 -17.17
C ALA B 854 -30.13 -42.48 -15.82
N ILE B 855 -30.58 -41.32 -15.29
CA ILE B 855 -31.18 -41.26 -13.92
C ILE B 855 -32.40 -42.17 -13.74
N HIS B 856 -32.47 -42.82 -12.57
CA HIS B 856 -33.69 -43.59 -12.37
C HIS B 856 -34.83 -42.67 -11.94
N SER B 857 -35.84 -42.56 -12.80
CA SER B 857 -37.00 -41.75 -12.48
C SER B 857 -37.82 -42.41 -11.36
N LEU B 858 -38.91 -41.74 -10.97
CA LEU B 858 -39.79 -42.27 -9.96
C LEU B 858 -40.33 -43.63 -10.39
N ARG B 859 -40.23 -44.62 -9.50
CA ARG B 859 -40.59 -45.99 -9.84
C ARG B 859 -42.07 -46.09 -10.15
N ARG B 860 -42.43 -47.10 -10.96
CA ARG B 860 -43.83 -47.35 -11.27
C ARG B 860 -44.58 -47.68 -10.00
N GLY B 861 -45.41 -46.74 -9.53
CA GLY B 861 -46.01 -46.81 -8.21
C GLY B 861 -45.59 -45.72 -7.27
N ASP B 862 -44.73 -44.80 -7.70
CA ASP B 862 -44.23 -43.71 -6.86
C ASP B 862 -44.91 -42.41 -7.26
N GLY B 863 -45.64 -41.80 -6.32
CA GLY B 863 -46.34 -40.57 -6.59
C GLY B 863 -46.29 -39.56 -5.46
N SER B 864 -45.22 -39.60 -4.67
CA SER B 864 -45.10 -38.73 -3.50
C SER B 864 -43.82 -37.90 -3.62
N LEU B 865 -43.70 -36.90 -2.75
CA LEU B 865 -42.55 -36.01 -2.78
C LEU B 865 -41.28 -36.66 -2.26
N ALA B 866 -41.39 -37.73 -1.45
CA ALA B 866 -40.21 -38.46 -1.02
C ALA B 866 -39.48 -39.09 -2.20
N ASP B 867 -40.25 -39.64 -3.15
CA ASP B 867 -39.66 -40.18 -4.37
C ASP B 867 -39.03 -39.09 -5.22
N PHE B 868 -39.63 -37.90 -5.28
CA PHE B 868 -39.00 -36.79 -6.00
C PHE B 868 -37.70 -36.37 -5.32
N GLY B 869 -37.68 -36.38 -3.99
CA GLY B 869 -36.46 -36.04 -3.28
C GLY B 869 -35.35 -37.05 -3.51
N GLU B 870 -35.68 -38.34 -3.48
CA GLU B 870 -34.67 -39.35 -3.77
C GLU B 870 -34.22 -39.27 -5.23
N ALA B 871 -35.12 -38.92 -6.15
CA ALA B 871 -34.72 -38.71 -7.54
C ALA B 871 -33.77 -37.53 -7.66
N LEU B 872 -34.02 -36.46 -6.92
CA LEU B 872 -33.11 -35.31 -6.93
C LEU B 872 -31.75 -35.69 -6.36
N SER B 873 -31.74 -36.46 -5.28
CA SER B 873 -30.48 -36.92 -4.70
C SER B 873 -29.70 -37.76 -5.69
N ARG B 874 -30.38 -38.70 -6.36
CA ARG B 874 -29.73 -39.50 -7.39
C ARG B 874 -29.24 -38.67 -8.57
N ALA B 875 -30.01 -37.65 -8.98
CA ALA B 875 -29.58 -36.78 -10.06
C ALA B 875 -28.30 -36.03 -9.68
N PHE B 876 -28.24 -35.52 -8.44
CA PHE B 876 -27.02 -34.88 -7.98
C PHE B 876 -25.86 -35.87 -7.96
N ALA B 877 -26.12 -37.11 -7.53
CA ALA B 877 -25.07 -38.12 -7.51
C ALA B 877 -24.54 -38.39 -8.92
N ALA B 878 -25.43 -38.43 -9.90
CA ALA B 878 -25.02 -38.69 -11.29
C ALA B 878 -24.17 -37.56 -11.84
N GLY B 879 -24.46 -36.32 -11.43
CA GLY B 879 -23.70 -35.18 -11.91
C GLY B 879 -24.58 -34.02 -12.34
N VAL B 880 -25.89 -34.15 -12.12
CA VAL B 880 -26.81 -33.08 -12.48
C VAL B 880 -26.59 -31.89 -11.56
N ALA B 881 -26.42 -30.71 -12.16
CA ALA B 881 -26.25 -29.48 -11.39
C ALA B 881 -27.57 -29.10 -10.74
N VAL B 882 -27.65 -29.23 -9.42
CA VAL B 882 -28.84 -28.88 -8.66
C VAL B 882 -28.57 -27.60 -7.89
N ASP B 883 -29.32 -26.54 -8.19
CA ASP B 883 -29.21 -25.28 -7.47
C ASP B 883 -29.87 -25.48 -6.11
N TRP B 884 -29.07 -25.89 -5.12
CA TRP B 884 -29.60 -26.15 -3.79
C TRP B 884 -30.06 -24.89 -3.10
N GLU B 885 -29.72 -23.72 -3.63
CA GLU B 885 -30.23 -22.45 -3.12
C GLU B 885 -31.68 -22.18 -3.53
N SER B 886 -32.35 -23.16 -4.11
CA SER B 886 -33.76 -23.04 -4.48
C SER B 886 -34.65 -24.05 -3.79
N VAL B 887 -34.13 -25.24 -3.46
CA VAL B 887 -34.92 -26.24 -2.74
C VAL B 887 -35.14 -25.85 -1.29
N HIS B 888 -34.23 -25.07 -0.71
CA HIS B 888 -34.28 -24.74 0.71
C HIS B 888 -34.89 -23.36 0.98
N LEU B 889 -35.44 -22.71 -0.04
CA LEU B 889 -36.05 -21.40 0.14
C LEU B 889 -37.38 -21.48 0.90
N GLY B 890 -38.24 -22.43 0.55
CA GLY B 890 -39.51 -22.57 1.24
C GLY B 890 -39.41 -23.27 2.58
N THR B 891 -38.31 -23.98 2.83
CA THR B 891 -38.16 -24.68 4.11
C THR B 891 -37.81 -23.71 5.23
N GLY B 892 -37.18 -22.58 4.91
CA GLY B 892 -36.71 -21.67 5.95
C GLY B 892 -35.64 -22.28 6.81
N ALA B 893 -34.67 -22.95 6.19
CA ALA B 893 -33.63 -23.67 6.93
C ALA B 893 -32.58 -22.70 7.48
N ARG B 894 -31.71 -23.22 8.33
CA ARG B 894 -30.63 -22.46 8.91
C ARG B 894 -29.32 -23.21 8.74
N ARG B 895 -28.26 -22.46 8.44
CA ARG B 895 -26.93 -23.02 8.29
C ARG B 895 -26.35 -23.33 9.67
N VAL B 896 -25.89 -24.55 9.86
CA VAL B 896 -25.35 -24.99 11.15
C VAL B 896 -23.92 -25.49 10.95
N PRO B 897 -23.06 -25.36 11.95
CA PRO B 897 -21.68 -25.86 11.81
C PRO B 897 -21.66 -27.34 11.47
N LEU B 898 -20.82 -27.69 10.50
CA LEU B 898 -20.64 -29.04 10.02
C LEU B 898 -19.15 -29.33 9.82
N PRO B 899 -18.75 -30.59 9.87
CA PRO B 899 -17.33 -30.91 9.65
C PRO B 899 -16.87 -30.50 8.26
N THR B 900 -15.63 -30.06 8.17
CA THR B 900 -15.06 -29.59 6.91
C THR B 900 -14.62 -30.80 6.08
N TYR B 901 -14.00 -30.52 4.94
CA TYR B 901 -13.62 -31.60 4.03
C TYR B 901 -12.46 -32.40 4.61
N PRO B 902 -12.60 -33.72 4.75
CA PRO B 902 -11.54 -34.58 5.31
C PRO B 902 -10.39 -34.84 4.34
N PHE B 903 -9.45 -33.90 4.35
CA PHE B 903 -8.27 -33.98 3.48
C PHE B 903 -7.55 -35.30 3.64
N GLN B 904 -7.54 -36.11 2.59
CA GLN B 904 -6.80 -37.37 2.57
C GLN B 904 -5.32 -37.03 2.41
N ARG B 905 -4.60 -37.04 3.53
CA ARG B 905 -3.25 -36.50 3.57
C ARG B 905 -2.21 -37.56 3.21
N GLU B 906 -1.37 -37.25 2.23
CA GLU B 906 -0.21 -38.07 1.88
C GLU B 906 0.93 -37.73 2.83
N ARG B 907 2.14 -38.20 2.52
CA ARG B 907 3.34 -37.76 3.23
C ARG B 907 4.21 -37.05 2.20
N VAL B 908 3.95 -35.75 2.03
CA VAL B 908 4.64 -34.92 1.04
C VAL B 908 5.63 -34.05 1.81
N TRP B 909 6.92 -34.29 1.59
CA TRP B 909 7.98 -33.56 2.28
C TRP B 909 9.25 -33.55 1.44
N LEU B 910 9.86 -32.38 1.31
CA LEU B 910 11.12 -32.20 0.58
C LEU B 910 12.19 -31.81 1.58
N GLU B 911 12.99 -32.79 2.02
CA GLU B 911 14.07 -32.57 2.97
C GLU B 911 15.29 -31.96 2.28
N PRO B 912 16.13 -31.24 3.02
CA PRO B 912 17.37 -30.73 2.43
C PRO B 912 18.26 -31.87 1.94
N LYS B 913 18.96 -31.60 0.82
CA LYS B 913 19.75 -32.66 0.19
C LYS B 913 21.02 -33.01 0.97
N PRO B 914 21.97 -32.10 1.17
CA PRO B 914 23.34 -32.51 1.49
C PRO B 914 23.46 -33.21 2.83
N VAL B 915 24.43 -34.12 2.89
CA VAL B 915 24.87 -34.75 4.12
C VAL B 915 26.27 -34.23 4.42
N ALA B 916 26.46 -33.71 5.63
CA ALA B 916 27.69 -32.97 5.94
C ALA B 916 28.91 -33.87 5.88
N ARG B 917 29.94 -33.40 5.17
CA ARG B 917 31.25 -34.05 5.12
C ARG B 917 31.15 -35.50 4.65
N ARG B 918 30.70 -35.65 3.40
CA ARG B 918 30.61 -36.95 2.76
C ARG B 918 31.90 -37.37 2.06
N SER B 919 32.88 -36.48 1.96
CA SER B 919 34.10 -36.77 1.22
C SER B 919 35.32 -36.26 1.97
N THR B 920 36.41 -37.00 1.89
CA THR B 920 37.68 -36.58 2.47
C THR B 920 38.81 -36.68 1.44
N GLU B 921 38.76 -37.70 0.57
CA GLU B 921 39.83 -37.89 -0.41
C GLU B 921 39.75 -36.87 -1.53
N VAL B 922 38.57 -36.29 -1.75
CA VAL B 922 38.42 -35.25 -2.77
C VAL B 922 38.81 -33.88 -2.25
N ASP B 923 39.13 -33.77 -0.95
CA ASP B 923 39.66 -32.52 -0.42
C ASP B 923 40.98 -32.17 -1.09
N GLU B 924 41.82 -33.17 -1.36
CA GLU B 924 43.05 -32.94 -2.12
C GLU B 924 42.74 -32.46 -3.54
N VAL B 925 41.67 -33.00 -4.13
CA VAL B 925 41.23 -32.54 -5.45
C VAL B 925 40.79 -31.09 -5.40
N SER B 926 40.17 -30.68 -4.30
CA SER B 926 39.78 -29.28 -4.14
C SER B 926 40.99 -28.36 -4.16
N ALA B 927 42.07 -28.78 -3.49
CA ALA B 927 43.32 -28.03 -3.55
C ALA B 927 44.03 -28.20 -4.90
N LEU B 928 43.66 -29.21 -5.67
CA LEU B 928 44.20 -29.39 -7.02
C LEU B 928 43.58 -28.43 -8.03
N ARG B 929 42.28 -28.21 -7.95
CA ARG B 929 41.55 -27.49 -8.99
C ARG B 929 41.36 -26.02 -8.60
N TYR B 930 41.61 -25.13 -9.56
CA TYR B 930 41.29 -23.73 -9.46
C TYR B 930 40.65 -23.29 -10.77
N ARG B 931 40.19 -22.05 -10.82
CA ARG B 931 39.57 -21.55 -12.04
C ARG B 931 39.92 -20.08 -12.23
N ILE B 932 39.83 -19.64 -13.48
CA ILE B 932 40.14 -18.27 -13.87
C ILE B 932 38.82 -17.50 -13.95
N GLU B 933 38.67 -16.48 -13.11
CA GLU B 933 37.46 -15.69 -13.06
C GLU B 933 37.83 -14.22 -13.19
N TRP B 934 37.01 -13.46 -13.92
CA TRP B 934 37.27 -12.05 -14.16
C TRP B 934 36.44 -11.24 -13.17
N ARG B 935 37.11 -10.70 -12.16
CA ARG B 935 36.39 -9.95 -11.14
C ARG B 935 36.51 -8.45 -11.41
N PRO B 936 35.49 -7.65 -11.08
CA PRO B 936 35.57 -6.23 -11.40
C PRO B 936 36.68 -5.51 -10.62
N THR B 937 37.71 -5.08 -11.35
CA THR B 937 38.83 -4.37 -10.76
C THR B 937 38.74 -2.89 -11.11
N GLY B 938 39.65 -2.10 -10.54
CA GLY B 938 39.71 -0.69 -10.85
C GLY B 938 40.17 -0.44 -12.27
N ALA B 939 39.69 0.67 -12.83
CA ALA B 939 40.09 1.06 -14.18
C ALA B 939 41.47 1.69 -14.22
N GLY B 940 42.17 1.71 -13.09
CA GLY B 940 43.50 2.30 -13.01
C GLY B 940 43.45 3.77 -12.64
N GLU B 941 44.56 4.24 -12.08
CA GLU B 941 44.69 5.63 -11.70
C GLU B 941 45.16 6.43 -12.90
N PRO B 942 44.38 7.39 -13.40
CA PRO B 942 44.78 8.13 -14.61
C PRO B 942 45.87 9.15 -14.28
N ALA B 943 47.02 8.99 -14.95
CA ALA B 943 48.15 9.90 -14.79
C ALA B 943 48.46 10.53 -16.15
N ARG B 944 48.75 11.83 -16.13
CA ARG B 944 49.04 12.56 -17.36
C ARG B 944 50.34 12.05 -17.96
N LEU B 945 50.23 11.34 -19.08
CA LEU B 945 51.38 10.74 -19.72
C LEU B 945 52.23 11.80 -20.40
N ASP B 946 53.39 11.38 -20.90
CA ASP B 946 54.33 12.27 -21.56
C ASP B 946 54.97 11.54 -22.73
N GLY B 947 55.81 12.25 -23.46
CA GLY B 947 56.45 11.66 -24.63
C GLY B 947 55.44 11.34 -25.70
N THR B 948 55.37 10.07 -26.08
CA THR B 948 54.43 9.60 -27.09
C THR B 948 53.93 8.22 -26.72
N TRP B 949 52.76 7.88 -27.27
CA TRP B 949 52.18 6.55 -27.11
C TRP B 949 51.76 6.05 -28.49
N LEU B 950 52.50 5.09 -29.02
CA LEU B 950 52.33 4.65 -30.40
C LEU B 950 51.12 3.75 -30.52
N VAL B 951 50.26 4.02 -31.50
CA VAL B 951 49.17 3.12 -31.85
C VAL B 951 49.65 2.14 -32.92
N ALA B 952 50.29 1.06 -32.47
CA ALA B 952 50.84 0.08 -33.41
C ALA B 952 49.73 -0.83 -33.93
N LYS B 953 49.63 -0.91 -35.25
CA LYS B 953 48.53 -1.65 -35.87
C LYS B 953 48.89 -1.94 -37.32
N TYR B 954 47.92 -2.43 -38.09
CA TYR B 954 48.09 -2.68 -39.51
C TYR B 954 47.68 -1.44 -40.30
N ALA B 955 47.59 -1.57 -41.63
CA ALA B 955 47.14 -0.47 -42.47
C ALA B 955 46.21 -0.91 -43.59
N GLY B 956 45.78 -2.17 -43.63
CA GLY B 956 44.93 -2.63 -44.71
C GLY B 956 43.57 -1.96 -44.72
N THR B 957 42.96 -1.81 -43.56
CA THR B 957 41.65 -1.22 -43.43
C THR B 957 41.69 -0.01 -42.51
N ALA B 958 40.91 1.01 -42.86
CA ALA B 958 40.76 2.16 -41.98
C ALA B 958 39.96 1.75 -40.73
N ASP B 959 40.50 2.09 -39.57
CA ASP B 959 39.94 1.63 -38.29
C ASP B 959 39.52 2.84 -37.46
N GLU B 960 38.25 2.87 -37.06
CA GLU B 960 37.79 3.93 -36.13
C GLU B 960 38.39 3.61 -34.76
N THR B 961 38.94 2.40 -34.62
CA THR B 961 39.59 1.98 -33.35
C THR B 961 40.82 2.87 -33.12
N SER B 962 41.60 3.11 -34.19
CA SER B 962 42.80 3.97 -34.08
C SER B 962 42.41 5.38 -33.66
N THR B 963 41.27 5.88 -34.16
CA THR B 963 40.81 7.25 -33.83
C THR B 963 40.31 7.29 -32.38
N ALA B 964 39.72 6.20 -31.89
CA ALA B 964 39.23 6.14 -30.49
C ALA B 964 40.42 6.17 -29.53
N ALA B 965 41.57 5.62 -29.96
CA ALA B 965 42.78 5.67 -29.12
C ALA B 965 43.47 7.02 -29.29
N ARG B 966 43.45 7.58 -30.49
CA ARG B 966 44.13 8.87 -30.78
C ARG B 966 43.73 9.93 -29.75
N GLU B 967 42.44 10.28 -29.70
CA GLU B 967 41.99 11.36 -28.78
C GLU B 967 42.43 11.02 -27.36
N ALA B 968 42.20 9.79 -26.91
CA ALA B 968 42.52 9.39 -25.51
C ALA B 968 43.97 9.71 -25.14
N LEU B 969 44.94 9.43 -26.03
CA LEU B 969 46.38 9.62 -25.66
C LEU B 969 46.83 11.07 -25.84
N GLU B 970 46.35 11.77 -26.87
CA GLU B 970 46.70 13.21 -27.00
C GLU B 970 46.19 13.91 -25.74
N SER B 971 45.00 13.51 -25.28
CA SER B 971 44.38 14.10 -24.10
C SER B 971 45.00 13.57 -22.82
N ALA B 972 45.75 12.46 -22.88
CA ALA B 972 46.43 11.91 -21.72
C ALA B 972 47.79 12.57 -21.48
N GLY B 973 48.21 13.50 -22.35
CA GLY B 973 49.44 14.25 -22.17
C GLY B 973 50.49 13.99 -23.22
N ALA B 974 50.52 12.79 -23.80
CA ALA B 974 51.52 12.45 -24.81
C ALA B 974 50.98 12.77 -26.20
N ARG B 975 51.67 12.28 -27.23
CA ARG B 975 51.22 12.40 -28.61
C ARG B 975 51.08 11.01 -29.22
N VAL B 976 50.35 10.95 -30.33
CA VAL B 976 50.01 9.69 -30.98
C VAL B 976 50.72 9.62 -32.32
N ARG B 977 51.45 8.54 -32.55
CA ARG B 977 52.11 8.27 -33.83
C ARG B 977 51.80 6.84 -34.25
N GLU B 978 51.46 6.65 -35.51
CA GLU B 978 51.08 5.35 -36.04
C GLU B 978 52.31 4.51 -36.33
N LEU B 979 52.22 3.22 -36.02
CA LEU B 979 53.28 2.24 -36.28
C LEU B 979 52.66 1.09 -37.07
N VAL B 980 52.86 1.10 -38.38
CA VAL B 980 52.33 0.03 -39.22
C VAL B 980 53.31 -1.15 -39.16
N VAL B 981 52.77 -2.33 -38.86
CA VAL B 981 53.55 -3.56 -38.79
C VAL B 981 52.91 -4.59 -39.71
N ASP B 982 53.73 -5.23 -40.53
CA ASP B 982 53.26 -6.26 -41.47
C ASP B 982 53.60 -7.64 -40.93
N ALA B 983 52.94 -8.65 -41.50
CA ALA B 983 53.13 -10.02 -41.08
C ALA B 983 54.57 -10.47 -41.33
N ARG B 984 55.31 -10.70 -40.25
CA ARG B 984 56.72 -11.10 -40.32
C ARG B 984 57.53 -10.09 -41.12
N CYS B 985 57.25 -8.81 -40.88
CA CYS B 985 57.98 -7.74 -41.55
C CYS B 985 59.41 -7.61 -41.03
N GLY B 986 59.74 -8.28 -39.94
CA GLY B 986 61.08 -8.22 -39.39
C GLY B 986 61.10 -7.99 -37.89
N ARG B 987 62.02 -8.66 -37.19
CA ARG B 987 62.14 -8.49 -35.75
C ARG B 987 62.83 -7.18 -35.37
N ASP B 988 63.32 -6.42 -36.34
CA ASP B 988 64.06 -5.19 -36.06
C ASP B 988 63.35 -3.93 -36.52
N GLU B 989 62.52 -3.99 -37.56
CA GLU B 989 61.97 -2.79 -38.19
C GLU B 989 61.32 -1.86 -37.15
N LEU B 990 60.45 -2.42 -36.32
CA LEU B 990 59.81 -1.63 -35.28
C LEU B 990 60.83 -1.06 -34.31
N ALA B 991 61.98 -1.73 -34.15
CA ALA B 991 63.00 -1.21 -33.24
C ALA B 991 63.58 0.11 -33.73
N GLU B 992 64.01 0.17 -35.00
CA GLU B 992 64.54 1.46 -35.45
C GLU B 992 63.41 2.48 -35.63
N ARG B 993 62.17 2.02 -35.86
CA ARG B 993 61.07 3.00 -35.86
C ARG B 993 60.89 3.63 -34.48
N LEU B 994 60.94 2.81 -33.42
CA LEU B 994 60.86 3.34 -32.06
C LEU B 994 62.03 4.25 -31.75
N ARG B 995 63.23 3.89 -32.22
CA ARG B 995 64.38 4.77 -32.03
C ARG B 995 64.26 6.06 -32.82
N SER B 996 63.59 6.02 -33.98
CA SER B 996 63.41 7.21 -34.80
C SER B 996 62.42 8.18 -34.16
N VAL B 997 61.30 7.66 -33.65
CA VAL B 997 60.36 8.55 -32.97
C VAL B 997 60.97 9.12 -31.69
N GLY B 998 61.79 8.32 -31.00
CA GLY B 998 62.46 8.78 -29.81
C GLY B 998 62.00 8.01 -28.58
N GLU B 999 62.06 8.68 -27.42
CA GLU B 999 61.61 8.07 -26.19
C GLU B 999 60.10 7.91 -26.20
N VAL B 1000 59.64 6.72 -25.83
CA VAL B 1000 58.22 6.38 -25.81
C VAL B 1000 57.86 5.94 -24.40
N ALA B 1001 56.70 6.39 -23.92
CA ALA B 1001 56.21 6.01 -22.60
C ALA B 1001 55.30 4.80 -22.62
N GLY B 1002 55.05 4.22 -23.79
CA GLY B 1002 54.18 3.07 -23.90
C GLY B 1002 53.59 2.98 -25.29
N VAL B 1003 53.14 1.78 -25.63
CA VAL B 1003 52.61 1.51 -26.96
C VAL B 1003 51.28 0.77 -26.84
N LEU B 1004 50.33 1.15 -27.70
CA LEU B 1004 49.05 0.46 -27.82
C LEU B 1004 49.08 -0.35 -29.11
N SER B 1005 49.06 -1.68 -28.97
CA SER B 1005 48.97 -2.56 -30.13
C SER B 1005 47.50 -2.79 -30.46
N LEU B 1006 47.03 -2.12 -31.52
CA LEU B 1006 45.65 -2.21 -31.97
C LEU B 1006 45.51 -3.10 -33.20
N LEU B 1007 46.41 -4.05 -33.39
CA LEU B 1007 46.38 -4.95 -34.54
C LEU B 1007 45.55 -6.20 -34.30
N ALA B 1008 45.13 -6.45 -33.06
CA ALA B 1008 44.35 -7.64 -32.72
C ALA B 1008 42.88 -7.31 -32.50
N VAL B 1009 42.36 -6.32 -33.20
CA VAL B 1009 40.96 -5.91 -33.08
C VAL B 1009 40.25 -6.15 -34.41
N ASP B 1010 39.10 -6.83 -34.33
CA ASP B 1010 38.26 -7.11 -35.48
C ASP B 1010 39.07 -7.78 -36.60
N GLU B 1011 39.90 -8.74 -36.19
CA GLU B 1011 40.75 -9.47 -37.13
C GLU B 1011 40.32 -10.93 -37.12
N ALA B 1012 40.04 -11.46 -38.31
CA ALA B 1012 39.58 -12.84 -38.42
C ALA B 1012 40.75 -13.81 -38.31
N GLU B 1013 40.43 -15.02 -37.86
CA GLU B 1013 41.42 -16.08 -37.74
C GLU B 1013 41.76 -16.63 -39.13
N PRO B 1014 43.04 -16.60 -39.54
CA PRO B 1014 43.42 -17.31 -40.76
C PRO B 1014 43.19 -18.81 -40.59
N GLU B 1015 42.39 -19.38 -41.50
CA GLU B 1015 42.00 -20.78 -41.38
C GLU B 1015 43.16 -21.74 -41.62
N GLU B 1016 44.31 -21.25 -42.09
CA GLU B 1016 45.47 -22.11 -42.26
C GLU B 1016 45.93 -22.68 -40.92
N ALA B 1017 46.00 -21.85 -39.89
CA ALA B 1017 46.45 -22.29 -38.58
C ALA B 1017 46.04 -21.28 -37.52
N PRO B 1018 45.48 -21.72 -36.39
CA PRO B 1018 45.15 -20.76 -35.32
C PRO B 1018 46.36 -20.01 -34.78
N LEU B 1019 47.51 -20.67 -34.68
CA LEU B 1019 48.71 -20.04 -34.13
C LEU B 1019 49.49 -19.26 -35.18
N ALA B 1020 49.09 -19.34 -36.45
CA ALA B 1020 49.65 -18.49 -37.50
C ALA B 1020 48.96 -17.13 -37.55
N LEU B 1021 48.24 -16.76 -36.50
CA LEU B 1021 47.58 -15.45 -36.44
C LEU B 1021 48.60 -14.33 -36.57
N ALA B 1022 48.32 -13.39 -37.47
CA ALA B 1022 49.27 -12.32 -37.75
C ALA B 1022 49.49 -11.43 -36.54
N SER B 1023 48.44 -11.21 -35.74
CA SER B 1023 48.57 -10.35 -34.58
C SER B 1023 49.58 -10.94 -33.58
N LEU B 1024 49.55 -12.25 -33.37
CA LEU B 1024 50.51 -12.89 -32.48
C LEU B 1024 51.94 -12.71 -32.97
N ALA B 1025 52.17 -12.96 -34.27
CA ALA B 1025 53.51 -12.83 -34.82
C ALA B 1025 54.02 -11.41 -34.69
N ASP B 1026 53.20 -10.42 -35.05
CA ASP B 1026 53.65 -9.04 -35.00
C ASP B 1026 53.78 -8.55 -33.57
N THR B 1027 52.97 -9.07 -32.65
CA THR B 1027 53.13 -8.72 -31.23
C THR B 1027 54.45 -9.25 -30.68
N LEU B 1028 54.81 -10.48 -31.03
CA LEU B 1028 56.11 -11.02 -30.61
C LEU B 1028 57.25 -10.21 -31.22
N SER B 1029 57.14 -9.88 -32.51
CA SER B 1029 58.17 -9.08 -33.16
C SER B 1029 58.28 -7.71 -32.52
N LEU B 1030 57.16 -7.13 -32.12
CA LEU B 1030 57.16 -5.81 -31.50
C LEU B 1030 57.76 -5.85 -30.10
N VAL B 1031 57.46 -6.91 -29.33
CA VAL B 1031 58.07 -7.06 -28.02
C VAL B 1031 59.58 -7.18 -28.15
N GLN B 1032 60.04 -8.01 -29.06
CA GLN B 1032 61.48 -8.14 -29.26
C GLN B 1032 62.09 -6.88 -29.86
N ALA B 1033 61.32 -6.10 -30.62
CA ALA B 1033 61.81 -4.82 -31.13
C ALA B 1033 62.02 -3.83 -30.01
N MET B 1034 61.10 -3.79 -29.03
CA MET B 1034 61.35 -2.99 -27.83
C MET B 1034 62.56 -3.49 -27.07
N VAL B 1035 62.72 -4.82 -26.98
CA VAL B 1035 63.87 -5.37 -26.27
C VAL B 1035 65.17 -4.93 -26.92
N SER B 1036 65.25 -5.01 -28.24
CA SER B 1036 66.46 -4.66 -28.97
C SER B 1036 66.63 -3.16 -29.17
N ALA B 1037 65.57 -2.36 -28.94
CA ALA B 1037 65.63 -0.94 -29.15
C ALA B 1037 66.06 -0.16 -27.91
N GLU B 1038 66.26 -0.84 -26.78
CA GLU B 1038 66.66 -0.20 -25.53
C GLU B 1038 65.74 0.96 -25.16
N LEU B 1039 64.44 0.71 -25.27
CA LEU B 1039 63.44 1.75 -25.00
C LEU B 1039 62.82 1.60 -23.62
N GLY B 1040 62.43 0.39 -23.23
CA GLY B 1040 61.88 0.15 -21.91
C GLY B 1040 60.55 0.82 -21.65
N CYS B 1041 59.60 0.64 -22.55
CA CYS B 1041 58.27 1.21 -22.39
C CYS B 1041 57.23 0.10 -22.31
N PRO B 1042 56.16 0.31 -21.53
CA PRO B 1042 55.12 -0.72 -21.43
C PRO B 1042 54.37 -0.89 -22.74
N LEU B 1043 53.91 -2.12 -22.99
CA LEU B 1043 53.12 -2.43 -24.17
C LEU B 1043 51.78 -3.01 -23.76
N TRP B 1044 50.70 -2.40 -24.27
CA TRP B 1044 49.35 -2.86 -24.02
C TRP B 1044 48.72 -3.30 -25.33
N THR B 1045 48.33 -4.57 -25.41
CA THR B 1045 47.76 -5.15 -26.61
C THR B 1045 46.24 -5.12 -26.48
N VAL B 1046 45.60 -4.23 -27.23
CA VAL B 1046 44.14 -4.15 -27.18
C VAL B 1046 43.56 -5.29 -28.01
N THR B 1047 42.70 -6.09 -27.39
CA THR B 1047 42.09 -7.24 -28.02
C THR B 1047 40.58 -7.08 -28.06
N GLU B 1048 39.98 -7.60 -29.12
CA GLU B 1048 38.53 -7.48 -29.35
C GLU B 1048 37.86 -8.76 -28.86
N SER B 1049 37.44 -8.75 -27.60
CA SER B 1049 36.73 -9.87 -26.97
C SER B 1049 37.51 -11.18 -27.15
N ALA B 1050 38.83 -11.08 -26.96
CA ALA B 1050 39.69 -12.26 -27.06
C ALA B 1050 39.47 -13.23 -25.91
N VAL B 1051 39.04 -12.74 -24.75
CA VAL B 1051 38.74 -13.58 -23.60
C VAL B 1051 37.39 -13.14 -23.04
N ALA B 1052 36.76 -14.04 -22.30
CA ALA B 1052 35.45 -13.79 -21.73
C ALA B 1052 35.57 -13.53 -20.24
N THR B 1053 34.75 -12.60 -19.75
CA THR B 1053 34.65 -12.32 -18.32
C THR B 1053 33.84 -13.36 -17.57
N GLY B 1054 33.53 -14.48 -18.23
CA GLY B 1054 32.70 -15.51 -17.68
C GLY B 1054 31.95 -16.22 -18.79
N PRO B 1055 31.44 -17.43 -18.51
CA PRO B 1055 30.69 -18.17 -19.53
C PRO B 1055 29.43 -17.46 -20.02
N PHE B 1056 29.02 -16.35 -19.40
CA PHE B 1056 27.93 -15.55 -19.92
C PHE B 1056 28.31 -14.74 -21.15
N GLU B 1057 29.60 -14.71 -21.49
CA GLU B 1057 30.09 -14.03 -22.68
C GLU B 1057 30.84 -15.03 -23.55
N ARG B 1058 30.72 -14.85 -24.87
CA ARG B 1058 31.34 -15.76 -25.82
C ARG B 1058 32.60 -15.14 -26.40
N VAL B 1059 33.67 -15.92 -26.43
CA VAL B 1059 34.93 -15.49 -27.06
C VAL B 1059 34.74 -15.59 -28.57
N ARG B 1060 34.95 -14.47 -29.27
CA ARG B 1060 34.74 -14.46 -30.72
C ARG B 1060 35.81 -15.27 -31.44
N ASN B 1061 37.04 -15.25 -30.93
CA ASN B 1061 38.18 -15.90 -31.57
C ASN B 1061 39.06 -16.51 -30.49
N ALA B 1062 39.13 -17.84 -30.45
CA ALA B 1062 40.02 -18.50 -29.51
C ALA B 1062 41.49 -18.28 -29.88
N ALA B 1063 41.77 -18.04 -31.15
CA ALA B 1063 43.15 -17.79 -31.57
C ALA B 1063 43.67 -16.47 -30.98
N HIS B 1064 42.78 -15.52 -30.72
CA HIS B 1064 43.22 -14.27 -30.11
C HIS B 1064 43.63 -14.47 -28.65
N GLY B 1065 43.11 -15.52 -28.02
CA GLY B 1065 43.53 -15.86 -26.67
C GLY B 1065 44.97 -16.33 -26.59
N ALA B 1066 45.53 -16.80 -27.71
CA ALA B 1066 46.94 -17.13 -27.76
C ALA B 1066 47.79 -15.91 -27.46
N LEU B 1067 47.35 -14.74 -27.96
CA LEU B 1067 48.03 -13.49 -27.62
C LEU B 1067 47.96 -13.23 -26.13
N TRP B 1068 46.82 -13.52 -25.50
CA TRP B 1068 46.69 -13.32 -24.06
C TRP B 1068 47.66 -14.23 -23.30
N GLY B 1069 47.75 -15.49 -23.70
CA GLY B 1069 48.66 -16.42 -23.05
C GLY B 1069 50.11 -16.03 -23.19
N VAL B 1070 50.50 -15.68 -24.42
CA VAL B 1070 51.89 -15.26 -24.64
C VAL B 1070 52.16 -13.95 -23.91
N GLY B 1071 51.15 -13.11 -23.74
CA GLY B 1071 51.35 -11.90 -22.96
C GLY B 1071 51.55 -12.18 -21.49
N ARG B 1072 50.79 -13.14 -20.94
CA ARG B 1072 51.04 -13.57 -19.57
C ARG B 1072 52.45 -14.13 -19.41
N VAL B 1073 52.97 -14.81 -20.43
CA VAL B 1073 54.36 -15.28 -20.36
C VAL B 1073 55.38 -14.15 -20.52
N ILE B 1074 55.10 -13.16 -21.37
CA ILE B 1074 56.08 -12.13 -21.71
C ILE B 1074 56.47 -11.32 -20.48
N ALA B 1075 55.50 -10.97 -19.64
CA ALA B 1075 55.77 -10.09 -18.51
C ALA B 1075 56.80 -10.70 -17.56
N LEU B 1076 56.93 -12.02 -17.54
CA LEU B 1076 57.97 -12.67 -16.74
C LEU B 1076 59.35 -12.53 -17.35
N GLU B 1077 59.46 -12.06 -18.59
CA GLU B 1077 60.75 -11.85 -19.25
C GLU B 1077 61.21 -10.40 -19.17
N ASN B 1078 60.34 -9.47 -19.57
CA ASN B 1078 60.66 -8.04 -19.59
C ASN B 1078 59.52 -7.27 -18.93
N PRO B 1079 59.53 -7.18 -17.61
CA PRO B 1079 58.43 -6.47 -16.91
C PRO B 1079 58.28 -5.02 -17.34
N ALA B 1080 59.38 -4.33 -17.64
CA ALA B 1080 59.28 -2.94 -18.09
C ALA B 1080 58.69 -2.86 -19.50
N VAL B 1081 59.08 -3.78 -20.37
CA VAL B 1081 58.60 -3.75 -21.75
C VAL B 1081 57.12 -4.11 -21.84
N TRP B 1082 56.67 -5.10 -21.08
CA TRP B 1082 55.28 -5.55 -21.14
C TRP B 1082 54.44 -4.74 -20.17
N GLY B 1083 53.32 -4.20 -20.65
CA GLY B 1083 52.36 -3.54 -19.81
C GLY B 1083 51.21 -4.43 -19.44
N GLY B 1084 50.69 -5.16 -20.43
CA GLY B 1084 49.58 -6.07 -20.21
C GLY B 1084 48.71 -6.14 -21.46
N LEU B 1085 47.50 -6.64 -21.27
CA LEU B 1085 46.51 -6.71 -22.32
C LEU B 1085 45.20 -6.07 -21.86
N VAL B 1086 44.54 -5.39 -22.80
CA VAL B 1086 43.30 -4.66 -22.51
C VAL B 1086 42.24 -5.20 -23.47
N ASP B 1087 41.30 -6.00 -22.94
CA ASP B 1087 40.25 -6.56 -23.76
C ASP B 1087 39.08 -5.60 -23.87
N VAL B 1088 38.49 -5.53 -25.06
CA VAL B 1088 37.34 -4.67 -25.33
C VAL B 1088 36.29 -5.49 -26.07
N PRO B 1089 35.01 -5.10 -26.01
CA PRO B 1089 33.97 -5.90 -26.67
C PRO B 1089 34.10 -5.87 -28.18
N ALA B 1090 33.50 -6.87 -28.82
CA ALA B 1090 33.57 -7.02 -30.27
C ALA B 1090 32.69 -5.96 -30.93
N GLY B 1091 33.32 -5.09 -31.71
CA GLY B 1091 32.58 -4.09 -32.47
C GLY B 1091 32.52 -2.72 -31.82
N SER B 1092 32.35 -2.69 -30.50
CA SER B 1092 32.20 -1.44 -29.77
C SER B 1092 33.57 -0.86 -29.43
N VAL B 1093 33.71 0.45 -29.61
CA VAL B 1093 34.95 1.17 -29.32
C VAL B 1093 34.76 2.19 -28.20
N ALA B 1094 33.59 2.21 -27.56
CA ALA B 1094 33.34 3.18 -26.51
C ALA B 1094 34.17 2.89 -25.27
N GLU B 1095 34.38 1.61 -24.96
CA GLU B 1095 35.16 1.25 -23.77
C GLU B 1095 36.60 1.75 -23.87
N LEU B 1096 37.16 1.75 -25.08
CA LEU B 1096 38.48 2.36 -25.28
C LEU B 1096 38.50 3.80 -24.81
N ALA B 1097 37.65 4.64 -25.41
CA ALA B 1097 37.60 6.05 -25.06
C ALA B 1097 37.31 6.25 -23.58
N ARG B 1098 36.53 5.35 -22.99
CA ARG B 1098 36.14 5.52 -21.59
C ARG B 1098 37.26 5.16 -20.63
N HIS B 1099 38.09 4.16 -20.95
CA HIS B 1099 38.97 3.62 -19.92
C HIS B 1099 40.47 3.63 -20.25
N LEU B 1100 40.85 3.61 -21.54
CA LEU B 1100 42.24 3.35 -21.90
C LEU B 1100 43.22 4.29 -21.21
N ALA B 1101 42.86 5.57 -21.09
CA ALA B 1101 43.79 6.55 -20.53
C ALA B 1101 44.17 6.20 -19.11
N ALA B 1102 43.20 5.80 -18.29
CA ALA B 1102 43.49 5.37 -16.93
C ALA B 1102 44.08 3.97 -16.89
N VAL B 1103 43.68 3.11 -17.82
CA VAL B 1103 44.12 1.72 -17.79
C VAL B 1103 45.61 1.61 -18.07
N VAL B 1104 46.09 2.28 -19.12
CA VAL B 1104 47.51 2.16 -19.48
C VAL B 1104 48.40 2.77 -18.41
N SER B 1105 47.97 3.86 -17.77
CA SER B 1105 48.74 4.53 -16.74
C SER B 1105 48.37 4.10 -15.33
N GLY B 1106 47.46 3.13 -15.19
CA GLY B 1106 46.98 2.71 -13.90
C GLY B 1106 48.03 2.17 -12.95
N GLY B 1107 48.01 2.65 -11.70
CA GLY B 1107 48.87 2.13 -10.67
C GLY B 1107 48.34 0.92 -9.94
N ALA B 1108 47.18 0.40 -10.35
CA ALA B 1108 46.62 -0.79 -9.72
C ALA B 1108 47.52 -2.00 -9.93
N GLY B 1109 48.12 -2.12 -11.11
CA GLY B 1109 49.00 -3.21 -11.42
C GLY B 1109 48.40 -4.35 -12.21
N GLU B 1110 47.19 -4.18 -12.74
CA GLU B 1110 46.55 -5.24 -13.51
C GLU B 1110 47.30 -5.42 -14.83
N ASP B 1111 47.73 -6.66 -15.10
CA ASP B 1111 48.30 -7.02 -16.38
C ASP B 1111 47.31 -7.71 -17.31
N GLN B 1112 46.07 -7.90 -16.85
CA GLN B 1112 45.02 -8.53 -17.64
C GLN B 1112 43.75 -7.71 -17.47
N LEU B 1113 43.35 -7.02 -18.54
CA LEU B 1113 42.22 -6.09 -18.48
C LEU B 1113 41.15 -6.51 -19.47
N ALA B 1114 39.89 -6.43 -19.03
CA ALA B 1114 38.75 -6.70 -19.91
C ALA B 1114 37.73 -5.57 -19.68
N LEU B 1115 37.64 -4.68 -20.67
CA LEU B 1115 36.68 -3.58 -20.59
C LEU B 1115 35.35 -4.04 -21.19
N ARG B 1116 34.28 -3.95 -20.41
CA ARG B 1116 32.94 -4.30 -20.85
C ARG B 1116 31.98 -3.17 -20.49
N ALA B 1117 30.76 -3.28 -21.01
CA ALA B 1117 29.76 -2.23 -20.80
C ALA B 1117 29.43 -2.06 -19.33
N ASP B 1118 29.68 -3.07 -18.50
CA ASP B 1118 29.41 -3.01 -17.08
C ASP B 1118 30.65 -2.69 -16.25
N GLY B 1119 31.76 -2.35 -16.89
CA GLY B 1119 32.93 -1.92 -16.15
C GLY B 1119 34.26 -2.47 -16.61
N VAL B 1120 35.17 -2.69 -15.67
CA VAL B 1120 36.50 -3.23 -15.94
C VAL B 1120 36.70 -4.48 -15.11
N TYR B 1121 37.14 -5.56 -15.75
CA TYR B 1121 37.33 -6.84 -15.09
C TYR B 1121 38.79 -7.26 -15.20
N GLY B 1122 39.36 -7.69 -14.09
CA GLY B 1122 40.70 -8.24 -14.06
C GLY B 1122 40.65 -9.75 -13.91
N ARG B 1123 41.50 -10.44 -14.67
CA ARG B 1123 41.66 -11.88 -14.54
C ARG B 1123 42.24 -12.22 -13.18
N ARG B 1124 41.67 -13.24 -12.53
CA ARG B 1124 42.13 -13.65 -11.21
C ARG B 1124 42.02 -15.16 -11.06
N TRP B 1125 42.93 -15.73 -10.27
CA TRP B 1125 42.83 -17.11 -9.84
C TRP B 1125 41.91 -17.22 -8.64
N VAL B 1126 40.95 -18.14 -8.71
CA VAL B 1126 40.03 -18.32 -7.59
C VAL B 1126 39.84 -19.82 -7.36
N ARG B 1127 39.79 -20.19 -6.07
CA ARG B 1127 39.62 -21.59 -5.69
C ARG B 1127 38.30 -22.13 -6.24
N ALA B 1128 38.35 -23.34 -6.77
CA ALA B 1128 37.15 -24.01 -7.28
C ALA B 1128 36.64 -25.01 -6.25
N ALA B 1129 35.41 -24.82 -5.80
CA ALA B 1129 34.80 -25.71 -4.83
C ALA B 1129 34.48 -27.05 -5.49
N ALA B 1130 34.61 -28.13 -4.72
CA ALA B 1130 34.34 -29.49 -5.19
C ALA B 1130 33.40 -30.19 -4.21
N PRO B 1131 32.10 -29.87 -4.27
CA PRO B 1131 31.13 -30.55 -3.39
C PRO B 1131 30.90 -32.00 -3.74
N ALA B 1132 31.60 -32.55 -4.74
CA ALA B 1132 31.42 -33.93 -5.20
C ALA B 1132 29.98 -34.17 -5.67
N THR B 1133 29.64 -33.45 -6.73
CA THR B 1133 28.30 -33.58 -7.32
C THR B 1133 28.04 -35.02 -7.74
N ASP B 1134 26.81 -35.49 -7.49
CA ASP B 1134 26.48 -36.89 -7.69
C ASP B 1134 26.57 -37.31 -9.16
N ASP B 1135 26.52 -36.36 -10.08
CA ASP B 1135 26.63 -36.70 -11.49
C ASP B 1135 27.98 -37.35 -11.78
N GLU B 1136 27.96 -38.42 -12.57
CA GLU B 1136 29.16 -39.19 -12.89
C GLU B 1136 29.30 -39.28 -14.40
N TRP B 1137 30.52 -39.03 -14.89
CA TRP B 1137 30.83 -39.18 -16.30
C TRP B 1137 31.48 -40.54 -16.54
N LYS B 1138 30.97 -41.27 -17.53
CA LYS B 1138 31.49 -42.58 -17.86
C LYS B 1138 32.14 -42.58 -19.24
N PRO B 1139 33.15 -43.42 -19.45
CA PRO B 1139 33.87 -43.41 -20.73
C PRO B 1139 33.18 -44.19 -21.83
N THR B 1140 31.88 -44.46 -21.67
CA THR B 1140 31.14 -45.24 -22.65
C THR B 1140 31.29 -44.67 -24.05
N GLY B 1141 31.57 -45.56 -25.00
CA GLY B 1141 31.92 -45.18 -26.36
C GLY B 1141 33.43 -45.16 -26.54
N THR B 1142 33.84 -45.03 -27.80
CA THR B 1142 35.26 -44.98 -28.12
C THR B 1142 35.85 -43.62 -27.70
N VAL B 1143 37.10 -43.65 -27.26
CA VAL B 1143 37.77 -42.49 -26.71
C VAL B 1143 38.91 -42.13 -27.66
N LEU B 1144 38.80 -40.98 -28.31
CA LEU B 1144 39.81 -40.53 -29.28
C LEU B 1144 40.91 -39.78 -28.52
N VAL B 1145 41.86 -40.56 -28.01
CA VAL B 1145 42.97 -40.00 -27.25
C VAL B 1145 44.07 -39.55 -28.22
N THR B 1146 44.03 -38.28 -28.62
CA THR B 1146 45.07 -37.74 -29.48
C THR B 1146 46.40 -37.71 -28.74
N GLY B 1147 47.43 -38.23 -29.39
CA GLY B 1147 48.73 -38.37 -28.74
C GLY B 1147 48.66 -39.30 -27.54
N GLY B 1148 47.96 -40.42 -27.70
CA GLY B 1148 47.76 -41.35 -26.59
C GLY B 1148 49.03 -41.99 -26.07
N THR B 1149 50.03 -42.20 -26.94
CA THR B 1149 51.27 -42.82 -26.49
C THR B 1149 52.00 -41.93 -25.48
N GLY B 1150 51.94 -40.61 -25.66
CA GLY B 1150 52.57 -39.68 -24.74
C GLY B 1150 51.95 -39.74 -23.36
N GLY B 1151 52.75 -39.38 -22.34
CA GLY B 1151 52.31 -39.49 -20.96
C GLY B 1151 51.05 -38.72 -20.63
N VAL B 1152 50.94 -37.50 -21.15
CA VAL B 1152 49.74 -36.69 -20.91
C VAL B 1152 48.50 -37.43 -21.40
N GLY B 1153 48.61 -38.09 -22.55
CA GLY B 1153 47.53 -38.93 -23.02
C GLY B 1153 47.60 -40.34 -22.46
N GLY B 1154 48.81 -40.79 -22.12
CA GLY B 1154 49.00 -42.15 -21.63
C GLY B 1154 48.35 -42.46 -20.30
N GLN B 1155 48.60 -41.62 -19.29
CA GLN B 1155 47.97 -41.83 -17.99
C GLN B 1155 46.45 -41.63 -18.07
N ILE B 1156 46.00 -40.71 -18.92
CA ILE B 1156 44.56 -40.52 -19.10
C ILE B 1156 43.94 -41.77 -19.71
N ALA B 1157 44.61 -42.37 -20.70
CA ALA B 1157 44.12 -43.61 -21.29
C ALA B 1157 44.12 -44.75 -20.28
N ARG B 1158 45.16 -44.82 -19.44
CA ARG B 1158 45.18 -45.85 -18.39
C ARG B 1158 44.01 -45.68 -17.44
N TRP B 1159 43.73 -44.44 -17.03
CA TRP B 1159 42.60 -44.18 -16.16
C TRP B 1159 41.27 -44.49 -16.84
N LEU B 1160 41.17 -44.19 -18.14
CA LEU B 1160 39.95 -44.51 -18.89
C LEU B 1160 39.72 -46.02 -18.93
N ALA B 1161 40.78 -46.79 -19.17
CA ALA B 1161 40.68 -48.24 -19.17
C ALA B 1161 40.31 -48.76 -17.79
N ARG B 1162 40.87 -48.16 -16.73
CA ARG B 1162 40.52 -48.55 -15.38
C ARG B 1162 39.05 -48.29 -15.07
N ARG B 1163 38.54 -47.13 -15.53
CA ARG B 1163 37.17 -46.75 -15.22
C ARG B 1163 36.14 -47.59 -15.98
N GLY B 1164 36.53 -48.24 -17.07
CA GLY B 1164 35.61 -49.07 -17.80
C GLY B 1164 35.31 -48.61 -19.21
N ALA B 1165 36.29 -48.00 -19.86
CA ALA B 1165 36.11 -47.52 -21.23
C ALA B 1165 35.88 -48.70 -22.17
N PRO B 1166 34.76 -48.75 -22.88
CA PRO B 1166 34.54 -49.89 -23.81
C PRO B 1166 35.52 -49.92 -24.96
N HIS B 1167 35.84 -48.78 -25.55
CA HIS B 1167 36.79 -48.71 -26.65
C HIS B 1167 37.74 -47.55 -26.42
N LEU B 1168 38.96 -47.70 -26.93
CA LEU B 1168 40.01 -46.71 -26.76
C LEU B 1168 40.76 -46.56 -28.07
N LEU B 1169 41.06 -45.32 -28.43
CA LEU B 1169 41.47 -45.00 -29.80
C LEU B 1169 42.71 -44.10 -29.80
N LEU B 1170 43.77 -44.54 -29.10
CA LEU B 1170 45.01 -43.77 -29.06
C LEU B 1170 45.51 -43.49 -30.46
N VAL B 1171 45.67 -42.20 -30.79
CA VAL B 1171 46.09 -41.77 -32.12
C VAL B 1171 47.24 -40.81 -31.98
N SER B 1172 48.35 -41.09 -32.68
CA SER B 1172 49.49 -40.20 -32.70
C SER B 1172 50.31 -40.49 -33.95
N ARG B 1173 51.07 -39.50 -34.40
CA ARG B 1173 51.88 -39.68 -35.60
C ARG B 1173 52.88 -40.81 -35.42
N SER B 1174 53.52 -40.88 -34.26
CA SER B 1174 54.42 -41.99 -33.97
C SER B 1174 53.66 -43.30 -33.90
N GLY B 1175 52.57 -43.34 -33.13
CA GLY B 1175 51.68 -44.46 -33.07
C GLY B 1175 52.36 -45.76 -32.66
N PRO B 1176 52.23 -46.80 -33.49
CA PRO B 1176 52.92 -48.06 -33.20
C PRO B 1176 54.43 -47.92 -33.13
N ASP B 1177 54.99 -46.87 -33.72
CA ASP B 1177 56.44 -46.63 -33.71
C ASP B 1177 56.88 -45.79 -32.52
N ALA B 1178 56.14 -45.85 -31.41
CA ALA B 1178 56.45 -45.06 -30.23
C ALA B 1178 57.18 -45.91 -29.19
N ASP B 1179 58.07 -45.25 -28.44
CA ASP B 1179 58.83 -45.91 -27.39
C ASP B 1179 57.93 -46.10 -26.18
N GLY B 1180 57.23 -47.24 -26.16
CA GLY B 1180 56.31 -47.54 -25.08
C GLY B 1180 54.90 -47.78 -25.56
N ALA B 1181 54.73 -47.88 -26.88
CA ALA B 1181 53.39 -48.07 -27.45
C ALA B 1181 52.85 -49.45 -27.10
N GLY B 1182 53.66 -50.49 -27.30
CA GLY B 1182 53.19 -51.85 -27.05
C GLY B 1182 52.85 -52.11 -25.59
N GLU B 1183 53.73 -51.65 -24.69
CA GLU B 1183 53.48 -51.83 -23.26
C GLU B 1183 52.21 -51.09 -22.83
N LEU B 1184 52.03 -49.86 -23.34
CA LEU B 1184 50.83 -49.10 -23.03
C LEU B 1184 49.59 -49.82 -23.53
N VAL B 1185 49.64 -50.33 -24.77
CA VAL B 1185 48.49 -51.02 -25.34
C VAL B 1185 48.16 -52.26 -24.53
N ALA B 1186 49.18 -53.00 -24.11
CA ALA B 1186 48.96 -54.18 -23.28
C ALA B 1186 48.32 -53.80 -21.95
N GLU B 1187 48.80 -52.72 -21.34
CA GLU B 1187 48.24 -52.28 -20.05
C GLU B 1187 46.77 -51.89 -20.20
N LEU B 1188 46.44 -51.14 -21.25
CA LEU B 1188 45.05 -50.75 -21.47
C LEU B 1188 44.16 -51.95 -21.78
N GLU B 1189 44.68 -52.91 -22.54
CA GLU B 1189 43.91 -54.12 -22.82
C GLU B 1189 43.65 -54.92 -21.55
N ALA B 1190 44.65 -54.99 -20.65
CA ALA B 1190 44.47 -55.67 -19.38
C ALA B 1190 43.45 -54.95 -18.50
N LEU B 1191 43.54 -53.61 -18.43
CA LEU B 1191 42.62 -52.86 -17.59
C LEU B 1191 41.26 -52.70 -18.26
N GLY B 1192 41.24 -52.16 -19.48
CA GLY B 1192 39.99 -51.97 -20.20
C GLY B 1192 39.79 -53.00 -21.29
N ALA B 1193 39.29 -52.57 -22.45
CA ALA B 1193 39.07 -53.47 -23.56
C ALA B 1193 38.99 -52.65 -24.84
N ARG B 1194 39.23 -53.32 -25.97
CA ARG B 1194 39.12 -52.75 -27.30
C ARG B 1194 39.96 -51.47 -27.42
N THR B 1195 41.26 -51.63 -27.21
CA THR B 1195 42.19 -50.52 -27.32
C THR B 1195 43.00 -50.64 -28.60
N THR B 1196 43.10 -49.52 -29.34
CA THR B 1196 43.78 -49.50 -30.62
C THR B 1196 44.67 -48.26 -30.68
N VAL B 1197 45.91 -48.45 -31.13
CA VAL B 1197 46.83 -47.36 -31.40
C VAL B 1197 46.94 -47.16 -32.90
N ALA B 1198 47.04 -45.90 -33.33
CA ALA B 1198 46.99 -45.56 -34.75
C ALA B 1198 48.00 -44.48 -35.08
N ALA B 1199 48.84 -44.76 -36.06
CA ALA B 1199 49.80 -43.78 -36.58
C ALA B 1199 49.08 -42.91 -37.61
N CYS B 1200 48.44 -41.83 -37.13
CA CYS B 1200 47.69 -40.94 -38.00
C CYS B 1200 48.00 -39.50 -37.63
N ASP B 1201 48.16 -38.66 -38.64
CA ASP B 1201 48.36 -37.23 -38.41
C ASP B 1201 47.07 -36.59 -37.93
N VAL B 1202 47.22 -35.62 -37.03
CA VAL B 1202 46.08 -34.86 -36.52
C VAL B 1202 46.02 -33.45 -37.10
N THR B 1203 47.12 -32.94 -37.66
CA THR B 1203 47.13 -31.60 -38.23
C THR B 1203 46.20 -31.49 -39.44
N ASP B 1204 46.24 -32.48 -40.32
CA ASP B 1204 45.44 -32.43 -41.54
C ASP B 1204 43.97 -32.63 -41.21
N ARG B 1205 43.12 -31.75 -41.76
CA ARG B 1205 41.68 -31.89 -41.55
C ARG B 1205 41.15 -33.18 -42.17
N GLU B 1206 41.59 -33.52 -43.38
CA GLU B 1206 41.09 -34.72 -44.02
C GLU B 1206 41.62 -35.99 -43.35
N SER B 1207 42.81 -35.92 -42.75
CA SER B 1207 43.31 -37.07 -42.01
C SER B 1207 42.40 -37.41 -40.83
N VAL B 1208 42.02 -36.40 -40.05
CA VAL B 1208 41.11 -36.63 -38.94
C VAL B 1208 39.72 -37.00 -39.47
N ARG B 1209 39.31 -36.42 -40.60
CA ARG B 1209 38.01 -36.75 -41.17
C ARG B 1209 37.93 -38.23 -41.52
N GLU B 1210 38.94 -38.75 -42.22
CA GLU B 1210 38.96 -40.16 -42.56
C GLU B 1210 39.25 -41.06 -41.37
N LEU B 1211 39.92 -40.54 -40.33
CA LEU B 1211 40.05 -41.31 -39.09
C LEU B 1211 38.71 -41.49 -38.40
N LEU B 1212 37.92 -40.42 -38.33
CA LEU B 1212 36.59 -40.54 -37.71
C LEU B 1212 35.65 -41.36 -38.58
N GLY B 1213 35.79 -41.26 -39.90
CA GLY B 1213 35.06 -42.15 -40.79
C GLY B 1213 35.46 -43.60 -40.63
N GLY B 1214 36.73 -43.87 -40.35
CA GLY B 1214 37.19 -45.22 -40.07
C GLY B 1214 36.86 -45.71 -38.69
N ILE B 1215 36.38 -44.83 -37.81
CA ILE B 1215 35.85 -45.28 -36.53
C ILE B 1215 34.66 -46.18 -36.79
N GLY B 1216 34.69 -47.39 -36.24
CA GLY B 1216 33.63 -48.35 -36.51
C GLY B 1216 32.28 -47.81 -36.09
N ASP B 1217 31.28 -48.01 -36.94
CA ASP B 1217 29.92 -47.61 -36.63
C ASP B 1217 29.31 -48.43 -35.50
N ASP B 1218 29.96 -49.52 -35.09
CA ASP B 1218 29.48 -50.31 -33.96
C ASP B 1218 29.45 -49.50 -32.68
N VAL B 1219 30.39 -48.57 -32.51
CA VAL B 1219 30.47 -47.74 -31.31
C VAL B 1219 30.55 -46.27 -31.72
N PRO B 1220 29.73 -45.39 -31.17
CA PRO B 1220 29.84 -43.96 -31.48
C PRO B 1220 31.01 -43.33 -30.74
N LEU B 1221 31.43 -42.17 -31.26
CA LEU B 1221 32.50 -41.39 -30.65
C LEU B 1221 31.93 -40.28 -29.78
N SER B 1222 32.29 -40.28 -28.51
CA SER B 1222 31.81 -39.27 -27.58
C SER B 1222 32.86 -38.78 -26.59
N ALA B 1223 34.10 -39.25 -26.68
CA ALA B 1223 35.12 -38.99 -25.67
C ALA B 1223 36.43 -38.55 -26.31
N VAL B 1224 36.37 -37.57 -27.20
CA VAL B 1224 37.58 -37.07 -27.83
C VAL B 1224 38.44 -36.40 -26.75
N PHE B 1225 39.56 -37.04 -26.41
CA PHE B 1225 40.48 -36.55 -25.38
C PHE B 1225 41.77 -36.11 -26.07
N HIS B 1226 41.83 -34.84 -26.40
CA HIS B 1226 42.98 -34.32 -27.16
C HIS B 1226 44.11 -34.08 -26.20
N ALA B 1227 45.22 -34.76 -26.42
CA ALA B 1227 46.41 -34.59 -25.59
C ALA B 1227 47.67 -34.26 -26.38
N ALA B 1228 47.65 -34.43 -27.70
CA ALA B 1228 48.86 -34.22 -28.49
C ALA B 1228 49.31 -32.76 -28.42
N ALA B 1229 50.62 -32.57 -28.30
CA ALA B 1229 51.22 -31.24 -28.20
C ALA B 1229 52.69 -31.36 -28.50
N THR B 1230 53.21 -30.48 -29.35
CA THR B 1230 54.63 -30.46 -29.66
C THR B 1230 55.29 -29.21 -29.08
N LEU B 1231 56.55 -29.34 -28.66
CA LEU B 1231 57.27 -28.27 -27.99
C LEU B 1231 58.76 -28.53 -28.02
N ASP B 1232 59.53 -27.52 -28.39
CA ASP B 1232 60.99 -27.57 -28.30
C ASP B 1232 61.53 -26.51 -27.35
N ASP B 1233 61.14 -25.25 -27.55
CA ASP B 1233 61.59 -24.16 -26.68
C ASP B 1233 60.49 -23.10 -26.63
N GLY B 1234 60.51 -22.32 -25.55
CA GLY B 1234 59.52 -21.27 -25.36
C GLY B 1234 60.12 -19.94 -24.97
N THR B 1235 61.29 -19.62 -25.52
CA THR B 1235 61.98 -18.37 -25.20
C THR B 1235 61.57 -17.27 -26.19
N VAL B 1236 61.30 -16.08 -25.65
CA VAL B 1236 60.67 -15.02 -26.44
C VAL B 1236 61.66 -14.39 -27.41
N ASP B 1237 62.97 -14.50 -27.14
CA ASP B 1237 63.96 -13.84 -27.98
C ASP B 1237 63.90 -14.34 -29.42
N THR B 1238 63.50 -15.60 -29.60
CA THR B 1238 63.31 -16.16 -30.94
C THR B 1238 61.86 -16.48 -31.25
N LEU B 1239 60.93 -16.07 -30.39
CA LEU B 1239 59.51 -16.40 -30.57
C LEU B 1239 58.91 -15.54 -31.67
N THR B 1240 58.51 -16.18 -32.78
CA THR B 1240 57.77 -15.47 -33.85
C THR B 1240 56.47 -16.26 -34.03
N GLY B 1241 55.40 -15.64 -34.52
CA GLY B 1241 54.09 -16.34 -34.61
C GLY B 1241 54.14 -17.51 -35.58
N GLU B 1242 54.83 -17.35 -36.71
CA GLU B 1242 54.99 -18.47 -37.68
C GLU B 1242 55.78 -19.59 -37.00
N ARG B 1243 56.74 -19.22 -36.14
CA ARG B 1243 57.52 -20.24 -35.39
C ARG B 1243 56.56 -20.96 -34.44
N ILE B 1244 55.77 -20.23 -33.65
CA ILE B 1244 54.78 -20.84 -32.71
C ILE B 1244 53.83 -21.75 -33.51
N GLU B 1245 53.40 -21.29 -34.69
CA GLU B 1245 52.47 -22.09 -35.54
C GLU B 1245 53.03 -23.50 -35.74
N ARG B 1246 54.27 -23.61 -36.22
CA ARG B 1246 54.84 -24.95 -36.52
C ARG B 1246 55.35 -25.61 -35.23
N ALA B 1247 55.57 -24.82 -34.18
CA ALA B 1247 56.08 -25.36 -32.90
C ALA B 1247 54.96 -26.11 -32.16
N SER B 1248 53.70 -25.69 -32.30
CA SER B 1248 52.59 -26.31 -31.53
C SER B 1248 51.36 -26.53 -32.42
N ARG B 1249 51.55 -27.06 -33.63
CA ARG B 1249 50.45 -27.29 -34.59
C ARG B 1249 49.65 -28.54 -34.17
N ALA B 1250 50.29 -29.47 -33.47
CA ALA B 1250 49.63 -30.71 -33.04
C ALA B 1250 48.36 -30.39 -32.24
N LYS B 1251 48.44 -29.43 -31.33
CA LYS B 1251 47.27 -29.14 -30.46
C LYS B 1251 46.27 -28.23 -31.14
N VAL B 1252 46.71 -27.06 -31.64
CA VAL B 1252 45.72 -26.08 -32.20
C VAL B 1252 44.98 -26.63 -33.42
N LEU B 1253 45.68 -26.96 -34.50
CA LEU B 1253 45.01 -27.45 -35.73
C LEU B 1253 44.29 -28.74 -35.37
N GLY B 1254 44.94 -29.61 -34.58
CA GLY B 1254 44.32 -30.88 -34.18
C GLY B 1254 42.96 -30.69 -33.53
N ALA B 1255 42.89 -29.87 -32.48
CA ALA B 1255 41.63 -29.67 -31.73
C ALA B 1255 40.64 -28.89 -32.59
N ARG B 1256 41.13 -27.98 -33.44
CA ARG B 1256 40.22 -27.24 -34.36
C ARG B 1256 39.56 -28.26 -35.30
N ASN B 1257 40.36 -29.11 -35.95
CA ASN B 1257 39.81 -30.15 -36.81
C ASN B 1257 38.84 -31.03 -36.06
N LEU B 1258 39.19 -31.42 -34.83
CA LEU B 1258 38.31 -32.29 -34.04
C LEU B 1258 37.02 -31.56 -33.68
N HIS B 1259 37.11 -30.27 -33.35
CA HIS B 1259 35.92 -29.49 -33.04
C HIS B 1259 35.00 -29.39 -34.24
N GLU B 1260 35.55 -29.04 -35.41
CA GLU B 1260 34.72 -28.92 -36.60
C GLU B 1260 34.18 -30.28 -37.05
N LEU B 1261 34.89 -31.36 -36.75
CA LEU B 1261 34.41 -32.69 -37.10
C LEU B 1261 33.30 -33.16 -36.16
N THR B 1262 33.45 -32.90 -34.86
CA THR B 1262 32.50 -33.38 -33.86
C THR B 1262 31.39 -32.38 -33.58
N ARG B 1263 31.34 -31.26 -34.30
CA ARG B 1263 30.17 -30.38 -34.20
C ARG B 1263 28.89 -31.11 -34.55
N GLU B 1264 28.98 -32.17 -35.35
CA GLU B 1264 27.83 -33.03 -35.65
C GLU B 1264 27.80 -34.29 -34.79
N LEU B 1265 28.71 -34.43 -33.84
CA LEU B 1265 28.77 -35.61 -32.98
C LEU B 1265 28.35 -35.24 -31.55
N ASP B 1266 27.63 -36.17 -30.92
CA ASP B 1266 27.13 -35.97 -29.55
C ASP B 1266 28.18 -36.47 -28.55
N LEU B 1267 29.22 -35.66 -28.39
CA LEU B 1267 30.29 -36.00 -27.45
C LEU B 1267 29.84 -35.74 -26.02
N THR B 1268 30.05 -36.72 -25.14
CA THR B 1268 29.86 -36.50 -23.72
C THR B 1268 31.10 -35.86 -23.08
N ALA B 1269 32.22 -35.82 -23.80
CA ALA B 1269 33.44 -35.21 -23.28
C ALA B 1269 34.35 -34.83 -24.44
N PHE B 1270 34.87 -33.62 -24.41
CA PHE B 1270 35.86 -33.13 -25.37
C PHE B 1270 36.99 -32.46 -24.59
N VAL B 1271 37.49 -33.15 -23.58
CA VAL B 1271 38.43 -32.59 -22.62
C VAL B 1271 39.70 -32.13 -23.32
N LEU B 1272 39.96 -30.83 -23.30
CA LEU B 1272 41.16 -30.27 -23.92
C LEU B 1272 42.27 -30.23 -22.88
N PHE B 1273 43.38 -30.89 -23.19
CA PHE B 1273 44.50 -31.01 -22.26
C PHE B 1273 45.49 -29.87 -22.54
N SER B 1274 45.39 -28.80 -21.78
CA SER B 1274 46.30 -27.67 -21.85
C SER B 1274 47.21 -27.70 -20.62
N SER B 1275 48.06 -26.69 -20.48
CA SER B 1275 48.99 -26.63 -19.37
C SER B 1275 48.86 -25.29 -18.65
N PHE B 1276 49.65 -25.13 -17.58
CA PHE B 1276 49.64 -23.91 -16.79
C PHE B 1276 50.28 -22.74 -17.53
N ALA B 1277 50.93 -23.00 -18.67
CA ALA B 1277 51.60 -21.92 -19.40
C ALA B 1277 50.64 -20.82 -19.82
N SER B 1278 49.41 -21.21 -20.22
CA SER B 1278 48.37 -20.22 -20.49
C SER B 1278 47.60 -19.82 -19.24
N ALA B 1279 47.74 -20.57 -18.15
CA ALA B 1279 47.07 -20.22 -16.89
C ALA B 1279 47.81 -19.08 -16.21
N PHE B 1280 49.12 -19.23 -16.03
CA PHE B 1280 49.99 -18.15 -15.56
C PHE B 1280 51.30 -18.20 -16.35
N GLY B 1281 52.09 -17.14 -16.21
CA GLY B 1281 53.32 -17.03 -16.97
C GLY B 1281 54.36 -18.06 -16.58
N ALA B 1282 55.13 -18.50 -17.56
CA ALA B 1282 56.16 -19.50 -17.34
C ALA B 1282 57.27 -19.36 -18.37
N PRO B 1283 58.47 -18.92 -17.96
CA PRO B 1283 59.58 -18.84 -18.91
C PRO B 1283 59.93 -20.21 -19.46
N GLY B 1284 60.30 -20.24 -20.74
CA GLY B 1284 60.53 -21.48 -21.44
C GLY B 1284 59.30 -22.16 -21.97
N LEU B 1285 58.12 -21.60 -21.64
CA LEU B 1285 56.82 -22.17 -22.10
C LEU B 1285 56.08 -21.09 -22.88
N GLY B 1286 56.81 -20.14 -23.47
CA GLY B 1286 56.19 -19.05 -24.24
C GLY B 1286 55.70 -19.52 -25.60
N GLY B 1287 56.18 -20.67 -26.08
CA GLY B 1287 55.67 -21.24 -27.34
C GLY B 1287 54.56 -22.21 -27.03
N TYR B 1288 54.58 -22.78 -25.82
CA TYR B 1288 53.50 -23.70 -25.38
C TYR B 1288 52.25 -22.89 -25.09
N ALA B 1289 52.39 -21.79 -24.35
CA ALA B 1289 51.22 -20.97 -23.94
C ALA B 1289 50.25 -20.71 -25.11
N PRO B 1290 50.60 -20.01 -26.21
CA PRO B 1290 49.62 -19.73 -27.26
C PRO B 1290 48.77 -20.95 -27.65
N GLY B 1291 49.41 -22.11 -27.85
CA GLY B 1291 48.64 -23.33 -28.17
C GLY B 1291 47.66 -23.68 -27.07
N ASN B 1292 48.13 -23.76 -25.82
CA ASN B 1292 47.25 -24.09 -24.66
C ASN B 1292 46.12 -23.04 -24.56
N ALA B 1293 46.39 -21.80 -24.94
CA ALA B 1293 45.38 -20.71 -24.81
C ALA B 1293 44.30 -20.88 -25.88
N TYR B 1294 44.68 -21.32 -27.08
CA TYR B 1294 43.63 -21.59 -28.09
C TYR B 1294 42.73 -22.68 -27.52
N LEU B 1295 43.31 -23.71 -26.92
CA LEU B 1295 42.51 -24.83 -26.33
C LEU B 1295 41.54 -24.26 -25.28
N ASP B 1296 42.04 -23.38 -24.40
CA ASP B 1296 41.18 -22.77 -23.36
C ASP B 1296 40.02 -22.03 -24.04
N GLY B 1297 40.32 -21.14 -24.99
CA GLY B 1297 39.27 -20.36 -25.69
C GLY B 1297 38.28 -21.27 -26.40
N LEU B 1298 38.76 -22.33 -27.05
CA LEU B 1298 37.89 -23.25 -27.76
C LEU B 1298 36.90 -23.90 -26.81
N ALA B 1299 37.34 -24.30 -25.62
CA ALA B 1299 36.42 -24.84 -24.63
C ALA B 1299 35.41 -23.80 -24.17
N GLN B 1300 35.85 -22.55 -23.96
CA GLN B 1300 34.93 -21.49 -23.56
C GLN B 1300 33.85 -21.26 -24.62
N GLN B 1301 34.27 -21.44 -25.88
CA GLN B 1301 33.36 -21.13 -27.01
C GLN B 1301 32.52 -22.34 -27.31
N ARG B 1302 33.16 -23.48 -27.49
CA ARG B 1302 32.39 -24.67 -27.88
C ARG B 1302 31.39 -24.87 -26.74
N ARG B 1303 31.82 -24.66 -25.51
CA ARG B 1303 30.87 -24.80 -24.39
C ARG B 1303 29.90 -23.62 -24.39
N SER B 1304 30.32 -22.44 -24.86
CA SER B 1304 29.31 -21.35 -24.86
C SER B 1304 28.33 -21.70 -25.96
N ASP B 1305 28.79 -22.51 -26.89
CA ASP B 1305 27.86 -22.98 -27.95
C ASP B 1305 27.14 -24.17 -27.34
N GLY B 1306 26.13 -24.72 -28.00
CA GLY B 1306 25.53 -25.93 -27.43
C GLY B 1306 26.42 -27.12 -27.65
N LEU B 1307 27.73 -27.01 -27.39
CA LEU B 1307 28.66 -28.11 -27.70
C LEU B 1307 29.42 -28.47 -26.45
N PRO B 1308 29.87 -29.71 -26.30
CA PRO B 1308 30.48 -30.11 -25.06
C PRO B 1308 31.97 -29.85 -24.95
N ALA B 1309 32.45 -29.40 -23.79
CA ALA B 1309 33.87 -29.01 -23.70
C ALA B 1309 34.45 -29.04 -22.30
N THR B 1310 35.76 -28.96 -22.22
CA THR B 1310 36.46 -28.89 -20.93
C THR B 1310 37.90 -28.66 -21.30
N ALA B 1311 38.64 -27.75 -20.67
CA ALA B 1311 40.05 -27.42 -21.03
C ALA B 1311 40.98 -27.44 -19.80
N VAL B 1312 41.24 -28.61 -19.23
CA VAL B 1312 42.02 -28.78 -18.01
C VAL B 1312 43.47 -28.40 -18.28
N ALA B 1313 43.98 -27.46 -17.50
CA ALA B 1313 45.38 -27.03 -17.62
C ALA B 1313 46.19 -27.78 -16.56
N TRP B 1314 46.75 -28.92 -16.97
CA TRP B 1314 47.52 -29.75 -16.06
C TRP B 1314 48.81 -29.05 -15.69
N GLY B 1315 49.22 -29.22 -14.44
CA GLY B 1315 50.52 -28.77 -13.99
C GLY B 1315 51.62 -29.68 -14.51
N THR B 1316 52.69 -29.77 -13.73
CA THR B 1316 53.78 -30.68 -14.06
C THR B 1316 53.32 -32.12 -13.89
N TRP B 1317 53.12 -32.83 -15.01
CA TRP B 1317 52.69 -34.22 -14.96
C TRP B 1317 53.82 -35.09 -14.41
N ALA B 1318 53.47 -36.00 -13.50
CA ALA B 1318 54.45 -36.90 -12.87
C ALA B 1318 54.50 -38.18 -13.69
N GLY B 1319 55.45 -38.23 -14.63
CA GLY B 1319 55.62 -39.39 -15.47
C GLY B 1319 55.65 -39.05 -16.95
N SER B 1320 54.91 -38.02 -17.34
CA SER B 1320 54.93 -37.55 -18.71
C SER B 1320 56.23 -36.80 -18.99
N GLY B 1321 56.43 -36.42 -20.24
CA GLY B 1321 57.66 -35.73 -20.61
C GLY B 1321 57.46 -34.65 -21.64
N MET B 1322 56.21 -34.32 -21.97
CA MET B 1322 56.00 -33.34 -23.03
C MET B 1322 56.11 -31.92 -22.50
N ALA B 1323 55.54 -31.66 -21.33
CA ALA B 1323 55.77 -30.41 -20.61
C ALA B 1323 56.80 -30.58 -19.51
N GLU B 1324 57.32 -31.79 -19.32
CA GLU B 1324 58.30 -32.08 -18.27
C GLU B 1324 59.70 -31.94 -18.86
N GLY B 1325 60.15 -30.68 -18.96
CA GLY B 1325 61.47 -30.38 -19.43
C GLY B 1325 62.25 -29.58 -18.40
N PRO B 1326 63.19 -28.75 -18.87
CA PRO B 1326 63.90 -27.86 -17.94
C PRO B 1326 62.97 -26.93 -17.18
N VAL B 1327 61.91 -26.46 -17.85
CA VAL B 1327 60.96 -25.56 -17.19
C VAL B 1327 60.26 -26.27 -16.04
N ALA B 1328 59.95 -27.56 -16.20
CA ALA B 1328 59.24 -28.29 -15.15
C ALA B 1328 60.10 -28.45 -13.91
N ASP B 1329 61.35 -28.90 -14.08
CA ASP B 1329 62.22 -29.08 -12.92
C ASP B 1329 62.62 -27.73 -12.34
N ARG B 1330 62.64 -26.67 -13.14
CA ARG B 1330 62.86 -25.33 -12.60
C ARG B 1330 61.71 -24.91 -11.70
N PHE B 1331 60.48 -25.05 -12.18
CA PHE B 1331 59.32 -24.62 -11.41
C PHE B 1331 59.04 -25.57 -10.24
N ARG B 1332 59.64 -26.77 -10.25
CA ARG B 1332 59.41 -27.72 -9.18
C ARG B 1332 59.89 -27.18 -7.83
N ARG B 1333 60.84 -26.26 -7.84
CA ARG B 1333 61.46 -25.77 -6.62
C ARG B 1333 60.93 -24.40 -6.19
N HIS B 1334 60.23 -23.68 -7.05
CA HIS B 1334 59.68 -22.36 -6.71
C HIS B 1334 58.23 -22.25 -7.18
N GLY B 1335 57.42 -23.25 -6.84
CA GLY B 1335 56.03 -23.25 -7.26
C GLY B 1335 55.43 -24.62 -7.50
N VAL B 1336 54.92 -24.83 -8.71
CA VAL B 1336 54.23 -26.08 -9.05
C VAL B 1336 55.14 -27.27 -8.77
N ILE B 1337 54.58 -28.30 -8.14
CA ILE B 1337 55.28 -29.54 -7.89
C ILE B 1337 54.56 -30.65 -8.64
N GLU B 1338 55.23 -31.78 -8.80
CA GLU B 1338 54.67 -32.90 -9.55
C GLU B 1338 53.39 -33.40 -8.90
N MET B 1339 52.35 -33.59 -9.72
CA MET B 1339 51.08 -34.10 -9.24
C MET B 1339 50.99 -35.59 -9.49
N PRO B 1340 50.69 -36.39 -8.48
CA PRO B 1340 50.50 -37.83 -8.71
C PRO B 1340 49.35 -38.08 -9.68
N PRO B 1341 49.53 -38.99 -10.64
CA PRO B 1341 48.41 -39.32 -11.54
C PRO B 1341 47.22 -39.90 -10.81
N GLU B 1342 47.45 -40.61 -9.70
CA GLU B 1342 46.39 -41.27 -8.96
C GLU B 1342 45.39 -40.29 -8.36
N THR B 1343 45.74 -39.00 -8.23
CA THR B 1343 44.79 -37.97 -7.86
C THR B 1343 44.47 -37.01 -9.00
N ALA B 1344 45.36 -36.87 -9.99
CA ALA B 1344 45.04 -36.08 -11.17
C ALA B 1344 43.89 -36.69 -11.97
N CYS B 1345 43.85 -38.03 -12.08
CA CYS B 1345 42.72 -38.68 -12.73
C CYS B 1345 41.41 -38.42 -11.99
N ARG B 1346 41.45 -38.47 -10.66
CA ARG B 1346 40.25 -38.13 -9.88
C ARG B 1346 39.87 -36.67 -10.07
N ALA B 1347 40.86 -35.78 -10.21
CA ALA B 1347 40.57 -34.38 -10.49
C ALA B 1347 39.87 -34.22 -11.84
N LEU B 1348 40.32 -34.97 -12.85
CA LEU B 1348 39.66 -34.93 -14.15
C LEU B 1348 38.24 -35.47 -14.06
N GLN B 1349 38.04 -36.56 -13.33
CA GLN B 1349 36.70 -37.11 -13.13
C GLN B 1349 35.80 -36.09 -12.46
N ASN B 1350 36.32 -35.42 -11.42
CA ASN B 1350 35.56 -34.40 -10.72
C ASN B 1350 35.22 -33.22 -11.62
N ALA B 1351 36.16 -32.77 -12.43
CA ALA B 1351 35.90 -31.70 -13.39
C ALA B 1351 34.86 -32.09 -14.44
N LEU B 1352 34.83 -33.36 -14.86
CA LEU B 1352 33.77 -33.85 -15.73
C LEU B 1352 32.46 -34.10 -14.99
N ASP B 1353 32.47 -34.15 -13.66
CA ASP B 1353 31.23 -34.30 -12.92
C ASP B 1353 30.37 -33.04 -12.96
N ARG B 1354 30.98 -31.86 -12.87
CA ARG B 1354 30.24 -30.61 -13.03
C ARG B 1354 30.26 -30.08 -14.44
N ALA B 1355 31.00 -30.73 -15.36
CA ALA B 1355 31.24 -30.21 -16.70
C ALA B 1355 31.83 -28.80 -16.63
N GLU B 1356 33.01 -28.71 -16.01
CA GLU B 1356 33.68 -27.42 -15.86
C GLU B 1356 34.29 -26.99 -17.19
N VAL B 1357 34.17 -25.71 -17.52
CA VAL B 1357 34.62 -25.23 -18.82
C VAL B 1357 36.13 -25.25 -18.93
N CYS B 1358 36.82 -24.75 -17.90
CA CYS B 1358 38.28 -24.59 -17.93
C CYS B 1358 38.85 -24.74 -16.53
N PRO B 1359 38.97 -25.97 -16.03
CA PRO B 1359 39.66 -26.19 -14.76
C PRO B 1359 41.17 -26.00 -14.92
N ILE B 1360 41.82 -25.69 -13.81
CA ILE B 1360 43.28 -25.62 -13.74
C ILE B 1360 43.68 -26.57 -12.63
N VAL B 1361 44.23 -27.73 -12.98
CA VAL B 1361 44.67 -28.72 -12.01
C VAL B 1361 46.16 -28.48 -11.80
N ILE B 1362 46.54 -28.10 -10.57
CA ILE B 1362 47.91 -27.74 -10.27
C ILE B 1362 48.16 -27.87 -8.76
N ASP B 1363 49.42 -28.15 -8.43
CA ASP B 1363 49.85 -28.31 -7.04
C ASP B 1363 50.85 -27.22 -6.68
N VAL B 1364 50.58 -25.98 -7.09
CA VAL B 1364 51.48 -24.87 -6.82
C VAL B 1364 51.49 -24.57 -5.34
N ARG B 1365 52.69 -24.42 -4.77
CA ARG B 1365 52.87 -24.01 -3.38
C ARG B 1365 53.16 -22.51 -3.38
N TRP B 1366 52.23 -21.72 -2.83
CA TRP B 1366 52.35 -20.27 -2.89
C TRP B 1366 53.46 -19.73 -2.01
N ASP B 1367 53.93 -20.50 -1.02
CA ASP B 1367 55.04 -20.06 -0.19
C ASP B 1367 56.28 -19.79 -1.02
N ARG B 1368 56.52 -20.62 -2.03
CA ARG B 1368 57.61 -20.40 -2.97
C ARG B 1368 57.17 -19.70 -4.25
N PHE B 1369 55.86 -19.71 -4.55
CA PHE B 1369 55.37 -19.08 -5.77
C PHE B 1369 55.31 -17.57 -5.63
N LEU B 1370 55.11 -17.07 -4.41
CA LEU B 1370 55.00 -15.63 -4.19
C LEU B 1370 56.28 -14.91 -4.56
N LEU B 1371 57.43 -15.49 -4.21
CA LEU B 1371 58.73 -14.89 -4.48
C LEU B 1371 59.30 -15.32 -5.84
N ALA B 1372 58.51 -16.02 -6.64
CA ALA B 1372 58.95 -16.43 -7.98
C ALA B 1372 58.02 -15.94 -9.08
N TYR B 1373 56.83 -15.46 -8.75
CA TYR B 1373 55.90 -14.96 -9.75
C TYR B 1373 55.63 -13.48 -9.55
N THR B 1374 55.33 -13.08 -8.32
CA THR B 1374 55.06 -11.68 -8.01
C THR B 1374 56.33 -10.88 -7.71
N ALA B 1375 57.47 -11.54 -7.57
CA ALA B 1375 58.72 -10.82 -7.31
C ALA B 1375 59.10 -9.93 -8.48
N GLN B 1376 58.96 -10.45 -9.70
CA GLN B 1376 59.29 -9.66 -10.89
C GLN B 1376 58.15 -8.73 -11.30
N ARG B 1377 56.91 -9.07 -10.94
CA ARG B 1377 55.77 -8.22 -11.26
C ARG B 1377 54.70 -8.39 -10.18
N PRO B 1378 54.52 -7.40 -9.31
CA PRO B 1378 53.40 -7.44 -8.36
C PRO B 1378 52.08 -7.36 -9.10
N THR B 1379 51.30 -8.43 -9.02
CA THR B 1379 50.07 -8.55 -9.79
C THR B 1379 48.92 -8.92 -8.86
N ARG B 1380 47.70 -8.66 -9.32
CA ARG B 1380 46.53 -8.92 -8.47
C ARG B 1380 45.94 -10.24 -8.93
N LEU B 1381 46.55 -10.82 -9.94
CA LEU B 1381 46.02 -12.05 -10.53
C LEU B 1381 45.77 -13.12 -9.47
N PHE B 1382 46.62 -13.18 -8.45
CA PHE B 1382 46.53 -14.21 -7.43
C PHE B 1382 46.01 -13.68 -6.10
N ASP B 1383 45.18 -12.66 -6.17
CA ASP B 1383 44.62 -12.05 -4.93
C ASP B 1383 43.44 -12.84 -4.42
N GLU B 1384 42.69 -13.47 -5.30
CA GLU B 1384 41.47 -14.16 -4.89
C GLU B 1384 41.74 -15.51 -4.26
N ILE B 1385 42.94 -16.05 -4.41
CA ILE B 1385 43.35 -17.23 -3.66
C ILE B 1385 43.68 -16.81 -2.23
N ASP B 1386 43.02 -17.44 -1.26
CA ASP B 1386 43.13 -16.99 0.12
C ASP B 1386 44.53 -17.23 0.69
N ASP B 1387 45.08 -18.43 0.47
CA ASP B 1387 46.40 -18.77 1.00
C ASP B 1387 47.53 -18.37 0.05
N ALA B 1388 47.27 -17.45 -0.87
CA ALA B 1388 48.30 -16.90 -1.75
C ALA B 1388 49.02 -15.71 -1.13
N ARG B 1389 48.54 -15.26 0.04
CA ARG B 1389 49.19 -14.12 0.75
C ARG B 1389 50.64 -14.48 1.07
N ARG B 1390 50.89 -15.69 1.57
CA ARG B 1390 52.21 -16.13 1.99
C ARG B 1390 53.05 -16.54 0.79
N GLU C 3 -34.13 1.11 2.57
CA GLU C 3 -34.07 2.26 1.70
C GLU C 3 -35.44 2.89 1.51
N VAL C 4 -35.57 3.76 0.51
CA VAL C 4 -36.82 4.46 0.27
C VAL C 4 -37.44 3.98 -1.04
N GLN C 5 -38.76 3.75 -1.00
CA GLN C 5 -39.51 3.36 -2.19
C GLN C 5 -40.84 4.09 -2.17
N LEU C 6 -41.38 4.33 -3.38
CA LEU C 6 -42.62 5.07 -3.59
C LEU C 6 -43.57 4.22 -4.44
N VAL C 7 -43.80 2.98 -3.98
CA VAL C 7 -44.44 1.97 -4.81
C VAL C 7 -45.83 2.41 -5.22
N GLN C 8 -46.18 2.16 -6.47
CA GLN C 8 -47.37 2.73 -7.08
C GLN C 8 -48.37 1.63 -7.47
N SER C 9 -49.61 2.04 -7.64
CA SER C 9 -50.65 1.16 -8.18
C SER C 9 -51.81 2.01 -8.68
N GLY C 10 -52.64 1.42 -9.54
CA GLY C 10 -53.79 2.12 -10.06
C GLY C 10 -53.97 2.10 -11.57
N GLY C 11 -53.31 1.16 -12.24
CA GLY C 11 -53.49 0.99 -13.67
C GLY C 11 -54.79 0.26 -13.99
N GLY C 12 -55.19 0.34 -15.25
CA GLY C 12 -56.38 -0.34 -15.70
C GLY C 12 -56.93 0.29 -16.96
N LEU C 13 -58.21 0.06 -17.18
CA LEU C 13 -58.92 0.57 -18.36
C LEU C 13 -59.99 1.56 -17.91
N VAL C 14 -59.99 2.74 -18.53
CA VAL C 14 -61.00 3.75 -18.30
C VAL C 14 -61.38 4.38 -19.65
N GLN C 15 -62.65 4.76 -19.76
CA GLN C 15 -63.18 5.46 -20.91
C GLN C 15 -63.40 6.93 -20.58
N PRO C 16 -63.41 7.83 -21.58
CA PRO C 16 -63.60 9.25 -21.30
C PRO C 16 -64.83 9.53 -20.45
N GLY C 17 -64.61 10.01 -19.23
CA GLY C 17 -65.69 10.30 -18.31
C GLY C 17 -65.84 9.32 -17.16
N ARG C 18 -64.76 8.68 -16.72
CA ARG C 18 -64.82 7.71 -15.63
C ARG C 18 -63.92 8.15 -14.48
N SER C 19 -63.83 7.29 -13.46
CA SER C 19 -63.08 7.57 -12.25
C SER C 19 -62.00 6.51 -12.06
N LEU C 20 -60.86 6.93 -11.51
CA LEU C 20 -59.72 6.06 -11.29
C LEU C 20 -58.99 6.48 -10.02
N ARG C 21 -58.19 5.57 -9.48
CA ARG C 21 -57.43 5.80 -8.26
C ARG C 21 -55.96 5.48 -8.50
N LEU C 22 -55.09 6.39 -8.06
CA LEU C 22 -53.64 6.18 -8.09
C LEU C 22 -53.13 6.17 -6.66
N SER C 23 -52.66 5.02 -6.20
CA SER C 23 -52.19 4.87 -4.83
C SER C 23 -50.67 4.82 -4.80
N CYS C 24 -50.08 5.63 -3.93
CA CYS C 24 -48.62 5.68 -3.75
C CYS C 24 -48.32 5.37 -2.28
N THR C 25 -47.51 4.34 -2.05
CA THR C 25 -47.11 3.95 -0.70
C THR C 25 -45.62 4.26 -0.54
N ALA C 26 -45.30 5.07 0.46
CA ALA C 26 -43.94 5.51 0.75
C ALA C 26 -43.38 4.66 1.87
N SER C 27 -42.16 4.15 1.68
CA SER C 27 -41.49 3.33 2.69
C SER C 27 -40.05 3.81 2.82
N GLY C 28 -39.61 4.08 4.04
CA GLY C 28 -38.24 4.49 4.28
C GLY C 28 -38.09 5.71 5.16
N PHE C 29 -39.05 6.64 5.08
CA PHE C 29 -39.02 7.86 5.87
C PHE C 29 -40.42 8.19 6.35
N THR C 30 -40.51 9.26 7.15
CA THR C 30 -41.78 9.71 7.70
C THR C 30 -42.60 10.37 6.59
N PHE C 31 -43.83 9.91 6.40
CA PHE C 31 -44.65 10.38 5.28
C PHE C 31 -45.20 11.78 5.51
N GLY C 32 -45.38 12.18 6.76
CA GLY C 32 -46.14 13.39 7.04
C GLY C 32 -45.47 14.70 6.69
N ASP C 33 -44.14 14.74 6.61
CA ASP C 33 -43.49 16.04 6.45
C ASP C 33 -43.08 16.30 5.00
N TYR C 34 -43.14 15.29 4.14
CA TYR C 34 -43.01 15.48 2.70
C TYR C 34 -44.35 15.82 2.05
N ALA C 35 -44.31 16.74 1.09
CA ALA C 35 -45.46 17.14 0.31
C ALA C 35 -45.55 16.28 -0.95
N MET C 36 -46.64 15.55 -1.09
CA MET C 36 -46.81 14.67 -2.23
C MET C 36 -47.06 15.48 -3.50
N SER C 37 -46.52 15.01 -4.62
CA SER C 37 -46.87 15.59 -5.91
C SER C 37 -47.11 14.48 -6.93
N TRP C 38 -47.95 14.79 -7.90
CA TRP C 38 -48.23 13.90 -9.03
C TRP C 38 -47.78 14.61 -10.30
N VAL C 39 -46.81 13.99 -11.00
CA VAL C 39 -46.22 14.52 -12.28
C VAL C 39 -46.48 13.51 -13.40
N ARG C 40 -46.86 13.88 -14.61
CA ARG C 40 -47.32 12.91 -15.62
C ARG C 40 -46.55 12.99 -16.93
N GLN C 41 -46.11 11.89 -17.55
CA GLN C 41 -45.28 11.99 -18.78
C GLN C 41 -46.06 11.67 -20.03
N ALA C 42 -46.52 12.68 -20.71
CA ALA C 42 -47.20 12.54 -21.99
C ALA C 42 -46.31 11.76 -22.96
N PRO C 43 -46.90 10.83 -23.72
CA PRO C 43 -46.09 10.05 -24.67
C PRO C 43 -45.40 10.93 -25.70
N GLY C 44 -44.09 10.76 -25.85
CA GLY C 44 -43.32 11.53 -26.81
C GLY C 44 -42.55 12.69 -26.22
N LYS C 45 -42.79 13.04 -24.96
CA LYS C 45 -42.11 14.15 -24.32
C LYS C 45 -41.87 13.85 -22.84
N GLY C 46 -41.19 14.79 -22.18
CA GLY C 46 -40.89 14.64 -20.78
C GLY C 46 -42.06 14.96 -19.87
N LEU C 47 -41.72 15.58 -18.75
CA LEU C 47 -42.62 15.69 -17.61
C LEU C 47 -43.57 16.88 -17.75
N GLU C 48 -44.70 16.74 -17.04
CA GLU C 48 -45.70 17.82 -16.89
C GLU C 48 -46.25 17.63 -15.49
N TRP C 49 -46.19 18.62 -14.61
CA TRP C 49 -46.62 18.47 -13.23
C TRP C 49 -48.14 18.56 -13.14
N VAL C 50 -48.76 17.59 -12.48
CA VAL C 50 -50.21 17.57 -12.34
C VAL C 50 -50.63 18.35 -11.09
N GLY C 51 -50.10 17.98 -9.94
CA GLY C 51 -50.52 18.67 -8.73
C GLY C 51 -49.65 18.32 -7.54
N PHE C 52 -49.96 18.85 -6.37
CA PHE C 52 -49.25 18.44 -5.17
C PHE C 52 -50.10 18.86 -4.02
N ILE C 53 -50.06 18.15 -2.91
CA ILE C 53 -50.75 18.55 -1.66
C ILE C 53 -49.64 19.03 -0.73
N ARG C 54 -49.90 20.01 0.14
CA ARG C 54 -48.85 20.43 1.12
C ARG C 54 -48.68 19.35 2.18
N SER C 55 -47.60 19.44 2.97
CA SER C 55 -47.37 18.45 4.06
C SER C 55 -48.51 18.57 5.09
N LYS C 56 -48.76 17.49 5.84
CA LYS C 56 -49.84 17.50 6.85
C LYS C 56 -49.69 18.70 7.78
N ALA C 57 -48.49 18.94 8.31
CA ALA C 57 -48.29 20.03 9.28
C ALA C 57 -48.24 21.40 8.59
N TYR C 58 -47.97 21.44 7.29
CA TYR C 58 -47.98 22.73 6.54
C TYR C 58 -49.44 23.20 6.40
N GLY C 59 -50.38 22.25 6.37
CA GLY C 59 -51.81 22.60 6.26
C GLY C 59 -52.54 21.65 5.33
N GLY C 60 -51.79 20.80 4.62
CA GLY C 60 -52.42 19.88 3.64
C GLY C 60 -53.15 20.64 2.56
N THR C 61 -52.61 21.79 2.14
CA THR C 61 -53.28 22.64 1.11
C THR C 61 -52.95 22.10 -0.28
N THR C 62 -53.95 21.56 -0.98
CA THR C 62 -53.73 20.95 -2.32
C THR C 62 -53.68 22.05 -3.39
N GLU C 63 -52.89 21.84 -4.44
CA GLU C 63 -52.83 22.82 -5.57
C GLU C 63 -52.54 22.03 -6.84
N TYR C 64 -53.48 22.04 -7.79
CA TYR C 64 -53.30 21.29 -9.06
C TYR C 64 -53.01 22.28 -10.18
N ALA C 65 -52.84 21.78 -11.41
CA ALA C 65 -52.66 22.69 -12.57
C ALA C 65 -54.03 23.26 -12.92
N ALA C 66 -54.10 24.47 -13.49
CA ALA C 66 -55.39 25.13 -13.79
C ALA C 66 -56.31 24.19 -14.58
N SER C 67 -55.76 23.46 -15.56
CA SER C 67 -56.58 22.56 -16.42
C SER C 67 -57.16 21.39 -15.60
N VAL C 68 -56.36 20.79 -14.71
CA VAL C 68 -56.82 19.58 -13.97
C VAL C 68 -57.34 19.98 -12.58
N LYS C 69 -57.54 21.28 -12.35
CA LYS C 69 -58.01 21.77 -11.02
C LYS C 69 -59.45 21.31 -10.77
N GLY C 70 -59.74 20.83 -9.56
CA GLY C 70 -61.11 20.42 -9.21
C GLY C 70 -61.36 18.95 -9.42
N ARG C 71 -61.39 18.50 -10.68
CA ARG C 71 -61.69 17.07 -11.00
C ARG C 71 -60.74 16.16 -10.21
N PHE C 72 -59.43 16.43 -10.28
CA PHE C 72 -58.45 15.53 -9.61
C PHE C 72 -58.41 15.88 -8.12
N THR C 73 -58.33 14.85 -7.25
CA THR C 73 -58.36 15.10 -5.79
C THR C 73 -57.14 14.45 -5.14
N ILE C 74 -56.21 15.26 -4.60
CA ILE C 74 -55.00 14.73 -4.00
C ILE C 74 -55.23 14.60 -2.50
N SER C 75 -54.98 13.41 -1.95
CA SER C 75 -55.18 13.17 -0.53
C SER C 75 -54.01 12.36 0.01
N ARG C 76 -53.95 12.31 1.32
CA ARG C 76 -52.85 11.50 1.84
C ARG C 76 -53.29 10.92 3.15
N ASP C 77 -52.36 10.25 3.82
CA ASP C 77 -52.61 9.75 5.17
C ASP C 77 -51.35 9.08 5.74
N ASP C 78 -51.06 9.35 7.02
CA ASP C 78 -49.89 8.81 7.68
C ASP C 78 -50.15 7.44 8.31
N SER C 79 -51.34 7.27 8.91
CA SER C 79 -51.61 6.06 9.71
C SER C 79 -51.44 4.80 8.89
N LYS C 80 -52.00 4.75 7.68
CA LYS C 80 -51.69 3.71 6.73
C LYS C 80 -50.67 4.15 5.68
N SER C 81 -50.19 5.39 5.75
CA SER C 81 -49.07 5.88 4.93
C SER C 81 -49.32 5.66 3.43
N ILE C 82 -50.34 6.35 2.92
CA ILE C 82 -50.76 6.19 1.54
C ILE C 82 -51.20 7.53 0.97
N ALA C 83 -50.90 7.76 -0.31
CA ALA C 83 -51.31 8.95 -1.03
C ALA C 83 -52.23 8.58 -2.19
N TYR C 84 -53.37 9.26 -2.29
CA TYR C 84 -54.35 9.01 -3.32
C TYR C 84 -54.38 10.15 -4.32
N LEU C 85 -54.46 9.79 -5.61
CA LEU C 85 -54.73 10.80 -6.68
C LEU C 85 -56.07 10.36 -7.27
N GLN C 86 -57.17 11.03 -6.90
CA GLN C 86 -58.50 10.66 -7.42
C GLN C 86 -58.65 11.20 -8.85
N MET C 87 -58.43 10.35 -9.84
CA MET C 87 -58.56 10.77 -11.26
C MET C 87 -60.02 10.70 -11.70
N ASN C 88 -60.77 11.78 -11.49
CA ASN C 88 -62.19 11.82 -11.92
C ASN C 88 -62.29 12.45 -13.31
N SER C 89 -63.25 12.02 -14.13
CA SER C 89 -63.44 12.55 -15.51
C SER C 89 -62.12 12.47 -16.30
N LEU C 90 -61.67 11.25 -16.61
CA LEU C 90 -60.38 11.07 -17.33
C LEU C 90 -60.55 11.48 -18.80
N LYS C 91 -59.49 12.02 -19.41
CA LYS C 91 -59.58 12.51 -20.81
C LYS C 91 -58.38 11.99 -21.61
N THR C 92 -58.24 12.42 -22.87
CA THR C 92 -57.14 11.93 -23.74
C THR C 92 -55.77 12.42 -23.23
N GLU C 93 -55.75 13.47 -22.41
CA GLU C 93 -54.47 13.96 -21.83
C GLU C 93 -54.07 13.04 -20.67
N ASP C 94 -55.02 12.26 -20.15
CA ASP C 94 -54.73 11.34 -19.02
C ASP C 94 -54.22 10.00 -19.58
N THR C 95 -54.21 9.84 -20.91
CA THR C 95 -53.58 8.63 -21.51
C THR C 95 -52.07 8.86 -21.40
N ALA C 96 -51.49 8.68 -20.21
CA ALA C 96 -50.07 9.03 -20.02
C ALA C 96 -49.50 8.27 -18.82
N VAL C 97 -48.17 8.30 -18.66
CA VAL C 97 -47.54 7.65 -17.48
C VAL C 97 -47.63 8.66 -16.32
N TYR C 98 -47.73 8.17 -15.07
CA TYR C 98 -47.92 9.09 -13.92
C TYR C 98 -46.83 8.84 -12.87
N TYR C 99 -46.25 9.91 -12.31
CA TYR C 99 -45.09 9.72 -11.40
C TYR C 99 -45.38 10.31 -10.01
N CYS C 100 -45.24 9.47 -8.97
CA CYS C 100 -45.45 9.91 -7.59
C CYS C 100 -44.15 10.52 -7.11
N THR C 101 -44.15 11.83 -6.86
CA THR C 101 -42.95 12.58 -6.58
C THR C 101 -42.94 13.08 -5.13
N ARG C 102 -41.77 12.97 -4.52
CA ARG C 102 -41.60 13.08 -3.07
C ARG C 102 -41.22 14.50 -2.68
N GLY C 103 -42.07 15.45 -3.05
CA GLY C 103 -41.81 16.84 -2.73
C GLY C 103 -42.60 17.77 -3.60
N GLY C 104 -43.11 18.84 -2.98
CA GLY C 104 -43.85 19.83 -3.73
C GLY C 104 -42.99 20.58 -4.72
N THR C 105 -41.74 20.86 -4.24
CA THR C 105 -40.72 21.59 -5.06
C THR C 105 -39.38 20.89 -5.04
N LEU C 106 -39.35 19.63 -4.67
CA LEU C 106 -38.17 18.77 -4.76
C LEU C 106 -38.65 17.34 -5.02
N PHE C 107 -38.75 16.98 -6.30
CA PHE C 107 -39.22 15.65 -6.69
C PHE C 107 -38.04 14.68 -6.65
N ASP C 108 -37.97 13.87 -5.58
CA ASP C 108 -36.74 13.15 -5.28
C ASP C 108 -36.72 11.74 -5.88
N TYR C 109 -37.64 10.88 -5.46
CA TYR C 109 -37.52 9.46 -5.80
C TYR C 109 -38.18 9.14 -7.14
N TRP C 110 -39.33 9.76 -7.39
CA TRP C 110 -40.11 9.64 -8.62
C TRP C 110 -40.83 8.29 -8.68
N GLY C 111 -40.64 7.44 -7.68
CA GLY C 111 -41.30 6.15 -7.65
C GLY C 111 -40.94 5.27 -8.84
N GLN C 112 -41.98 4.67 -9.42
CA GLN C 112 -41.78 3.75 -10.54
C GLN C 112 -42.42 4.23 -11.83
N GLY C 113 -43.69 4.65 -11.77
CA GLY C 113 -44.39 5.12 -12.95
C GLY C 113 -45.52 4.20 -13.37
N THR C 114 -46.75 4.70 -13.33
CA THR C 114 -47.93 3.93 -13.69
C THR C 114 -48.43 4.41 -15.05
N LEU C 115 -48.57 3.47 -15.99
CA LEU C 115 -49.07 3.80 -17.32
C LEU C 115 -50.59 3.74 -17.32
N VAL C 116 -51.23 4.90 -17.21
CA VAL C 116 -52.69 4.98 -17.23
C VAL C 116 -53.15 5.27 -18.65
N THR C 117 -54.06 4.45 -19.17
CA THR C 117 -54.54 4.59 -20.54
C THR C 117 -56.00 5.04 -20.53
N VAL C 118 -56.32 6.00 -21.39
CA VAL C 118 -57.68 6.52 -21.53
C VAL C 118 -57.97 6.53 -23.02
N SER C 119 -58.61 5.48 -23.52
CA SER C 119 -58.95 5.36 -24.92
C SER C 119 -60.36 4.79 -25.06
N SER C 120 -61.00 5.12 -26.18
CA SER C 120 -62.33 4.63 -26.48
C SER C 120 -62.32 3.42 -27.40
N ALA C 121 -61.15 2.88 -27.72
CA ALA C 121 -61.05 1.75 -28.63
C ALA C 121 -61.29 0.44 -27.87
N SER C 122 -61.29 -0.66 -28.61
CA SER C 122 -61.51 -2.00 -28.07
C SER C 122 -60.27 -2.85 -28.28
N THR C 123 -60.35 -4.10 -27.82
CA THR C 123 -59.20 -5.00 -27.85
C THR C 123 -59.37 -6.01 -28.98
N LYS C 124 -58.69 -5.77 -30.10
CA LYS C 124 -58.64 -6.70 -31.22
C LYS C 124 -57.20 -6.83 -31.71
N GLY C 125 -56.94 -7.92 -32.44
CA GLY C 125 -55.62 -8.22 -32.90
C GLY C 125 -55.18 -7.30 -34.03
N PRO C 126 -53.92 -7.44 -34.45
CA PRO C 126 -53.38 -6.55 -35.47
C PRO C 126 -53.79 -6.93 -36.87
N SER C 127 -53.77 -5.93 -37.76
CA SER C 127 -54.00 -6.15 -39.18
C SER C 127 -52.66 -6.00 -39.89
N VAL C 128 -51.93 -7.10 -39.98
CA VAL C 128 -50.57 -7.09 -40.49
C VAL C 128 -50.61 -6.86 -42.01
N PHE C 129 -50.04 -5.75 -42.45
CA PHE C 129 -49.91 -5.43 -43.87
C PHE C 129 -48.44 -5.40 -44.23
N PRO C 130 -48.03 -5.97 -45.35
CA PRO C 130 -46.60 -6.00 -45.68
C PRO C 130 -46.11 -4.66 -46.21
N LEU C 131 -44.79 -4.52 -46.25
CA LEU C 131 -44.11 -3.37 -46.86
C LEU C 131 -43.22 -3.91 -47.98
N ALA C 132 -43.79 -3.99 -49.18
CA ALA C 132 -43.03 -4.52 -50.30
C ALA C 132 -41.86 -3.60 -50.64
N PRO C 133 -40.66 -4.13 -50.78
CA PRO C 133 -39.51 -3.28 -51.14
C PRO C 133 -39.66 -2.70 -52.53
N SER C 134 -39.09 -1.52 -52.72
CA SER C 134 -39.17 -0.85 -54.02
C SER C 134 -38.46 -1.64 -55.10
N SER C 135 -37.26 -2.13 -54.82
CA SER C 135 -36.49 -2.89 -55.80
C SER C 135 -35.41 -3.73 -55.12
N ALA C 143 -32.03 -2.95 -50.38
CA ALA C 143 -33.38 -2.56 -50.01
C ALA C 143 -33.72 -3.08 -48.61
N ALA C 144 -34.94 -2.77 -48.15
CA ALA C 144 -35.42 -3.20 -46.85
C ALA C 144 -36.77 -3.88 -47.01
N LEU C 145 -37.07 -4.79 -46.08
CA LEU C 145 -38.31 -5.57 -46.12
C LEU C 145 -39.02 -5.41 -44.78
N GLY C 146 -40.29 -5.02 -44.83
CA GLY C 146 -41.02 -4.73 -43.62
C GLY C 146 -42.48 -5.16 -43.69
N CYS C 147 -43.18 -5.00 -42.58
CA CYS C 147 -44.60 -5.31 -42.50
C CYS C 147 -45.24 -4.51 -41.37
N LEU C 148 -46.50 -4.12 -41.56
CA LEU C 148 -47.23 -3.29 -40.61
C LEU C 148 -47.82 -4.12 -39.47
N VAL C 149 -48.29 -3.41 -38.45
CA VAL C 149 -48.93 -4.01 -37.29
C VAL C 149 -50.24 -3.31 -37.01
N LYS C 150 -50.52 -2.23 -37.74
CA LYS C 150 -51.53 -1.25 -37.36
C LYS C 150 -52.90 -1.90 -37.16
N ASP C 151 -53.81 -1.12 -36.54
CA ASP C 151 -55.12 -1.56 -36.07
C ASP C 151 -54.99 -2.57 -34.93
N TYR C 152 -54.35 -2.12 -33.85
CA TYR C 152 -54.24 -2.89 -32.61
C TYR C 152 -54.30 -1.95 -31.42
N PHE C 153 -54.69 -2.51 -30.27
CA PHE C 153 -54.81 -1.78 -29.00
C PHE C 153 -55.09 -2.79 -27.89
N PRO C 154 -54.55 -2.63 -26.66
CA PRO C 154 -53.61 -1.65 -26.10
C PRO C 154 -52.14 -1.98 -26.40
N GLU C 155 -51.21 -1.55 -25.54
CA GLU C 155 -49.79 -1.70 -25.86
C GLU C 155 -49.05 -2.73 -25.01
N PRO C 156 -49.37 -4.01 -25.11
CA PRO C 156 -48.33 -5.03 -25.14
C PRO C 156 -48.05 -5.43 -26.59
N VAL C 157 -46.78 -5.56 -26.90
CA VAL C 157 -46.40 -5.78 -28.30
C VAL C 157 -44.98 -6.35 -28.39
N THR C 158 -44.77 -7.22 -29.37
CA THR C 158 -43.46 -7.79 -29.64
C THR C 158 -43.46 -8.34 -31.06
N VAL C 159 -42.68 -7.73 -31.94
CA VAL C 159 -42.59 -8.13 -33.34
C VAL C 159 -41.12 -8.42 -33.66
N SER C 160 -40.84 -9.66 -34.04
CA SER C 160 -39.52 -10.07 -34.47
C SER C 160 -39.57 -10.54 -35.92
N TRP C 161 -38.38 -10.70 -36.50
CA TRP C 161 -38.26 -11.11 -37.90
C TRP C 161 -37.52 -12.43 -37.96
N ASN C 162 -37.89 -13.25 -38.96
CA ASN C 162 -37.43 -14.64 -39.07
C ASN C 162 -37.82 -15.44 -37.82
N SER C 163 -38.83 -14.96 -37.11
CA SER C 163 -39.31 -15.57 -35.86
C SER C 163 -38.16 -15.76 -34.86
N GLY C 164 -37.58 -14.61 -34.48
CA GLY C 164 -36.55 -14.60 -33.47
C GLY C 164 -35.23 -15.16 -33.91
N ALA C 165 -35.05 -15.39 -35.21
CA ALA C 165 -33.79 -15.90 -35.74
C ALA C 165 -32.86 -14.79 -36.21
N LEU C 166 -33.41 -13.73 -36.78
CA LEU C 166 -32.62 -12.57 -37.21
C LEU C 166 -32.74 -11.48 -36.16
N THR C 167 -31.60 -10.97 -35.70
CA THR C 167 -31.57 -9.89 -34.72
C THR C 167 -30.74 -8.69 -35.14
N SER C 168 -29.86 -8.83 -36.13
CA SER C 168 -29.07 -7.72 -36.62
C SER C 168 -29.80 -7.06 -37.78
N GLY C 169 -30.02 -5.75 -37.67
CA GLY C 169 -30.81 -5.02 -38.63
C GLY C 169 -32.30 -5.02 -38.37
N VAL C 170 -32.75 -5.78 -37.38
CA VAL C 170 -34.15 -5.80 -37.01
C VAL C 170 -34.40 -4.63 -36.07
N HIS C 171 -35.43 -3.84 -36.36
CA HIS C 171 -35.73 -2.62 -35.61
C HIS C 171 -37.22 -2.35 -35.70
N THR C 172 -37.94 -2.62 -34.61
CA THR C 172 -39.38 -2.39 -34.55
C THR C 172 -39.65 -0.96 -34.07
N PHE C 173 -40.50 -0.25 -34.80
CA PHE C 173 -40.80 1.15 -34.53
C PHE C 173 -41.68 1.28 -33.30
N PRO C 174 -41.60 2.41 -32.55
CA PRO C 174 -42.48 2.59 -31.39
C PRO C 174 -43.93 2.85 -31.77
N ALA C 175 -44.83 2.72 -30.80
CA ALA C 175 -46.26 2.89 -31.02
C ALA C 175 -46.57 4.31 -31.49
N VAL C 176 -47.57 4.41 -32.36
CA VAL C 176 -48.08 5.69 -32.83
C VAL C 176 -49.59 5.71 -32.62
N LEU C 177 -50.09 6.77 -32.00
CA LEU C 177 -51.49 6.89 -31.65
C LEU C 177 -52.22 7.72 -32.70
N GLN C 178 -53.23 7.13 -33.34
CA GLN C 178 -54.06 7.81 -34.31
C GLN C 178 -55.21 8.52 -33.57
N SER C 179 -55.81 9.49 -34.27
CA SER C 179 -56.93 10.23 -33.69
C SER C 179 -58.13 9.35 -33.38
N SER C 180 -58.20 8.16 -33.98
CA SER C 180 -59.30 7.25 -33.71
C SER C 180 -59.03 6.31 -32.53
N GLY C 181 -57.88 6.45 -31.86
CA GLY C 181 -57.62 5.71 -30.64
C GLY C 181 -56.93 4.37 -30.81
N LEU C 182 -56.41 4.08 -31.99
CA LEU C 182 -55.65 2.84 -32.22
C LEU C 182 -54.15 3.12 -32.20
N TYR C 183 -53.39 2.04 -32.29
CA TYR C 183 -51.95 2.07 -32.16
C TYR C 183 -51.31 1.57 -33.45
N SER C 184 -50.10 2.05 -33.73
CA SER C 184 -49.47 1.81 -35.03
C SER C 184 -48.04 1.35 -34.84
N LEU C 185 -47.68 0.25 -35.49
CA LEU C 185 -46.29 -0.21 -35.55
C LEU C 185 -46.01 -0.80 -36.94
N SER C 186 -44.78 -0.47 -37.26
CA SER C 186 -44.25 -0.94 -38.53
C SER C 186 -42.94 -1.55 -38.05
N SER C 187 -42.68 -2.82 -38.31
CA SER C 187 -41.36 -3.37 -37.93
C SER C 187 -40.55 -3.49 -39.20
N VAL C 188 -39.25 -3.25 -39.09
CA VAL C 188 -38.46 -3.18 -40.35
C VAL C 188 -37.13 -3.92 -40.25
N VAL C 189 -36.70 -4.48 -41.38
CA VAL C 189 -35.34 -5.08 -41.45
C VAL C 189 -34.67 -4.49 -42.67
N THR C 190 -33.36 -4.36 -42.63
CA THR C 190 -32.57 -3.79 -43.72
C THR C 190 -31.42 -4.75 -44.02
N VAL C 191 -31.60 -5.59 -45.05
CA VAL C 191 -30.58 -6.53 -45.48
C VAL C 191 -30.94 -7.04 -46.87
N PRO C 192 -29.99 -7.10 -47.80
CA PRO C 192 -30.30 -7.59 -49.14
C PRO C 192 -30.70 -9.06 -49.13
N SER C 193 -31.54 -9.44 -50.09
CA SER C 193 -32.01 -10.81 -50.21
C SER C 193 -31.40 -11.48 -51.44
N THR C 200 -39.50 -13.58 -48.77
CA THR C 200 -38.19 -14.13 -48.43
C THR C 200 -37.94 -13.99 -46.93
N TYR C 201 -38.49 -12.94 -46.32
CA TYR C 201 -38.44 -12.76 -44.88
C TYR C 201 -39.85 -12.86 -44.32
N ILE C 202 -39.94 -13.35 -43.09
CA ILE C 202 -41.21 -13.68 -42.45
C ILE C 202 -41.32 -12.86 -41.16
N CYS C 203 -42.49 -12.29 -40.92
CA CYS C 203 -42.73 -11.49 -39.72
C CYS C 203 -44.00 -12.00 -39.03
N ASN C 204 -43.90 -12.22 -37.72
CA ASN C 204 -45.03 -12.63 -36.91
C ASN C 204 -45.29 -11.58 -35.82
N VAL C 205 -46.56 -11.29 -35.58
CA VAL C 205 -46.98 -10.35 -34.55
C VAL C 205 -47.91 -11.05 -33.59
N ASN C 206 -47.62 -10.93 -32.29
CA ASN C 206 -48.41 -11.56 -31.24
C ASN C 206 -49.15 -10.45 -30.48
N HIS C 207 -50.48 -10.46 -30.57
CA HIS C 207 -51.30 -9.55 -29.78
C HIS C 207 -51.68 -10.24 -28.47
N LYS C 208 -51.16 -9.72 -27.35
CA LYS C 208 -51.28 -10.40 -26.07
C LYS C 208 -52.69 -10.40 -25.50
N PRO C 209 -53.37 -9.26 -25.33
CA PRO C 209 -54.64 -9.29 -24.57
C PRO C 209 -55.71 -10.19 -25.17
N SER C 210 -55.77 -10.26 -26.51
CA SER C 210 -56.69 -11.16 -27.19
C SER C 210 -55.99 -12.39 -27.77
N ASN C 211 -54.67 -12.44 -27.68
CA ASN C 211 -53.88 -13.59 -28.15
C ASN C 211 -54.17 -13.87 -29.63
N THR C 212 -53.77 -12.91 -30.47
CA THR C 212 -53.96 -12.99 -31.91
C THR C 212 -52.59 -12.88 -32.58
N LYS C 213 -52.06 -14.02 -33.04
CA LYS C 213 -50.75 -14.07 -33.70
C LYS C 213 -50.97 -14.17 -35.21
N VAL C 214 -50.42 -13.19 -35.94
CA VAL C 214 -50.55 -13.12 -37.39
C VAL C 214 -49.17 -13.15 -38.02
N ASP C 215 -49.00 -14.01 -39.02
CA ASP C 215 -47.73 -14.26 -39.68
C ASP C 215 -47.83 -13.91 -41.16
N LYS C 216 -46.78 -13.29 -41.71
CA LYS C 216 -46.81 -12.80 -43.08
C LYS C 216 -45.43 -12.96 -43.74
N LYS C 217 -45.43 -13.36 -45.01
CA LYS C 217 -44.24 -13.42 -45.85
C LYS C 217 -44.36 -12.36 -46.94
N VAL C 218 -43.24 -11.70 -47.26
CA VAL C 218 -43.24 -10.51 -48.11
C VAL C 218 -42.39 -10.75 -49.36
N GLU C 219 -42.92 -10.36 -50.52
CA GLU C 219 -42.17 -10.18 -51.76
C GLU C 219 -42.56 -8.86 -52.33
N PRO C 220 -41.69 -8.20 -53.12
CA PRO C 220 -42.13 -6.96 -53.78
C PRO C 220 -43.17 -7.18 -54.89
N ASP D 17 -43.95 37.82 -13.56
CA ASP D 17 -44.24 36.81 -14.57
C ASP D 17 -43.64 35.45 -14.22
N VAL D 18 -43.23 34.70 -15.22
CA VAL D 18 -42.67 33.37 -15.05
C VAL D 18 -41.25 33.35 -15.59
N VAL D 19 -40.39 32.58 -14.92
CA VAL D 19 -39.00 32.44 -15.36
C VAL D 19 -38.94 31.32 -16.39
N MET D 20 -39.04 31.68 -17.67
CA MET D 20 -39.06 30.72 -18.76
C MET D 20 -37.62 30.47 -19.20
N THR D 21 -37.23 29.21 -19.28
CA THR D 21 -35.83 28.83 -19.40
C THR D 21 -35.56 28.11 -20.72
N GLN D 22 -34.33 28.23 -21.20
CA GLN D 22 -33.86 27.56 -22.41
C GLN D 22 -32.63 26.73 -22.10
N SER D 23 -32.31 25.79 -22.98
CA SER D 23 -31.19 24.89 -22.77
C SER D 23 -30.73 24.35 -24.13
N PRO D 24 -29.50 23.79 -24.19
CA PRO D 24 -29.06 23.15 -25.43
C PRO D 24 -29.74 21.81 -25.67
N LEU D 25 -30.91 21.87 -26.33
CA LEU D 25 -31.78 20.71 -26.44
C LEU D 25 -31.08 19.49 -27.04
N SER D 26 -30.10 19.68 -27.91
CA SER D 26 -29.51 18.58 -28.67
C SER D 26 -27.99 18.53 -28.46
N LEU D 27 -27.57 18.56 -27.19
CA LEU D 27 -26.16 18.49 -26.86
C LEU D 27 -25.66 17.05 -26.96
N PRO D 28 -24.66 16.76 -27.79
CA PRO D 28 -24.14 15.39 -27.88
C PRO D 28 -23.02 15.12 -26.88
N VAL D 29 -22.88 13.86 -26.49
CA VAL D 29 -21.81 13.41 -25.61
C VAL D 29 -21.22 12.13 -26.18
N THR D 30 -19.94 11.88 -25.87
CA THR D 30 -19.27 10.66 -26.29
C THR D 30 -18.54 10.03 -25.11
N PRO D 31 -18.38 8.71 -25.08
CA PRO D 31 -17.69 8.07 -23.95
C PRO D 31 -16.27 8.58 -23.78
N GLY D 32 -15.87 8.76 -22.52
CA GLY D 32 -14.56 9.25 -22.18
C GLY D 32 -14.36 10.74 -22.32
N GLU D 33 -15.45 11.52 -22.38
CA GLU D 33 -15.37 12.95 -22.62
C GLU D 33 -16.06 13.72 -21.52
N PRO D 34 -15.54 14.88 -21.12
CA PRO D 34 -16.32 15.76 -20.22
C PRO D 34 -17.26 16.64 -21.01
N ALA D 35 -18.52 16.69 -20.57
CA ALA D 35 -19.59 17.38 -21.26
C ALA D 35 -20.03 18.59 -20.43
N SER D 36 -20.57 19.60 -21.12
CA SER D 36 -20.99 20.83 -20.45
C SER D 36 -22.40 21.18 -20.94
N ILE D 37 -23.41 20.74 -20.18
CA ILE D 37 -24.79 21.08 -20.44
C ILE D 37 -25.14 22.37 -19.69
N SER D 38 -26.01 23.19 -20.27
CA SER D 38 -26.29 24.50 -19.70
C SER D 38 -27.79 24.75 -19.61
N CYS D 39 -28.12 25.80 -18.90
CA CYS D 39 -29.46 26.36 -18.84
C CYS D 39 -29.36 27.87 -18.71
N ARG D 40 -30.30 28.57 -19.36
CA ARG D 40 -30.38 30.03 -19.30
C ARG D 40 -31.78 30.42 -18.87
N SER D 41 -31.86 31.31 -17.89
CA SER D 41 -33.13 31.75 -17.32
C SER D 41 -33.33 33.23 -17.60
N SER D 42 -34.60 33.61 -17.81
CA SER D 42 -34.91 35.01 -18.11
C SER D 42 -34.66 35.90 -16.90
N GLN D 43 -35.17 35.52 -15.74
CA GLN D 43 -34.97 36.28 -14.52
C GLN D 43 -33.75 35.76 -13.76
N SER D 44 -33.61 36.23 -12.53
CA SER D 44 -32.51 35.80 -11.65
C SER D 44 -33.05 34.78 -10.67
N LEU D 45 -32.42 33.61 -10.62
CA LEU D 45 -32.88 32.52 -9.71
C LEU D 45 -32.11 32.57 -8.38
N LEU D 46 -31.15 33.48 -8.26
CA LEU D 46 -30.41 33.64 -6.98
C LEU D 46 -31.39 34.08 -5.89
N HIS D 47 -31.31 33.46 -4.71
CA HIS D 47 -32.24 33.80 -3.59
C HIS D 47 -31.64 34.94 -2.76
N SER D 48 -32.36 35.41 -1.73
CA SER D 48 -31.84 36.48 -0.83
C SER D 48 -30.77 35.88 0.09
N ASN D 49 -30.69 34.55 0.18
CA ASN D 49 -29.62 33.90 0.97
C ASN D 49 -28.43 33.65 0.03
N GLY D 50 -28.46 34.25 -1.16
CA GLY D 50 -27.39 34.02 -2.16
C GLY D 50 -27.43 32.59 -2.65
N TYR D 51 -28.61 31.94 -2.59
CA TYR D 51 -28.68 30.51 -2.96
C TYR D 51 -29.40 30.33 -4.30
N ASN D 52 -28.66 29.97 -5.34
CA ASN D 52 -29.24 29.78 -6.69
C ASN D 52 -30.36 28.73 -6.61
N TYR D 53 -31.50 28.99 -7.27
CA TYR D 53 -32.66 28.06 -7.17
C TYR D 53 -32.85 27.30 -8.48
N LEU D 54 -31.90 26.42 -8.83
CA LEU D 54 -32.06 25.59 -10.05
C LEU D 54 -31.81 24.12 -9.72
N ASP D 55 -32.62 23.22 -10.28
CA ASP D 55 -32.49 21.77 -9.98
C ASP D 55 -32.23 20.99 -11.28
N TRP D 56 -31.07 20.33 -11.40
CA TRP D 56 -30.77 19.50 -12.56
C TRP D 56 -31.32 18.10 -12.31
N TYR D 57 -32.18 17.65 -13.22
CA TYR D 57 -32.80 16.34 -13.13
C TYR D 57 -32.40 15.48 -14.33
N LEU D 58 -32.38 14.17 -14.14
CA LEU D 58 -32.06 13.22 -15.20
C LEU D 58 -33.20 12.21 -15.35
N GLN D 59 -33.71 12.05 -16.56
CA GLN D 59 -34.65 10.99 -16.91
C GLN D 59 -33.90 9.98 -17.77
N LYS D 60 -33.87 8.73 -17.30
CA LYS D 60 -33.29 7.65 -18.07
C LYS D 60 -34.22 7.26 -19.21
N PRO D 61 -33.71 6.67 -20.29
CA PRO D 61 -34.59 6.21 -21.37
C PRO D 61 -35.54 5.13 -20.89
N GLY D 62 -36.82 5.45 -20.85
CA GLY D 62 -37.83 4.51 -20.39
C GLY D 62 -37.72 4.12 -18.93
N GLN D 63 -37.41 5.07 -18.06
CA GLN D 63 -37.30 4.83 -16.63
C GLN D 63 -37.77 6.07 -15.87
N SER D 64 -37.80 5.94 -14.55
CA SER D 64 -38.20 7.05 -13.71
C SER D 64 -37.10 8.12 -13.68
N PRO D 65 -37.46 9.40 -13.65
CA PRO D 65 -36.45 10.45 -13.50
C PRO D 65 -35.74 10.34 -12.15
N GLN D 66 -34.65 11.09 -12.03
CA GLN D 66 -33.89 11.16 -10.78
C GLN D 66 -33.41 12.59 -10.56
N LEU D 67 -33.22 12.94 -9.29
CA LEU D 67 -32.74 14.26 -8.89
C LEU D 67 -31.23 14.22 -8.84
N LEU D 68 -30.58 14.88 -9.80
CA LEU D 68 -29.13 14.93 -9.81
C LEU D 68 -28.59 16.03 -8.88
N ILE D 69 -28.98 17.27 -9.14
CA ILE D 69 -28.44 18.42 -8.42
C ILE D 69 -29.57 19.32 -7.96
N TYR D 70 -29.43 19.83 -6.73
CA TYR D 70 -30.30 20.86 -6.20
C TYR D 70 -29.51 22.08 -5.78
N LEU D 71 -30.22 23.20 -5.64
CA LEU D 71 -29.64 24.46 -5.17
C LEU D 71 -28.50 24.91 -6.09
N GLY D 72 -28.60 24.56 -7.37
CA GLY D 72 -27.61 24.96 -8.36
C GLY D 72 -26.38 24.11 -8.53
N SER D 73 -25.74 23.71 -7.42
CA SER D 73 -24.43 23.07 -7.47
C SER D 73 -24.36 21.72 -6.75
N ASN D 74 -25.08 21.53 -5.66
CA ASN D 74 -24.87 20.38 -4.79
C ASN D 74 -25.50 19.09 -5.32
N ARG D 75 -24.92 17.97 -4.93
CA ARG D 75 -25.40 16.63 -5.25
C ARG D 75 -26.72 16.30 -4.57
N ALA D 76 -27.41 15.28 -5.09
CA ALA D 76 -28.28 14.46 -4.27
C ALA D 76 -27.54 13.21 -3.84
N SER D 77 -27.91 12.66 -2.68
CA SER D 77 -27.28 11.44 -2.19
C SER D 77 -27.61 10.27 -3.11
N GLY D 78 -26.59 9.47 -3.40
CA GLY D 78 -26.72 8.36 -4.32
C GLY D 78 -26.44 8.69 -5.76
N VAL D 79 -26.31 9.96 -6.11
CA VAL D 79 -25.99 10.40 -7.47
C VAL D 79 -24.48 10.45 -7.60
N PRO D 80 -23.88 9.78 -8.59
CA PRO D 80 -22.42 9.75 -8.69
C PRO D 80 -21.82 11.15 -8.82
N ASP D 81 -20.56 11.27 -8.37
CA ASP D 81 -19.84 12.54 -8.42
C ASP D 81 -19.62 13.06 -9.84
N ARG D 82 -19.94 12.27 -10.86
CA ARG D 82 -19.57 12.62 -12.22
C ARG D 82 -20.36 13.84 -12.71
N PHE D 83 -21.39 14.23 -11.97
CA PHE D 83 -22.13 15.46 -12.25
C PHE D 83 -21.67 16.56 -11.30
N SER D 84 -21.34 17.73 -11.85
CA SER D 84 -21.06 18.90 -11.03
C SER D 84 -21.83 20.09 -11.56
N GLY D 85 -22.28 20.94 -10.64
CA GLY D 85 -23.11 22.06 -10.98
C GLY D 85 -22.49 23.38 -10.55
N SER D 86 -22.75 24.42 -11.34
CA SER D 86 -22.24 25.75 -11.04
C SER D 86 -23.02 26.76 -11.89
N GLY D 87 -22.62 28.01 -11.80
CA GLY D 87 -23.20 29.06 -12.62
C GLY D 87 -23.65 30.24 -11.78
N SER D 88 -24.03 31.31 -12.46
CA SER D 88 -24.51 32.54 -11.82
C SER D 88 -26.02 32.50 -11.68
N GLY D 89 -26.60 33.65 -11.35
CA GLY D 89 -28.03 33.77 -11.14
C GLY D 89 -28.86 33.45 -12.38
N THR D 90 -28.33 33.78 -13.56
CA THR D 90 -29.05 33.54 -14.81
C THR D 90 -28.52 32.31 -15.53
N ASP D 91 -27.21 32.23 -15.77
CA ASP D 91 -26.61 31.12 -16.49
C ASP D 91 -26.22 30.03 -15.49
N PHE D 92 -26.58 28.79 -15.83
CA PHE D 92 -26.27 27.62 -15.01
C PHE D 92 -25.63 26.56 -15.89
N THR D 93 -24.66 25.84 -15.33
CA THR D 93 -23.92 24.85 -16.12
C THR D 93 -23.67 23.60 -15.27
N LEU D 94 -24.01 22.45 -15.84
CA LEU D 94 -23.64 21.16 -15.28
C LEU D 94 -22.57 20.53 -16.16
N LYS D 95 -21.42 20.22 -15.58
CA LYS D 95 -20.38 19.47 -16.28
C LYS D 95 -20.40 18.02 -15.81
N ILE D 96 -20.46 17.12 -16.78
CA ILE D 96 -20.25 15.69 -16.55
C ILE D 96 -18.77 15.41 -16.81
N SER D 97 -18.02 15.10 -15.75
CA SER D 97 -16.59 14.74 -15.91
C SER D 97 -16.45 13.45 -16.71
N ARG D 98 -17.17 12.39 -16.32
CA ARG D 98 -17.04 11.08 -17.01
C ARG D 98 -18.40 10.67 -17.61
N VAL D 99 -18.55 10.80 -18.93
CA VAL D 99 -19.84 10.49 -19.60
C VAL D 99 -20.05 8.97 -19.62
N GLU D 100 -21.27 8.52 -19.30
CA GLU D 100 -21.59 7.07 -19.33
C GLU D 100 -22.88 6.86 -20.14
N ALA D 101 -23.36 5.62 -20.20
CA ALA D 101 -24.60 5.30 -20.96
C ALA D 101 -25.83 5.64 -20.10
N GLU D 102 -25.71 5.52 -18.78
CA GLU D 102 -26.83 5.90 -17.89
C GLU D 102 -26.94 7.44 -17.87
N ASP D 103 -25.81 8.13 -18.05
CA ASP D 103 -25.83 9.62 -18.13
C ASP D 103 -26.68 10.01 -19.34
N VAL D 104 -26.51 9.32 -20.47
CA VAL D 104 -27.34 9.60 -21.68
C VAL D 104 -28.82 9.53 -21.29
N GLY D 105 -29.58 10.60 -21.58
CA GLY D 105 -31.01 10.64 -21.25
C GLY D 105 -31.57 12.03 -21.48
N VAL D 106 -32.56 12.45 -20.68
CA VAL D 106 -33.05 13.82 -20.80
C VAL D 106 -32.70 14.58 -19.54
N TYR D 107 -32.13 15.77 -19.70
CA TYR D 107 -31.73 16.61 -18.57
C TYR D 107 -32.73 17.76 -18.42
N TYR D 108 -33.32 17.88 -17.24
CA TYR D 108 -34.34 18.88 -16.94
C TYR D 108 -33.77 20.00 -16.09
N CYS D 109 -34.03 21.23 -16.53
CA CYS D 109 -33.57 22.43 -15.79
C CYS D 109 -34.79 22.98 -15.04
N MET D 110 -34.89 22.74 -13.73
CA MET D 110 -36.11 23.13 -12.97
C MET D 110 -35.87 24.39 -12.14
N GLN D 111 -36.72 25.42 -12.28
CA GLN D 111 -36.60 26.64 -11.44
C GLN D 111 -37.49 26.46 -10.20
N SER D 112 -37.26 27.26 -9.15
CA SER D 112 -38.03 27.08 -7.90
C SER D 112 -38.71 28.38 -7.47
N LEU D 113 -38.12 29.53 -7.82
CA LEU D 113 -38.67 30.87 -7.43
C LEU D 113 -40.21 30.85 -7.49
N GLN D 114 -40.78 30.36 -8.59
CA GLN D 114 -42.23 30.31 -8.77
C GLN D 114 -42.64 28.87 -9.05
N THR D 115 -43.54 28.35 -8.23
CA THR D 115 -44.11 27.02 -8.42
C THR D 115 -45.62 27.11 -8.30
N PRO D 116 -46.31 27.53 -9.37
CA PRO D 116 -46.86 26.57 -10.33
C PRO D 116 -45.80 26.11 -11.32
N ARG D 117 -45.87 24.83 -11.70
CA ARG D 117 -44.90 24.20 -12.60
C ARG D 117 -45.69 23.53 -13.72
N LEU D 118 -46.05 24.29 -14.75
CA LEU D 118 -46.91 23.76 -15.79
C LEU D 118 -46.24 22.65 -16.59
N THR D 119 -45.03 22.89 -17.09
CA THR D 119 -44.27 21.90 -17.83
C THR D 119 -42.83 21.91 -17.35
N PHE D 120 -42.09 20.87 -17.75
CA PHE D 120 -40.68 20.75 -17.40
C PHE D 120 -39.76 21.33 -18.46
N GLY D 121 -40.32 21.96 -19.50
CA GLY D 121 -39.52 22.55 -20.55
C GLY D 121 -39.17 21.55 -21.63
N PRO D 122 -38.52 22.03 -22.70
CA PRO D 122 -38.14 21.12 -23.79
C PRO D 122 -37.20 19.99 -23.36
N GLY D 123 -36.30 20.26 -22.42
CA GLY D 123 -35.37 19.23 -21.98
C GLY D 123 -34.22 19.02 -22.93
N THR D 124 -33.05 18.67 -22.38
CA THR D 124 -31.86 18.46 -23.19
C THR D 124 -31.79 17.00 -23.62
N LYS D 125 -31.93 16.76 -24.92
CA LYS D 125 -31.88 15.40 -25.47
C LYS D 125 -30.42 14.99 -25.63
N VAL D 126 -29.95 14.11 -24.75
CA VAL D 126 -28.55 13.70 -24.75
C VAL D 126 -28.42 12.34 -25.41
N ASP D 127 -27.46 12.25 -26.32
CA ASP D 127 -27.23 11.04 -27.10
C ASP D 127 -25.74 10.75 -27.16
N ILE D 128 -25.40 9.48 -27.33
CA ILE D 128 -24.01 9.10 -27.52
C ILE D 128 -23.56 9.54 -28.91
N LYS D 129 -22.38 10.18 -28.98
CA LYS D 129 -21.93 10.86 -30.18
C LYS D 129 -21.09 9.95 -31.06
N ARG D 130 -21.45 9.88 -32.33
CA ARG D 130 -20.58 9.34 -33.37
C ARG D 130 -20.47 10.38 -34.47
N THR D 131 -19.83 10.05 -35.59
CA THR D 131 -19.77 10.97 -36.70
C THR D 131 -21.13 11.07 -37.37
N VAL D 132 -21.26 12.02 -38.30
CA VAL D 132 -22.52 12.20 -39.03
C VAL D 132 -22.77 10.97 -39.89
N ALA D 133 -24.00 10.47 -39.85
CA ALA D 133 -24.37 9.24 -40.52
C ALA D 133 -24.94 9.54 -41.90
N ALA D 134 -25.16 8.50 -42.68
CA ALA D 134 -25.73 8.62 -44.01
C ALA D 134 -27.20 8.22 -43.96
N PRO D 135 -28.13 9.17 -44.11
CA PRO D 135 -29.55 8.83 -44.02
C PRO D 135 -29.99 7.95 -45.18
N SER D 136 -30.55 6.79 -44.85
CA SER D 136 -31.06 5.86 -45.84
C SER D 136 -32.56 6.13 -46.00
N VAL D 137 -32.93 6.69 -47.16
CA VAL D 137 -34.32 7.01 -47.41
C VAL D 137 -34.93 5.92 -48.28
N PHE D 138 -35.88 5.19 -47.72
CA PHE D 138 -36.51 4.04 -48.39
C PHE D 138 -38.01 4.29 -48.48
N ILE D 139 -38.52 4.42 -49.71
CA ILE D 139 -39.96 4.59 -49.90
C ILE D 139 -40.60 3.22 -50.06
N PHE D 140 -41.64 2.96 -49.25
CA PHE D 140 -42.43 1.73 -49.30
C PHE D 140 -43.87 2.08 -49.66
N PRO D 141 -44.29 1.87 -50.91
CA PRO D 141 -45.70 2.02 -51.26
C PRO D 141 -46.55 1.06 -50.48
N PRO D 142 -47.79 1.44 -50.14
CA PRO D 142 -48.66 0.53 -49.39
C PRO D 142 -49.01 -0.71 -50.18
N SER D 143 -49.16 -1.83 -49.47
CA SER D 143 -49.49 -3.10 -50.11
C SER D 143 -50.91 -3.07 -50.66
N ASP D 144 -51.15 -3.88 -51.70
CA ASP D 144 -52.48 -3.99 -52.27
C ASP D 144 -53.49 -4.59 -51.30
N GLU D 145 -53.02 -5.36 -50.30
CA GLU D 145 -53.93 -5.90 -49.30
C GLU D 145 -54.28 -4.86 -48.25
N GLN D 146 -53.57 -3.72 -48.24
CA GLN D 146 -53.99 -2.60 -47.42
C GLN D 146 -55.16 -1.85 -48.06
N LEU D 147 -55.28 -1.95 -49.39
CA LEU D 147 -56.24 -1.14 -50.12
C LEU D 147 -57.65 -1.72 -50.10
N LYS D 148 -57.83 -2.94 -49.58
CA LYS D 148 -59.15 -3.53 -49.50
C LYS D 148 -59.99 -2.95 -48.36
N SER D 149 -59.35 -2.52 -47.27
CA SER D 149 -60.07 -2.03 -46.10
C SER D 149 -60.33 -0.53 -46.14
N GLY D 150 -59.92 0.15 -47.21
CA GLY D 150 -60.15 1.57 -47.36
C GLY D 150 -59.05 2.44 -46.79
N THR D 151 -57.92 1.88 -46.38
CA THR D 151 -56.81 2.63 -45.81
C THR D 151 -55.58 2.45 -46.68
N ALA D 152 -54.60 3.33 -46.48
CA ALA D 152 -53.35 3.31 -47.24
C ALA D 152 -52.31 4.11 -46.47
N SER D 153 -51.08 3.60 -46.43
CA SER D 153 -49.99 4.26 -45.71
C SER D 153 -48.66 3.95 -46.41
N VAL D 154 -48.18 4.92 -47.19
CA VAL D 154 -46.83 4.78 -47.80
C VAL D 154 -45.84 5.26 -46.73
N VAL D 155 -44.84 4.43 -46.38
CA VAL D 155 -43.95 4.81 -45.24
C VAL D 155 -42.59 5.27 -45.77
N CYS D 156 -42.21 6.52 -45.47
CA CYS D 156 -40.84 6.98 -45.82
C CYS D 156 -39.92 6.47 -44.72
N LEU D 157 -39.18 5.40 -44.99
CA LEU D 157 -38.34 4.78 -43.93
C LEU D 157 -36.97 5.46 -43.86
N LEU D 158 -36.84 6.48 -43.02
CA LEU D 158 -35.49 7.08 -42.81
C LEU D 158 -34.74 6.16 -41.86
N ASN D 159 -33.50 5.80 -42.17
CA ASN D 159 -32.78 4.81 -41.31
C ASN D 159 -31.32 5.21 -41.14
N ASN D 160 -30.66 4.69 -40.10
CA ASN D 160 -29.22 4.96 -39.84
C ASN D 160 -28.90 6.44 -40.08
N PHE D 161 -29.57 7.34 -39.37
CA PHE D 161 -29.30 8.79 -39.52
C PHE D 161 -28.94 9.40 -38.16
N TYR D 162 -28.20 10.52 -38.16
CA TYR D 162 -27.77 11.17 -36.94
C TYR D 162 -27.33 12.59 -37.23
N PRO D 163 -27.84 13.60 -36.51
CA PRO D 163 -28.82 13.54 -35.43
C PRO D 163 -30.27 13.44 -35.91
N ARG D 164 -31.22 13.44 -34.96
CA ARG D 164 -32.64 13.35 -35.28
C ARG D 164 -33.21 14.76 -35.53
N GLY D 165 -32.66 15.41 -36.56
CA GLY D 165 -33.10 16.74 -36.93
C GLY D 165 -33.60 16.81 -38.36
N ALA D 166 -34.25 15.75 -38.83
CA ALA D 166 -34.70 15.65 -40.21
C ALA D 166 -36.22 15.62 -40.27
N LYS D 167 -36.79 16.52 -41.07
CA LYS D 167 -38.22 16.50 -41.35
C LYS D 167 -38.48 15.88 -42.71
N VAL D 168 -39.58 15.14 -42.81
CA VAL D 168 -39.97 14.47 -44.05
C VAL D 168 -41.15 15.19 -44.66
N GLN D 169 -41.02 15.58 -45.92
CA GLN D 169 -42.08 16.27 -46.65
C GLN D 169 -42.80 15.29 -47.57
N TRP D 170 -44.11 15.51 -47.72
CA TRP D 170 -44.94 14.66 -48.59
C TRP D 170 -45.57 15.57 -49.64
N LYS D 171 -45.09 15.45 -50.88
CA LYS D 171 -45.54 16.30 -51.97
C LYS D 171 -46.23 15.44 -53.04
N VAL D 172 -46.59 16.07 -54.16
CA VAL D 172 -47.26 15.46 -55.31
C VAL D 172 -48.40 14.51 -54.90
N GLN D 177 -50.58 19.27 -49.70
CA GLN D 177 -49.42 18.37 -49.71
C GLN D 177 -49.29 17.61 -48.40
N SER D 178 -48.33 18.03 -47.58
CA SER D 178 -48.13 17.39 -46.29
C SER D 178 -49.20 17.82 -45.30
N GLY D 179 -49.23 17.15 -44.14
CA GLY D 179 -50.18 17.43 -43.09
C GLY D 179 -50.83 16.18 -42.53
N ASN D 180 -50.79 15.08 -43.27
CA ASN D 180 -51.34 13.81 -42.82
C ASN D 180 -50.26 12.87 -42.30
N SER D 181 -49.05 13.38 -42.10
CA SER D 181 -47.92 12.57 -41.63
C SER D 181 -47.94 12.47 -40.12
N GLN D 182 -47.78 11.25 -39.61
CA GLN D 182 -47.63 11.00 -38.19
C GLN D 182 -46.19 10.62 -37.90
N GLU D 183 -45.75 10.87 -36.66
CA GLU D 183 -44.35 10.84 -36.29
C GLU D 183 -44.01 9.57 -35.53
N SER D 184 -42.93 8.91 -35.95
CA SER D 184 -42.39 7.77 -35.21
C SER D 184 -40.87 7.93 -35.17
N VAL D 185 -40.37 8.48 -34.07
CA VAL D 185 -38.93 8.56 -33.80
C VAL D 185 -38.58 7.39 -32.90
N THR D 186 -37.36 6.89 -33.04
CA THR D 186 -37.04 5.55 -32.56
C THR D 186 -35.94 5.56 -31.53
N GLU D 187 -35.54 4.37 -31.11
CA GLU D 187 -34.53 4.21 -30.08
C GLU D 187 -33.13 4.25 -30.71
N GLN D 188 -32.25 5.01 -30.08
CA GLN D 188 -30.85 5.02 -30.46
C GLN D 188 -30.11 3.89 -29.75
N ASP D 189 -29.29 3.16 -30.52
CA ASP D 189 -28.81 1.85 -30.11
C ASP D 189 -27.44 1.92 -29.46
N SER D 190 -26.81 0.75 -29.29
CA SER D 190 -25.50 0.63 -28.67
C SER D 190 -24.39 0.41 -29.70
N LYS D 191 -24.52 -0.61 -30.55
CA LYS D 191 -23.49 -0.92 -31.52
C LYS D 191 -23.40 0.10 -32.65
N ASP D 192 -24.51 0.71 -33.05
CA ASP D 192 -24.52 1.68 -34.12
C ASP D 192 -24.77 3.11 -33.65
N SER D 193 -25.54 3.30 -32.57
CA SER D 193 -25.77 4.62 -32.00
C SER D 193 -26.34 5.59 -33.03
N THR D 194 -27.30 5.11 -33.81
CA THR D 194 -27.95 5.90 -34.85
C THR D 194 -29.45 6.01 -34.55
N TYR D 195 -30.16 6.62 -35.49
CA TYR D 195 -31.59 6.84 -35.37
C TYR D 195 -32.32 6.22 -36.55
N SER D 196 -33.62 5.97 -36.36
CA SER D 196 -34.51 5.57 -37.43
C SER D 196 -35.80 6.39 -37.30
N LEU D 197 -36.46 6.63 -38.43
CA LEU D 197 -37.63 7.50 -38.46
C LEU D 197 -38.70 6.92 -39.38
N SER D 198 -39.96 7.07 -38.97
CA SER D 198 -41.11 6.65 -39.75
C SER D 198 -42.10 7.81 -39.81
N SER D 199 -42.26 8.39 -40.99
CA SER D 199 -43.30 9.37 -41.26
C SER D 199 -44.48 8.64 -41.89
N THR D 200 -45.43 8.23 -41.06
CA THR D 200 -46.52 7.37 -41.49
C THR D 200 -47.63 8.22 -42.10
N LEU D 201 -47.85 8.05 -43.40
CA LEU D 201 -48.86 8.83 -44.11
C LEU D 201 -50.14 8.01 -44.32
N THR D 202 -50.92 7.89 -43.24
CA THR D 202 -52.22 7.24 -43.34
C THR D 202 -53.10 7.98 -44.33
N LEU D 203 -53.74 7.23 -45.23
CA LEU D 203 -54.33 7.82 -46.42
C LEU D 203 -55.66 7.10 -46.69
N SER D 204 -56.42 7.59 -47.65
CA SER D 204 -57.76 7.10 -47.95
C SER D 204 -57.84 6.59 -49.39
N LYS D 205 -59.05 6.26 -49.81
CA LYS D 205 -59.27 5.59 -51.09
C LYS D 205 -58.82 6.43 -52.28
N ALA D 206 -59.50 7.55 -52.51
CA ALA D 206 -59.35 8.26 -53.78
C ALA D 206 -58.02 9.00 -53.87
N ASP D 207 -57.60 9.63 -52.78
CA ASP D 207 -56.42 10.49 -52.81
C ASP D 207 -55.11 9.73 -52.94
N TYR D 208 -55.11 8.40 -52.89
CA TYR D 208 -53.89 7.64 -53.19
C TYR D 208 -53.49 7.79 -54.66
N GLU D 209 -54.47 7.88 -55.56
CA GLU D 209 -54.19 7.96 -56.99
C GLU D 209 -53.84 9.40 -57.39
N ALA D 215 -44.38 10.72 -52.75
CA ALA D 215 -42.97 11.12 -52.76
C ALA D 215 -42.55 11.69 -51.41
N CYS D 216 -41.39 11.27 -50.93
CA CYS D 216 -40.85 11.75 -49.66
C CYS D 216 -39.38 12.11 -49.83
N GLU D 217 -38.98 13.19 -49.15
CA GLU D 217 -37.61 13.65 -49.16
C GLU D 217 -37.30 14.29 -47.82
N VAL D 218 -36.00 14.37 -47.51
CA VAL D 218 -35.54 14.84 -46.21
C VAL D 218 -34.51 15.94 -46.39
N THR D 219 -34.30 16.70 -45.32
CA THR D 219 -33.29 17.75 -45.28
C THR D 219 -32.26 17.47 -44.17
N HIS D 220 -31.97 16.19 -43.94
CA HIS D 220 -31.04 15.81 -42.88
C HIS D 220 -29.64 16.29 -43.21
N GLN D 221 -28.87 16.61 -42.15
CA GLN D 221 -27.55 17.21 -42.30
C GLN D 221 -26.52 16.26 -42.91
N GLY D 222 -26.84 14.96 -43.01
CA GLY D 222 -25.91 14.04 -43.64
C GLY D 222 -25.67 14.36 -45.11
N LEU D 223 -26.67 14.89 -45.80
CA LEU D 223 -26.56 15.35 -47.17
C LEU D 223 -26.98 16.80 -47.25
N SER D 224 -26.86 17.39 -48.44
CA SER D 224 -27.26 18.77 -48.67
C SER D 224 -28.42 18.89 -49.64
N SER D 225 -28.30 18.30 -50.82
CA SER D 225 -29.39 18.34 -51.78
C SER D 225 -30.52 17.41 -51.35
N PRO D 226 -31.77 17.83 -51.55
CA PRO D 226 -32.92 16.97 -51.22
C PRO D 226 -32.95 15.75 -52.14
N VAL D 227 -32.98 14.57 -51.55
CA VAL D 227 -33.08 13.31 -52.29
C VAL D 227 -34.55 12.91 -52.28
N THR D 228 -35.20 13.00 -53.44
CA THR D 228 -36.63 12.77 -53.57
C THR D 228 -36.86 11.47 -54.35
N LYS D 229 -37.51 10.50 -53.71
CA LYS D 229 -37.93 9.27 -54.35
C LYS D 229 -39.39 9.03 -54.03
N SER D 230 -40.15 8.58 -55.04
CA SER D 230 -41.58 8.40 -54.92
C SER D 230 -41.95 6.93 -54.94
N PHE D 231 -43.21 6.65 -54.60
CA PHE D 231 -43.73 5.29 -54.58
C PHE D 231 -43.86 4.74 -56.00
N GLU E 3 -9.28 28.51 5.27
CA GLU E 3 -10.37 28.27 6.22
C GLU E 3 -11.12 29.56 6.53
N VAL E 4 -11.93 29.54 7.59
CA VAL E 4 -12.75 30.69 7.95
C VAL E 4 -12.25 31.28 9.26
N GLN E 5 -12.15 32.61 9.29
CA GLN E 5 -11.78 33.33 10.49
C GLN E 5 -12.66 34.57 10.61
N LEU E 6 -12.86 35.01 11.86
CA LEU E 6 -13.70 36.15 12.20
C LEU E 6 -12.91 37.13 13.06
N VAL E 7 -11.73 37.52 12.54
CA VAL E 7 -10.74 38.22 13.36
C VAL E 7 -11.32 39.52 13.88
N GLN E 8 -11.01 39.82 15.13
CA GLN E 8 -11.66 40.92 15.85
C GLN E 8 -10.66 41.99 16.25
N SER E 9 -11.18 43.18 16.51
CA SER E 9 -10.39 44.27 17.07
C SER E 9 -11.32 45.29 17.70
N GLY E 10 -10.76 46.13 18.58
CA GLY E 10 -11.55 47.18 19.20
C GLY E 10 -11.44 47.27 20.71
N GLY E 11 -10.40 46.68 21.29
CA GLY E 11 -10.17 46.80 22.71
C GLY E 11 -9.55 48.13 23.08
N GLY E 12 -9.60 48.45 24.36
CA GLY E 12 -9.01 49.67 24.85
C GLY E 12 -9.62 50.08 26.18
N LEU E 13 -9.51 51.38 26.47
CA LEU E 13 -10.02 51.94 27.71
C LEU E 13 -11.14 52.93 27.40
N VAL E 14 -12.27 52.76 28.08
CA VAL E 14 -13.40 53.68 27.98
C VAL E 14 -13.97 53.90 29.37
N GLN E 15 -14.48 55.11 29.59
CA GLN E 15 -15.15 55.50 30.81
C GLN E 15 -16.65 55.57 30.58
N PRO E 16 -17.48 55.43 31.63
CA PRO E 16 -18.93 55.48 31.45
C PRO E 16 -19.39 56.72 30.69
N GLY E 17 -19.92 56.52 29.49
CA GLY E 17 -20.39 57.61 28.66
C GLY E 17 -19.50 57.94 27.47
N ARG E 18 -18.79 56.96 26.92
CA ARG E 18 -17.89 57.19 25.79
C ARG E 18 -18.30 56.31 24.60
N SER E 19 -17.51 56.38 23.54
CA SER E 19 -17.79 55.66 22.30
C SER E 19 -16.63 54.72 21.97
N LEU E 20 -16.96 53.58 21.38
CA LEU E 20 -15.99 52.55 21.04
C LEU E 20 -16.42 51.86 19.75
N ARG E 21 -15.46 51.20 19.12
CA ARG E 21 -15.68 50.50 17.86
C ARG E 21 -15.20 49.06 17.98
N LEU E 22 -16.05 48.13 17.54
CA LEU E 22 -15.68 46.71 17.46
C LEU E 22 -15.72 46.28 16.01
N SER E 23 -14.55 45.96 15.44
CA SER E 23 -14.45 45.60 14.04
C SER E 23 -14.23 44.09 13.91
N CYS E 24 -15.02 43.46 13.05
CA CYS E 24 -14.94 42.03 12.78
C CYS E 24 -14.69 41.85 11.28
N THR E 25 -13.60 41.17 10.95
CA THR E 25 -13.25 40.89 9.56
C THR E 25 -13.42 39.40 9.31
N ALA E 26 -14.25 39.05 8.33
CA ALA E 26 -14.57 37.67 7.99
C ALA E 26 -13.73 37.27 6.79
N SER E 27 -13.09 36.11 6.87
CA SER E 27 -12.27 35.58 5.78
C SER E 27 -12.61 34.11 5.58
N GLY E 28 -12.90 33.73 4.35
CA GLY E 28 -13.17 32.33 4.04
C GLY E 28 -14.43 32.10 3.23
N PHE E 29 -15.44 32.94 3.41
CA PHE E 29 -16.70 32.83 2.70
C PHE E 29 -17.21 34.21 2.32
N THR E 30 -18.34 34.23 1.60
CA THR E 30 -18.95 35.48 1.17
C THR E 30 -19.63 36.14 2.36
N PHE E 31 -19.28 37.42 2.60
CA PHE E 31 -19.75 38.10 3.80
C PHE E 31 -21.22 38.51 3.68
N GLY E 32 -21.72 38.72 2.47
CA GLY E 32 -23.02 39.37 2.31
C GLY E 32 -24.22 38.53 2.70
N ASP E 33 -24.12 37.20 2.69
CA ASP E 33 -25.33 36.41 2.88
C ASP E 33 -25.45 35.89 4.31
N TYR E 34 -24.40 36.01 5.11
CA TYR E 34 -24.49 35.77 6.55
C TYR E 34 -24.92 37.03 7.30
N ALA E 35 -25.77 36.83 8.30
CA ALA E 35 -26.24 37.89 9.18
C ALA E 35 -25.31 38.00 10.39
N MET E 36 -24.69 39.16 10.56
CA MET E 36 -23.76 39.34 11.66
C MET E 36 -24.53 39.43 12.99
N SER E 37 -23.92 38.88 14.05
CA SER E 37 -24.45 39.08 15.38
C SER E 37 -23.30 39.38 16.35
N TRP E 38 -23.63 40.14 17.40
CA TRP E 38 -22.72 40.45 18.49
C TRP E 38 -23.30 39.84 19.75
N VAL E 39 -22.49 39.05 20.46
CA VAL E 39 -22.90 38.37 21.69
C VAL E 39 -21.94 38.79 22.79
N ARG E 40 -22.34 38.83 24.02
CA ARG E 40 -21.42 39.37 25.00
C ARG E 40 -21.25 38.30 26.02
N GLN E 41 -20.17 38.20 26.73
CA GLN E 41 -19.74 37.34 27.84
C GLN E 41 -19.57 38.19 29.08
N ALA E 42 -20.58 38.19 29.95
CA ALA E 42 -20.43 38.81 31.25
C ALA E 42 -19.51 37.96 32.12
N PRO E 43 -18.60 38.59 32.87
CA PRO E 43 -17.67 37.81 33.71
C PRO E 43 -18.41 36.97 34.74
N GLY E 44 -18.09 35.68 34.80
CA GLY E 44 -18.73 34.79 35.75
C GLY E 44 -19.83 33.94 35.17
N LYS E 45 -20.28 34.20 33.95
CA LYS E 45 -21.36 33.44 33.34
C LYS E 45 -21.13 33.32 31.83
N GLY E 46 -22.03 32.58 31.18
CA GLY E 46 -21.94 32.39 29.75
C GLY E 46 -22.44 33.57 28.96
N LEU E 47 -23.07 33.23 27.84
CA LEU E 47 -23.36 34.18 26.77
C LEU E 47 -24.62 34.99 27.04
N GLU E 48 -24.66 36.20 26.51
CA GLU E 48 -25.89 36.96 26.34
C GLU E 48 -25.80 37.71 25.01
N TRP E 49 -26.83 37.58 24.19
CA TRP E 49 -26.82 38.10 22.82
C TRP E 49 -27.08 39.61 22.84
N VAL E 50 -26.21 40.37 22.16
CA VAL E 50 -26.37 41.81 22.11
C VAL E 50 -27.25 42.22 20.95
N GLY E 51 -26.91 41.80 19.74
CA GLY E 51 -27.70 42.21 18.60
C GLY E 51 -27.35 41.44 17.35
N PHE E 52 -28.14 41.69 16.30
CA PHE E 52 -27.93 41.00 15.00
C PHE E 52 -28.43 41.89 13.86
N ILE E 53 -27.65 42.02 12.79
CA ILE E 53 -28.15 42.77 11.60
C ILE E 53 -28.52 41.72 10.56
N ARG E 54 -29.55 41.98 9.74
CA ARG E 54 -29.97 41.01 8.69
C ARG E 54 -28.91 40.96 7.60
N SER E 55 -28.97 39.93 6.75
CA SER E 55 -28.02 39.83 5.61
C SER E 55 -28.24 41.01 4.66
N LYS E 56 -27.23 41.34 3.85
CA LYS E 56 -27.34 42.48 2.90
C LYS E 56 -28.60 42.34 2.04
N ALA E 57 -28.82 41.17 1.44
CA ALA E 57 -29.97 40.97 0.53
C ALA E 57 -31.26 40.75 1.34
N TYR E 58 -31.15 40.52 2.65
CA TYR E 58 -32.35 40.33 3.51
C TYR E 58 -32.76 41.67 4.13
N GLY E 59 -32.43 42.78 3.46
CA GLY E 59 -32.84 44.11 3.96
C GLY E 59 -31.71 44.83 4.67
N GLY E 60 -30.92 44.10 5.46
CA GLY E 60 -29.85 44.74 6.25
C GLY E 60 -30.41 45.55 7.39
N THR E 61 -31.60 45.18 7.89
CA THR E 61 -32.21 45.88 9.05
C THR E 61 -31.59 45.31 10.33
N THR E 62 -31.66 46.05 11.44
CA THR E 62 -30.97 45.59 12.67
C THR E 62 -31.97 45.15 13.74
N GLU E 63 -31.49 44.40 14.75
CA GLU E 63 -32.35 44.00 15.89
C GLU E 63 -31.43 43.80 17.09
N TYR E 64 -31.49 44.72 18.07
CA TYR E 64 -30.62 44.61 19.27
C TYR E 64 -31.48 44.22 20.48
N ALA E 65 -30.86 44.16 21.66
CA ALA E 65 -31.64 43.88 22.89
C ALA E 65 -32.16 45.23 23.39
N ALA E 66 -33.27 45.22 24.14
CA ALA E 66 -33.90 46.49 24.61
C ALA E 66 -32.87 47.35 25.35
N SER E 67 -32.00 46.72 26.15
CA SER E 67 -30.99 47.47 26.93
C SER E 67 -30.02 48.24 26.02
N VAL E 68 -29.57 47.62 24.92
CA VAL E 68 -28.55 48.27 24.05
C VAL E 68 -29.21 48.72 22.73
N LYS E 69 -30.51 48.99 22.77
CA LYS E 69 -31.25 49.41 21.54
C LYS E 69 -30.79 50.81 21.13
N GLY E 70 -30.33 50.97 19.89
CA GLY E 70 -29.92 52.30 19.38
C GLY E 70 -28.44 52.56 19.60
N ARG E 71 -28.02 52.70 20.86
CA ARG E 71 -26.60 53.02 21.19
C ARG E 71 -25.65 52.07 20.47
N PHE E 72 -25.85 50.76 20.64
CA PHE E 72 -24.92 49.77 20.04
C PHE E 72 -25.31 49.56 18.56
N THR E 73 -24.84 50.44 17.67
CA THR E 73 -25.22 50.36 16.24
C THR E 73 -24.49 49.21 15.55
N ILE E 74 -25.18 48.47 14.67
CA ILE E 74 -24.57 47.36 13.96
C ILE E 74 -24.56 47.70 12.48
N SER E 75 -23.40 47.60 11.84
CA SER E 75 -23.27 47.91 10.43
C SER E 75 -22.36 46.88 9.77
N ARG E 76 -22.41 46.86 8.46
CA ARG E 76 -21.54 45.90 7.82
C ARG E 76 -21.13 46.45 6.48
N ASP E 77 -20.35 45.69 5.74
CA ASP E 77 -19.96 46.06 4.38
C ASP E 77 -19.21 44.93 3.70
N ASP E 78 -19.52 44.68 2.42
CA ASP E 78 -18.89 43.61 1.65
C ASP E 78 -17.61 44.07 0.97
N SER E 79 -17.60 45.29 0.43
CA SER E 79 -16.49 45.75 -0.40
C SER E 79 -15.16 45.67 0.32
N LYS E 80 -15.10 46.16 1.56
CA LYS E 80 -13.96 45.90 2.42
C LYS E 80 -14.23 44.79 3.44
N SER E 81 -15.41 44.18 3.41
CA SER E 81 -15.73 42.96 4.18
C SER E 81 -15.45 43.15 5.66
N ILE E 82 -16.21 44.04 6.28
CA ILE E 82 -16.00 44.41 7.68
C ILE E 82 -17.35 44.66 8.35
N ALA E 83 -17.46 44.27 9.63
CA ALA E 83 -18.64 44.51 10.44
C ALA E 83 -18.29 45.39 11.62
N TYR E 84 -19.09 46.44 11.83
CA TYR E 84 -18.86 47.39 12.92
C TYR E 84 -19.94 47.23 13.98
N LEU E 85 -19.51 47.14 15.24
CA LEU E 85 -20.37 47.39 16.40
C LEU E 85 -19.98 48.74 16.99
N GLN E 86 -20.70 49.81 16.76
CA GLN E 86 -20.16 51.04 17.39
C GLN E 86 -20.75 51.09 18.79
N MET E 87 -19.91 51.01 19.81
CA MET E 87 -20.41 51.02 21.19
C MET E 87 -20.53 52.47 21.61
N ASN E 88 -21.69 52.85 22.10
CA ASN E 88 -21.89 54.25 22.48
C ASN E 88 -22.36 54.30 23.91
N SER E 89 -21.85 55.24 24.70
CA SER E 89 -22.17 55.37 26.15
C SER E 89 -22.02 54.01 26.83
N LEU E 90 -20.87 53.39 26.66
CA LEU E 90 -20.65 52.12 27.36
C LEU E 90 -20.86 52.33 28.85
N LYS E 91 -21.91 51.76 29.45
CA LYS E 91 -22.11 51.82 30.93
C LYS E 91 -21.19 50.79 31.59
N THR E 92 -21.15 50.72 32.91
CA THR E 92 -20.17 49.81 33.56
C THR E 92 -20.66 48.38 33.49
N GLU E 93 -21.83 48.17 32.88
CA GLU E 93 -22.36 46.80 32.69
C GLU E 93 -21.91 46.30 31.32
N ASP E 94 -21.16 47.12 30.59
CA ASP E 94 -20.65 46.73 29.26
C ASP E 94 -19.22 46.21 29.41
N THR E 95 -18.73 46.10 30.65
CA THR E 95 -17.39 45.49 30.89
C THR E 95 -17.51 44.00 30.61
N ALA E 96 -17.29 43.56 29.36
CA ALA E 96 -17.54 42.15 29.02
C ALA E 96 -16.72 41.70 27.81
N VAL E 97 -16.65 40.39 27.56
CA VAL E 97 -15.92 39.87 26.37
C VAL E 97 -16.92 39.76 25.22
N TYR E 98 -16.79 40.60 24.19
CA TYR E 98 -17.81 40.60 23.10
C TYR E 98 -17.40 39.60 22.02
N TYR E 99 -18.38 38.95 21.39
CA TYR E 99 -18.07 37.88 20.40
C TYR E 99 -18.77 38.14 19.07
N CYS E 100 -18.00 38.09 17.96
CA CYS E 100 -18.56 38.28 16.60
C CYS E 100 -19.14 36.94 16.14
N THR E 101 -20.45 36.87 15.97
CA THR E 101 -21.08 35.57 15.64
C THR E 101 -21.50 35.54 14.17
N ARG E 102 -21.41 34.39 13.52
CA ARG E 102 -21.58 34.29 12.07
C ARG E 102 -22.98 33.79 11.72
N GLY E 103 -23.99 34.50 12.21
CA GLY E 103 -25.36 34.11 11.95
C GLY E 103 -26.31 34.75 12.93
N GLY E 104 -27.46 35.18 12.40
CA GLY E 104 -28.49 35.77 13.25
C GLY E 104 -29.07 34.77 14.23
N THR E 105 -29.27 33.53 13.77
CA THR E 105 -29.77 32.44 14.61
C THR E 105 -28.80 31.28 14.71
N LEU E 106 -27.75 31.27 13.89
CA LEU E 106 -26.77 30.18 13.86
C LEU E 106 -25.38 30.78 14.06
N PHE E 107 -24.96 30.86 15.32
CA PHE E 107 -23.66 31.44 15.66
C PHE E 107 -22.58 30.38 15.49
N ASP E 108 -21.84 30.47 14.39
CA ASP E 108 -21.00 29.34 13.97
C ASP E 108 -19.57 29.43 14.47
N TYR E 109 -18.84 30.47 14.07
CA TYR E 109 -17.39 30.48 14.32
C TYR E 109 -17.06 31.10 15.67
N TRP E 110 -17.78 32.15 16.04
CA TRP E 110 -17.67 32.87 17.30
C TRP E 110 -16.41 33.73 17.34
N GLY E 111 -15.59 33.69 16.28
CA GLY E 111 -14.39 34.49 16.23
C GLY E 111 -13.40 34.16 17.33
N GLN E 112 -12.87 35.21 17.94
CA GLN E 112 -11.86 35.05 18.99
C GLN E 112 -12.34 35.56 20.35
N GLY E 113 -12.89 36.77 20.39
CA GLY E 113 -13.35 37.35 21.64
C GLY E 113 -12.53 38.55 22.08
N THR E 114 -13.16 39.72 22.14
CA THR E 114 -12.49 40.95 22.54
C THR E 114 -12.93 41.31 23.96
N LEU E 115 -11.96 41.50 24.85
CA LEU E 115 -12.25 41.88 26.23
C LEU E 115 -12.36 43.40 26.32
N VAL E 116 -13.59 43.92 26.32
CA VAL E 116 -13.81 45.35 26.44
C VAL E 116 -14.06 45.70 27.90
N THR E 117 -13.30 46.66 28.43
CA THR E 117 -13.41 47.04 29.83
C THR E 117 -14.01 48.43 29.94
N VAL E 118 -14.94 48.60 30.86
CA VAL E 118 -15.59 49.88 31.13
C VAL E 118 -15.54 50.09 32.64
N SER E 119 -14.53 50.81 33.11
CA SER E 119 -14.36 51.08 34.53
C SER E 119 -13.93 52.52 34.72
N SER E 120 -14.25 53.06 35.90
CA SER E 120 -13.89 54.43 36.26
C SER E 120 -12.63 54.49 37.11
N ALA E 121 -11.95 53.36 37.31
CA ALA E 121 -10.76 53.33 38.15
C ALA E 121 -9.53 53.76 37.34
N SER E 122 -8.38 53.83 38.02
CA SER E 122 -7.12 54.22 37.41
C SER E 122 -6.13 53.07 37.50
N THR E 123 -4.93 53.32 36.97
CA THR E 123 -3.91 52.28 36.87
C THR E 123 -2.86 52.48 37.96
N LYS E 124 -2.96 51.71 39.04
CA LYS E 124 -1.96 51.70 40.10
C LYS E 124 -1.64 50.27 40.49
N GLY E 125 -0.48 50.08 41.14
CA GLY E 125 -0.03 48.77 41.49
C GLY E 125 -0.82 48.18 42.64
N PRO E 126 -0.52 46.92 42.96
CA PRO E 126 -1.28 46.22 43.99
C PRO E 126 -0.85 46.59 45.40
N SER E 127 -1.78 46.41 46.33
CA SER E 127 -1.50 46.58 47.76
C SER E 127 -1.47 45.19 48.38
N VAL E 128 -0.30 44.58 48.36
CA VAL E 128 -0.13 43.20 48.79
C VAL E 128 -0.26 43.13 50.31
N PHE E 129 -1.28 42.41 50.78
CA PHE E 129 -1.49 42.16 52.20
C PHE E 129 -1.36 40.68 52.47
N PRO E 130 -0.66 40.26 53.53
CA PRO E 130 -0.47 38.83 53.76
C PRO E 130 -1.72 38.17 54.33
N LEU E 131 -1.71 36.84 54.29
CA LEU E 131 -2.74 36.01 54.91
C LEU E 131 -2.04 35.12 55.94
N ALA E 132 -1.94 35.61 57.17
CA ALA E 132 -1.27 34.86 58.22
C ALA E 132 -2.05 33.59 58.53
N PRO E 133 -1.38 32.43 58.56
CA PRO E 133 -2.07 31.19 58.89
C PRO E 133 -2.58 31.19 60.32
N SER E 134 -3.68 30.48 60.55
CA SER E 134 -4.27 30.42 61.87
C SER E 134 -3.34 29.73 62.87
N SER E 135 -2.75 28.61 62.47
CA SER E 135 -1.84 27.87 63.36
C SER E 135 -0.95 26.93 62.55
N ALA E 143 -1.67 23.76 57.67
CA ALA E 143 -2.21 25.09 57.40
C ALA E 143 -1.82 25.57 56.01
N ALA E 144 -2.30 26.77 55.65
CA ALA E 144 -1.99 27.36 54.36
C ALA E 144 -1.46 28.77 54.57
N LEU E 145 -0.64 29.22 53.61
CA LEU E 145 0.00 30.53 53.68
C LEU E 145 -0.32 31.30 52.41
N GLY E 146 -0.84 32.52 52.55
CA GLY E 146 -1.28 33.29 51.41
C GLY E 146 -0.99 34.77 51.56
N CYS E 147 -1.30 35.52 50.50
CA CYS E 147 -1.15 36.97 50.50
C CYS E 147 -2.09 37.57 49.46
N LEU E 148 -2.58 38.78 49.75
CA LEU E 148 -3.55 39.45 48.90
C LEU E 148 -2.86 40.21 47.76
N VAL E 149 -3.67 40.66 46.81
CA VAL E 149 -3.21 41.41 45.66
C VAL E 149 -4.07 42.67 45.50
N LYS E 150 -5.12 42.78 46.32
CA LYS E 150 -6.22 43.71 46.06
C LYS E 150 -5.74 45.14 45.91
N ASP E 151 -6.65 45.99 45.41
CA ASP E 151 -6.37 47.37 45.00
C ASP E 151 -5.44 47.43 43.78
N TYR E 152 -5.88 46.79 42.70
CA TYR E 152 -5.19 46.85 41.41
C TYR E 152 -6.21 46.88 40.27
N PHE E 153 -5.76 47.39 39.13
CA PHE E 153 -6.57 47.50 37.92
C PHE E 153 -5.67 47.96 36.77
N PRO E 154 -5.86 47.47 35.52
CA PRO E 154 -6.76 46.46 34.95
C PRO E 154 -6.26 45.04 35.14
N GLU E 155 -6.66 44.11 34.25
CA GLU E 155 -6.32 42.70 34.46
C GLU E 155 -5.29 42.12 33.51
N PRO E 156 -4.04 42.57 33.56
CA PRO E 156 -2.91 41.65 33.45
C PRO E 156 -2.40 41.34 34.86
N VAL E 157 -2.12 40.06 35.10
CA VAL E 157 -1.77 39.62 36.44
C VAL E 157 -1.05 38.29 36.41
N THR E 158 -0.10 38.10 37.33
CA THR E 158 0.63 36.85 37.48
C THR E 158 1.26 36.84 38.86
N VAL E 159 0.78 35.93 39.72
CA VAL E 159 1.28 35.81 41.09
C VAL E 159 1.75 34.36 41.29
N SER E 160 3.03 34.20 41.58
CA SER E 160 3.60 32.90 41.89
C SER E 160 4.15 32.92 43.31
N TRP E 161 4.46 31.73 43.82
CA TRP E 161 4.98 31.57 45.17
C TRP E 161 6.38 30.98 45.12
N ASN E 162 7.22 31.37 46.08
CA ASN E 162 8.65 31.07 46.08
C ASN E 162 9.32 31.60 44.82
N SER E 163 8.70 32.60 44.20
CA SER E 163 9.18 33.21 42.96
C SER E 163 9.41 32.16 41.88
N GLY E 164 8.32 31.48 41.53
CA GLY E 164 8.34 30.52 40.45
C GLY E 164 9.07 29.23 40.77
N ALA E 165 9.39 29.00 42.04
CA ALA E 165 10.07 27.77 42.46
C ALA E 165 9.10 26.70 42.93
N LEU E 166 8.02 27.11 43.59
CA LEU E 166 6.99 26.18 44.04
C LEU E 166 5.81 26.24 43.06
N THR E 167 5.40 25.08 42.56
CA THR E 167 4.28 24.99 41.64
C THR E 167 3.20 24.01 42.07
N SER E 168 3.50 23.09 42.99
CA SER E 168 2.50 22.15 43.49
C SER E 168 1.84 22.73 44.74
N GLY E 169 0.51 22.83 44.72
CA GLY E 169 -0.24 23.47 45.77
C GLY E 169 -0.40 24.95 45.60
N VAL E 170 0.24 25.55 44.61
CA VAL E 170 0.08 26.97 44.32
C VAL E 170 -1.16 27.15 43.46
N HIS E 171 -2.04 28.06 43.88
CA HIS E 171 -3.32 28.27 43.22
C HIS E 171 -3.74 29.72 43.42
N THR E 172 -3.62 30.53 42.36
CA THR E 172 -4.00 31.93 42.42
C THR E 172 -5.47 32.06 42.02
N PHE E 173 -6.22 32.79 42.86
CA PHE E 173 -7.67 32.95 42.68
C PHE E 173 -7.98 33.89 41.51
N PRO E 174 -9.13 33.74 40.83
CA PRO E 174 -9.46 34.65 39.74
C PRO E 174 -9.85 36.04 40.24
N ALA E 175 -9.88 37.00 39.32
CA ALA E 175 -10.18 38.38 39.64
C ALA E 175 -11.59 38.52 40.20
N VAL E 176 -11.75 39.45 41.15
CA VAL E 176 -13.04 39.78 41.73
C VAL E 176 -13.22 41.29 41.61
N LEU E 177 -14.38 41.71 41.09
CA LEU E 177 -14.66 43.11 40.84
C LEU E 177 -15.50 43.68 41.98
N GLN E 178 -14.97 44.71 42.64
CA GLN E 178 -15.68 45.41 43.70
C GLN E 178 -16.55 46.51 43.08
N SER E 179 -17.53 46.97 43.87
CA SER E 179 -18.43 48.03 43.41
C SER E 179 -17.70 49.33 43.13
N SER E 180 -16.48 49.50 43.65
CA SER E 180 -15.70 50.70 43.41
C SER E 180 -14.82 50.60 42.17
N GLY E 181 -14.88 49.49 41.44
CA GLY E 181 -14.20 49.38 40.17
C GLY E 181 -12.79 48.83 40.21
N LEU E 182 -12.36 48.27 41.34
CA LEU E 182 -11.05 47.65 41.44
C LEU E 182 -11.17 46.14 41.35
N TYR E 183 -10.01 45.48 41.33
CA TYR E 183 -9.90 44.05 41.10
C TYR E 183 -9.25 43.41 42.31
N SER E 184 -9.58 42.13 42.55
CA SER E 184 -9.20 41.46 43.79
C SER E 184 -8.60 40.10 43.47
N LEU E 185 -7.43 39.82 44.03
CA LEU E 185 -6.82 38.50 43.98
C LEU E 185 -6.13 38.20 45.31
N SER E 186 -6.15 36.92 45.70
CA SER E 186 -5.45 36.45 46.91
C SER E 186 -4.81 35.10 46.59
N SER E 187 -3.48 35.07 46.52
CA SER E 187 -2.76 33.86 46.14
C SER E 187 -2.29 33.13 47.38
N VAL E 188 -2.60 31.83 47.46
CA VAL E 188 -2.37 31.03 48.66
C VAL E 188 -1.80 29.68 48.25
N VAL E 189 -0.86 29.17 49.05
CA VAL E 189 -0.36 27.81 48.91
C VAL E 189 -0.76 27.01 50.15
N THR E 190 -0.90 25.70 49.96
CA THR E 190 -1.31 24.78 51.02
C THR E 190 -0.22 23.73 51.20
N VAL E 191 0.65 23.94 52.18
CA VAL E 191 1.72 23.01 52.49
C VAL E 191 2.28 23.34 53.87
N PRO E 192 2.50 22.34 54.73
CA PRO E 192 3.04 22.63 56.06
C PRO E 192 4.46 23.18 55.99
N SER E 193 4.80 24.01 56.97
CA SER E 193 6.13 24.61 57.05
C SER E 193 6.93 24.01 58.20
N THR E 200 8.00 32.43 55.94
CA THR E 200 8.66 31.21 55.49
C THR E 200 8.46 31.03 53.98
N TYR E 201 7.31 31.50 53.47
CA TYR E 201 7.05 31.52 52.04
C TYR E 201 6.96 32.96 51.57
N ILE E 202 7.36 33.17 50.32
CA ILE E 202 7.51 34.51 49.75
C ILE E 202 6.61 34.61 48.53
N CYS E 203 5.90 35.73 48.39
CA CYS E 203 5.01 35.95 47.25
C CYS E 203 5.33 37.30 46.62
N ASN E 204 5.49 37.30 45.31
CA ASN E 204 5.72 38.51 44.54
C ASN E 204 4.59 38.71 43.53
N VAL E 205 4.14 39.95 43.39
CA VAL E 205 3.10 40.33 42.45
C VAL E 205 3.64 41.39 41.51
N ASN E 206 3.47 41.18 40.21
CA ASN E 206 3.94 42.09 39.17
C ASN E 206 2.72 42.74 38.53
N HIS E 207 2.59 44.06 38.70
CA HIS E 207 1.55 44.82 38.02
C HIS E 207 2.11 45.34 36.70
N LYS E 208 1.58 44.83 35.59
CA LYS E 208 2.17 45.10 34.27
C LYS E 208 1.98 46.54 33.80
N PRO E 209 0.77 47.10 33.73
CA PRO E 209 0.61 48.41 33.07
C PRO E 209 1.43 49.53 33.69
N SER E 210 1.59 49.53 35.02
CA SER E 210 2.42 50.49 35.70
C SER E 210 3.75 49.89 36.16
N ASN E 211 3.94 48.60 35.99
CA ASN E 211 5.19 47.92 36.34
C ASN E 211 5.53 48.13 37.82
N THR E 212 4.68 47.60 38.68
CA THR E 212 4.83 47.71 40.13
C THR E 212 4.91 46.29 40.70
N LYS E 213 6.11 45.86 41.06
CA LYS E 213 6.34 44.54 41.63
C LYS E 213 6.51 44.66 43.14
N VAL E 214 5.65 43.98 43.89
CA VAL E 214 5.65 44.01 45.35
C VAL E 214 5.88 42.61 45.88
N ASP E 215 6.81 42.48 46.82
CA ASP E 215 7.22 41.20 47.39
C ASP E 215 6.97 41.18 48.89
N LYS E 216 6.50 40.04 49.40
CA LYS E 216 6.09 39.93 50.81
C LYS E 216 6.44 38.55 51.35
N LYS E 217 6.91 38.51 52.60
CA LYS E 217 7.16 37.29 53.35
C LYS E 217 6.16 37.23 54.50
N VAL E 218 5.65 36.02 54.80
CA VAL E 218 4.52 35.85 55.70
C VAL E 218 4.92 34.96 56.89
N GLU E 219 4.56 35.37 58.09
CA GLU E 219 4.54 34.54 59.29
C GLU E 219 3.21 34.75 59.96
N PRO E 220 2.70 33.76 60.73
CA PRO E 220 1.48 34.03 61.48
C PRO E 220 1.65 35.02 62.65
N ASP F 17 -45.68 33.48 24.03
CA ASP F 17 -44.65 33.81 25.01
C ASP F 17 -43.26 33.38 24.54
N VAL F 18 -42.42 32.99 25.49
CA VAL F 18 -41.05 32.58 25.20
C VAL F 18 -40.85 31.15 25.66
N VAL F 19 -40.04 30.41 24.92
CA VAL F 19 -39.74 29.02 25.27
C VAL F 19 -38.57 29.02 26.23
N MET F 20 -38.85 29.02 27.53
CA MET F 20 -37.84 29.09 28.57
C MET F 20 -37.42 27.67 28.92
N THR F 21 -36.12 27.40 28.91
CA THR F 21 -35.60 26.04 28.93
C THR F 21 -34.78 25.79 30.19
N GLN F 22 -34.75 24.53 30.61
CA GLN F 22 -33.97 24.07 31.76
C GLN F 22 -33.04 22.94 31.34
N SER F 23 -32.02 22.68 32.15
CA SER F 23 -31.02 21.68 31.83
C SER F 23 -30.36 21.21 33.13
N PRO F 24 -29.69 20.05 33.10
CA PRO F 24 -28.93 19.60 34.28
C PRO F 24 -27.65 20.42 34.48
N LEU F 25 -27.78 21.53 35.20
CA LEU F 25 -26.71 22.52 35.29
C LEU F 25 -25.40 21.92 35.78
N SER F 26 -25.44 20.88 36.60
CA SER F 26 -24.24 20.37 37.28
C SER F 26 -24.06 18.88 36.98
N LEU F 27 -24.12 18.52 35.70
CA LEU F 27 -23.92 17.13 35.30
C LEU F 27 -22.44 16.78 35.28
N PRO F 28 -22.00 15.78 36.04
CA PRO F 28 -20.58 15.40 36.03
C PRO F 28 -20.27 14.36 34.97
N VAL F 29 -19.02 14.36 34.50
CA VAL F 29 -18.53 13.39 33.54
C VAL F 29 -17.16 12.91 34.00
N THR F 30 -16.80 11.68 33.61
CA THR F 30 -15.51 11.12 33.93
C THR F 30 -14.88 10.50 32.68
N PRO F 31 -13.54 10.48 32.57
CA PRO F 31 -12.92 9.92 31.37
C PRO F 31 -13.29 8.47 31.15
N GLY F 32 -13.49 8.12 29.88
CA GLY F 32 -13.88 6.77 29.50
C GLY F 32 -15.34 6.42 29.72
N GLU F 33 -16.21 7.42 29.86
CA GLU F 33 -17.61 7.18 30.19
C GLU F 33 -18.51 7.84 29.16
N PRO F 34 -19.64 7.23 28.80
CA PRO F 34 -20.64 7.94 27.99
C PRO F 34 -21.55 8.76 28.89
N ALA F 35 -21.75 10.03 28.51
CA ALA F 35 -22.52 10.98 29.30
C ALA F 35 -23.80 11.34 28.56
N SER F 36 -24.81 11.74 29.33
CA SER F 36 -26.12 12.06 28.76
C SER F 36 -26.58 13.40 29.33
N ILE F 37 -26.29 14.47 28.61
CA ILE F 37 -26.75 15.82 28.96
C ILE F 37 -28.10 16.05 28.31
N SER F 38 -28.97 16.82 28.98
CA SER F 38 -30.34 16.98 28.49
C SER F 38 -30.73 18.46 28.50
N CYS F 39 -31.86 18.72 27.86
CA CYS F 39 -32.56 20.00 27.90
C CYS F 39 -34.06 19.75 27.85
N ARG F 40 -34.80 20.57 28.58
CA ARG F 40 -36.26 20.50 28.61
C ARG F 40 -36.80 21.88 28.28
N SER F 41 -37.75 21.92 27.35
CA SER F 41 -38.35 23.16 26.87
C SER F 41 -39.83 23.20 27.24
N SER F 42 -40.33 24.40 27.55
CA SER F 42 -41.73 24.56 27.93
C SER F 42 -42.66 24.28 26.77
N GLN F 43 -42.40 24.88 25.61
CA GLN F 43 -43.21 24.66 24.43
C GLN F 43 -42.61 23.54 23.58
N SER F 44 -43.14 23.40 22.36
CA SER F 44 -42.67 22.41 21.42
C SER F 44 -41.75 23.08 20.40
N LEU F 45 -40.51 22.63 20.32
CA LEU F 45 -39.55 23.15 19.36
C LEU F 45 -39.61 22.42 18.02
N LEU F 46 -40.51 21.46 17.87
CA LEU F 46 -40.68 20.74 16.62
C LEU F 46 -41.58 21.57 15.71
N HIS F 47 -40.98 22.18 14.69
CA HIS F 47 -41.71 23.04 13.77
C HIS F 47 -42.58 22.20 12.83
N SER F 48 -43.45 22.88 12.08
CA SER F 48 -44.31 22.20 11.08
C SER F 48 -43.42 21.55 10.01
N ASN F 49 -42.17 21.99 9.90
CA ASN F 49 -41.21 21.38 8.94
C ASN F 49 -41.01 19.92 9.33
N GLY F 50 -41.12 19.61 10.62
CA GLY F 50 -40.86 18.23 11.09
C GLY F 50 -39.48 18.18 11.70
N TYR F 51 -38.72 19.27 11.55
CA TYR F 51 -37.32 19.31 12.08
C TYR F 51 -37.33 20.01 13.44
N ASN F 52 -36.66 19.41 14.42
CA ASN F 52 -36.58 20.02 15.77
C ASN F 52 -35.76 21.32 15.69
N TYR F 53 -36.13 22.45 16.23
CA TYR F 53 -35.29 23.66 16.00
C TYR F 53 -34.47 23.96 17.24
N LEU F 54 -33.66 23.05 17.72
CA LEU F 54 -32.76 23.19 18.91
C LEU F 54 -31.30 23.16 18.46
N ASP F 55 -30.43 23.88 19.18
CA ASP F 55 -28.98 23.85 18.86
C ASP F 55 -28.19 23.50 20.12
N TRP F 56 -27.16 22.67 19.99
CA TRP F 56 -26.28 22.36 21.15
C TRP F 56 -24.97 23.14 20.94
N TYR F 57 -24.50 23.85 21.96
CA TYR F 57 -23.27 24.60 21.83
C TYR F 57 -22.31 24.23 22.96
N LEU F 58 -21.00 24.36 22.70
CA LEU F 58 -19.97 24.09 23.69
C LEU F 58 -19.08 25.30 23.84
N GLN F 59 -18.89 25.78 25.07
CA GLN F 59 -17.91 26.80 25.42
C GLN F 59 -16.78 26.12 26.17
N LYS F 60 -15.57 26.24 25.63
CA LYS F 60 -14.39 25.73 26.32
C LYS F 60 -14.03 26.66 27.48
N PRO F 61 -13.33 26.15 28.49
CA PRO F 61 -12.90 27.02 29.58
C PRO F 61 -11.93 28.09 29.10
N GLY F 62 -12.39 29.34 29.15
CA GLY F 62 -11.58 30.47 28.69
C GLY F 62 -11.27 30.47 27.21
N GLN F 63 -12.24 30.09 26.38
CA GLN F 63 -12.07 30.09 24.92
C GLN F 63 -13.40 30.46 24.27
N SER F 64 -13.35 30.56 22.94
CA SER F 64 -14.55 30.89 22.18
C SER F 64 -15.50 29.69 22.16
N PRO F 65 -16.81 29.92 22.22
CA PRO F 65 -17.76 28.81 22.07
C PRO F 65 -17.67 28.18 20.69
N GLN F 66 -18.30 27.03 20.54
CA GLN F 66 -18.37 26.33 19.26
C GLN F 66 -19.75 25.71 19.09
N LEU F 67 -20.16 25.55 17.84
CA LEU F 67 -21.46 24.96 17.49
C LEU F 67 -21.27 23.46 17.36
N LEU F 68 -21.80 22.71 18.32
CA LEU F 68 -21.71 21.25 18.25
C LEU F 68 -22.79 20.65 17.36
N ILE F 69 -24.06 20.90 17.70
CA ILE F 69 -25.19 20.28 17.03
C ILE F 69 -26.22 21.32 16.67
N TYR F 70 -26.79 21.19 15.47
CA TYR F 70 -27.93 21.99 15.04
C TYR F 70 -29.09 21.09 14.64
N LEU F 71 -30.27 21.69 14.60
CA LEU F 71 -31.50 21.00 14.18
C LEU F 71 -31.78 19.78 15.06
N GLY F 72 -31.37 19.87 16.32
CA GLY F 72 -31.61 18.79 17.28
C GLY F 72 -30.62 17.65 17.33
N SER F 73 -30.24 17.11 16.17
CA SER F 73 -29.47 15.88 16.12
C SER F 73 -28.16 15.96 15.33
N ASN F 74 -28.11 16.75 14.26
CA ASN F 74 -27.00 16.70 13.31
C ASN F 74 -25.75 17.44 13.81
N ARG F 75 -24.60 16.99 13.32
CA ARG F 75 -23.29 17.60 13.61
C ARG F 75 -23.15 18.97 12.98
N ALA F 76 -22.17 19.72 13.47
CA ALA F 76 -21.49 20.73 12.67
C ALA F 76 -20.19 20.13 12.12
N SER F 77 -19.76 20.61 10.95
CA SER F 77 -18.52 20.12 10.36
C SER F 77 -17.33 20.54 11.24
N GLY F 78 -16.42 19.59 11.42
CA GLY F 78 -15.26 19.79 12.29
C GLY F 78 -15.48 19.41 13.74
N VAL F 79 -16.71 19.15 14.14
CA VAL F 79 -17.04 18.70 15.50
C VAL F 79 -16.92 17.20 15.56
N PRO F 80 -16.14 16.62 16.47
CA PRO F 80 -15.97 15.17 16.50
C PRO F 80 -17.29 14.42 16.67
N ASP F 81 -17.31 13.19 16.16
CA ASP F 81 -18.49 12.33 16.24
C ASP F 81 -18.90 12.00 17.67
N ARG F 82 -18.08 12.36 18.66
CA ARG F 82 -18.33 11.88 20.02
C ARG F 82 -19.57 12.51 20.62
N PHE F 83 -20.12 13.53 19.95
CA PHE F 83 -21.39 14.13 20.34
C PHE F 83 -22.50 13.60 19.43
N SER F 84 -23.59 13.13 20.03
CA SER F 84 -24.77 12.77 19.27
C SER F 84 -26.01 13.40 19.89
N GLY F 85 -26.94 13.79 19.05
CA GLY F 85 -28.13 14.49 19.50
C GLY F 85 -29.39 13.76 19.10
N SER F 86 -30.40 13.88 19.95
CA SER F 86 -31.70 13.25 19.71
C SER F 86 -32.72 13.88 20.65
N GLY F 87 -33.94 13.36 20.61
CA GLY F 87 -34.99 13.79 21.51
C GLY F 87 -36.25 14.15 20.76
N SER F 88 -37.32 14.40 21.52
CA SER F 88 -38.61 14.77 20.98
C SER F 88 -38.74 16.29 20.91
N GLY F 89 -39.96 16.76 20.67
CA GLY F 89 -40.23 18.18 20.57
C GLY F 89 -39.92 18.98 21.81
N THR F 90 -40.13 18.37 22.99
CA THR F 90 -39.88 19.05 24.25
C THR F 90 -38.56 18.61 24.89
N ASP F 91 -38.35 17.31 25.04
CA ASP F 91 -37.14 16.79 25.67
C ASP F 91 -36.07 16.56 24.60
N PHE F 92 -34.85 17.03 24.88
CA PHE F 92 -33.72 16.88 23.98
C PHE F 92 -32.54 16.30 24.76
N THR F 93 -31.76 15.45 24.12
CA THR F 93 -30.67 14.77 24.80
C THR F 93 -29.45 14.69 23.88
N LEU F 94 -28.30 15.11 24.40
CA LEU F 94 -27.02 14.90 23.75
C LEU F 94 -26.24 13.87 24.55
N LYS F 95 -25.85 12.79 23.88
CA LYS F 95 -24.96 11.79 24.49
C LYS F 95 -23.55 11.98 23.94
N ILE F 96 -22.59 12.09 24.86
CA ILE F 96 -21.18 12.03 24.55
C ILE F 96 -20.74 10.58 24.71
N SER F 97 -20.47 9.91 23.60
CA SER F 97 -20.10 8.50 23.64
C SER F 97 -18.78 8.26 24.36
N ARG F 98 -17.88 9.25 24.38
CA ARG F 98 -16.59 9.09 25.04
C ARG F 98 -16.09 10.47 25.42
N VAL F 99 -16.10 10.77 26.73
CA VAL F 99 -15.73 12.13 27.21
C VAL F 99 -14.21 12.27 27.30
N GLU F 100 -13.69 13.46 26.99
CA GLU F 100 -12.23 13.73 27.08
C GLU F 100 -12.06 15.11 27.71
N ALA F 101 -10.85 15.69 27.61
CA ALA F 101 -10.59 17.03 28.19
C ALA F 101 -11.22 18.09 27.28
N GLU F 102 -11.39 17.79 25.99
CA GLU F 102 -11.97 18.77 25.03
C GLU F 102 -13.49 18.79 25.19
N ASP F 103 -14.07 17.79 25.84
CA ASP F 103 -15.53 17.71 26.02
C ASP F 103 -15.91 18.30 27.39
N VAL F 104 -15.05 19.16 27.93
CA VAL F 104 -15.35 19.83 29.23
C VAL F 104 -15.64 21.31 28.95
N GLY F 105 -16.45 21.95 29.80
CA GLY F 105 -16.81 23.34 29.61
C GLY F 105 -18.25 23.63 29.98
N VAL F 106 -18.94 24.40 29.13
CA VAL F 106 -20.33 24.75 29.36
C VAL F 106 -21.13 24.38 28.12
N TYR F 107 -22.24 23.68 28.31
CA TYR F 107 -23.11 23.26 27.22
C TYR F 107 -24.35 24.14 27.19
N TYR F 108 -24.61 24.76 26.04
CA TYR F 108 -25.72 25.69 25.86
C TYR F 108 -26.81 25.05 25.04
N CYS F 109 -28.04 25.15 25.55
CA CYS F 109 -29.25 24.67 24.90
C CYS F 109 -29.94 25.86 24.22
N MET F 110 -29.94 25.90 22.89
CA MET F 110 -30.46 27.12 22.21
C MET F 110 -31.74 26.82 21.42
N GLN F 111 -32.83 27.51 21.74
CA GLN F 111 -34.07 27.34 20.94
C GLN F 111 -34.02 28.30 19.75
N SER F 112 -34.50 27.85 18.58
CA SER F 112 -34.53 28.72 17.37
C SER F 112 -35.97 28.99 16.97
N LEU F 113 -36.91 28.81 17.90
CA LEU F 113 -38.34 29.11 17.59
C LEU F 113 -38.55 30.62 17.63
N GLN F 114 -38.19 31.26 18.76
CA GLN F 114 -38.33 32.73 18.89
C GLN F 114 -36.94 33.35 19.06
N THR F 115 -36.56 34.28 18.17
CA THR F 115 -35.28 34.97 18.32
C THR F 115 -35.52 36.47 18.30
N PRO F 116 -35.95 37.08 19.41
CA PRO F 116 -34.99 37.67 20.35
C PRO F 116 -34.37 36.61 21.26
N ARG F 117 -33.09 36.80 21.58
CA ARG F 117 -32.31 35.84 22.38
C ARG F 117 -31.65 36.64 23.49
N LEU F 118 -32.39 36.88 24.58
CA LEU F 118 -31.88 37.75 25.64
C LEU F 118 -30.66 37.14 26.34
N THR F 119 -30.76 35.89 26.78
CA THR F 119 -29.65 35.21 27.44
C THR F 119 -29.54 33.80 26.88
N PHE F 120 -28.42 33.15 27.18
CA PHE F 120 -28.17 31.78 26.76
C PHE F 120 -28.60 30.76 27.80
N GLY F 121 -29.22 31.20 28.89
CA GLY F 121 -29.66 30.30 29.94
C GLY F 121 -28.56 30.01 30.94
N PRO F 122 -28.91 29.25 31.99
CA PRO F 122 -27.90 28.91 33.01
C PRO F 122 -26.72 28.12 32.47
N GLY F 123 -26.95 27.24 31.50
CA GLY F 123 -25.86 26.45 30.95
C GLY F 123 -25.49 25.27 31.82
N THR F 124 -25.05 24.17 31.21
CA THR F 124 -24.68 22.97 31.94
C THR F 124 -23.19 23.03 32.28
N LYS F 125 -22.88 23.13 33.57
CA LYS F 125 -21.51 23.20 34.03
C LYS F 125 -20.94 21.78 34.10
N VAL F 126 -20.08 21.44 33.14
CA VAL F 126 -19.53 20.10 33.05
C VAL F 126 -18.13 20.08 33.62
N ASP F 127 -17.88 19.09 34.48
CA ASP F 127 -16.62 18.95 35.17
C ASP F 127 -16.18 17.50 35.14
N ILE F 128 -14.86 17.28 35.23
CA ILE F 128 -14.35 15.92 35.32
C ILE F 128 -14.66 15.37 36.71
N LYS F 129 -15.16 14.14 36.75
CA LYS F 129 -15.74 13.56 37.96
C LYS F 129 -14.70 12.77 38.73
N ARG F 130 -14.58 13.08 40.02
CA ARG F 130 -13.90 12.21 40.98
C ARG F 130 -14.85 11.95 42.13
N THR F 131 -14.38 11.29 43.19
CA THR F 131 -15.23 11.08 44.35
C THR F 131 -15.43 12.40 45.10
N VAL F 132 -16.33 12.39 46.09
CA VAL F 132 -16.59 13.58 46.88
C VAL F 132 -15.34 13.92 47.70
N ALA F 133 -14.97 15.20 47.69
CA ALA F 133 -13.75 15.66 48.30
C ALA F 133 -14.03 16.13 49.73
N ALA F 134 -12.95 16.42 50.46
CA ALA F 134 -13.05 16.91 51.83
C ALA F 134 -12.80 18.41 51.84
N PRO F 135 -13.83 19.22 52.08
CA PRO F 135 -13.64 20.69 52.05
C PRO F 135 -12.75 21.16 53.18
N SER F 136 -11.66 21.84 52.81
CA SER F 136 -10.73 22.40 53.79
C SER F 136 -11.13 23.85 54.04
N VAL F 137 -11.66 24.10 55.23
CA VAL F 137 -12.10 25.45 55.59
C VAL F 137 -11.03 26.11 56.43
N PHE F 138 -10.42 27.16 55.88
CA PHE F 138 -9.31 27.88 56.52
C PHE F 138 -9.71 29.33 56.70
N ILE F 139 -9.80 29.78 57.95
CA ILE F 139 -10.11 31.17 58.23
C ILE F 139 -8.80 31.96 58.34
N PHE F 140 -8.70 33.04 57.59
CA PHE F 140 -7.55 33.95 57.62
C PHE F 140 -8.02 35.32 58.07
N PRO F 141 -7.77 35.71 59.32
CA PRO F 141 -8.05 37.08 59.76
C PRO F 141 -7.21 38.07 58.96
N PRO F 142 -7.73 39.27 58.71
CA PRO F 142 -6.96 40.26 57.95
C PRO F 142 -5.71 40.70 58.70
N SER F 143 -4.67 40.99 57.93
CA SER F 143 -3.40 41.41 58.53
C SER F 143 -3.53 42.80 59.15
N ASP F 144 -2.68 43.07 60.15
CA ASP F 144 -2.68 44.38 60.78
C ASP F 144 -2.24 45.49 59.84
N GLU F 145 -1.49 45.15 58.78
CA GLU F 145 -1.11 46.16 57.79
C GLU F 145 -2.24 46.44 56.82
N GLN F 146 -3.30 45.63 56.84
CA GLN F 146 -4.51 45.98 56.11
C GLN F 146 -5.32 47.03 56.85
N LEU F 147 -5.16 47.09 58.18
CA LEU F 147 -6.02 47.93 58.99
C LEU F 147 -5.58 49.39 59.02
N LYS F 148 -4.42 49.71 58.45
CA LYS F 148 -3.97 51.09 58.41
C LYS F 148 -4.69 51.92 57.36
N SER F 149 -5.11 51.30 56.25
CA SER F 149 -5.74 52.01 55.15
C SER F 149 -7.26 52.12 55.28
N GLY F 150 -7.83 51.60 56.38
CA GLY F 150 -9.26 51.66 56.61
C GLY F 150 -10.05 50.51 56.02
N THR F 151 -9.40 49.47 55.53
CA THR F 151 -10.06 48.32 54.94
C THR F 151 -9.72 47.06 55.73
N ALA F 152 -10.52 46.01 55.54
CA ALA F 152 -10.33 44.74 56.22
C ALA F 152 -11.05 43.66 55.44
N SER F 153 -10.43 42.49 55.31
CA SER F 153 -11.02 41.36 54.57
C SER F 153 -10.54 40.05 55.18
N VAL F 154 -11.38 39.45 56.03
CA VAL F 154 -11.14 38.10 56.52
C VAL F 154 -11.54 37.11 55.43
N VAL F 155 -10.67 36.13 55.16
CA VAL F 155 -10.80 35.28 53.98
C VAL F 155 -11.07 33.86 54.43
N CYS F 156 -12.16 33.27 53.91
CA CYS F 156 -12.56 31.91 54.22
C CYS F 156 -12.19 31.02 53.03
N LEU F 157 -10.98 30.45 53.09
CA LEU F 157 -10.55 29.52 52.07
C LEU F 157 -11.37 28.24 52.14
N LEU F 158 -11.94 27.84 51.00
CA LEU F 158 -12.54 26.54 50.83
C LEU F 158 -11.72 25.78 49.80
N ASN F 159 -10.91 24.83 50.28
CA ASN F 159 -9.87 24.23 49.46
C ASN F 159 -10.13 22.76 49.23
N ASN F 160 -9.94 22.33 47.97
CA ASN F 160 -10.04 20.93 47.57
C ASN F 160 -11.41 20.35 47.91
N PHE F 161 -12.45 20.95 47.33
CA PHE F 161 -13.82 20.52 47.54
C PHE F 161 -14.51 20.28 46.20
N TYR F 162 -15.53 19.45 46.23
CA TYR F 162 -16.21 19.00 45.02
C TYR F 162 -17.57 18.41 45.37
N PRO F 163 -18.66 18.85 44.73
CA PRO F 163 -18.76 19.89 43.70
C PRO F 163 -18.76 21.32 44.25
N ARG F 164 -18.92 22.29 43.37
CA ARG F 164 -18.96 23.71 43.75
C ARG F 164 -20.40 24.11 44.11
N GLY F 165 -20.92 23.45 45.14
CA GLY F 165 -22.26 23.73 45.60
C GLY F 165 -22.31 24.16 47.06
N ALA F 166 -21.29 24.89 47.49
CA ALA F 166 -21.15 25.28 48.89
C ALA F 166 -21.28 26.79 49.03
N LYS F 167 -22.16 27.23 49.92
CA LYS F 167 -22.27 28.64 50.26
C LYS F 167 -21.60 28.89 51.61
N VAL F 168 -20.98 30.06 51.73
CA VAL F 168 -20.27 30.46 52.94
C VAL F 168 -21.07 31.53 53.65
N GLN F 169 -21.36 31.30 54.92
CA GLN F 169 -22.11 32.25 55.75
C GLN F 169 -21.15 33.02 56.64
N TRP F 170 -21.49 34.28 56.88
CA TRP F 170 -20.69 35.16 57.74
C TRP F 170 -21.59 35.64 58.88
N LYS F 171 -21.35 35.13 60.08
CA LYS F 171 -22.15 35.43 61.24
C LYS F 171 -21.31 36.15 62.30
N VAL F 172 -21.91 36.40 63.46
CA VAL F 172 -21.30 37.07 64.61
C VAL F 172 -20.50 38.32 64.21
N SER F 178 -24.42 38.24 57.11
CA SER F 178 -23.84 38.16 55.77
C SER F 178 -24.44 39.23 54.86
N GLY F 179 -23.85 39.37 53.67
CA GLY F 179 -24.28 40.34 52.69
C GLY F 179 -23.14 41.15 52.10
N ASN F 180 -21.99 41.18 52.77
CA ASN F 180 -20.82 41.88 52.28
C ASN F 180 -19.80 40.92 51.65
N SER F 181 -20.20 39.68 51.43
CA SER F 181 -19.32 38.67 50.85
C SER F 181 -19.31 38.76 49.33
N GLN F 182 -18.11 38.76 48.75
CA GLN F 182 -17.93 38.70 47.32
C GLN F 182 -17.43 37.32 46.92
N GLU F 183 -17.71 36.93 45.68
CA GLU F 183 -17.57 35.55 45.24
C GLU F 183 -16.31 35.37 44.40
N SER F 184 -15.53 34.35 44.72
CA SER F 184 -14.39 33.95 43.90
C SER F 184 -14.40 32.44 43.78
N VAL F 185 -14.96 31.93 42.68
CA VAL F 185 -14.91 30.51 42.35
C VAL F 185 -13.77 30.33 41.37
N THR F 186 -13.14 29.15 41.41
CA THR F 186 -11.81 29.00 40.85
C THR F 186 -11.77 27.95 39.75
N GLU F 187 -10.57 27.70 39.25
CA GLU F 187 -10.37 26.75 38.16
C GLU F 187 -10.25 25.33 38.72
N GLN F 188 -10.94 24.41 38.07
CA GLN F 188 -10.80 22.99 38.39
C GLN F 188 -9.64 22.40 37.59
N ASP F 189 -8.79 21.64 38.27
CA ASP F 189 -7.47 21.32 37.76
C ASP F 189 -7.44 19.97 37.03
N SER F 190 -6.23 19.48 36.78
CA SER F 190 -6.00 18.21 36.08
C SER F 190 -5.62 17.09 37.03
N LYS F 191 -4.58 17.29 37.84
CA LYS F 191 -4.10 16.24 38.74
C LYS F 191 -5.04 15.98 39.91
N ASP F 192 -5.73 17.02 40.40
CA ASP F 192 -6.64 16.88 41.52
C ASP F 192 -8.10 17.00 41.15
N SER F 193 -8.43 17.79 40.12
CA SER F 193 -9.81 17.93 39.63
C SER F 193 -10.76 18.34 40.74
N THR F 194 -10.34 19.30 41.55
CA THR F 194 -11.12 19.82 42.66
C THR F 194 -11.40 21.30 42.45
N TYR F 195 -12.01 21.92 43.46
CA TYR F 195 -12.39 23.32 43.43
C TYR F 195 -11.77 24.05 44.61
N SER F 196 -11.67 25.37 44.47
CA SER F 196 -11.29 26.26 45.57
C SER F 196 -12.22 27.45 45.55
N LEU F 197 -12.47 28.03 46.72
CA LEU F 197 -13.45 29.10 46.87
C LEU F 197 -12.92 30.18 47.80
N SER F 198 -13.22 31.44 47.47
CA SER F 198 -12.87 32.59 48.29
C SER F 198 -14.12 33.45 48.45
N SER F 199 -14.63 33.50 49.69
CA SER F 199 -15.70 34.41 50.06
C SER F 199 -15.06 35.64 50.70
N THR F 200 -14.78 36.65 49.90
CA THR F 200 -14.01 37.81 50.34
C THR F 200 -14.93 38.80 51.05
N LEU F 201 -14.71 38.97 52.36
CA LEU F 201 -15.55 39.86 53.16
C LEU F 201 -14.85 41.21 53.39
N THR F 202 -14.87 42.05 52.36
CA THR F 202 -14.34 43.40 52.49
C THR F 202 -15.11 44.16 53.56
N LEU F 203 -14.37 44.81 54.45
CA LEU F 203 -14.94 45.30 55.70
C LEU F 203 -14.34 46.67 56.00
N SER F 204 -14.86 47.34 57.03
CA SER F 204 -14.48 48.70 57.36
C SER F 204 -13.89 48.76 58.78
N LYS F 205 -13.66 49.99 59.24
CA LYS F 205 -12.93 50.21 60.49
C LYS F 205 -13.65 49.62 61.70
N ALA F 206 -14.82 50.17 62.04
CA ALA F 206 -15.43 49.89 63.33
C ALA F 206 -16.04 48.49 63.39
N ASP F 207 -16.68 48.05 62.32
CA ASP F 207 -17.42 46.79 62.33
C ASP F 207 -16.53 45.56 62.35
N TYR F 208 -15.21 45.70 62.23
CA TYR F 208 -14.33 44.56 62.43
C TYR F 208 -14.34 44.07 63.87
N GLU F 209 -14.46 44.99 64.83
CA GLU F 209 -14.44 44.63 66.24
C GLU F 209 -15.81 44.13 66.71
N LYS F 210 -16.34 43.12 66.02
CA LYS F 210 -17.62 42.54 66.39
C LYS F 210 -17.57 41.01 66.30
N ALA F 215 -16.46 34.80 61.64
CA ALA F 215 -16.71 33.37 61.60
C ALA F 215 -17.32 32.95 60.27
N CYS F 216 -16.82 31.87 59.69
CA CYS F 216 -17.31 31.35 58.43
C CYS F 216 -17.53 29.84 58.54
N GLU F 217 -18.59 29.37 57.90
CA GLU F 217 -18.92 27.95 57.87
C GLU F 217 -19.61 27.64 56.55
N VAL F 218 -19.57 26.37 56.17
CA VAL F 218 -20.07 25.92 54.88
C VAL F 218 -21.05 24.77 55.07
N THR F 219 -21.85 24.53 54.03
CA THR F 219 -22.80 23.43 53.99
C THR F 219 -22.49 22.49 52.82
N HIS F 220 -21.20 22.33 52.51
CA HIS F 220 -20.79 21.50 51.38
C HIS F 220 -21.11 20.04 51.65
N GLN F 221 -21.41 19.30 50.59
CA GLN F 221 -21.86 17.92 50.69
C GLN F 221 -20.79 16.97 51.19
N GLY F 222 -19.52 17.40 51.23
CA GLY F 222 -18.47 16.55 51.78
C GLY F 222 -18.68 16.21 53.24
N LEU F 223 -19.27 17.12 54.01
CA LEU F 223 -19.63 16.90 55.40
C LEU F 223 -21.12 17.17 55.57
N SER F 224 -21.61 16.93 56.78
CA SER F 224 -23.02 17.17 57.11
C SER F 224 -23.18 18.26 58.14
N SER F 225 -22.50 18.15 59.29
CA SER F 225 -22.60 19.18 60.31
C SER F 225 -21.82 20.43 59.89
N PRO F 226 -22.35 21.61 60.17
CA PRO F 226 -21.62 22.85 59.85
C PRO F 226 -20.36 22.97 60.71
N VAL F 227 -19.22 23.15 60.05
CA VAL F 227 -17.94 23.35 60.72
C VAL F 227 -17.69 24.84 60.77
N THR F 228 -17.78 25.42 61.97
CA THR F 228 -17.67 26.86 62.16
C THR F 228 -16.36 27.17 62.88
N LYS F 229 -15.51 27.96 62.23
CA LYS F 229 -14.29 28.47 62.82
C LYS F 229 -14.20 29.97 62.57
N SER F 230 -13.78 30.71 63.58
CA SER F 230 -13.75 32.16 63.53
C SER F 230 -12.33 32.68 63.49
N PHE F 231 -12.19 33.98 63.20
CA PHE F 231 -10.90 34.63 63.14
C PHE F 231 -10.28 34.74 64.53
O3 PN7 G . 16.15 -9.62 24.40
O4 PN7 G . 13.76 -10.90 23.83
C2 PN7 G . 16.51 -10.58 22.39
C1 PN7 G . 17.82 -9.86 22.20
P PN7 G . 19.05 -8.38 23.96
O1P PN7 G . 18.25 -7.23 23.41
O2P PN7 G . 19.08 -8.29 25.47
O3P PN7 G . 18.34 -9.80 23.50
CE1 PN7 G . 15.90 -11.09 21.09
CE2 PN7 G . 16.88 -11.69 23.35
C3 PN7 G . 15.62 -9.60 23.12
C4 PN7 G . 14.14 -9.99 23.17
N5 PN7 G . 13.15 -9.24 22.45
C6 PN7 G . 11.81 -9.72 22.61
C7 PN7 G . 11.18 -9.79 21.24
C8 PN7 G . 10.06 -8.79 20.94
O8 PN7 G . 10.22 -7.64 21.08
N9 PN7 G . 8.80 -9.29 20.48
C10 PN7 G . 8.65 -10.72 20.30
C11 PN7 G . 8.58 -11.05 18.83
S12 PN7 G . 9.05 -12.76 18.62
#